data_9CCK
#
_entry.id   9CCK
#
_cell.length_a   173.292
_cell.length_b   92.976
_cell.length_c   204.483
_cell.angle_alpha   90.000
_cell.angle_beta   95.791
_cell.angle_gamma   90.000
#
_symmetry.space_group_name_H-M   'P 1 21 1'
#
loop_
_entity.id
_entity.type
_entity.pdbx_description
1 polymer 'Copper-containing nitrite reductase'
2 polymer 'Copper-containing nitrite reductase'
3 non-polymer 'COPPER (II) ION'
4 water water
#
loop_
_entity_poly.entity_id
_entity_poly.type
_entity_poly.pdbx_seq_one_letter_code
_entity_poly.pdbx_strand_id
1 'polypeptide(L)'
;DSSDTFPKFKNPNPQTLSYTLIAQDAEIEVSPGVRAKVWTYNGTVPAPTLRFSEGDDVTVKFVNDTPYAHTIHFHGTHDS
ANDGVFPMIMPGEEYTYHFVAEEAGLFMYHCHAFPTSEHVRMGMFGTMIIDPAIRPMDPAREYFFTLSEFDPNNALEHFT
EFYPINGYAGQYMDNPIRVVSGELTRFYVVGIGGVLQSPFHVHSTIMKVYPSGILWNEPYYAQTHLIGNGDTAIIEATWT
QPGMYLFHVHGIQEERGSMAMIEVLEDASSLSDVQRPSNNKGSYSMVEWQEDLIRTLEQPQLISYENLGESAAISSEKVS
ADKVSIVKDSWNPEITESYDPIAIQVDSGTTVTWTNDDSVVHTVTDNENSFDSGFIQAGNTWSYSFDNPGEFDYICTLHP
WMKGTISVN
;
A,B,D,E,G,H,J,K
2 'polypeptide(L)'
;DSSDTFPKFKNPNPQTLSYTLIAQDAEIEVSPGVRAKVWTYNGTVPAPTLRFSEGDDVTVKFVNDTPYAHTIHFHGTHDS
ANDGVFPMIMPGEEYTYHFVAEEAGLFMYHCHAFPTSEHVRMGMFGTMIIDPAIRPMDPAREYFFTLSEFDPNNALEHFT
EFYPINGYAGQYMDNPIRVVSGELTRFYVVGIGGVLQSPFHVHSTIMKVYPSGILWNEPYYAQTHLIGNGDTAIIEATWT
QPGMYLFHVHGIQEERGSMAMIEVLEDASSLSDVQRPSNNKGSYSMVEWQEDLIRTLEQPQLISYENLG
;
C,F,I,L
#
loop_
_chem_comp.id
_chem_comp.type
_chem_comp.name
_chem_comp.formula
CU non-polymer 'COPPER (II) ION' 'Cu 2'
#
# COMPACT_ATOMS: atom_id res chain seq x y z
N ASP A 1 -25.65 32.72 -55.91
CA ASP A 1 -25.38 32.02 -54.65
C ASP A 1 -24.13 32.55 -53.93
N SER A 2 -23.14 33.06 -54.69
CA SER A 2 -22.16 33.98 -54.12
C SER A 2 -22.82 35.37 -54.04
N SER A 3 -23.87 35.41 -53.24
CA SER A 3 -24.77 36.53 -53.12
C SER A 3 -24.18 37.67 -52.31
N ASP A 4 -22.95 37.50 -51.82
CA ASP A 4 -22.21 38.56 -51.16
C ASP A 4 -21.45 39.44 -52.14
N THR A 5 -21.45 39.10 -53.42
CA THR A 5 -20.80 39.91 -54.44
C THR A 5 -21.82 40.72 -55.24
N PHE A 6 -21.31 41.69 -55.97
CA PHE A 6 -22.10 42.54 -56.86
C PHE A 6 -21.56 42.36 -58.27
N PRO A 7 -22.16 41.48 -59.06
CA PRO A 7 -21.62 41.22 -60.41
C PRO A 7 -21.70 42.46 -61.29
N LYS A 8 -20.74 42.56 -62.22
CA LYS A 8 -20.79 43.62 -63.22
C LYS A 8 -22.11 43.57 -63.99
N PHE A 9 -22.69 44.74 -64.25
CA PHE A 9 -24.07 44.85 -64.69
C PHE A 9 -24.25 46.10 -65.55
N LYS A 10 -24.98 45.94 -66.65
CA LYS A 10 -25.23 47.04 -67.59
C LYS A 10 -26.38 47.89 -67.06
N ASN A 11 -26.06 49.08 -66.58
CA ASN A 11 -27.02 49.99 -65.98
C ASN A 11 -28.08 50.40 -66.99
N PRO A 12 -29.37 50.14 -66.73
CA PRO A 12 -30.40 50.53 -67.72
C PRO A 12 -30.80 52.00 -67.69
N ASN A 13 -30.47 52.74 -66.63
CA ASN A 13 -30.79 54.16 -66.51
C ASN A 13 -29.53 54.95 -66.17
N PRO A 14 -28.56 54.99 -67.08
CA PRO A 14 -27.34 55.77 -66.80
C PRO A 14 -27.65 57.25 -66.73
N GLN A 15 -26.95 57.94 -65.83
CA GLN A 15 -26.98 59.38 -65.76
C GLN A 15 -25.74 59.96 -66.42
N THR A 16 -25.84 61.23 -66.80
CA THR A 16 -24.75 61.99 -67.39
C THR A 16 -24.32 63.04 -66.39
N LEU A 17 -23.07 62.96 -65.96
CA LEU A 17 -22.52 63.86 -64.97
C LEU A 17 -21.36 64.65 -65.57
N SER A 18 -21.23 65.89 -65.10
CA SER A 18 -20.13 66.76 -65.52
C SER A 18 -19.54 67.39 -64.27
N TYR A 19 -18.24 67.19 -64.05
CA TYR A 19 -17.57 67.78 -62.91
C TYR A 19 -16.54 68.80 -63.40
N THR A 20 -16.15 69.70 -62.51
CA THR A 20 -15.11 70.69 -62.79
C THR A 20 -14.11 70.67 -61.65
N LEU A 21 -12.87 70.30 -61.97
CA LEU A 21 -11.78 70.31 -60.99
C LEU A 21 -10.70 71.28 -61.44
N ILE A 22 -10.19 72.08 -60.52
CA ILE A 22 -9.19 73.09 -60.86
C ILE A 22 -7.96 72.85 -59.99
N ALA A 23 -6.80 72.65 -60.63
CA ALA A 23 -5.57 72.63 -59.86
C ALA A 23 -5.30 74.02 -59.30
N GLN A 24 -5.21 74.13 -57.98
CA GLN A 24 -5.06 75.41 -57.30
C GLN A 24 -4.06 75.27 -56.17
N ASP A 25 -3.08 76.17 -56.12
CA ASP A 25 -2.19 76.27 -54.98
C ASP A 25 -2.90 76.93 -53.81
N ALA A 26 -2.53 76.52 -52.59
CA ALA A 26 -3.16 77.06 -51.41
C ALA A 26 -2.25 76.89 -50.21
N GLU A 27 -2.55 77.64 -49.15
CA GLU A 27 -2.08 77.32 -47.81
C GLU A 27 -3.28 76.82 -47.02
N ILE A 28 -3.08 75.73 -46.28
CA ILE A 28 -4.13 75.16 -45.45
C ILE A 28 -3.56 74.88 -44.07
N GLU A 29 -4.43 74.84 -43.08
CA GLU A 29 -4.05 74.25 -41.82
C GLU A 29 -4.15 72.72 -41.93
N VAL A 30 -3.10 72.02 -41.50
CA VAL A 30 -3.06 70.56 -41.58
C VAL A 30 -3.05 69.92 -40.21
N SER A 31 -3.02 70.72 -39.15
CA SER A 31 -2.96 70.29 -37.77
C SER A 31 -3.04 71.56 -36.93
N PRO A 32 -3.47 71.50 -35.67
CA PRO A 32 -3.64 72.73 -34.89
C PRO A 32 -2.35 73.54 -34.82
N GLY A 33 -2.42 74.77 -35.31
CA GLY A 33 -1.28 75.66 -35.32
C GLY A 33 -0.27 75.44 -36.44
N VAL A 34 -0.58 74.60 -37.43
CA VAL A 34 0.37 74.28 -38.49
C VAL A 34 -0.27 74.62 -39.82
N ARG A 35 0.22 75.66 -40.48
CA ARG A 35 -0.16 76.04 -41.84
C ARG A 35 0.89 75.55 -42.81
N ALA A 36 0.46 75.13 -43.99
CA ALA A 36 1.41 74.63 -44.97
C ALA A 36 0.92 74.90 -46.36
N LYS A 37 1.87 75.02 -47.27
CA LYS A 37 1.61 75.14 -48.69
C LYS A 37 1.24 73.78 -49.26
N VAL A 38 0.20 73.73 -50.09
CA VAL A 38 -0.28 72.49 -50.66
C VAL A 38 -0.63 72.71 -52.13
N TRP A 39 -0.66 71.63 -52.88
CA TRP A 39 -1.23 71.63 -54.22
C TRP A 39 -2.55 70.84 -54.19
N THR A 40 -3.63 71.46 -54.66
CA THR A 40 -4.96 70.88 -54.52
C THR A 40 -5.70 70.73 -55.84
N TYR A 41 -6.79 69.96 -55.77
CA TYR A 41 -7.92 70.14 -56.66
C TYR A 41 -9.00 70.86 -55.84
N ASN A 42 -9.40 72.05 -56.30
CA ASN A 42 -10.52 72.81 -55.73
C ASN A 42 -10.30 73.20 -54.27
N GLY A 43 -9.07 73.25 -53.81
CA GLY A 43 -8.75 74.01 -52.63
C GLY A 43 -8.69 73.27 -51.31
N THR A 44 -8.87 71.95 -51.29
CA THR A 44 -8.77 71.18 -50.05
C THR A 44 -7.91 69.95 -50.30
N VAL A 45 -7.40 69.38 -49.21
CA VAL A 45 -6.74 68.08 -49.21
C VAL A 45 -7.47 67.18 -48.21
N PRO A 46 -8.04 66.04 -48.64
CA PRO A 46 -8.16 65.52 -50.00
C PRO A 46 -9.05 66.38 -50.90
N ALA A 47 -8.95 66.16 -52.21
CA ALA A 47 -9.80 66.71 -53.24
C ALA A 47 -11.24 66.25 -53.05
N PRO A 48 -12.20 66.82 -53.79
CA PRO A 48 -13.61 66.42 -53.60
C PRO A 48 -13.84 64.95 -53.93
N THR A 49 -14.64 64.31 -53.10
CA THR A 49 -15.05 62.94 -53.36
C THR A 49 -16.03 62.96 -54.52
N LEU A 50 -15.70 62.26 -55.58
CA LEU A 50 -16.61 62.09 -56.69
C LEU A 50 -17.40 60.80 -56.46
N ARG A 51 -18.70 60.84 -56.71
CA ARG A 51 -19.55 59.69 -56.48
C ARG A 51 -20.63 59.61 -57.55
N PHE A 52 -20.72 58.47 -58.21
CA PHE A 52 -21.75 58.22 -59.22
C PHE A 52 -21.96 56.72 -59.30
N SER A 53 -22.69 56.26 -60.32
CA SER A 53 -23.03 54.85 -60.44
C SER A 53 -22.32 54.22 -61.62
N GLU A 54 -22.04 52.93 -61.48
CA GLU A 54 -21.63 52.06 -62.58
C GLU A 54 -22.47 52.34 -63.82
N GLY A 55 -21.79 52.51 -64.95
CA GLY A 55 -22.46 52.78 -66.20
C GLY A 55 -22.77 54.23 -66.47
N ASP A 56 -22.63 55.10 -65.48
CA ASP A 56 -22.88 56.52 -65.73
C ASP A 56 -21.86 57.09 -66.73
N ASP A 57 -22.24 58.17 -67.39
CA ASP A 57 -21.39 58.88 -68.33
C ASP A 57 -20.75 60.05 -67.60
N VAL A 58 -19.43 60.03 -67.44
CA VAL A 58 -18.74 60.96 -66.54
C VAL A 58 -17.80 61.84 -67.36
N THR A 59 -17.96 63.15 -67.21
CA THR A 59 -17.07 64.16 -67.77
C THR A 59 -16.37 64.88 -66.63
N VAL A 60 -15.06 65.08 -66.73
CA VAL A 60 -14.33 65.86 -65.75
C VAL A 60 -13.54 66.92 -66.49
N LYS A 61 -14.03 68.16 -66.44
CA LYS A 61 -13.28 69.27 -66.99
C LYS A 61 -12.18 69.67 -66.02
N PHE A 62 -10.93 69.56 -66.44
CA PHE A 62 -9.80 69.83 -65.57
C PHE A 62 -9.09 71.10 -66.03
N VAL A 63 -8.86 72.02 -65.10
CA VAL A 63 -8.26 73.32 -65.40
C VAL A 63 -7.03 73.45 -64.53
N ASN A 64 -5.90 73.74 -65.15
CA ASN A 64 -4.65 73.89 -64.41
C ASN A 64 -4.41 75.38 -64.19
N ASP A 65 -4.62 75.84 -62.96
CA ASP A 65 -4.39 77.23 -62.61
C ASP A 65 -3.15 77.38 -61.74
N THR A 66 -2.08 76.65 -62.08
CA THR A 66 -0.82 76.71 -61.35
C THR A 66 0.33 76.77 -62.35
N PRO A 67 1.51 77.18 -61.90
CA PRO A 67 2.70 77.17 -62.77
C PRO A 67 3.39 75.82 -62.92
N TYR A 68 2.83 74.74 -62.37
CA TYR A 68 3.32 73.38 -62.59
C TYR A 68 2.47 72.69 -63.65
N ALA A 69 3.02 71.61 -64.20
CA ALA A 69 2.21 70.72 -65.02
C ALA A 69 1.48 69.74 -64.10
N HIS A 70 0.25 69.39 -64.46
CA HIS A 70 -0.57 68.50 -63.65
C HIS A 70 -1.43 67.65 -64.56
N THR A 71 -1.91 66.53 -64.01
CA THR A 71 -2.94 65.74 -64.68
C THR A 71 -3.95 65.28 -63.62
N ILE A 72 -4.95 64.55 -64.08
CA ILE A 72 -5.74 63.68 -63.20
C ILE A 72 -5.61 62.26 -63.73
N HIS A 73 -5.06 61.37 -62.92
CA HIS A 73 -5.11 59.96 -63.22
C HIS A 73 -6.22 59.31 -62.37
N PHE A 74 -7.17 58.64 -63.04
CA PHE A 74 -8.25 57.91 -62.38
C PHE A 74 -7.92 56.42 -62.32
N HIS A 75 -8.15 55.80 -61.17
CA HIS A 75 -8.06 54.35 -61.10
C HIS A 75 -9.31 53.76 -61.72
N GLY A 76 -9.19 52.58 -62.29
CA GLY A 76 -10.29 51.91 -62.97
C GLY A 76 -10.05 51.82 -64.47
N THR A 77 -11.03 51.27 -65.17
CA THR A 77 -10.90 50.98 -66.60
C THR A 77 -11.20 52.22 -67.45
N HIS A 78 -10.26 52.58 -68.31
CA HIS A 78 -10.48 53.60 -69.34
C HIS A 78 -9.38 53.47 -70.39
N ASP A 79 -9.43 54.35 -71.40
CA ASP A 79 -8.47 54.26 -72.48
C ASP A 79 -7.33 55.25 -72.25
N SER A 80 -6.35 55.22 -73.16
CA SER A 80 -5.13 55.98 -72.96
C SER A 80 -5.39 57.48 -72.90
N ALA A 81 -6.26 57.99 -73.77
CA ALA A 81 -6.54 59.43 -73.76
C ALA A 81 -7.12 59.89 -72.43
N ASN A 82 -7.68 58.97 -71.65
CA ASN A 82 -8.25 59.32 -70.37
C ASN A 82 -7.50 58.73 -69.18
N ASP A 83 -6.22 58.37 -69.37
CA ASP A 83 -5.43 57.75 -68.32
C ASP A 83 -4.59 58.75 -67.53
N GLY A 84 -4.56 60.02 -67.92
CA GLY A 84 -3.87 61.01 -67.12
C GLY A 84 -2.36 60.92 -67.11
N VAL A 85 -1.75 60.28 -68.10
CA VAL A 85 -0.31 60.38 -68.30
C VAL A 85 0.03 61.21 -69.53
N PHE A 86 -0.59 60.89 -70.66
CA PHE A 86 -0.46 61.64 -71.89
C PHE A 86 -1.79 62.32 -72.19
N PRO A 87 -1.86 63.65 -72.32
CA PRO A 87 -0.76 64.61 -72.18
C PRO A 87 -0.68 65.18 -70.76
N MET A 88 0.49 65.72 -70.41
CA MET A 88 0.57 66.70 -69.33
C MET A 88 -0.32 67.90 -69.65
N ILE A 89 -0.94 68.45 -68.62
CA ILE A 89 -1.74 69.67 -68.78
C ILE A 89 -0.90 70.85 -68.30
N MET A 90 -0.55 71.73 -69.23
CA MET A 90 0.35 72.84 -68.93
C MET A 90 -0.35 73.97 -68.19
N PRO A 91 0.43 74.82 -67.53
CA PRO A 91 -0.14 75.97 -66.80
C PRO A 91 -1.17 76.73 -67.62
N GLY A 92 -2.32 76.99 -67.01
CA GLY A 92 -3.39 77.73 -67.66
C GLY A 92 -4.15 76.98 -68.73
N GLU A 93 -3.82 75.72 -69.00
CA GLU A 93 -4.58 74.96 -69.98
C GLU A 93 -5.55 74.00 -69.33
N GLU A 94 -6.37 73.37 -70.17
CA GLU A 94 -7.51 72.60 -69.69
C GLU A 94 -7.60 71.32 -70.48
N TYR A 95 -8.23 70.31 -69.86
CA TYR A 95 -8.40 69.03 -70.53
C TYR A 95 -9.72 68.44 -70.08
N THR A 96 -10.41 67.80 -70.99
CA THR A 96 -11.69 67.21 -70.66
C THR A 96 -11.53 65.69 -70.63
N TYR A 97 -11.51 65.13 -69.43
CA TYR A 97 -11.57 63.68 -69.27
C TYR A 97 -13.01 63.23 -69.47
N HIS A 98 -13.18 62.09 -70.11
CA HIS A 98 -14.52 61.57 -70.32
C HIS A 98 -14.45 60.06 -70.32
N PHE A 99 -15.33 59.42 -69.55
CA PHE A 99 -15.37 57.97 -69.57
C PHE A 99 -16.73 57.51 -69.07
N VAL A 100 -17.12 56.34 -69.51
CA VAL A 100 -18.24 55.64 -68.92
C VAL A 100 -17.72 54.80 -67.76
N ALA A 101 -18.34 54.94 -66.60
CA ALA A 101 -17.95 54.18 -65.41
C ALA A 101 -18.07 52.69 -65.69
N GLU A 102 -16.92 52.04 -65.90
CA GLU A 102 -16.91 50.68 -66.46
C GLU A 102 -17.18 49.62 -65.40
N GLU A 103 -16.87 49.88 -64.13
CA GLU A 103 -17.17 48.92 -63.09
C GLU A 103 -17.41 49.66 -61.79
N ALA A 104 -18.22 49.07 -60.92
CA ALA A 104 -18.45 49.62 -59.59
C ALA A 104 -17.22 49.42 -58.71
N GLY A 105 -17.19 50.11 -57.58
CA GLY A 105 -16.14 49.90 -56.63
C GLY A 105 -15.68 51.21 -56.01
N LEU A 106 -14.63 51.11 -55.21
CA LEU A 106 -14.04 52.27 -54.55
C LEU A 106 -12.71 52.55 -55.21
N PHE A 107 -12.57 53.73 -55.77
CA PHE A 107 -11.35 54.07 -56.50
C PHE A 107 -10.79 55.36 -55.91
N MET A 108 -9.87 55.94 -56.65
CA MET A 108 -9.04 57.05 -56.22
C MET A 108 -8.66 57.81 -57.48
N TYR A 109 -8.42 59.11 -57.32
CA TYR A 109 -7.81 59.86 -58.41
C TYR A 109 -6.70 60.73 -57.86
N HIS A 110 -5.67 60.92 -58.67
CA HIS A 110 -4.58 61.75 -58.20
C HIS A 110 -3.77 62.23 -59.38
N CYS A 111 -2.95 63.23 -59.12
CA CYS A 111 -2.11 63.76 -60.17
C CYS A 111 -1.07 62.73 -60.58
N HIS A 112 -0.76 62.67 -61.87
CA HIS A 112 0.31 61.79 -62.31
C HIS A 112 1.47 62.54 -62.97
N ALA A 113 1.59 63.84 -62.71
CA ALA A 113 2.80 64.57 -63.13
C ALA A 113 4.01 63.94 -62.45
N PHE A 114 5.21 64.36 -62.88
CA PHE A 114 6.45 63.74 -62.44
C PHE A 114 7.35 64.72 -61.70
N PRO A 115 7.94 64.35 -60.56
CA PRO A 115 7.78 63.06 -59.86
C PRO A 115 6.45 62.94 -59.13
N THR A 116 5.75 61.83 -59.36
CA THR A 116 4.38 61.69 -58.87
C THR A 116 4.33 61.75 -57.34
N SER A 117 5.32 61.16 -56.67
CA SER A 117 5.36 61.20 -55.20
C SER A 117 5.24 62.61 -54.67
N GLU A 118 5.92 63.57 -55.31
CA GLU A 118 5.86 64.95 -54.86
C GLU A 118 4.46 65.53 -55.03
N HIS A 119 3.82 65.31 -56.18
CA HIS A 119 2.46 65.83 -56.39
C HIS A 119 1.46 65.19 -55.44
N VAL A 120 1.63 63.90 -55.10
CA VAL A 120 0.70 63.29 -54.16
C VAL A 120 0.99 63.77 -52.73
N ARG A 121 2.28 63.91 -52.38
CA ARG A 121 2.62 64.41 -51.04
C ARG A 121 2.10 65.83 -50.84
N MET A 122 2.12 66.65 -51.89
CA MET A 122 1.65 68.04 -51.87
C MET A 122 0.14 68.17 -51.79
N GLY A 123 -0.60 67.07 -52.01
CA GLY A 123 -2.02 67.02 -51.72
C GLY A 123 -2.97 66.72 -52.88
N MET A 124 -2.45 66.35 -54.05
CA MET A 124 -3.30 66.20 -55.24
C MET A 124 -3.89 64.79 -55.34
N PHE A 125 -4.81 64.48 -54.41
CA PHE A 125 -5.48 63.17 -54.46
C PHE A 125 -6.91 63.30 -53.96
N GLY A 126 -7.78 62.45 -54.49
CA GLY A 126 -9.16 62.38 -54.03
C GLY A 126 -9.72 60.98 -54.16
N THR A 127 -10.98 60.85 -53.72
CA THR A 127 -11.71 59.60 -53.64
C THR A 127 -12.77 59.55 -54.73
N MET A 128 -12.99 58.36 -55.30
CA MET A 128 -14.02 58.16 -56.32
C MET A 128 -14.83 56.91 -55.98
N ILE A 129 -16.06 57.12 -55.56
CA ILE A 129 -16.99 56.05 -55.18
C ILE A 129 -17.90 55.75 -56.35
N ILE A 130 -17.83 54.53 -56.88
CA ILE A 130 -18.70 54.12 -57.98
C ILE A 130 -19.68 53.07 -57.47
N ASP A 131 -20.92 53.47 -57.35
CA ASP A 131 -21.87 52.58 -56.69
C ASP A 131 -22.36 51.48 -57.64
N PRO A 132 -22.64 50.28 -57.12
CA PRO A 132 -23.04 49.19 -58.03
C PRO A 132 -24.43 49.42 -58.62
N ALA A 133 -24.58 49.05 -59.89
CA ALA A 133 -25.87 49.16 -60.58
C ALA A 133 -26.74 47.91 -60.42
N ILE A 134 -26.16 46.73 -60.18
CA ILE A 134 -26.95 45.50 -60.02
C ILE A 134 -27.94 45.62 -58.87
N ARG A 135 -27.52 46.23 -57.77
CA ARG A 135 -28.35 46.45 -56.59
C ARG A 135 -27.56 47.37 -55.68
N PRO A 136 -28.20 48.14 -54.82
CA PRO A 136 -27.44 48.96 -53.87
C PRO A 136 -26.74 48.08 -52.84
N MET A 137 -25.63 48.59 -52.30
CA MET A 137 -25.07 47.92 -51.13
C MET A 137 -26.08 47.99 -49.99
N ASP A 138 -25.90 47.12 -48.99
CA ASP A 138 -26.81 47.08 -47.87
C ASP A 138 -26.97 48.48 -47.26
N PRO A 139 -28.18 48.86 -46.83
CA PRO A 139 -28.36 50.19 -46.22
C PRO A 139 -27.43 50.37 -45.03
N ALA A 140 -26.73 51.51 -45.03
CA ALA A 140 -25.68 51.79 -44.05
C ALA A 140 -25.43 53.28 -43.99
N ARG A 141 -24.86 53.71 -42.86
CA ARG A 141 -24.30 55.05 -42.74
C ARG A 141 -22.90 55.05 -43.32
N GLU A 142 -22.63 55.99 -44.25
CA GLU A 142 -21.44 55.93 -45.10
C GLU A 142 -20.47 57.08 -44.81
N TYR A 143 -19.19 56.75 -44.67
CA TYR A 143 -18.09 57.69 -44.48
C TYR A 143 -16.97 57.33 -45.46
N PHE A 144 -16.14 58.32 -45.80
CA PHE A 144 -14.91 58.08 -46.56
C PHE A 144 -13.70 58.60 -45.80
N PHE A 145 -12.55 57.93 -46.00
CA PHE A 145 -11.29 58.27 -45.31
C PHE A 145 -10.11 58.07 -46.25
N THR A 146 -9.33 59.11 -46.49
CA THR A 146 -8.03 58.97 -47.13
C THR A 146 -6.95 58.87 -46.07
N LEU A 147 -5.97 57.99 -46.33
CA LEU A 147 -4.85 57.74 -45.44
C LEU A 147 -3.61 58.20 -46.18
N SER A 148 -3.01 59.31 -45.73
CA SER A 148 -1.95 59.94 -46.49
C SER A 148 -0.75 60.19 -45.58
N GLU A 149 0.30 60.74 -46.18
CA GLU A 149 1.54 61.08 -45.51
C GLU A 149 1.76 62.56 -45.78
N PHE A 150 2.01 63.37 -44.75
CA PHE A 150 2.23 64.79 -44.99
C PHE A 150 3.28 65.38 -44.06
N ASP A 151 4.25 66.10 -44.63
CA ASP A 151 5.25 66.80 -43.83
C ASP A 151 5.31 68.26 -44.25
N PRO A 152 5.05 69.21 -43.35
CA PRO A 152 4.95 70.62 -43.78
C PRO A 152 6.29 71.28 -44.06
N ASN A 153 7.40 70.64 -43.71
CA ASN A 153 8.73 71.23 -43.87
C ASN A 153 9.56 70.60 -44.97
N ASN A 154 9.45 69.30 -45.19
CA ASN A 154 10.11 68.67 -46.34
C ASN A 154 9.09 67.71 -46.93
N ALA A 155 8.53 68.05 -48.10
CA ALA A 155 7.43 67.28 -48.65
C ALA A 155 7.82 65.82 -48.93
N LEU A 156 9.10 65.56 -49.21
CA LEU A 156 9.56 64.26 -49.67
C LEU A 156 10.23 63.45 -48.56
N GLU A 157 10.13 63.89 -47.32
CA GLU A 157 10.74 63.19 -46.19
C GLU A 157 10.21 61.76 -46.14
N HIS A 158 11.10 60.78 -45.90
CA HIS A 158 10.67 59.39 -45.86
C HIS A 158 9.64 59.16 -44.75
N PHE A 159 9.95 59.60 -43.55
CA PHE A 159 9.05 59.52 -42.42
C PHE A 159 8.46 60.91 -42.15
N THR A 160 7.17 61.07 -42.45
CA THR A 160 6.56 62.40 -42.40
C THR A 160 6.13 62.76 -40.97
N GLU A 161 6.00 64.07 -40.73
CA GLU A 161 5.53 64.51 -39.42
C GLU A 161 4.10 64.02 -39.15
N PHE A 162 3.26 64.00 -40.18
CA PHE A 162 1.86 63.62 -40.03
C PHE A 162 1.48 62.49 -40.96
N TYR A 163 0.48 61.71 -40.51
CA TYR A 163 -0.24 60.74 -41.33
C TYR A 163 -1.72 61.02 -41.16
N PRO A 164 -2.24 62.05 -41.81
CA PRO A 164 -3.64 62.43 -41.57
C PRO A 164 -4.65 61.47 -42.20
N ILE A 165 -5.77 61.33 -41.50
CA ILE A 165 -7.00 60.81 -42.08
C ILE A 165 -7.78 62.01 -42.63
N ASN A 166 -8.03 62.00 -43.94
CA ASN A 166 -8.72 63.09 -44.63
C ASN A 166 -7.99 64.43 -44.46
N GLY A 167 -6.66 64.40 -44.58
CA GLY A 167 -5.91 65.62 -44.81
C GLY A 167 -5.51 66.41 -43.59
N TYR A 168 -6.42 66.58 -42.63
CA TYR A 168 -6.17 67.35 -41.42
C TYR A 168 -5.95 66.39 -40.26
N ALA A 169 -4.74 66.39 -39.71
CA ALA A 169 -4.34 65.41 -38.71
C ALA A 169 -5.21 65.51 -37.46
N GLY A 170 -5.70 64.35 -37.01
CA GLY A 170 -6.46 64.26 -35.76
C GLY A 170 -7.83 64.92 -35.74
N GLN A 171 -8.41 65.26 -36.89
CA GLN A 171 -9.67 66.03 -36.86
C GLN A 171 -10.80 65.23 -36.22
N TYR A 172 -10.76 63.90 -36.26
CA TYR A 172 -11.86 63.08 -35.73
C TYR A 172 -11.65 62.71 -34.26
N MET A 173 -10.59 63.20 -33.63
CA MET A 173 -10.51 63.13 -32.16
C MET A 173 -11.43 64.15 -31.50
N ASP A 174 -11.49 65.39 -32.01
CA ASP A 174 -12.40 66.40 -31.50
C ASP A 174 -13.77 66.37 -32.16
N ASN A 175 -13.86 65.76 -33.35
CA ASN A 175 -15.11 65.66 -34.10
C ASN A 175 -15.35 64.18 -34.37
N PRO A 176 -15.84 63.42 -33.37
CA PRO A 176 -15.96 61.96 -33.53
C PRO A 176 -16.78 61.56 -34.75
N ILE A 177 -16.42 60.41 -35.31
CA ILE A 177 -17.24 59.77 -36.33
C ILE A 177 -18.44 59.12 -35.63
N ARG A 178 -19.64 59.59 -35.95
CA ARG A 178 -20.84 59.14 -35.26
C ARG A 178 -21.48 57.97 -35.99
N VAL A 179 -21.79 56.91 -35.25
CA VAL A 179 -22.46 55.72 -35.78
C VAL A 179 -23.60 55.40 -34.83
N VAL A 180 -24.52 54.56 -35.29
CA VAL A 180 -25.74 54.28 -34.54
C VAL A 180 -25.75 52.80 -34.14
N SER A 181 -25.98 52.56 -32.85
CA SER A 181 -26.09 51.20 -32.30
C SER A 181 -26.97 50.33 -33.16
N GLY A 182 -26.41 49.22 -33.65
CA GLY A 182 -27.16 48.26 -34.44
C GLY A 182 -27.33 48.59 -35.90
N GLU A 183 -26.85 49.75 -36.34
CA GLU A 183 -27.01 50.21 -37.73
C GLU A 183 -25.73 49.88 -38.49
N LEU A 184 -25.88 49.29 -39.67
CA LEU A 184 -24.71 48.99 -40.48
C LEU A 184 -23.99 50.30 -40.85
N THR A 185 -22.66 50.26 -40.78
CA THR A 185 -21.81 51.39 -41.10
C THR A 185 -20.83 50.96 -42.18
N ARG A 186 -20.57 51.84 -43.14
CA ARG A 186 -19.70 51.52 -44.27
C ARG A 186 -18.64 52.60 -44.44
N PHE A 187 -17.38 52.19 -44.42
CA PHE A 187 -16.23 53.08 -44.56
C PHE A 187 -15.63 52.87 -45.95
N TYR A 188 -15.43 53.95 -46.68
CA TYR A 188 -14.73 53.89 -47.96
C TYR A 188 -13.31 54.39 -47.73
N VAL A 189 -12.34 53.48 -47.64
CA VAL A 189 -10.97 53.84 -47.21
C VAL A 189 -10.01 53.77 -48.38
N VAL A 190 -9.21 54.84 -48.55
CA VAL A 190 -8.26 55.02 -49.64
C VAL A 190 -6.84 55.11 -49.05
N GLY A 191 -5.95 54.22 -49.49
CA GLY A 191 -4.55 54.28 -49.08
C GLY A 191 -3.74 55.07 -50.10
N ILE A 192 -3.15 56.18 -49.70
CA ILE A 192 -2.49 57.01 -50.70
C ILE A 192 -1.27 57.68 -50.09
N GLY A 193 -0.48 56.90 -49.36
CA GLY A 193 0.86 57.29 -49.00
C GLY A 193 1.85 56.85 -50.06
N GLY A 194 3.13 56.89 -49.71
CA GLY A 194 4.17 56.48 -50.65
C GLY A 194 5.28 55.64 -50.05
N VAL A 195 5.34 55.55 -48.72
CA VAL A 195 6.45 54.82 -48.11
C VAL A 195 5.91 53.63 -47.31
N LEU A 196 5.25 53.89 -46.18
CA LEU A 196 4.75 52.82 -45.34
C LEU A 196 3.34 52.39 -45.79
N GLN A 197 2.99 51.13 -45.50
CA GLN A 197 1.64 50.62 -45.75
C GLN A 197 0.74 50.92 -44.54
N SER A 198 -0.58 50.72 -44.71
CA SER A 198 -1.53 51.11 -43.68
C SER A 198 -2.35 49.93 -43.18
N PRO A 199 -2.04 49.35 -42.01
CA PRO A 199 -2.96 48.36 -41.41
C PRO A 199 -4.11 49.09 -40.73
N PHE A 200 -5.28 49.02 -41.35
CA PHE A 200 -6.44 49.78 -40.90
C PHE A 200 -7.20 48.96 -39.87
N HIS A 201 -7.38 49.52 -38.67
CA HIS A 201 -7.93 48.79 -37.53
C HIS A 201 -9.06 49.57 -36.90
N VAL A 202 -10.15 48.89 -36.62
CA VAL A 202 -11.28 49.48 -35.91
C VAL A 202 -11.45 48.72 -34.59
N HIS A 203 -11.71 49.48 -33.51
CA HIS A 203 -11.90 48.86 -32.21
C HIS A 203 -13.25 48.17 -32.07
N SER A 204 -13.24 47.09 -31.26
CA SER A 204 -14.41 46.46 -30.63
C SER A 204 -15.37 45.82 -31.59
N THR A 205 -15.00 45.62 -32.85
CA THR A 205 -15.86 44.84 -33.74
C THR A 205 -15.00 44.26 -34.85
N ILE A 206 -15.57 43.33 -35.60
CA ILE A 206 -14.89 42.65 -36.69
C ILE A 206 -15.44 43.21 -37.98
N MET A 207 -14.54 43.61 -38.87
CA MET A 207 -14.96 44.20 -40.13
C MET A 207 -15.20 43.16 -41.23
N LYS A 208 -16.15 43.50 -42.08
CA LYS A 208 -16.34 42.84 -43.36
C LYS A 208 -15.68 43.72 -44.43
N VAL A 209 -14.79 43.14 -45.22
CA VAL A 209 -13.92 43.91 -46.10
C VAL A 209 -14.04 43.39 -47.53
N TYR A 210 -14.28 44.29 -48.47
CA TYR A 210 -14.15 43.98 -49.89
C TYR A 210 -12.73 44.33 -50.31
N PRO A 211 -11.87 43.33 -50.60
CA PRO A 211 -10.48 43.63 -50.95
C PRO A 211 -10.36 44.50 -52.19
N SER A 212 -9.40 45.42 -52.14
CA SER A 212 -9.11 46.33 -53.24
C SER A 212 -10.31 47.20 -53.62
N GLY A 213 -11.35 47.24 -52.79
CA GLY A 213 -12.54 48.03 -53.11
C GLY A 213 -13.30 47.55 -54.32
N ILE A 214 -13.12 46.29 -54.70
CA ILE A 214 -13.80 45.73 -55.87
C ILE A 214 -14.96 44.88 -55.39
N LEU A 215 -16.16 45.24 -55.80
CA LEU A 215 -17.36 44.57 -55.35
C LEU A 215 -17.63 43.24 -56.04
N TRP A 216 -16.90 42.92 -57.12
CA TRP A 216 -16.98 41.57 -57.67
C TRP A 216 -16.45 40.51 -56.71
N ASN A 217 -15.67 40.90 -55.71
CA ASN A 217 -15.01 39.95 -54.82
C ASN A 217 -15.93 39.49 -53.71
N GLU A 218 -15.76 38.24 -53.29
CA GLU A 218 -16.33 37.86 -52.01
C GLU A 218 -15.58 38.61 -50.92
N PRO A 219 -16.29 39.20 -49.96
CA PRO A 219 -15.62 39.89 -48.86
C PRO A 219 -15.07 38.87 -47.87
N TYR A 220 -14.28 39.37 -46.93
CA TYR A 220 -13.74 38.51 -45.88
C TYR A 220 -13.77 39.30 -44.59
N TYR A 221 -13.54 38.61 -43.48
CA TYR A 221 -13.66 39.19 -42.13
C TYR A 221 -12.29 39.45 -41.53
N ALA A 222 -12.12 40.62 -40.92
CA ALA A 222 -10.79 40.99 -40.47
C ALA A 222 -10.86 41.85 -39.21
N GLN A 223 -9.90 41.67 -38.31
CA GLN A 223 -9.73 42.62 -37.22
C GLN A 223 -8.90 43.82 -37.66
N THR A 224 -8.02 43.60 -38.63
CA THR A 224 -7.14 44.62 -39.19
C THR A 224 -6.99 44.25 -40.65
N HIS A 225 -7.07 45.24 -41.52
CA HIS A 225 -6.93 44.98 -42.95
C HIS A 225 -5.83 45.88 -43.53
N LEU A 226 -4.83 45.26 -44.14
CA LEU A 226 -3.67 45.99 -44.67
C LEU A 226 -4.04 46.64 -46.01
N ILE A 227 -3.99 47.97 -46.07
CA ILE A 227 -4.26 48.67 -47.31
C ILE A 227 -2.94 49.14 -47.89
N GLY A 228 -2.57 48.60 -49.03
CA GLY A 228 -1.40 49.08 -49.71
C GLY A 228 -1.64 50.46 -50.27
N ASN A 229 -0.54 51.18 -50.46
CA ASN A 229 -0.58 52.47 -51.11
C ASN A 229 -1.05 52.30 -52.55
N GLY A 230 -1.99 53.16 -52.97
CA GLY A 230 -2.63 52.99 -54.26
C GLY A 230 -3.74 51.97 -54.26
N ASP A 231 -4.13 51.47 -53.11
CA ASP A 231 -5.23 50.52 -52.96
C ASP A 231 -6.31 51.11 -52.07
N THR A 232 -7.49 50.49 -52.10
CA THR A 232 -8.62 50.93 -51.32
C THR A 232 -9.25 49.73 -50.64
N ALA A 233 -10.23 50.00 -49.77
CA ALA A 233 -11.01 48.93 -49.16
C ALA A 233 -12.38 49.45 -48.78
N ILE A 234 -13.41 48.71 -49.14
CA ILE A 234 -14.76 49.00 -48.65
C ILE A 234 -15.00 48.14 -47.42
N ILE A 235 -15.24 48.79 -46.28
CA ILE A 235 -15.33 48.13 -44.98
C ILE A 235 -16.72 48.36 -44.39
N GLU A 236 -17.31 47.30 -43.84
CA GLU A 236 -18.61 47.37 -43.17
C GLU A 236 -18.49 46.82 -41.75
N ALA A 237 -19.16 47.48 -40.82
CA ALA A 237 -19.12 47.13 -39.40
C ALA A 237 -20.38 47.65 -38.72
N THR A 238 -20.71 47.02 -37.59
CA THR A 238 -21.86 47.37 -36.78
C THR A 238 -21.42 47.35 -35.32
N TRP A 239 -21.51 48.48 -34.63
CA TRP A 239 -21.33 48.52 -33.18
C TRP A 239 -22.69 48.38 -32.50
N THR A 240 -22.75 47.60 -31.44
CA THR A 240 -24.02 47.35 -30.77
C THR A 240 -24.13 47.96 -29.38
N GLN A 241 -23.07 48.56 -28.85
CA GLN A 241 -23.10 49.09 -27.47
C GLN A 241 -22.74 50.57 -27.50
N PRO A 242 -23.63 51.47 -27.05
CA PRO A 242 -23.31 52.91 -27.14
C PRO A 242 -22.10 53.28 -26.30
N GLY A 243 -21.37 54.30 -26.74
CA GLY A 243 -20.18 54.74 -26.05
C GLY A 243 -19.09 55.11 -27.04
N MET A 244 -17.86 55.26 -26.53
CA MET A 244 -16.81 55.84 -27.33
C MET A 244 -15.82 54.74 -27.69
N TYR A 245 -15.38 54.73 -28.95
CA TYR A 245 -14.41 53.76 -29.43
C TYR A 245 -13.41 54.50 -30.32
N LEU A 246 -12.61 53.73 -31.06
CA LEU A 246 -11.52 54.30 -31.85
C LEU A 246 -11.35 53.51 -33.16
N PHE A 247 -10.80 54.17 -34.16
CA PHE A 247 -10.17 53.45 -35.27
C PHE A 247 -8.92 54.23 -35.67
N HIS A 248 -8.01 53.53 -36.35
CA HIS A 248 -6.74 54.16 -36.72
C HIS A 248 -5.96 53.19 -37.59
N VAL A 249 -4.99 53.72 -38.30
CA VAL A 249 -3.90 52.90 -38.82
C VAL A 249 -3.08 52.38 -37.65
N HIS A 250 -2.74 51.10 -37.68
CA HIS A 250 -2.04 50.48 -36.56
C HIS A 250 -0.55 50.65 -36.83
N GLY A 251 0.09 51.57 -36.11
CA GLY A 251 1.49 51.84 -36.34
C GLY A 251 1.86 53.20 -35.78
N ILE A 252 3.09 53.62 -36.09
CA ILE A 252 3.51 54.95 -35.64
C ILE A 252 2.58 56.02 -36.20
N GLN A 253 1.86 55.73 -37.29
CA GLN A 253 0.90 56.67 -37.84
C GLN A 253 -0.13 57.13 -36.82
N GLU A 254 -0.47 56.27 -35.87
CA GLU A 254 -1.60 56.55 -34.99
C GLU A 254 -1.32 57.70 -34.01
N GLU A 255 -0.06 58.03 -33.76
CA GLU A 255 0.29 59.14 -32.89
C GLU A 255 0.57 60.41 -33.66
N ARG A 256 0.46 60.34 -34.98
CA ARG A 256 0.80 61.46 -35.84
C ARG A 256 -0.38 61.87 -36.71
N GLY A 257 -1.60 61.67 -36.22
CA GLY A 257 -2.80 62.14 -36.89
C GLY A 257 -3.72 61.04 -37.39
N SER A 258 -3.27 59.80 -37.42
CA SER A 258 -4.08 58.73 -37.99
C SER A 258 -4.88 58.03 -36.89
N MET A 259 -5.71 58.82 -36.20
CA MET A 259 -6.58 58.30 -35.17
C MET A 259 -7.89 59.06 -35.14
N ALA A 260 -8.97 58.33 -34.92
CA ALA A 260 -10.33 58.85 -34.97
C ALA A 260 -11.14 58.29 -33.81
N MET A 261 -11.95 59.13 -33.20
CA MET A 261 -12.92 58.65 -32.22
C MET A 261 -14.18 58.20 -32.92
N ILE A 262 -14.77 57.11 -32.43
CA ILE A 262 -16.09 56.66 -32.84
C ILE A 262 -17.03 56.89 -31.68
N GLU A 263 -18.14 57.57 -31.93
CA GLU A 263 -19.20 57.74 -30.96
C GLU A 263 -20.39 56.89 -31.43
N VAL A 264 -20.70 55.85 -30.67
CA VAL A 264 -21.86 55.01 -30.95
C VAL A 264 -23.06 55.62 -30.23
N LEU A 265 -24.03 56.08 -31.00
CA LEU A 265 -25.22 56.74 -30.49
C LEU A 265 -26.34 55.73 -30.25
N GLU A 266 -27.27 56.09 -29.37
CA GLU A 266 -28.38 55.19 -29.13
C GLU A 266 -29.31 55.15 -30.33
N ASP A 267 -29.45 56.25 -31.07
CA ASP A 267 -30.28 56.26 -32.26
C ASP A 267 -29.80 57.37 -33.19
N ALA A 268 -30.42 57.45 -34.36
CA ALA A 268 -29.96 58.32 -35.43
C ALA A 268 -30.55 59.73 -35.37
N SER A 269 -31.43 60.02 -34.40
CA SER A 269 -32.21 61.26 -34.44
C SER A 269 -31.33 62.50 -34.54
N SER A 270 -30.19 62.52 -33.87
CA SER A 270 -29.37 63.72 -33.88
C SER A 270 -28.60 63.92 -35.17
N LEU A 271 -28.59 62.93 -36.07
CA LEU A 271 -27.92 63.03 -37.35
C LEU A 271 -28.86 63.41 -38.50
N SER A 272 -30.14 63.61 -38.22
CA SER A 272 -31.12 63.71 -39.31
C SER A 272 -30.88 64.91 -40.22
N ASP A 273 -30.28 65.97 -39.69
CA ASP A 273 -30.06 67.16 -40.52
C ASP A 273 -28.65 67.25 -41.11
N VAL A 274 -27.71 66.41 -40.71
CA VAL A 274 -26.41 66.47 -41.36
C VAL A 274 -26.27 65.38 -42.41
N GLN A 275 -26.93 64.23 -42.21
CA GLN A 275 -26.85 63.14 -43.19
C GLN A 275 -27.55 63.54 -44.48
N ARG A 276 -27.22 62.83 -45.56
CA ARG A 276 -27.87 63.05 -46.84
C ARG A 276 -28.25 61.71 -47.45
N PRO A 277 -29.34 61.67 -48.23
CA PRO A 277 -29.70 60.42 -48.92
C PRO A 277 -28.58 60.02 -49.87
N SER A 278 -28.14 58.77 -49.74
CA SER A 278 -26.96 58.33 -50.47
C SER A 278 -27.31 57.86 -51.87
N ASN A 279 -26.33 57.97 -52.76
CA ASN A 279 -26.46 57.39 -54.10
C ASN A 279 -26.62 55.87 -54.04
N ASN A 280 -26.19 55.22 -52.96
CA ASN A 280 -26.66 53.87 -52.64
C ASN A 280 -28.06 54.02 -52.07
N LYS A 281 -29.08 53.65 -52.85
CA LYS A 281 -30.45 53.83 -52.41
C LYS A 281 -30.71 53.13 -51.07
N GLY A 282 -31.24 53.89 -50.11
CA GLY A 282 -31.52 53.38 -48.78
C GLY A 282 -30.47 53.70 -47.76
N SER A 283 -29.28 54.16 -48.19
CA SER A 283 -28.19 54.50 -47.29
C SER A 283 -28.21 55.99 -46.96
N TYR A 284 -27.44 56.34 -45.94
CA TYR A 284 -27.33 57.70 -45.41
C TYR A 284 -25.88 58.15 -45.50
N SER A 285 -25.61 59.14 -46.33
CA SER A 285 -24.23 59.58 -46.57
C SER A 285 -23.85 60.65 -45.57
N MET A 286 -22.67 60.50 -44.97
CA MET A 286 -22.10 61.51 -44.08
C MET A 286 -20.96 62.26 -44.76
N VAL A 287 -20.77 62.01 -46.05
CA VAL A 287 -19.63 62.53 -46.79
C VAL A 287 -19.68 64.04 -46.82
N GLU A 288 -20.88 64.60 -47.03
CA GLU A 288 -21.01 66.04 -47.07
C GLU A 288 -20.64 66.65 -45.73
N TRP A 289 -21.08 66.05 -44.62
CA TRP A 289 -20.63 66.52 -43.32
C TRP A 289 -19.11 66.50 -43.23
N GLN A 290 -18.47 65.43 -43.73
CA GLN A 290 -17.02 65.34 -43.60
C GLN A 290 -16.33 66.42 -44.43
N GLU A 291 -16.81 66.67 -45.64
CA GLU A 291 -16.11 67.63 -46.48
C GLU A 291 -16.38 69.05 -46.05
N ASP A 292 -17.55 69.34 -45.47
CA ASP A 292 -17.73 70.63 -44.83
C ASP A 292 -16.71 70.81 -43.70
N LEU A 293 -16.50 69.77 -42.89
CA LEU A 293 -15.56 69.90 -41.77
C LEU A 293 -14.12 70.02 -42.26
N ILE A 294 -13.74 69.27 -43.31
CA ILE A 294 -12.39 69.42 -43.84
C ILE A 294 -12.15 70.87 -44.24
N ARG A 295 -13.12 71.48 -44.92
CA ARG A 295 -12.87 72.84 -45.38
C ARG A 295 -12.83 73.80 -44.22
N THR A 296 -13.75 73.63 -43.26
CA THR A 296 -13.79 74.50 -42.09
C THR A 296 -12.47 74.49 -41.36
N LEU A 297 -11.86 73.32 -41.18
CA LEU A 297 -10.63 73.18 -40.42
C LEU A 297 -9.41 73.60 -41.22
N GLU A 298 -9.41 73.38 -42.54
CA GLU A 298 -8.21 73.70 -43.30
C GLU A 298 -8.10 75.19 -43.61
N GLN A 299 -9.22 75.91 -43.66
CA GLN A 299 -9.22 77.36 -43.84
C GLN A 299 -8.36 77.75 -45.05
N PRO A 300 -8.67 77.25 -46.24
CA PRO A 300 -7.72 77.39 -47.35
C PRO A 300 -7.63 78.84 -47.81
N GLN A 301 -6.40 79.30 -48.03
CA GLN A 301 -6.12 80.55 -48.71
C GLN A 301 -5.61 80.21 -50.10
N LEU A 302 -6.47 80.38 -51.10
CA LEU A 302 -6.12 79.99 -52.45
C LEU A 302 -5.28 81.05 -53.13
N ILE A 303 -4.45 80.61 -54.06
CA ILE A 303 -3.64 81.48 -54.90
C ILE A 303 -4.14 81.31 -56.32
N SER A 304 -4.65 82.39 -56.91
CA SER A 304 -5.06 82.38 -58.30
C SER A 304 -3.94 82.98 -59.17
N TYR A 305 -3.85 82.52 -60.40
CA TYR A 305 -2.97 83.09 -61.40
C TYR A 305 -3.77 83.34 -62.67
N GLU A 306 -3.55 84.49 -63.30
CA GLU A 306 -4.23 84.77 -64.56
C GLU A 306 -3.32 84.63 -65.77
N ASN A 307 -2.03 84.90 -65.64
CA ASN A 307 -1.15 84.89 -66.81
C ASN A 307 -0.15 83.74 -66.62
N LEU A 308 -0.50 82.59 -67.19
CA LEU A 308 0.33 81.40 -67.11
C LEU A 308 0.84 80.98 -68.49
N GLY A 309 0.71 81.86 -69.50
CA GLY A 309 1.26 81.59 -70.80
C GLY A 309 2.76 81.35 -70.74
N GLU A 310 3.24 80.67 -71.78
CA GLU A 310 4.56 80.03 -71.69
C GLU A 310 5.69 81.05 -71.64
N SER A 311 5.78 81.93 -72.64
CA SER A 311 6.91 82.85 -72.82
C SER A 311 8.21 82.08 -73.12
N ALA A 312 9.27 82.79 -73.45
CA ALA A 312 10.50 82.16 -73.91
C ALA A 312 11.58 82.20 -72.83
N ALA A 313 12.62 81.38 -73.06
CA ALA A 313 13.74 81.31 -72.11
C ALA A 313 14.46 82.65 -72.01
N ILE A 314 14.93 82.96 -70.81
CA ILE A 314 15.66 84.19 -70.54
C ILE A 314 17.14 83.84 -70.40
N SER A 315 17.97 84.41 -71.27
CA SER A 315 19.41 84.16 -71.25
C SER A 315 20.18 85.42 -71.59
N SER A 316 21.35 85.56 -70.96
CA SER A 316 22.26 86.65 -71.27
C SER A 316 23.26 86.32 -72.37
N GLU A 317 23.41 85.04 -72.73
CA GLU A 317 24.47 84.65 -73.63
C GLU A 317 24.06 83.41 -74.42
N LYS A 318 24.70 83.26 -75.58
CA LYS A 318 24.44 82.17 -76.52
C LYS A 318 25.77 81.50 -76.85
N VAL A 319 25.78 80.17 -76.80
CA VAL A 319 26.99 79.37 -76.99
C VAL A 319 26.87 78.59 -78.28
N SER A 320 27.93 78.60 -79.09
CA SER A 320 27.99 77.80 -80.32
C SER A 320 28.49 76.41 -79.93
N ALA A 321 27.57 75.56 -79.52
CA ALA A 321 27.87 74.19 -79.14
C ALA A 321 26.68 73.33 -79.53
N ASP A 322 26.93 72.02 -79.65
CA ASP A 322 25.88 71.09 -80.07
C ASP A 322 25.62 70.00 -79.03
N LYS A 323 26.04 70.23 -77.77
CA LYS A 323 25.75 69.36 -76.64
C LYS A 323 25.12 70.20 -75.54
N VAL A 324 24.03 69.70 -74.96
CA VAL A 324 23.31 70.38 -73.88
C VAL A 324 23.10 69.41 -72.74
N SER A 325 23.31 69.89 -71.51
CA SER A 325 23.02 69.14 -70.31
C SER A 325 21.63 69.51 -69.77
N ILE A 326 20.84 68.49 -69.44
CA ILE A 326 19.66 68.68 -68.61
C ILE A 326 20.16 68.55 -67.17
N VAL A 327 20.17 69.67 -66.46
CA VAL A 327 20.93 69.84 -65.23
C VAL A 327 20.30 69.08 -64.07
N LYS A 328 21.16 68.59 -63.18
CA LYS A 328 20.73 67.99 -61.92
C LYS A 328 19.80 68.93 -61.15
N ASP A 329 18.74 68.35 -60.60
CA ASP A 329 17.75 69.01 -59.77
C ASP A 329 16.90 70.01 -60.53
N SER A 330 16.86 69.93 -61.86
CA SER A 330 16.06 70.91 -62.59
C SER A 330 14.56 70.72 -62.35
N TRP A 331 14.12 69.55 -61.89
CA TRP A 331 12.73 69.37 -61.49
C TRP A 331 12.35 70.23 -60.29
N ASN A 332 13.31 70.88 -59.64
CA ASN A 332 13.02 71.93 -58.66
C ASN A 332 13.07 73.30 -59.35
N PRO A 333 11.97 74.07 -59.35
CA PRO A 333 11.96 75.35 -60.09
C PRO A 333 12.93 76.39 -59.56
N GLU A 334 13.47 76.21 -58.35
CA GLU A 334 14.45 77.15 -57.84
C GLU A 334 15.74 77.12 -58.65
N ILE A 335 16.10 75.96 -59.19
CA ILE A 335 17.24 75.85 -60.11
C ILE A 335 16.87 76.59 -61.39
N THR A 336 17.50 77.74 -61.62
CA THR A 336 17.04 78.62 -62.69
C THR A 336 17.61 78.29 -64.07
N GLU A 337 18.80 77.68 -64.15
CA GLU A 337 19.37 77.23 -65.43
C GLU A 337 19.08 75.75 -65.61
N SER A 338 17.94 75.43 -66.25
CA SER A 338 17.47 74.05 -66.37
C SER A 338 18.22 73.28 -67.45
N TYR A 339 18.53 73.94 -68.56
CA TYR A 339 19.35 73.39 -69.63
C TYR A 339 20.65 74.19 -69.68
N ASP A 340 21.74 73.52 -69.97
CA ASP A 340 23.05 74.16 -69.97
C ASP A 340 23.81 73.71 -71.21
N PRO A 341 24.03 74.58 -72.20
CA PRO A 341 23.61 75.99 -72.22
C PRO A 341 22.12 76.18 -72.48
N ILE A 342 21.53 77.23 -71.91
CA ILE A 342 20.14 77.55 -72.20
C ILE A 342 19.96 77.88 -73.67
N ALA A 343 20.85 78.69 -74.23
CA ALA A 343 20.72 79.18 -75.59
C ALA A 343 21.96 78.77 -76.37
N ILE A 344 21.75 78.07 -77.49
CA ILE A 344 22.82 77.58 -78.33
C ILE A 344 22.62 78.05 -79.76
N GLN A 345 23.75 78.11 -80.47
CA GLN A 345 23.84 78.47 -81.88
C GLN A 345 24.50 77.33 -82.64
N VAL A 346 23.89 76.90 -83.75
CA VAL A 346 24.45 75.85 -84.59
C VAL A 346 24.20 76.20 -86.05
N ASP A 347 24.92 75.52 -86.93
CA ASP A 347 24.68 75.63 -88.37
C ASP A 347 23.68 74.57 -88.80
N SER A 348 22.88 74.92 -89.81
CA SER A 348 21.95 73.94 -90.36
C SER A 348 22.70 72.69 -90.77
N GLY A 349 22.14 71.55 -90.43
CA GLY A 349 22.81 70.28 -90.59
C GLY A 349 23.45 69.76 -89.32
N THR A 350 23.45 70.53 -88.23
CA THR A 350 24.06 70.10 -86.98
C THR A 350 23.10 69.22 -86.18
N THR A 351 23.61 68.11 -85.65
CA THR A 351 22.86 67.29 -84.70
C THR A 351 23.19 67.75 -83.29
N VAL A 352 22.16 68.10 -82.51
CA VAL A 352 22.32 68.50 -81.12
C VAL A 352 21.94 67.31 -80.24
N THR A 353 22.77 67.01 -79.25
CA THR A 353 22.54 65.93 -78.31
C THR A 353 22.32 66.49 -76.92
N TRP A 354 21.20 66.11 -76.28
CA TRP A 354 20.92 66.42 -74.88
C TRP A 354 21.21 65.20 -74.03
N THR A 355 21.83 65.43 -72.87
CA THR A 355 22.05 64.40 -71.88
C THR A 355 21.27 64.73 -70.62
N ASN A 356 20.49 63.77 -70.12
CA ASN A 356 19.77 63.98 -68.86
C ASN A 356 20.72 63.67 -67.73
N ASP A 357 21.29 64.71 -67.12
CA ASP A 357 22.18 64.57 -65.98
C ASP A 357 21.45 64.70 -64.66
N ASP A 358 20.13 64.59 -64.67
CA ASP A 358 19.32 64.61 -63.46
C ASP A 358 19.04 63.17 -63.05
N SER A 359 18.38 63.01 -61.91
CA SER A 359 17.89 61.72 -61.46
C SER A 359 16.41 61.53 -61.77
N VAL A 360 15.77 62.49 -62.43
CA VAL A 360 14.35 62.43 -62.78
C VAL A 360 14.24 62.46 -64.30
N VAL A 361 13.14 61.88 -64.81
CA VAL A 361 12.84 61.93 -66.24
C VAL A 361 12.57 63.39 -66.67
N HIS A 362 13.02 63.72 -67.90
CA HIS A 362 12.80 65.03 -68.51
C HIS A 362 12.44 64.85 -69.97
N THR A 363 12.02 65.94 -70.62
CA THR A 363 11.86 65.96 -72.07
C THR A 363 12.50 67.20 -72.67
N VAL A 364 12.64 67.17 -74.00
CA VAL A 364 13.04 68.32 -74.81
C VAL A 364 11.99 68.43 -75.91
N THR A 365 11.21 69.51 -75.87
CA THR A 365 10.01 69.59 -76.71
C THR A 365 9.87 71.00 -77.26
N ASP A 366 9.81 71.10 -78.58
CA ASP A 366 9.58 72.37 -79.24
C ASP A 366 8.23 72.96 -78.85
N ASN A 367 8.16 74.29 -78.75
CA ASN A 367 6.91 74.97 -78.42
C ASN A 367 5.89 74.83 -79.54
N GLU A 368 6.34 74.87 -80.79
CA GLU A 368 5.53 74.33 -81.88
C GLU A 368 5.69 72.83 -81.76
N ASN A 369 5.47 72.05 -82.80
CA ASN A 369 5.72 70.63 -82.53
C ASN A 369 6.65 70.04 -83.57
N SER A 370 7.71 70.78 -83.90
CA SER A 370 8.69 70.29 -84.86
C SER A 370 9.36 69.03 -84.36
N PHE A 371 9.69 68.99 -83.08
CA PHE A 371 10.45 67.88 -82.53
C PHE A 371 10.01 67.67 -81.10
N ASP A 372 10.17 66.43 -80.64
CA ASP A 372 9.80 66.07 -79.28
C ASP A 372 10.53 64.79 -78.90
N SER A 373 11.18 64.79 -77.74
CA SER A 373 11.96 63.64 -77.31
C SER A 373 11.11 62.52 -76.69
N GLY A 374 9.90 62.84 -76.23
CA GLY A 374 9.26 61.96 -75.27
C GLY A 374 10.06 61.92 -73.99
N PHE A 375 9.82 60.88 -73.19
CA PHE A 375 10.56 60.73 -71.95
C PHE A 375 12.05 60.48 -72.23
N ILE A 376 12.91 61.21 -71.54
CA ILE A 376 14.35 60.94 -71.50
C ILE A 376 14.67 60.51 -70.08
N GLN A 377 14.99 59.23 -69.89
CA GLN A 377 15.29 58.74 -68.55
C GLN A 377 16.59 59.33 -68.04
N ALA A 378 16.71 59.35 -66.71
CA ALA A 378 17.93 59.84 -66.08
C ALA A 378 19.14 59.12 -66.63
N GLY A 379 20.14 59.89 -67.06
CA GLY A 379 21.37 59.35 -67.61
C GLY A 379 21.32 59.02 -69.08
N ASN A 380 20.15 59.08 -69.72
CA ASN A 380 20.07 58.81 -71.16
C ASN A 380 20.24 60.09 -71.97
N THR A 381 20.32 59.92 -73.28
CA THR A 381 20.51 61.02 -74.23
C THR A 381 19.40 61.01 -75.27
N TRP A 382 19.24 62.15 -75.94
CA TRP A 382 18.36 62.29 -77.09
C TRP A 382 18.96 63.31 -78.03
N SER A 383 18.96 63.01 -79.33
CA SER A 383 19.58 63.88 -80.32
C SER A 383 18.58 64.23 -81.42
N TYR A 384 18.86 65.32 -82.12
CA TYR A 384 18.03 65.80 -83.22
C TYR A 384 18.89 66.60 -84.18
N SER A 385 18.78 66.30 -85.47
CA SER A 385 19.53 67.00 -86.49
C SER A 385 18.68 68.14 -87.02
N PHE A 386 19.18 69.37 -86.88
CA PHE A 386 18.48 70.59 -87.32
C PHE A 386 19.00 70.93 -88.72
N ASP A 387 18.19 70.65 -89.74
CA ASP A 387 18.64 70.78 -91.11
C ASP A 387 18.22 72.09 -91.78
N ASN A 388 17.35 72.88 -91.14
CA ASN A 388 16.83 74.08 -91.77
C ASN A 388 17.05 75.26 -90.83
N PRO A 389 17.53 76.40 -91.33
CA PRO A 389 17.75 77.56 -90.46
C PRO A 389 16.45 77.99 -89.81
N GLY A 390 16.57 78.58 -88.63
CA GLY A 390 15.40 79.01 -87.90
C GLY A 390 15.71 79.26 -86.44
N GLU A 391 14.65 79.58 -85.71
CA GLU A 391 14.69 79.85 -84.28
C GLU A 391 13.72 78.91 -83.56
N PHE A 392 14.17 78.26 -82.50
CA PHE A 392 13.37 77.25 -81.82
C PHE A 392 13.38 77.48 -80.31
N ASP A 393 12.20 77.55 -79.72
CA ASP A 393 12.00 77.66 -78.28
C ASP A 393 11.51 76.30 -77.80
N TYR A 394 12.28 75.65 -76.93
CA TYR A 394 11.85 74.34 -76.44
C TYR A 394 11.69 74.36 -74.93
N ILE A 395 10.92 73.39 -74.43
CA ILE A 395 10.64 73.24 -73.01
C ILE A 395 10.64 71.76 -72.65
N CYS A 396 10.59 71.50 -71.35
CA CYS A 396 10.25 70.18 -70.81
C CYS A 396 8.74 70.17 -70.55
N THR A 397 8.01 69.29 -71.26
CA THR A 397 6.57 69.18 -71.04
C THR A 397 6.23 68.71 -69.63
N LEU A 398 7.17 68.07 -68.94
CA LEU A 398 6.94 67.63 -67.57
C LEU A 398 7.13 68.76 -66.58
N HIS A 399 8.04 69.69 -66.86
CA HIS A 399 8.43 70.74 -65.92
C HIS A 399 8.45 72.06 -66.69
N PRO A 400 7.31 72.77 -66.73
CA PRO A 400 7.16 73.90 -67.67
C PRO A 400 8.17 75.03 -67.51
N TRP A 401 8.81 75.19 -66.34
CA TRP A 401 9.79 76.24 -66.14
C TRP A 401 11.11 75.95 -66.86
N MET A 402 11.33 74.73 -67.34
CA MET A 402 12.59 74.40 -68.02
C MET A 402 12.48 74.81 -69.47
N LYS A 403 13.32 75.76 -69.89
CA LYS A 403 13.19 76.40 -71.20
C LYS A 403 14.57 76.65 -71.78
N GLY A 404 14.66 76.55 -73.11
CA GLY A 404 15.89 76.85 -73.82
C GLY A 404 15.61 77.24 -75.24
N THR A 405 16.65 77.74 -75.92
CA THR A 405 16.50 78.17 -77.30
C THR A 405 17.61 77.57 -78.16
N ILE A 406 17.29 77.39 -79.43
CA ILE A 406 18.23 76.92 -80.45
C ILE A 406 18.13 77.86 -81.64
N SER A 407 19.25 78.49 -82.01
CA SER A 407 19.35 79.32 -83.20
C SER A 407 20.12 78.54 -84.27
N VAL A 408 19.46 78.30 -85.40
CA VAL A 408 20.05 77.57 -86.51
C VAL A 408 20.26 78.53 -87.67
N ASN A 409 21.53 78.68 -88.10
CA ASN A 409 21.86 79.44 -89.31
C ASN A 409 22.84 78.64 -90.16
N ASP B 1 -16.39 24.43 -57.41
CA ASP B 1 -14.95 24.19 -57.39
C ASP B 1 -14.24 25.49 -57.18
N SER B 2 -14.62 26.39 -58.08
CA SER B 2 -13.76 27.39 -58.65
C SER B 2 -14.12 27.54 -60.11
N SER B 3 -13.68 26.53 -60.87
CA SER B 3 -13.45 26.58 -62.31
C SER B 3 -12.23 27.47 -62.59
N ASP B 4 -11.84 28.32 -61.63
CA ASP B 4 -10.61 29.11 -61.76
C ASP B 4 -9.46 28.61 -60.88
N THR B 5 -9.63 27.53 -60.12
CA THR B 5 -8.50 26.94 -59.42
C THR B 5 -7.91 25.79 -60.21
N PHE B 6 -6.68 25.44 -59.82
CA PHE B 6 -5.90 24.38 -60.46
C PHE B 6 -5.48 23.47 -59.32
N PRO B 7 -6.28 22.48 -58.96
CA PRO B 7 -5.92 21.61 -57.85
C PRO B 7 -4.65 20.83 -58.14
N LYS B 8 -3.95 20.47 -57.07
CA LYS B 8 -2.80 19.58 -57.12
C LYS B 8 -3.13 18.33 -57.92
N PHE B 9 -2.26 17.97 -58.86
CA PHE B 9 -2.56 16.92 -59.82
C PHE B 9 -1.31 16.12 -60.18
N LYS B 10 -1.48 14.80 -60.33
CA LYS B 10 -0.37 13.92 -60.70
C LYS B 10 -0.12 14.02 -62.21
N ASN B 11 1.05 14.57 -62.59
CA ASN B 11 1.40 14.74 -64.01
C ASN B 11 1.58 13.36 -64.65
N PRO B 12 0.80 13.01 -65.67
CA PRO B 12 0.98 11.69 -66.29
C PRO B 12 2.21 11.61 -67.17
N ASN B 13 2.79 12.73 -67.61
CA ASN B 13 3.95 12.73 -68.50
C ASN B 13 5.04 13.63 -67.92
N PRO B 14 5.60 13.28 -66.77
CA PRO B 14 6.64 14.13 -66.18
C PRO B 14 7.90 14.06 -67.02
N GLN B 15 8.62 15.17 -67.07
CA GLN B 15 9.92 15.17 -67.70
C GLN B 15 11.03 15.37 -66.68
N THR B 16 12.22 14.96 -67.07
CA THR B 16 13.42 15.09 -66.27
C THR B 16 14.26 16.21 -66.84
N LEU B 17 14.60 17.19 -66.01
CA LEU B 17 15.30 18.37 -66.50
C LEU B 17 16.50 18.65 -65.62
N SER B 18 17.44 19.39 -66.19
CA SER B 18 18.65 19.75 -65.46
C SER B 18 19.04 21.18 -65.84
N TYR B 19 19.64 21.87 -64.88
CA TYR B 19 20.18 23.21 -65.08
C TYR B 19 21.54 23.30 -64.42
N THR B 20 22.38 24.19 -64.94
CA THR B 20 23.63 24.59 -64.28
C THR B 20 23.55 26.07 -63.93
N LEU B 21 23.69 26.39 -62.64
CA LEU B 21 23.73 27.77 -62.18
C LEU B 21 25.07 27.99 -61.51
N ILE B 22 25.76 29.07 -61.89
CA ILE B 22 27.10 29.39 -61.38
C ILE B 22 27.01 30.68 -60.60
N ALA B 23 27.40 30.65 -59.33
CA ALA B 23 27.60 31.89 -58.60
C ALA B 23 28.80 32.60 -59.18
N GLN B 24 28.57 33.81 -59.72
CA GLN B 24 29.57 34.55 -60.47
C GLN B 24 29.52 36.02 -60.05
N ASP B 25 30.67 36.59 -59.74
CA ASP B 25 30.77 38.04 -59.60
C ASP B 25 30.83 38.72 -60.97
N ALA B 26 30.28 39.93 -61.05
CA ALA B 26 30.29 40.66 -62.31
C ALA B 26 30.14 42.15 -62.05
N GLU B 27 30.50 42.93 -63.06
CA GLU B 27 30.11 44.34 -63.15
C GLU B 27 29.01 44.48 -64.19
N ILE B 28 27.87 45.07 -63.80
CA ILE B 28 26.78 45.26 -64.74
C ILE B 28 26.35 46.71 -64.71
N GLU B 29 25.75 47.16 -65.80
CA GLU B 29 24.98 48.39 -65.77
C GLU B 29 23.64 48.10 -65.11
N VAL B 30 23.29 48.89 -64.09
CA VAL B 30 21.99 48.78 -63.41
C VAL B 30 21.08 49.95 -63.73
N SER B 31 21.60 50.99 -64.36
CA SER B 31 20.88 52.18 -64.80
C SER B 31 21.76 52.85 -65.86
N PRO B 32 21.19 53.68 -66.74
CA PRO B 32 22.02 54.33 -67.76
C PRO B 32 23.23 55.00 -67.12
N GLY B 33 24.43 54.62 -67.52
CA GLY B 33 25.63 55.24 -66.99
C GLY B 33 26.02 54.82 -65.58
N VAL B 34 25.38 53.81 -65.00
CA VAL B 34 25.69 53.39 -63.63
C VAL B 34 26.13 51.93 -63.69
N ARG B 35 27.43 51.71 -63.59
CA ARG B 35 28.03 50.39 -63.51
C ARG B 35 28.24 50.03 -62.04
N ALA B 36 27.92 48.78 -61.66
CA ALA B 36 28.02 48.38 -60.27
C ALA B 36 28.46 46.92 -60.14
N LYS B 37 29.15 46.62 -59.05
CA LYS B 37 29.51 45.23 -58.76
C LYS B 37 28.28 44.48 -58.25
N VAL B 38 28.13 43.24 -58.71
CA VAL B 38 27.00 42.42 -58.31
C VAL B 38 27.49 40.98 -58.10
N TRP B 39 26.69 40.24 -57.37
CA TRP B 39 26.84 38.80 -57.19
C TRP B 39 25.62 38.18 -57.85
N THR B 40 25.85 37.26 -58.79
CA THR B 40 24.81 36.75 -59.67
C THR B 40 24.82 35.23 -59.67
N TYR B 41 23.74 34.67 -60.23
CA TYR B 41 23.80 33.37 -60.90
C TYR B 41 23.83 33.62 -62.40
N ASN B 42 24.89 33.12 -63.05
CA ASN B 42 25.04 33.12 -64.50
C ASN B 42 25.18 34.52 -65.11
N GLY B 43 25.50 35.53 -64.31
CA GLY B 43 26.02 36.77 -64.87
C GLY B 43 25.03 37.93 -65.01
N THR B 44 23.73 37.72 -64.74
CA THR B 44 22.73 38.78 -64.79
C THR B 44 21.95 38.85 -63.49
N VAL B 45 21.33 40.01 -63.27
CA VAL B 45 20.38 40.26 -62.20
C VAL B 45 19.07 40.72 -62.83
N PRO B 46 17.95 40.02 -62.65
CA PRO B 46 17.84 38.75 -61.91
C PRO B 46 18.52 37.60 -62.62
N ALA B 47 18.66 36.49 -61.90
CA ALA B 47 19.20 35.25 -62.40
C ALA B 47 18.23 34.68 -63.44
N PRO B 48 18.62 33.59 -64.12
CA PRO B 48 17.73 33.00 -65.14
C PRO B 48 16.38 32.57 -64.59
N THR B 49 15.32 32.80 -65.38
CA THR B 49 14.01 32.26 -65.03
C THR B 49 13.97 30.78 -65.35
N LEU B 50 13.71 29.97 -64.33
CA LEU B 50 13.54 28.54 -64.50
C LEU B 50 12.07 28.26 -64.71
N ARG B 51 11.75 27.46 -65.72
CA ARG B 51 10.35 27.16 -65.98
C ARG B 51 10.19 25.69 -66.32
N PHE B 52 9.25 25.02 -65.67
CA PHE B 52 8.96 23.61 -65.94
C PHE B 52 7.56 23.35 -65.44
N SER B 53 7.15 22.08 -65.42
CA SER B 53 5.80 21.69 -65.07
C SER B 53 5.75 20.98 -63.72
N GLU B 54 4.60 21.14 -63.05
CA GLU B 54 4.29 20.38 -61.85
C GLU B 54 4.54 18.91 -62.11
N GLY B 55 5.21 18.24 -61.17
CA GLY B 55 5.56 16.86 -61.36
C GLY B 55 6.88 16.59 -62.08
N ASP B 56 7.52 17.59 -62.66
CA ASP B 56 8.79 17.33 -63.33
C ASP B 56 9.89 17.04 -62.31
N ASP B 57 10.89 16.27 -62.75
CA ASP B 57 12.07 15.96 -61.94
C ASP B 57 13.17 16.93 -62.31
N VAL B 58 13.62 17.73 -61.34
CA VAL B 58 14.52 18.86 -61.61
C VAL B 58 15.84 18.65 -60.88
N THR B 59 16.96 18.83 -61.58
CA THR B 59 18.29 18.78 -60.98
C THR B 59 19.03 20.06 -61.32
N VAL B 60 19.59 20.72 -60.32
CA VAL B 60 20.34 21.95 -60.55
C VAL B 60 21.77 21.75 -60.08
N LYS B 61 22.70 21.82 -61.01
CA LYS B 61 24.11 21.80 -60.67
C LYS B 61 24.51 23.20 -60.24
N PHE B 62 24.93 23.37 -58.99
CA PHE B 62 25.33 24.68 -58.47
C PHE B 62 26.84 24.71 -58.30
N VAL B 63 27.49 25.69 -58.93
CA VAL B 63 28.94 25.88 -58.85
C VAL B 63 29.20 27.25 -58.25
N ASN B 64 30.07 27.30 -57.24
CA ASN B 64 30.49 28.57 -56.63
C ASN B 64 31.85 29.01 -57.19
N ASP B 65 31.85 30.06 -58.01
CA ASP B 65 33.05 30.61 -58.62
C ASP B 65 33.42 31.97 -58.04
N THR B 66 33.21 32.16 -56.74
CA THR B 66 33.46 33.42 -56.04
C THR B 66 34.20 33.11 -54.75
N PRO B 67 34.76 34.11 -54.09
CA PRO B 67 35.39 33.87 -52.78
C PRO B 67 34.44 33.98 -51.58
N TYR B 68 33.14 34.11 -51.80
CA TYR B 68 32.17 34.02 -50.72
C TYR B 68 31.56 32.62 -50.69
N ALA B 69 30.96 32.28 -49.55
CA ALA B 69 30.08 31.11 -49.49
C ALA B 69 28.72 31.48 -50.05
N HIS B 70 28.05 30.53 -50.70
CA HIS B 70 26.73 30.79 -51.28
C HIS B 70 25.91 29.51 -51.23
N THR B 71 24.59 29.66 -51.43
CA THR B 71 23.67 28.54 -51.62
C THR B 71 22.65 28.88 -52.71
N ILE B 72 21.75 27.94 -52.99
CA ILE B 72 20.49 28.25 -53.66
C ILE B 72 19.34 27.77 -52.78
N HIS B 73 18.49 28.69 -52.37
CA HIS B 73 17.26 28.34 -51.65
C HIS B 73 16.07 28.54 -52.59
N PHE B 74 15.38 27.44 -52.89
CA PHE B 74 14.16 27.47 -53.69
C PHE B 74 12.94 27.54 -52.77
N HIS B 75 12.00 28.43 -53.08
CA HIS B 75 10.70 28.35 -52.44
C HIS B 75 9.92 27.16 -52.98
N GLY B 76 9.00 26.65 -52.16
CA GLY B 76 8.19 25.49 -52.47
C GLY B 76 8.61 24.29 -51.64
N THR B 77 7.97 23.16 -51.90
CA THR B 77 8.10 21.98 -51.05
C THR B 77 9.32 21.14 -51.43
N HIS B 78 10.20 20.89 -50.47
CA HIS B 78 11.29 19.94 -50.67
C HIS B 78 11.87 19.59 -49.30
N ASP B 79 12.90 18.74 -49.30
CA ASP B 79 13.47 18.26 -48.06
C ASP B 79 14.70 19.09 -47.65
N SER B 80 15.26 18.74 -46.49
CA SER B 80 16.26 19.59 -45.86
C SER B 80 17.54 19.66 -46.68
N ALA B 81 18.01 18.52 -47.19
CA ALA B 81 19.19 18.48 -48.05
C ALA B 81 19.07 19.38 -49.27
N ASN B 82 17.84 19.72 -49.68
CA ASN B 82 17.63 20.51 -50.88
C ASN B 82 17.04 21.88 -50.57
N ASP B 83 17.18 22.34 -49.33
CA ASP B 83 16.57 23.58 -48.89
C ASP B 83 17.54 24.78 -48.90
N GLY B 84 18.81 24.56 -49.22
CA GLY B 84 19.69 25.70 -49.41
C GLY B 84 20.18 26.40 -48.17
N VAL B 85 20.08 25.77 -47.01
CA VAL B 85 20.70 26.31 -45.80
C VAL B 85 21.91 25.47 -45.38
N PHE B 86 21.71 24.15 -45.29
CA PHE B 86 22.71 23.15 -44.97
C PHE B 86 22.96 22.34 -46.23
N PRO B 87 24.16 22.35 -46.83
CA PRO B 87 25.33 23.08 -46.37
C PRO B 87 25.56 24.39 -47.13
N MET B 88 26.43 25.23 -46.58
CA MET B 88 27.02 26.37 -47.29
C MET B 88 27.96 25.84 -48.37
N ILE B 89 27.89 26.36 -49.58
CA ILE B 89 28.76 25.90 -50.65
C ILE B 89 30.00 26.82 -50.71
N MET B 90 31.18 26.23 -50.58
CA MET B 90 32.42 26.97 -50.36
C MET B 90 33.00 27.41 -51.71
N PRO B 91 33.87 28.42 -51.73
CA PRO B 91 34.49 28.84 -53.00
C PRO B 91 35.15 27.68 -53.74
N GLY B 92 34.89 27.61 -55.05
CA GLY B 92 35.40 26.51 -55.86
C GLY B 92 34.61 25.22 -55.80
N GLU B 93 33.70 25.05 -54.84
CA GLU B 93 32.91 23.83 -54.69
C GLU B 93 31.63 23.84 -55.51
N GLU B 94 31.01 22.66 -55.56
CA GLU B 94 29.77 22.41 -56.28
C GLU B 94 28.78 21.69 -55.38
N TYR B 95 27.51 21.85 -55.72
CA TYR B 95 26.41 21.17 -55.04
C TYR B 95 25.33 20.89 -56.08
N THR B 96 24.62 19.78 -55.89
CA THR B 96 23.53 19.34 -56.74
C THR B 96 22.25 19.45 -55.91
N TYR B 97 21.36 20.34 -56.29
CA TYR B 97 19.99 20.35 -55.76
C TYR B 97 19.13 19.46 -56.63
N HIS B 98 18.21 18.71 -56.00
CA HIS B 98 17.32 17.88 -56.78
C HIS B 98 15.95 17.84 -56.13
N PHE B 99 14.90 17.99 -56.94
CA PHE B 99 13.55 17.85 -56.41
C PHE B 99 12.58 17.52 -57.52
N VAL B 100 11.54 16.81 -57.14
CA VAL B 100 10.35 16.71 -57.97
C VAL B 100 9.49 17.93 -57.67
N ALA B 101 9.02 18.60 -58.70
CA ALA B 101 8.17 19.78 -58.51
C ALA B 101 6.86 19.32 -57.87
N GLU B 102 6.71 19.61 -56.57
CA GLU B 102 5.57 19.12 -55.81
C GLU B 102 4.29 19.88 -56.09
N GLU B 103 4.39 21.16 -56.41
CA GLU B 103 3.15 21.90 -56.66
C GLU B 103 3.39 22.95 -57.73
N ALA B 104 2.32 23.31 -58.43
CA ALA B 104 2.40 24.38 -59.43
C ALA B 104 2.40 25.72 -58.73
N GLY B 105 2.85 26.75 -59.44
CA GLY B 105 2.68 28.12 -58.99
C GLY B 105 3.85 28.98 -59.42
N LEU B 106 3.92 30.18 -58.85
CA LEU B 106 5.06 31.06 -59.07
C LEU B 106 5.90 31.10 -57.80
N PHE B 107 7.18 30.73 -57.92
CA PHE B 107 8.10 30.71 -56.80
C PHE B 107 9.32 31.55 -57.18
N MET B 108 10.27 31.60 -56.27
CA MET B 108 11.52 32.31 -56.50
C MET B 108 12.63 31.43 -55.95
N TYR B 109 13.86 31.79 -56.26
CA TYR B 109 15.03 31.18 -55.65
C TYR B 109 16.05 32.28 -55.40
N HIS B 110 16.80 32.13 -54.31
CA HIS B 110 17.80 33.13 -53.99
C HIS B 110 18.81 32.52 -53.04
N CYS B 111 19.97 33.18 -52.94
CA CYS B 111 21.00 32.70 -52.05
C CYS B 111 20.54 32.79 -50.61
N HIS B 112 20.96 31.83 -49.78
CA HIS B 112 20.63 31.88 -48.36
C HIS B 112 21.86 31.93 -47.47
N ALA B 113 23.00 32.34 -48.00
CA ALA B 113 24.17 32.58 -47.15
C ALA B 113 23.90 33.77 -46.21
N PHE B 114 24.78 33.97 -45.25
CA PHE B 114 24.57 34.94 -44.16
C PHE B 114 25.60 36.06 -44.20
N PRO B 115 25.19 37.33 -44.10
CA PRO B 115 23.80 37.76 -43.95
C PRO B 115 23.00 37.72 -45.25
N THR B 116 21.80 37.16 -45.22
CA THR B 116 21.07 36.90 -46.45
C THR B 116 20.66 38.18 -47.17
N SER B 117 20.35 39.24 -46.43
CA SER B 117 20.02 40.52 -47.07
C SER B 117 21.16 41.01 -47.95
N GLU B 118 22.41 40.77 -47.53
CA GLU B 118 23.53 41.23 -48.34
C GLU B 118 23.59 40.46 -49.67
N HIS B 119 23.44 39.13 -49.62
CA HIS B 119 23.51 38.34 -50.84
C HIS B 119 22.36 38.65 -51.79
N VAL B 120 21.15 38.85 -51.26
CA VAL B 120 20.03 39.19 -52.13
C VAL B 120 20.20 40.59 -52.68
N ARG B 121 20.59 41.54 -51.81
CA ARG B 121 20.82 42.92 -52.28
C ARG B 121 21.88 42.97 -53.37
N MET B 122 22.90 42.10 -53.30
CA MET B 122 23.90 42.11 -54.36
C MET B 122 23.44 41.45 -55.65
N GLY B 123 22.29 40.78 -55.66
CA GLY B 123 21.76 40.30 -56.92
C GLY B 123 21.40 38.82 -57.01
N MET B 124 21.60 38.03 -55.95
CA MET B 124 21.42 36.58 -56.12
C MET B 124 19.97 36.16 -55.86
N PHE B 125 19.12 36.42 -56.85
CA PHE B 125 17.73 35.97 -56.84
C PHE B 125 17.27 35.76 -58.28
N GLY B 126 16.26 34.90 -58.43
CA GLY B 126 15.68 34.59 -59.72
C GLY B 126 14.27 34.03 -59.56
N THR B 127 13.61 33.79 -60.69
CA THR B 127 12.21 33.43 -60.77
C THR B 127 12.06 31.95 -61.15
N MET B 128 11.02 31.30 -60.65
CA MET B 128 10.80 29.86 -60.86
C MET B 128 9.32 29.70 -61.21
N ILE B 129 8.99 29.44 -62.47
CA ILE B 129 7.59 29.27 -62.87
C ILE B 129 7.28 27.79 -63.01
N ILE B 130 6.28 27.29 -62.30
CA ILE B 130 5.93 25.87 -62.33
C ILE B 130 4.50 25.75 -62.85
N ASP B 131 4.37 25.25 -64.06
CA ASP B 131 3.08 25.26 -64.73
C ASP B 131 2.17 24.11 -64.27
N PRO B 132 0.85 24.36 -64.21
CA PRO B 132 -0.05 23.35 -63.65
C PRO B 132 -0.21 22.15 -64.57
N ALA B 133 -0.24 20.96 -63.95
CA ALA B 133 -0.40 19.72 -64.68
C ALA B 133 -1.86 19.37 -64.95
N ILE B 134 -2.81 19.84 -64.15
CA ILE B 134 -4.20 19.43 -64.36
C ILE B 134 -4.74 19.98 -65.67
N ARG B 135 -4.32 21.18 -66.06
CA ARG B 135 -4.68 21.80 -67.32
C ARG B 135 -3.81 23.03 -67.48
N PRO B 136 -3.59 23.50 -68.70
CA PRO B 136 -2.79 24.72 -68.85
C PRO B 136 -3.59 25.93 -68.39
N MET B 137 -2.88 26.93 -67.88
CA MET B 137 -3.48 28.25 -67.65
C MET B 137 -4.16 28.72 -68.93
N ASP B 138 -5.11 29.64 -68.81
CA ASP B 138 -5.76 30.18 -70.01
C ASP B 138 -4.72 30.73 -70.97
N PRO B 139 -4.91 30.55 -72.27
CA PRO B 139 -3.96 31.10 -73.26
C PRO B 139 -3.77 32.60 -73.07
N ALA B 140 -2.50 33.01 -72.98
CA ALA B 140 -2.16 34.40 -72.66
C ALA B 140 -0.76 34.72 -73.16
N ARG B 141 -0.49 36.02 -73.32
CA ARG B 141 0.89 36.50 -73.49
C ARG B 141 1.53 36.67 -72.12
N GLU B 142 2.71 36.08 -71.91
CA GLU B 142 3.29 35.91 -70.57
C GLU B 142 4.59 36.69 -70.42
N TYR B 143 4.70 37.42 -69.30
CA TYR B 143 5.88 38.15 -68.89
C TYR B 143 6.14 37.87 -67.42
N PHE B 144 7.41 38.00 -67.01
CA PHE B 144 7.79 37.89 -65.61
C PHE B 144 8.46 39.17 -65.15
N PHE B 145 8.34 39.47 -63.84
CA PHE B 145 8.89 40.70 -63.28
C PHE B 145 9.37 40.45 -61.86
N THR B 146 10.65 40.69 -61.60
CA THR B 146 11.15 40.77 -60.23
C THR B 146 11.09 42.21 -59.73
N LEU B 147 10.72 42.39 -58.47
CA LEU B 147 10.69 43.71 -57.83
C LEU B 147 11.74 43.71 -56.73
N SER B 148 12.80 44.53 -56.90
CA SER B 148 13.91 44.45 -55.97
C SER B 148 14.35 45.85 -55.53
N GLU B 149 15.36 45.85 -54.66
CA GLU B 149 15.97 47.05 -54.10
C GLU B 149 17.47 47.00 -54.42
N PHE B 150 18.01 48.07 -54.98
CA PHE B 150 19.43 48.05 -55.32
C PHE B 150 20.07 49.41 -55.09
N ASP B 151 21.22 49.43 -54.41
CA ASP B 151 22.00 50.66 -54.21
C ASP B 151 23.43 50.40 -54.64
N PRO B 152 23.94 51.10 -55.64
CA PRO B 152 25.34 50.86 -56.07
C PRO B 152 26.39 51.33 -55.07
N ASN B 153 26.05 52.20 -54.11
CA ASN B 153 27.05 52.74 -53.20
C ASN B 153 27.05 52.10 -51.83
N ASN B 154 25.90 51.69 -51.31
CA ASN B 154 25.85 50.92 -50.08
C ASN B 154 24.78 49.86 -50.24
N ALA B 155 25.23 48.61 -50.36
CA ALA B 155 24.33 47.49 -50.62
C ALA B 155 23.20 47.40 -49.60
N LEU B 156 23.44 47.78 -48.34
CA LEU B 156 22.49 47.53 -47.27
C LEU B 156 21.73 48.78 -46.83
N GLU B 157 21.81 49.87 -47.61
CA GLU B 157 21.01 51.07 -47.38
C GLU B 157 19.54 50.73 -47.21
N HIS B 158 18.93 51.22 -46.12
CA HIS B 158 17.50 51.00 -45.91
C HIS B 158 16.69 51.43 -47.13
N PHE B 159 16.87 52.68 -47.56
CA PHE B 159 16.21 53.22 -48.75
C PHE B 159 17.23 53.23 -49.87
N THR B 160 17.00 52.41 -50.89
CA THR B 160 17.99 52.23 -51.96
C THR B 160 17.81 53.28 -53.04
N GLU B 161 18.91 53.55 -53.75
CA GLU B 161 18.83 54.47 -54.88
C GLU B 161 17.87 53.98 -55.97
N PHE B 162 17.77 52.67 -56.17
CA PHE B 162 16.94 52.10 -57.22
C PHE B 162 15.99 51.05 -56.66
N TYR B 163 14.82 50.93 -57.30
CA TYR B 163 13.87 49.84 -57.08
C TYR B 163 13.55 49.24 -58.45
N PRO B 164 14.50 48.53 -59.05
CA PRO B 164 14.33 48.11 -60.45
C PRO B 164 13.29 47.02 -60.59
N ILE B 165 12.64 47.03 -61.75
CA ILE B 165 11.89 45.89 -62.27
C ILE B 165 12.82 45.12 -63.19
N ASN B 166 13.08 43.86 -62.84
CA ASN B 166 14.02 42.99 -63.57
C ASN B 166 15.40 43.63 -63.63
N GLY B 167 15.88 44.10 -62.48
CA GLY B 167 17.31 44.36 -62.32
C GLY B 167 17.82 45.69 -62.86
N TYR B 168 17.36 46.11 -64.03
CA TYR B 168 17.84 47.34 -64.66
C TYR B 168 16.76 48.42 -64.52
N ALA B 169 17.08 49.49 -63.81
CA ALA B 169 16.12 50.54 -63.50
C ALA B 169 15.57 51.19 -64.76
N GLY B 170 14.23 51.24 -64.87
CA GLY B 170 13.55 51.94 -65.94
C GLY B 170 13.61 51.31 -67.32
N GLN B 171 14.05 50.06 -67.45
CA GLN B 171 14.28 49.50 -68.78
C GLN B 171 13.02 49.46 -69.65
N TYR B 172 11.84 49.29 -69.04
CA TYR B 172 10.63 49.13 -69.82
C TYR B 172 9.98 50.48 -70.16
N MET B 173 10.69 51.56 -69.91
CA MET B 173 10.22 52.86 -70.37
C MET B 173 10.67 53.06 -71.82
N ASP B 174 11.94 52.78 -72.10
CA ASP B 174 12.43 52.80 -73.48
C ASP B 174 12.02 51.58 -74.27
N ASN B 175 11.74 50.45 -73.59
CA ASN B 175 11.41 49.19 -74.25
C ASN B 175 10.09 48.71 -73.68
N PRO B 176 8.97 49.27 -74.12
CA PRO B 176 7.69 48.97 -73.47
C PRO B 176 7.34 47.50 -73.47
N ILE B 177 6.56 47.12 -72.46
CA ILE B 177 5.94 45.80 -72.44
C ILE B 177 4.77 45.82 -73.41
N ARG B 178 4.85 45.01 -74.47
CA ARG B 178 3.82 45.02 -75.51
C ARG B 178 2.71 44.01 -75.19
N VAL B 179 1.47 44.46 -75.31
CA VAL B 179 0.32 43.59 -75.17
C VAL B 179 -0.59 43.86 -76.36
N VAL B 180 -1.54 42.96 -76.58
CA VAL B 180 -2.37 42.99 -77.77
C VAL B 180 -3.81 43.24 -77.35
N SER B 181 -4.46 44.18 -78.02
CA SER B 181 -5.84 44.52 -77.70
C SER B 181 -6.71 43.27 -77.66
N GLY B 182 -7.40 43.07 -76.55
CA GLY B 182 -8.33 41.96 -76.42
C GLY B 182 -7.71 40.62 -76.09
N GLU B 183 -6.40 40.53 -76.02
CA GLU B 183 -5.68 39.28 -75.76
C GLU B 183 -5.33 39.20 -74.28
N LEU B 184 -5.66 38.08 -73.65
CA LEU B 184 -5.29 37.89 -72.24
C LEU B 184 -3.77 37.96 -72.07
N THR B 185 -3.34 38.66 -71.03
CA THR B 185 -1.95 38.85 -70.67
C THR B 185 -1.74 38.38 -69.23
N ARG B 186 -0.63 37.67 -68.98
CA ARG B 186 -0.33 37.13 -67.66
C ARG B 186 1.05 37.57 -67.20
N PHE B 187 1.12 38.19 -66.03
CA PHE B 187 2.36 38.67 -65.44
C PHE B 187 2.70 37.77 -64.25
N TYR B 188 3.96 37.30 -64.22
CA TYR B 188 4.49 36.53 -63.11
C TYR B 188 5.40 37.44 -62.30
N VAL B 189 4.93 37.88 -61.13
CA VAL B 189 5.59 38.97 -60.40
C VAL B 189 6.15 38.46 -59.09
N VAL B 190 7.43 38.74 -58.85
CA VAL B 190 8.18 38.25 -57.69
C VAL B 190 8.58 39.46 -56.87
N GLY B 191 8.18 39.47 -55.59
CA GLY B 191 8.64 40.52 -54.69
C GLY B 191 9.87 40.09 -53.92
N ILE B 192 10.99 40.82 -54.06
CA ILE B 192 12.23 40.32 -53.46
C ILE B 192 13.11 41.48 -52.98
N GLY B 193 12.49 42.42 -52.27
CA GLY B 193 13.20 43.41 -51.48
C GLY B 193 13.36 42.94 -50.05
N GLY B 194 13.83 43.86 -49.21
CA GLY B 194 14.05 43.53 -47.80
C GLY B 194 13.48 44.53 -46.82
N VAL B 195 13.01 45.68 -47.32
CA VAL B 195 12.56 46.73 -46.41
C VAL B 195 11.08 47.06 -46.67
N LEU B 196 10.79 47.71 -47.79
CA LEU B 196 9.43 48.13 -48.11
C LEU B 196 8.68 47.01 -48.81
N GLN B 197 7.36 47.03 -48.67
CA GLN B 197 6.51 46.13 -49.45
C GLN B 197 6.18 46.77 -50.80
N SER B 198 5.54 46.00 -51.68
CA SER B 198 5.33 46.44 -53.07
C SER B 198 3.86 46.42 -53.45
N PRO B 199 3.20 47.58 -53.47
CA PRO B 199 1.86 47.66 -54.05
C PRO B 199 1.94 47.68 -55.57
N PHE B 200 1.70 46.54 -56.20
CA PHE B 200 1.82 46.41 -57.64
C PHE B 200 0.54 46.91 -58.28
N HIS B 201 0.67 47.91 -59.16
CA HIS B 201 -0.48 48.55 -59.77
C HIS B 201 -0.32 48.62 -61.29
N VAL B 202 -1.36 48.27 -62.05
CA VAL B 202 -1.35 48.51 -63.50
C VAL B 202 -2.44 49.52 -63.84
N HIS B 203 -2.14 50.43 -64.76
CA HIS B 203 -3.11 51.44 -65.18
C HIS B 203 -4.23 50.85 -66.02
N SER B 204 -5.41 51.45 -65.86
CA SER B 204 -6.53 51.37 -66.81
C SER B 204 -7.19 50.00 -66.92
N THR B 205 -6.95 49.09 -65.99
CA THR B 205 -7.65 47.82 -66.05
C THR B 205 -7.59 47.15 -64.69
N ILE B 206 -8.51 46.20 -64.49
CA ILE B 206 -8.65 45.46 -63.23
C ILE B 206 -7.93 44.13 -63.35
N MET B 207 -7.13 43.83 -62.35
CA MET B 207 -6.24 42.68 -62.33
C MET B 207 -7.01 41.47 -61.79
N LYS B 208 -6.78 40.29 -62.36
CA LYS B 208 -7.11 39.03 -61.70
C LYS B 208 -5.84 38.45 -61.09
N VAL B 209 -5.87 38.16 -59.79
CA VAL B 209 -4.67 37.86 -59.02
C VAL B 209 -4.84 36.51 -58.30
N TYR B 210 -3.87 35.61 -58.50
CA TYR B 210 -3.73 34.43 -57.64
C TYR B 210 -2.84 34.81 -56.46
N PRO B 211 -3.37 34.89 -55.25
CA PRO B 211 -2.56 35.28 -54.09
C PRO B 211 -1.42 34.30 -53.85
N SER B 212 -0.25 34.86 -53.53
CA SER B 212 0.96 34.12 -53.23
C SER B 212 1.45 33.27 -54.40
N GLY B 213 0.93 33.50 -55.59
CA GLY B 213 1.36 32.70 -56.74
C GLY B 213 0.95 31.25 -56.66
N ILE B 214 -0.04 30.93 -55.84
CA ILE B 214 -0.44 29.53 -55.63
C ILE B 214 -1.75 29.28 -56.39
N LEU B 215 -1.69 28.38 -57.38
CA LEU B 215 -2.83 28.16 -58.25
C LEU B 215 -3.93 27.32 -57.60
N TRP B 216 -3.69 26.74 -56.42
CA TRP B 216 -4.80 26.13 -55.71
C TRP B 216 -5.84 27.14 -55.26
N ASN B 217 -5.47 28.41 -55.14
CA ASN B 217 -6.35 29.44 -54.60
C ASN B 217 -7.36 29.93 -55.64
N GLU B 218 -8.57 30.22 -55.18
CA GLU B 218 -9.47 31.07 -55.95
C GLU B 218 -8.82 32.44 -56.14
N PRO B 219 -8.74 32.96 -57.36
CA PRO B 219 -8.18 34.30 -57.55
C PRO B 219 -9.20 35.38 -57.16
N TYR B 220 -8.73 36.63 -57.11
CA TYR B 220 -9.58 37.76 -56.79
C TYR B 220 -9.18 38.95 -57.66
N TYR B 221 -10.07 39.94 -57.71
CA TYR B 221 -9.90 41.10 -58.58
C TYR B 221 -9.32 42.28 -57.81
N ALA B 222 -8.35 42.98 -58.42
CA ALA B 222 -7.64 44.04 -57.71
C ALA B 222 -7.28 45.17 -58.66
N GLN B 223 -7.39 46.41 -58.16
CA GLN B 223 -6.75 47.52 -58.87
C GLN B 223 -5.29 47.64 -58.49
N THR B 224 -4.97 47.28 -57.25
CA THR B 224 -3.61 47.28 -56.74
C THR B 224 -3.48 46.04 -55.86
N HIS B 225 -2.31 45.38 -55.89
CA HIS B 225 -2.13 44.17 -55.10
C HIS B 225 -0.80 44.24 -54.37
N LEU B 226 -0.87 44.11 -53.04
CA LEU B 226 0.31 44.22 -52.20
C LEU B 226 1.09 42.90 -52.22
N ILE B 227 2.33 42.94 -52.70
CA ILE B 227 3.21 41.78 -52.76
C ILE B 227 4.26 41.96 -51.67
N GLY B 228 4.20 41.14 -50.62
CA GLY B 228 5.25 41.17 -49.62
C GLY B 228 6.57 40.65 -50.16
N ASN B 229 7.67 41.09 -49.55
CA ASN B 229 8.97 40.53 -49.89
C ASN B 229 9.00 39.04 -49.59
N GLY B 230 9.48 38.25 -50.54
CA GLY B 230 9.48 36.81 -50.42
C GLY B 230 8.17 36.18 -50.83
N ASP B 231 7.23 36.98 -51.35
CA ASP B 231 6.00 36.54 -51.97
C ASP B 231 5.99 36.80 -53.47
N THR B 232 4.99 36.21 -54.11
CA THR B 232 4.79 36.34 -55.54
C THR B 232 3.31 36.54 -55.79
N ALA B 233 2.98 36.79 -57.06
CA ALA B 233 1.59 36.91 -57.48
C ALA B 233 1.51 36.57 -58.97
N ILE B 234 0.54 35.75 -59.35
CA ILE B 234 0.24 35.55 -60.77
C ILE B 234 -0.95 36.46 -61.11
N ILE B 235 -0.78 37.30 -62.11
CA ILE B 235 -1.72 38.39 -62.40
C ILE B 235 -2.15 38.28 -63.86
N GLU B 236 -3.46 38.32 -64.12
CA GLU B 236 -3.94 38.34 -65.49
C GLU B 236 -4.74 39.61 -65.75
N ALA B 237 -4.61 40.13 -66.97
CA ALA B 237 -5.31 41.36 -67.35
C ALA B 237 -5.47 41.39 -68.86
N THR B 238 -6.49 42.14 -69.30
CA THR B 238 -6.70 42.39 -70.73
C THR B 238 -6.89 43.89 -70.94
N TRP B 239 -6.16 44.44 -71.89
CA TRP B 239 -6.36 45.80 -72.37
C TRP B 239 -7.13 45.74 -73.68
N THR B 240 -8.06 46.67 -73.87
CA THR B 240 -8.90 46.62 -75.06
C THR B 240 -8.81 47.88 -75.91
N GLN B 241 -8.00 48.87 -75.55
CA GLN B 241 -7.91 50.13 -76.27
C GLN B 241 -6.45 50.42 -76.62
N PRO B 242 -6.06 50.40 -77.89
CA PRO B 242 -4.65 50.64 -78.22
C PRO B 242 -4.19 52.00 -77.76
N GLY B 243 -2.88 52.10 -77.46
CA GLY B 243 -2.29 53.27 -76.85
C GLY B 243 -1.30 52.86 -75.80
N MET B 244 -0.74 53.87 -75.12
CA MET B 244 0.25 53.67 -74.05
C MET B 244 -0.35 53.82 -72.66
N TYR B 245 0.13 52.97 -71.76
CA TYR B 245 -0.28 52.92 -70.38
C TYR B 245 0.96 52.65 -69.53
N LEU B 246 0.78 52.55 -68.20
CA LEU B 246 1.88 52.32 -67.28
C LEU B 246 1.52 51.19 -66.34
N PHE B 247 2.56 50.55 -65.78
CA PHE B 247 2.43 49.82 -64.53
C PHE B 247 3.67 50.05 -63.69
N HIS B 248 3.52 49.90 -62.37
CA HIS B 248 4.59 50.29 -61.47
C HIS B 248 4.21 49.86 -60.07
N VAL B 249 5.22 49.71 -59.21
CA VAL B 249 4.94 49.68 -57.77
C VAL B 249 4.46 51.07 -57.36
N HIS B 250 3.41 51.12 -56.55
CA HIS B 250 2.78 52.39 -56.18
C HIS B 250 3.47 52.93 -54.94
N GLY B 251 4.35 53.91 -55.13
CA GLY B 251 5.03 54.52 -54.01
C GLY B 251 6.34 55.15 -54.49
N ILE B 252 7.21 55.44 -53.53
CA ILE B 252 8.45 56.12 -53.93
C ILE B 252 9.28 55.28 -54.88
N GLN B 253 9.07 53.96 -54.89
CA GLN B 253 9.75 53.08 -55.84
C GLN B 253 9.55 53.53 -57.28
N GLU B 254 8.39 54.09 -57.60
CA GLU B 254 8.09 54.40 -58.99
C GLU B 254 8.92 55.57 -59.55
N GLU B 255 9.53 56.39 -58.69
CA GLU B 255 10.48 57.41 -59.15
C GLU B 255 11.91 56.89 -59.24
N ARG B 256 12.13 55.61 -58.97
CA ARG B 256 13.49 55.13 -58.78
C ARG B 256 13.73 53.86 -59.57
N GLY B 257 13.03 53.72 -60.70
CA GLY B 257 13.22 52.61 -61.60
C GLY B 257 12.08 51.61 -61.64
N SER B 258 11.11 51.69 -60.74
CA SER B 258 9.99 50.75 -60.77
C SER B 258 8.83 51.33 -61.58
N MET B 259 9.08 51.61 -62.86
CA MET B 259 7.98 51.99 -63.71
C MET B 259 8.22 51.45 -65.10
N ALA B 260 7.13 51.01 -65.73
CA ALA B 260 7.20 50.38 -67.03
C ALA B 260 6.05 50.92 -67.86
N MET B 261 6.27 50.98 -69.16
CA MET B 261 5.25 51.45 -70.06
C MET B 261 4.65 50.22 -70.74
N ILE B 262 3.35 50.23 -70.94
CA ILE B 262 2.64 49.20 -71.68
C ILE B 262 2.21 49.77 -73.01
N GLU B 263 2.51 49.07 -74.08
CA GLU B 263 2.09 49.41 -75.43
C GLU B 263 1.02 48.40 -75.87
N VAL B 264 -0.22 48.88 -76.02
CA VAL B 264 -1.31 48.03 -76.49
C VAL B 264 -1.37 48.12 -78.01
N LEU B 265 -1.05 47.02 -78.69
CA LEU B 265 -1.08 46.97 -80.14
C LEU B 265 -2.43 46.49 -80.66
N GLU B 266 -2.73 46.81 -81.93
CA GLU B 266 -4.00 46.41 -82.51
C GLU B 266 -4.04 44.91 -82.82
N ASP B 267 -2.89 44.30 -83.11
CA ASP B 267 -2.83 42.85 -83.30
C ASP B 267 -1.46 42.34 -82.89
N ALA B 268 -1.27 41.03 -83.00
CA ALA B 268 -0.07 40.38 -82.52
C ALA B 268 1.01 40.25 -83.60
N SER B 269 0.82 40.87 -84.77
CA SER B 269 1.65 40.55 -85.92
C SER B 269 3.11 40.96 -85.71
N SER B 270 3.36 42.12 -85.09
CA SER B 270 4.75 42.52 -84.93
C SER B 270 5.50 41.69 -83.89
N LEU B 271 4.85 40.77 -83.18
CA LEU B 271 5.46 39.97 -82.14
C LEU B 271 5.75 38.54 -82.55
N SER B 272 5.38 38.14 -83.76
CA SER B 272 5.42 36.72 -84.12
C SER B 272 6.85 36.16 -84.14
N ASP B 273 7.87 37.00 -84.33
CA ASP B 273 9.24 36.52 -84.33
C ASP B 273 9.91 36.61 -82.97
N VAL B 274 9.34 37.33 -82.02
CA VAL B 274 9.98 37.55 -80.73
C VAL B 274 9.38 36.63 -79.67
N GLN B 275 8.08 36.35 -79.77
CA GLN B 275 7.42 35.45 -78.84
C GLN B 275 7.90 34.01 -79.04
N ARG B 276 7.65 33.17 -78.04
CA ARG B 276 7.98 31.75 -78.07
C ARG B 276 6.79 30.94 -77.54
N PRO B 277 6.58 29.73 -78.04
CA PRO B 277 5.52 28.88 -77.50
C PRO B 277 5.80 28.57 -76.03
N SER B 278 4.80 28.82 -75.19
CA SER B 278 4.96 28.70 -73.75
C SER B 278 4.83 27.25 -73.30
N ASN B 279 5.46 26.96 -72.16
CA ASN B 279 5.23 25.70 -71.46
C ASN B 279 3.78 25.54 -71.01
N ASN B 280 3.04 26.64 -70.81
CA ASN B 280 1.58 26.57 -70.73
C ASN B 280 1.09 26.40 -72.16
N LYS B 281 0.61 25.20 -72.50
CA LYS B 281 0.20 24.94 -73.88
C LYS B 281 -0.83 25.97 -74.35
N GLY B 282 -0.55 26.57 -75.50
CA GLY B 282 -1.42 27.57 -76.07
C GLY B 282 -1.07 29.01 -75.74
N SER B 283 -0.17 29.23 -74.78
CA SER B 283 0.23 30.56 -74.40
C SER B 283 1.49 30.99 -75.17
N TYR B 284 1.79 32.28 -75.05
CA TYR B 284 2.87 32.91 -75.79
C TYR B 284 3.80 33.57 -74.78
N SER B 285 5.00 33.02 -74.66
CA SER B 285 5.99 33.51 -73.72
C SER B 285 6.79 34.64 -74.34
N MET B 286 6.92 35.72 -73.60
CA MET B 286 7.83 36.81 -73.92
C MET B 286 9.06 36.80 -73.04
N VAL B 287 9.26 35.74 -72.24
CA VAL B 287 10.34 35.71 -71.25
C VAL B 287 11.70 35.77 -71.93
N GLU B 288 11.85 35.06 -73.03
CA GLU B 288 13.09 35.09 -73.81
C GLU B 288 13.44 36.50 -74.28
N TRP B 289 12.45 37.21 -74.82
CA TRP B 289 12.69 38.60 -75.18
C TRP B 289 13.17 39.39 -73.97
N GLN B 290 12.52 39.20 -72.82
CA GLN B 290 12.90 39.93 -71.62
C GLN B 290 14.33 39.65 -71.22
N GLU B 291 14.71 38.37 -71.17
CA GLU B 291 16.04 38.01 -70.69
C GLU B 291 17.11 38.43 -71.69
N ASP B 292 16.80 38.39 -72.99
CA ASP B 292 17.72 38.96 -73.97
C ASP B 292 17.94 40.45 -73.70
N LEU B 293 16.87 41.19 -73.40
CA LEU B 293 17.00 42.62 -73.15
C LEU B 293 17.74 42.89 -71.86
N ILE B 294 17.48 42.09 -70.81
CA ILE B 294 18.22 42.24 -69.56
C ILE B 294 19.73 42.13 -69.82
N ARG B 295 20.14 41.16 -70.64
CA ARG B 295 21.58 40.95 -70.85
C ARG B 295 22.18 42.04 -71.73
N THR B 296 21.43 42.48 -72.74
CA THR B 296 21.86 43.57 -73.61
C THR B 296 22.11 44.84 -72.79
N LEU B 297 21.17 45.19 -71.91
CA LEU B 297 21.29 46.44 -71.16
C LEU B 297 22.34 46.33 -70.06
N GLU B 298 22.47 45.18 -69.43
CA GLU B 298 23.37 45.07 -68.28
C GLU B 298 24.83 44.96 -68.71
N GLN B 299 25.09 44.48 -69.92
CA GLN B 299 26.45 44.29 -70.44
C GLN B 299 27.41 43.69 -69.41
N PRO B 300 27.10 42.51 -68.88
CA PRO B 300 27.87 42.01 -67.73
C PRO B 300 29.34 41.78 -68.08
N GLN B 301 30.21 42.14 -67.16
CA GLN B 301 31.64 41.88 -67.23
C GLN B 301 31.97 40.88 -66.14
N LEU B 302 32.12 39.62 -66.51
CA LEU B 302 32.34 38.58 -65.52
C LEU B 302 33.70 38.76 -64.85
N ILE B 303 33.75 38.48 -63.55
CA ILE B 303 34.99 38.47 -62.80
C ILE B 303 35.37 37.02 -62.51
N SER B 304 36.59 36.64 -62.86
CA SER B 304 37.12 35.29 -62.67
C SER B 304 38.23 35.36 -61.64
N TYR B 305 38.28 34.36 -60.76
CA TYR B 305 39.25 34.35 -59.67
C TYR B 305 40.13 33.11 -59.78
N GLU B 306 41.40 33.27 -59.43
CA GLU B 306 42.35 32.17 -59.39
C GLU B 306 42.57 31.72 -57.95
N ASN B 307 42.80 30.41 -57.78
CA ASN B 307 43.06 29.83 -56.45
C ASN B 307 41.92 30.08 -55.46
N LEU B 308 40.68 29.87 -55.92
CA LEU B 308 39.55 29.90 -55.00
C LEU B 308 39.73 28.86 -53.91
N GLY B 309 39.44 29.24 -52.66
CA GLY B 309 39.55 28.33 -51.54
C GLY B 309 40.92 28.28 -50.89
N GLU B 310 41.97 28.63 -51.63
CA GLU B 310 43.31 28.68 -51.08
C GLU B 310 43.51 29.91 -50.22
N SER B 311 44.22 29.74 -49.10
CA SER B 311 44.53 30.85 -48.20
C SER B 311 45.86 30.57 -47.53
N ALA B 312 46.53 31.65 -47.12
CA ALA B 312 47.82 31.53 -46.46
C ALA B 312 47.71 30.71 -45.17
N ALA B 313 48.85 30.25 -44.68
CA ALA B 313 48.85 29.55 -43.41
C ALA B 313 48.86 30.56 -42.26
N ILE B 314 48.23 30.19 -41.16
CA ILE B 314 48.32 31.01 -39.96
C ILE B 314 49.70 30.82 -39.36
N SER B 315 50.44 31.93 -39.22
CA SER B 315 51.78 31.88 -38.62
C SER B 315 51.87 32.74 -37.36
N SER B 316 50.75 33.17 -36.79
CA SER B 316 50.79 33.96 -35.58
C SER B 316 51.32 33.14 -34.41
N GLU B 317 51.96 33.82 -33.47
CA GLU B 317 52.51 33.13 -32.31
C GLU B 317 51.37 32.65 -31.41
N LYS B 318 51.48 31.41 -30.95
CA LYS B 318 50.43 30.79 -30.17
C LYS B 318 50.30 31.46 -28.81
N VAL B 319 49.06 31.66 -28.37
CA VAL B 319 48.78 32.29 -27.09
C VAL B 319 48.16 31.25 -26.17
N SER B 320 48.62 31.20 -24.92
CA SER B 320 47.99 30.34 -23.91
C SER B 320 46.73 31.04 -23.41
N ALA B 321 45.57 30.57 -23.86
CA ALA B 321 44.31 31.17 -23.46
C ALA B 321 43.22 30.13 -23.67
N ASP B 322 42.13 30.25 -22.92
CA ASP B 322 40.98 29.37 -23.13
C ASP B 322 39.72 30.16 -23.49
N LYS B 323 39.90 31.38 -24.01
CA LYS B 323 38.80 32.25 -24.40
C LYS B 323 39.17 32.87 -25.73
N VAL B 324 38.29 32.77 -26.73
CA VAL B 324 38.54 33.31 -28.05
C VAL B 324 37.39 34.21 -28.45
N SER B 325 37.72 35.36 -29.03
CA SER B 325 36.73 36.28 -29.55
C SER B 325 36.55 36.06 -31.03
N ILE B 326 35.31 35.93 -31.48
CA ILE B 326 35.00 36.04 -32.90
C ILE B 326 34.79 37.53 -33.18
N VAL B 327 35.67 38.09 -34.00
CA VAL B 327 35.93 39.54 -34.00
C VAL B 327 34.79 40.31 -34.70
N LYS B 328 34.45 41.46 -34.13
CA LYS B 328 33.44 42.34 -34.74
C LYS B 328 33.82 42.66 -36.18
N ASP B 329 32.79 42.68 -37.04
CA ASP B 329 32.88 42.90 -38.48
C ASP B 329 33.54 41.75 -39.22
N SER B 330 33.53 40.54 -38.65
CA SER B 330 34.12 39.38 -39.32
C SER B 330 33.40 39.01 -40.61
N TRP B 331 32.13 39.41 -40.76
CA TRP B 331 31.43 39.12 -42.00
C TRP B 331 31.94 39.99 -43.16
N ASN B 332 32.86 40.92 -42.89
CA ASN B 332 33.58 41.63 -43.93
C ASN B 332 34.91 40.92 -44.17
N PRO B 333 35.19 40.46 -45.39
CA PRO B 333 36.49 39.83 -45.66
C PRO B 333 37.71 40.71 -45.38
N GLU B 334 37.54 42.04 -45.34
CA GLU B 334 38.66 42.94 -45.11
C GLU B 334 39.27 42.80 -43.71
N ILE B 335 38.57 42.16 -42.77
CA ILE B 335 39.13 41.87 -41.46
C ILE B 335 40.02 40.65 -41.60
N THR B 336 41.34 40.84 -41.49
CA THR B 336 42.25 39.78 -41.88
C THR B 336 42.42 38.71 -40.80
N GLU B 337 42.20 39.03 -39.52
CA GLU B 337 42.17 38.05 -38.44
C GLU B 337 40.77 38.04 -37.84
N SER B 338 40.06 36.93 -38.05
CA SER B 338 38.65 36.86 -37.67
C SER B 338 38.41 36.29 -36.29
N TYR B 339 39.38 35.55 -35.73
CA TYR B 339 39.37 35.07 -34.36
C TYR B 339 40.56 35.65 -33.60
N ASP B 340 40.38 35.86 -32.30
CA ASP B 340 41.37 36.56 -31.48
C ASP B 340 41.39 36.00 -30.06
N PRO B 341 42.45 35.28 -29.66
CA PRO B 341 43.65 34.94 -30.44
C PRO B 341 43.42 34.00 -31.64
N ILE B 342 44.06 34.27 -32.77
CA ILE B 342 43.84 33.42 -33.94
C ILE B 342 44.45 32.03 -33.74
N ALA B 343 45.50 31.92 -32.93
CA ALA B 343 46.15 30.64 -32.63
C ALA B 343 46.35 30.53 -31.13
N ILE B 344 45.77 29.49 -30.51
CA ILE B 344 45.82 29.30 -29.07
C ILE B 344 46.43 27.94 -28.76
N GLN B 345 46.96 27.83 -27.54
CA GLN B 345 47.49 26.58 -27.01
C GLN B 345 46.86 26.31 -25.67
N VAL B 346 46.41 25.08 -25.45
CA VAL B 346 45.81 24.67 -24.19
C VAL B 346 46.34 23.28 -23.85
N ASP B 347 46.29 22.97 -22.56
CA ASP B 347 46.51 21.60 -22.11
C ASP B 347 45.30 20.72 -22.44
N SER B 348 45.59 19.44 -22.65
CA SER B 348 44.58 18.40 -22.67
C SER B 348 43.61 18.54 -21.50
N GLY B 349 42.32 18.49 -21.80
CA GLY B 349 41.28 18.61 -20.79
C GLY B 349 40.70 19.99 -20.64
N THR B 350 41.17 20.97 -21.42
CA THR B 350 40.79 22.36 -21.26
C THR B 350 39.53 22.67 -22.06
N THR B 351 38.59 23.36 -21.44
CA THR B 351 37.42 23.88 -22.14
C THR B 351 37.75 25.26 -22.70
N VAL B 352 37.61 25.43 -24.01
CA VAL B 352 37.80 26.73 -24.65
C VAL B 352 36.42 27.33 -24.95
N THR B 353 36.30 28.64 -24.81
CA THR B 353 35.02 29.32 -24.95
C THR B 353 35.16 30.40 -26.02
N TRP B 354 34.33 30.30 -27.07
CA TRP B 354 34.27 31.32 -28.09
C TRP B 354 33.10 32.24 -27.79
N THR B 355 33.33 33.54 -27.94
CA THR B 355 32.27 34.55 -27.83
C THR B 355 32.12 35.23 -29.19
N ASN B 356 30.90 35.25 -29.72
CA ASN B 356 30.64 35.94 -30.98
C ASN B 356 30.46 37.42 -30.72
N ASP B 357 31.52 38.19 -30.90
CA ASP B 357 31.47 39.64 -30.71
C ASP B 357 31.05 40.39 -31.96
N ASP B 358 30.62 39.69 -32.99
CA ASP B 358 30.08 40.32 -34.18
C ASP B 358 28.55 40.47 -34.05
N SER B 359 27.94 41.10 -35.05
CA SER B 359 26.50 41.27 -35.14
C SER B 359 25.87 40.31 -36.16
N VAL B 360 26.64 39.35 -36.65
CA VAL B 360 26.20 38.34 -37.61
C VAL B 360 26.55 36.98 -37.01
N VAL B 361 25.72 35.96 -37.30
CA VAL B 361 26.06 34.60 -36.88
C VAL B 361 27.41 34.16 -37.45
N HIS B 362 28.13 33.33 -36.68
CA HIS B 362 29.37 32.71 -37.12
C HIS B 362 29.38 31.28 -36.62
N THR B 363 30.35 30.49 -37.08
CA THR B 363 30.57 29.16 -36.51
C THR B 363 32.05 28.97 -36.19
N VAL B 364 32.31 27.90 -35.44
CA VAL B 364 33.64 27.36 -35.13
C VAL B 364 33.56 25.90 -35.52
N THR B 365 34.29 25.53 -36.58
CA THR B 365 34.14 24.19 -37.18
C THR B 365 35.50 23.63 -37.56
N ASP B 366 35.91 22.56 -36.88
CA ASP B 366 37.11 21.82 -37.23
C ASP B 366 37.03 21.39 -38.68
N ASN B 367 38.09 21.57 -39.46
CA ASN B 367 37.91 21.02 -40.81
C ASN B 367 38.34 19.55 -40.90
N GLU B 368 39.20 19.08 -39.98
CA GLU B 368 39.31 17.64 -39.74
C GLU B 368 38.07 17.13 -39.02
N ASN B 369 37.26 18.05 -38.50
CA ASN B 369 35.80 18.01 -38.43
C ASN B 369 35.41 17.10 -37.27
N SER B 370 36.23 17.21 -36.23
CA SER B 370 36.16 16.64 -34.88
C SER B 370 35.29 17.45 -33.92
N PHE B 371 34.89 18.67 -34.29
CA PHE B 371 33.98 19.49 -33.49
C PHE B 371 33.30 20.49 -34.40
N ASP B 372 32.11 20.94 -33.98
CA ASP B 372 31.37 21.88 -34.82
C ASP B 372 30.33 22.58 -33.97
N SER B 373 30.40 23.90 -33.92
CA SER B 373 29.51 24.70 -33.08
C SER B 373 28.11 24.81 -33.65
N GLY B 374 27.94 24.61 -34.95
CA GLY B 374 26.68 25.10 -35.50
C GLY B 374 26.68 26.63 -35.47
N PHE B 375 25.51 27.20 -35.75
CA PHE B 375 25.35 28.65 -35.67
C PHE B 375 25.64 29.14 -34.27
N ILE B 376 26.51 30.13 -34.14
CA ILE B 376 26.68 30.86 -32.89
C ILE B 376 26.04 32.22 -33.09
N GLN B 377 24.97 32.48 -32.35
CA GLN B 377 24.27 33.76 -32.52
C GLN B 377 25.13 34.93 -32.06
N ALA B 378 24.92 36.08 -32.70
CA ALA B 378 25.57 37.31 -32.30
C ALA B 378 25.48 37.50 -30.79
N GLY B 379 26.63 37.73 -30.16
CA GLY B 379 26.71 37.94 -28.73
C GLY B 379 26.73 36.69 -27.88
N ASN B 380 26.50 35.51 -28.46
CA ASN B 380 26.41 34.31 -27.66
C ASN B 380 27.77 33.60 -27.60
N THR B 381 27.86 32.59 -26.75
CA THR B 381 29.10 31.84 -26.60
C THR B 381 28.88 30.40 -27.04
N TRP B 382 29.98 29.71 -27.28
CA TRP B 382 30.00 28.29 -27.53
C TRP B 382 31.29 27.72 -26.94
N SER B 383 31.19 26.58 -26.26
CA SER B 383 32.32 26.01 -25.54
C SER B 383 32.54 24.55 -25.90
N TYR B 384 33.79 24.11 -25.81
CA TYR B 384 34.16 22.74 -26.17
C TYR B 384 35.36 22.30 -25.33
N SER B 385 35.32 21.04 -24.87
CA SER B 385 36.41 20.48 -24.07
C SER B 385 37.36 19.68 -24.96
N PHE B 386 38.64 20.05 -24.96
CA PHE B 386 39.64 19.47 -25.85
C PHE B 386 40.45 18.44 -25.06
N ASP B 387 40.10 17.17 -25.21
CA ASP B 387 40.70 16.09 -24.43
C ASP B 387 41.70 15.26 -25.22
N ASN B 388 41.95 15.61 -26.48
CA ASN B 388 42.84 14.82 -27.34
C ASN B 388 43.94 15.72 -27.87
N PRO B 389 45.20 15.41 -27.60
CA PRO B 389 46.30 16.27 -28.06
C PRO B 389 46.39 16.31 -29.58
N GLY B 390 46.95 17.41 -30.09
CA GLY B 390 47.17 17.59 -31.52
C GLY B 390 46.83 19.00 -31.94
N GLU B 391 46.95 19.30 -33.22
CA GLU B 391 46.63 20.62 -33.73
C GLU B 391 45.35 20.55 -34.54
N PHE B 392 44.44 21.48 -34.29
CA PHE B 392 43.14 21.47 -34.94
C PHE B 392 42.98 22.80 -35.66
N ASP B 393 42.78 22.74 -36.98
CA ASP B 393 42.54 23.93 -37.78
C ASP B 393 41.03 24.09 -37.95
N TYR B 394 40.52 25.27 -37.66
CA TYR B 394 39.07 25.44 -37.71
C TYR B 394 38.71 26.64 -38.55
N ILE B 395 37.45 26.65 -38.97
CA ILE B 395 36.95 27.61 -39.95
C ILE B 395 35.57 28.04 -39.50
N CYS B 396 35.10 29.16 -40.07
CA CYS B 396 33.68 29.44 -40.09
C CYS B 396 33.10 28.90 -41.39
N THR B 397 32.06 28.06 -41.28
CA THR B 397 31.46 27.52 -42.51
C THR B 397 30.54 28.52 -43.21
N LEU B 398 30.29 29.68 -42.63
CA LEU B 398 29.51 30.71 -43.30
C LEU B 398 30.36 31.70 -44.07
N HIS B 399 31.60 31.93 -43.61
CA HIS B 399 32.48 32.97 -44.12
C HIS B 399 33.85 32.34 -44.35
N PRO B 400 34.15 31.96 -45.59
CA PRO B 400 35.33 31.10 -45.84
C PRO B 400 36.67 31.73 -45.52
N TRP B 401 36.76 33.06 -45.41
CA TRP B 401 38.05 33.66 -45.05
C TRP B 401 38.36 33.51 -43.56
N MET B 402 37.48 32.91 -42.79
CA MET B 402 37.54 33.01 -41.34
C MET B 402 38.22 31.73 -40.88
N LYS B 403 39.41 31.83 -40.27
CA LYS B 403 40.05 30.59 -39.82
C LYS B 403 40.90 30.82 -38.57
N GLY B 404 41.14 29.73 -37.82
CA GLY B 404 41.94 29.75 -36.60
C GLY B 404 42.55 28.38 -36.36
N THR B 405 43.36 28.30 -35.30
CA THR B 405 43.95 27.03 -34.87
C THR B 405 43.96 26.94 -33.35
N ILE B 406 43.92 25.70 -32.87
CA ILE B 406 44.05 25.40 -31.45
C ILE B 406 45.00 24.22 -31.31
N SER B 407 46.04 24.39 -30.50
CA SER B 407 47.02 23.33 -30.23
C SER B 407 46.76 22.79 -28.83
N VAL B 408 46.57 21.47 -28.74
CA VAL B 408 46.22 20.80 -27.49
C VAL B 408 47.39 19.92 -27.09
N ASN B 409 47.91 20.14 -25.89
CA ASN B 409 49.14 19.47 -25.44
C ASN B 409 48.92 18.39 -24.40
N ASP C 1 -20.18 27.62 -44.29
CA ASP C 1 -19.92 26.23 -43.96
C ASP C 1 -18.84 25.43 -44.65
N SER C 2 -18.11 26.02 -45.59
CA SER C 2 -17.03 25.27 -46.22
C SER C 2 -16.32 24.45 -45.15
N SER C 3 -15.99 23.19 -45.48
CA SER C 3 -15.46 22.28 -44.47
C SER C 3 -14.34 22.91 -43.65
N ASP C 4 -13.71 23.97 -44.16
CA ASP C 4 -12.60 24.59 -43.48
C ASP C 4 -12.96 25.91 -42.79
N THR C 5 -14.23 26.29 -42.72
CA THR C 5 -14.57 27.45 -41.89
C THR C 5 -15.17 26.98 -40.57
N PHE C 6 -15.17 27.90 -39.61
CA PHE C 6 -15.70 27.68 -38.27
C PHE C 6 -16.67 28.82 -37.99
N PRO C 7 -17.94 28.64 -38.33
CA PRO C 7 -18.93 29.71 -38.08
C PRO C 7 -19.14 29.97 -36.58
N LYS C 8 -19.55 31.20 -36.29
CA LYS C 8 -19.99 31.58 -34.96
C LYS C 8 -21.01 30.60 -34.42
N PHE C 9 -20.86 30.22 -33.15
CA PHE C 9 -21.64 29.11 -32.59
C PHE C 9 -21.74 29.33 -31.10
N LYS C 10 -22.95 29.35 -30.58
CA LYS C 10 -23.20 29.53 -29.15
C LYS C 10 -22.69 28.30 -28.40
N ASN C 11 -21.69 28.51 -27.55
CA ASN C 11 -21.09 27.42 -26.79
C ASN C 11 -22.14 26.78 -25.87
N PRO C 12 -22.40 25.48 -26.00
CA PRO C 12 -23.37 24.85 -25.09
C PRO C 12 -22.86 24.72 -23.66
N ASN C 13 -21.54 24.71 -23.46
CA ASN C 13 -20.95 24.53 -22.13
C ASN C 13 -19.92 25.61 -21.84
N PRO C 14 -20.36 26.86 -21.65
CA PRO C 14 -19.40 27.94 -21.40
C PRO C 14 -18.79 27.85 -20.01
N GLN C 15 -17.56 28.31 -19.88
CA GLN C 15 -16.94 28.38 -18.58
C GLN C 15 -16.62 29.82 -18.21
N THR C 16 -16.47 30.05 -16.91
CA THR C 16 -16.09 31.35 -16.38
C THR C 16 -14.61 31.28 -16.02
N LEU C 17 -13.79 32.04 -16.73
CA LEU C 17 -12.35 31.98 -16.56
C LEU C 17 -11.84 33.35 -16.15
N SER C 18 -10.69 33.34 -15.49
CA SER C 18 -10.12 34.53 -14.90
C SER C 18 -8.61 34.51 -15.06
N TYR C 19 -8.04 35.68 -15.34
CA TYR C 19 -6.60 35.86 -15.40
C TYR C 19 -6.25 37.12 -14.61
N THR C 20 -5.03 37.18 -14.11
CA THR C 20 -4.52 38.39 -13.48
C THR C 20 -3.26 38.83 -14.20
N LEU C 21 -3.27 40.06 -14.72
CA LEU C 21 -2.11 40.60 -15.39
C LEU C 21 -1.68 41.85 -14.64
N ILE C 22 -0.38 41.95 -14.37
CA ILE C 22 0.16 43.07 -13.60
C ILE C 22 1.12 43.83 -14.48
N ALA C 23 0.87 45.12 -14.68
CA ALA C 23 1.89 45.94 -15.32
C ALA C 23 3.10 46.03 -14.39
N GLN C 24 4.28 45.67 -14.92
CA GLN C 24 5.49 45.60 -14.10
C GLN C 24 6.67 46.11 -14.93
N ASP C 25 7.42 47.06 -14.39
CA ASP C 25 8.66 47.46 -15.05
C ASP C 25 9.74 46.43 -14.72
N ALA C 26 10.65 46.22 -15.67
CA ALA C 26 11.64 45.16 -15.47
C ALA C 26 12.88 45.44 -16.30
N GLU C 27 13.94 44.70 -15.98
CA GLU C 27 15.14 44.56 -16.77
C GLU C 27 15.16 43.13 -17.29
N ILE C 28 15.24 42.95 -18.61
CA ILE C 28 15.26 41.61 -19.17
C ILE C 28 16.38 41.50 -20.18
N GLU C 29 16.84 40.27 -20.40
CA GLU C 29 17.73 40.02 -21.52
C GLU C 29 16.89 39.86 -22.78
N VAL C 30 17.19 40.66 -23.81
CA VAL C 30 16.46 40.60 -25.08
C VAL C 30 17.26 39.94 -26.19
N SER C 31 18.53 39.65 -25.95
CA SER C 31 19.46 39.08 -26.90
C SER C 31 20.71 38.69 -26.10
N PRO C 32 21.50 37.72 -26.59
CA PRO C 32 22.68 37.31 -25.80
C PRO C 32 23.54 38.48 -25.37
N GLY C 33 23.69 38.66 -24.06
CA GLY C 33 24.51 39.74 -23.55
C GLY C 33 23.91 41.13 -23.66
N VAL C 34 22.60 41.25 -23.90
CA VAL C 34 21.97 42.56 -24.06
C VAL C 34 20.81 42.63 -23.07
N ARG C 35 20.95 43.45 -22.03
CA ARG C 35 19.92 43.68 -21.04
C ARG C 35 19.27 45.03 -21.29
N ALA C 36 17.95 45.11 -21.13
CA ALA C 36 17.24 46.33 -21.47
C ALA C 36 16.08 46.54 -20.51
N LYS C 37 15.72 47.80 -20.31
CA LYS C 37 14.52 48.12 -19.54
C LYS C 37 13.28 47.90 -20.39
N VAL C 38 12.27 47.27 -19.79
CA VAL C 38 11.02 47.02 -20.51
C VAL C 38 9.85 47.37 -19.61
N TRP C 39 8.69 47.60 -20.24
CA TRP C 39 7.40 47.65 -19.55
C TRP C 39 6.61 46.42 -19.95
N THR C 40 6.14 45.66 -18.95
CA THR C 40 5.57 44.34 -19.21
C THR C 40 4.24 44.14 -18.49
N TYR C 41 3.53 43.09 -18.90
CA TYR C 41 2.53 42.44 -18.06
C TYR C 41 3.15 41.14 -17.54
N ASN C 42 3.29 41.04 -16.22
CA ASN C 42 3.78 39.84 -15.52
C ASN C 42 5.26 39.53 -15.78
N GLY C 43 6.05 40.49 -16.24
CA GLY C 43 7.48 40.37 -16.14
C GLY C 43 8.24 39.92 -17.37
N THR C 44 7.54 39.48 -18.43
CA THR C 44 8.20 39.02 -19.65
C THR C 44 7.66 39.78 -20.84
N VAL C 45 8.40 39.72 -21.94
CA VAL C 45 7.98 40.25 -23.21
C VAL C 45 8.11 39.10 -24.21
N PRO C 46 7.03 38.66 -24.88
CA PRO C 46 5.62 39.04 -24.74
C PRO C 46 5.04 38.65 -23.38
N ALA C 47 3.92 39.28 -23.09
CA ALA C 47 3.05 39.00 -21.97
C ALA C 47 2.48 37.59 -22.07
N PRO C 48 1.82 37.09 -21.02
CA PRO C 48 1.27 35.74 -21.08
C PRO C 48 0.26 35.56 -22.20
N THR C 49 0.36 34.41 -22.87
CA THR C 49 -0.64 34.03 -23.85
C THR C 49 -1.91 33.60 -23.13
N LEU C 50 -3.02 34.32 -23.38
CA LEU C 50 -4.30 33.96 -22.82
C LEU C 50 -5.01 33.03 -23.79
N ARG C 51 -5.69 32.03 -23.25
CA ARG C 51 -6.37 31.09 -24.13
C ARG C 51 -7.65 30.60 -23.49
N PHE C 52 -8.75 30.69 -24.22
CA PHE C 52 -10.02 30.13 -23.77
C PHE C 52 -10.87 29.81 -24.99
N SER C 53 -12.13 29.48 -24.75
CA SER C 53 -13.01 29.03 -25.81
C SER C 53 -14.06 30.10 -26.10
N GLU C 54 -14.46 30.16 -27.35
CA GLU C 54 -15.59 30.97 -27.76
C GLU C 54 -16.78 30.73 -26.84
N GLY C 55 -17.41 31.82 -26.39
CA GLY C 55 -18.55 31.70 -25.50
C GLY C 55 -18.22 31.75 -24.02
N ASP C 56 -16.96 31.57 -23.65
CA ASP C 56 -16.55 31.64 -22.26
C ASP C 56 -16.75 33.05 -21.68
N ASP C 57 -17.00 33.10 -20.39
CA ASP C 57 -17.12 34.36 -19.67
C ASP C 57 -15.75 34.71 -19.13
N VAL C 58 -15.09 35.68 -19.76
CA VAL C 58 -13.70 35.97 -19.47
C VAL C 58 -13.59 37.20 -18.59
N THR C 59 -12.75 37.10 -17.57
CA THR C 59 -12.42 38.21 -16.71
C THR C 59 -10.91 38.31 -16.58
N VAL C 60 -10.36 39.50 -16.84
CA VAL C 60 -8.93 39.77 -16.71
C VAL C 60 -8.75 40.87 -15.69
N LYS C 61 -8.22 40.52 -14.51
CA LYS C 61 -7.94 41.50 -13.46
C LYS C 61 -6.60 42.16 -13.75
N PHE C 62 -6.63 43.45 -14.08
CA PHE C 62 -5.43 44.19 -14.45
C PHE C 62 -5.00 45.07 -13.27
N VAL C 63 -3.77 44.88 -12.81
CA VAL C 63 -3.21 45.61 -11.69
C VAL C 63 -2.02 46.43 -12.18
N ASN C 64 -2.00 47.72 -11.86
CA ASN C 64 -0.93 48.59 -12.33
C ASN C 64 0.12 48.74 -11.22
N ASP C 65 1.29 48.09 -11.40
CA ASP C 65 2.38 48.16 -10.44
C ASP C 65 3.55 49.01 -10.95
N THR C 66 3.28 50.07 -11.69
CA THR C 66 4.29 50.98 -12.23
C THR C 66 3.91 52.41 -11.87
N PRO C 67 4.83 53.36 -12.02
CA PRO C 67 4.49 54.78 -11.79
C PRO C 67 3.78 55.47 -12.94
N TYR C 68 3.44 54.74 -13.99
CA TYR C 68 2.80 55.29 -15.18
C TYR C 68 1.40 54.73 -15.32
N ALA C 69 0.54 55.47 -15.99
CA ALA C 69 -0.79 54.99 -16.33
C ALA C 69 -0.71 53.97 -17.46
N HIS C 70 -1.57 52.94 -17.40
CA HIS C 70 -1.59 51.85 -18.37
C HIS C 70 -3.04 51.43 -18.58
N THR C 71 -3.29 50.69 -19.67
CA THR C 71 -4.53 49.95 -19.86
C THR C 71 -4.19 48.58 -20.46
N ILE C 72 -5.22 47.77 -20.69
CA ILE C 72 -5.18 46.66 -21.62
C ILE C 72 -6.29 46.86 -22.65
N HIS C 73 -5.92 46.90 -23.93
CA HIS C 73 -6.87 46.86 -25.04
C HIS C 73 -6.80 45.48 -25.71
N PHE C 74 -7.92 44.77 -25.70
CA PHE C 74 -8.04 43.50 -26.37
C PHE C 74 -8.60 43.70 -27.77
N HIS C 75 -8.05 42.99 -28.74
CA HIS C 75 -8.73 42.91 -30.03
C HIS C 75 -9.96 42.01 -29.91
N GLY C 76 -10.96 42.26 -30.74
CA GLY C 76 -12.20 41.50 -30.69
C GLY C 76 -13.37 42.35 -30.26
N THR C 77 -14.53 41.71 -30.12
CA THR C 77 -15.77 42.43 -29.83
C THR C 77 -15.99 42.57 -28.32
N HIS C 78 -16.28 43.80 -27.88
CA HIS C 78 -16.65 44.13 -26.50
C HIS C 78 -17.16 45.57 -26.49
N ASP C 79 -17.56 46.04 -25.30
CA ASP C 79 -18.14 47.37 -25.17
C ASP C 79 -17.07 48.37 -24.72
N SER C 80 -17.47 49.63 -24.62
CA SER C 80 -16.50 50.71 -24.42
C SER C 80 -15.79 50.60 -23.07
N ALA C 81 -16.53 50.26 -22.01
CA ALA C 81 -15.92 50.12 -20.69
C ALA C 81 -14.87 49.02 -20.64
N ASN C 82 -14.89 48.11 -21.61
CA ASN C 82 -13.95 47.01 -21.67
C ASN C 82 -13.00 47.10 -22.84
N ASP C 83 -12.83 48.30 -23.42
CA ASP C 83 -12.04 48.50 -24.61
C ASP C 83 -10.67 49.07 -24.32
N GLY C 84 -10.37 49.41 -23.07
CA GLY C 84 -9.01 49.76 -22.72
C GLY C 84 -8.49 51.06 -23.31
N VAL C 85 -9.37 52.01 -23.63
CA VAL C 85 -8.96 53.36 -23.98
C VAL C 85 -9.28 54.32 -22.85
N PHE C 86 -10.50 54.23 -22.32
CA PHE C 86 -10.93 54.91 -21.12
C PHE C 86 -11.59 53.91 -20.19
N PRO C 87 -11.27 53.96 -18.88
CA PRO C 87 -10.36 54.91 -18.22
C PRO C 87 -8.91 54.45 -18.22
N MET C 88 -7.99 55.38 -17.97
CA MET C 88 -6.63 55.04 -17.64
C MET C 88 -6.60 54.36 -16.29
N ILE C 89 -5.78 53.33 -16.15
CA ILE C 89 -5.61 52.66 -14.87
C ILE C 89 -4.37 53.23 -14.20
N MET C 90 -4.57 53.90 -13.08
CA MET C 90 -3.52 54.68 -12.44
C MET C 90 -2.64 53.78 -11.57
N PRO C 91 -1.46 54.26 -11.20
CA PRO C 91 -0.56 53.45 -10.36
C PRO C 91 -1.24 52.97 -9.08
N GLY C 92 -1.00 51.69 -8.78
CA GLY C 92 -1.62 51.01 -7.67
C GLY C 92 -2.98 50.44 -7.95
N GLU C 93 -3.62 50.83 -9.05
CA GLU C 93 -5.04 50.54 -9.22
C GLU C 93 -5.27 49.18 -9.86
N GLU C 94 -6.51 48.71 -9.72
CA GLU C 94 -6.95 47.48 -10.36
C GLU C 94 -8.20 47.76 -11.18
N TYR C 95 -8.30 47.10 -12.34
CA TYR C 95 -9.46 47.26 -13.20
C TYR C 95 -9.79 45.91 -13.80
N THR C 96 -11.04 45.49 -13.72
CA THR C 96 -11.44 44.16 -14.18
C THR C 96 -12.04 44.31 -15.57
N TYR C 97 -11.31 43.86 -16.59
CA TYR C 97 -11.87 43.74 -17.91
C TYR C 97 -12.72 42.49 -17.96
N HIS C 98 -13.92 42.61 -18.52
CA HIS C 98 -14.85 41.48 -18.50
C HIS C 98 -15.57 41.42 -19.83
N PHE C 99 -15.63 40.23 -20.42
CA PHE C 99 -16.38 40.08 -21.66
C PHE C 99 -16.67 38.61 -21.91
N VAL C 100 -17.76 38.36 -22.60
CA VAL C 100 -18.02 37.05 -23.16
C VAL C 100 -17.25 36.95 -24.47
N ALA C 101 -16.54 35.85 -24.68
CA ALA C 101 -15.76 35.71 -25.91
C ALA C 101 -16.73 35.53 -27.09
N GLU C 102 -16.87 36.58 -27.91
CA GLU C 102 -17.90 36.59 -28.94
C GLU C 102 -17.51 35.92 -30.25
N GLU C 103 -16.22 35.90 -30.58
CA GLU C 103 -15.68 35.34 -31.83
C GLU C 103 -14.52 34.44 -31.48
N ALA C 104 -14.46 33.26 -32.10
CA ALA C 104 -13.23 32.50 -32.07
C ALA C 104 -12.17 33.17 -32.94
N GLY C 105 -10.93 32.71 -32.80
CA GLY C 105 -9.88 33.21 -33.65
C GLY C 105 -8.63 33.57 -32.86
N LEU C 106 -7.74 34.31 -33.50
CA LEU C 106 -6.48 34.69 -32.89
C LEU C 106 -6.42 36.21 -32.76
N PHE C 107 -6.24 36.69 -31.54
CA PHE C 107 -6.27 38.12 -31.27
C PHE C 107 -5.00 38.52 -30.51
N MET C 108 -4.91 39.79 -30.19
CA MET C 108 -3.81 40.27 -29.38
C MET C 108 -4.39 41.21 -28.34
N TYR C 109 -3.57 41.52 -27.35
CA TYR C 109 -3.88 42.55 -26.39
C TYR C 109 -2.61 43.36 -26.16
N HIS C 110 -2.78 44.64 -25.82
CA HIS C 110 -1.64 45.50 -25.57
C HIS C 110 -2.13 46.78 -24.91
N CYS C 111 -1.18 47.51 -24.33
CA CYS C 111 -1.52 48.76 -23.68
C CYS C 111 -2.00 49.77 -24.72
N HIS C 112 -2.91 50.65 -24.30
CA HIS C 112 -3.40 51.69 -25.20
C HIS C 112 -3.29 53.08 -24.58
N ALA C 113 -2.40 53.27 -23.63
CA ALA C 113 -2.14 54.58 -23.06
C ALA C 113 -1.27 55.39 -24.02
N PHE C 114 -1.44 56.70 -23.98
CA PHE C 114 -0.67 57.57 -24.87
C PHE C 114 0.79 57.63 -24.43
N PRO C 115 1.76 57.57 -25.37
CA PRO C 115 1.61 57.23 -26.79
C PRO C 115 1.63 55.72 -26.95
N THR C 116 0.66 55.15 -27.66
CA THR C 116 0.52 53.70 -27.66
C THR C 116 1.73 53.01 -28.28
N SER C 117 2.30 53.60 -29.33
CA SER C 117 3.45 52.97 -29.99
C SER C 117 4.60 52.80 -29.02
N GLU C 118 4.82 53.80 -28.16
CA GLU C 118 5.89 53.70 -27.18
C GLU C 118 5.63 52.56 -26.20
N HIS C 119 4.41 52.44 -25.70
CA HIS C 119 4.11 51.40 -24.72
C HIS C 119 4.27 50.01 -25.34
N VAL C 120 3.85 49.84 -26.60
CA VAL C 120 4.03 48.59 -27.29
C VAL C 120 5.52 48.32 -27.52
N ARG C 121 6.26 49.33 -27.97
CA ARG C 121 7.69 49.19 -28.15
C ARG C 121 8.40 48.79 -26.86
N MET C 122 7.87 49.22 -25.71
CA MET C 122 8.56 48.90 -24.48
C MET C 122 8.22 47.50 -23.98
N GLY C 123 7.24 46.85 -24.58
CA GLY C 123 6.98 45.45 -24.28
C GLY C 123 5.55 45.05 -23.90
N MET C 124 4.62 46.00 -23.86
CA MET C 124 3.29 45.75 -23.26
C MET C 124 2.32 45.17 -24.30
N PHE C 125 2.57 43.91 -24.68
CA PHE C 125 1.71 43.22 -25.65
C PHE C 125 1.77 41.72 -25.41
N GLY C 126 0.68 41.05 -25.79
CA GLY C 126 0.57 39.60 -25.64
C GLY C 126 -0.46 39.03 -26.60
N THR C 127 -0.60 37.70 -26.53
CA THR C 127 -1.41 36.91 -27.46
C THR C 127 -2.68 36.40 -26.76
N MET C 128 -3.78 36.35 -27.50
CA MET C 128 -5.06 35.87 -26.99
C MET C 128 -5.62 34.86 -28.01
N ILE C 129 -5.67 33.58 -27.65
CA ILE C 129 -6.17 32.54 -28.52
C ILE C 129 -7.58 32.19 -28.06
N ILE C 130 -8.55 32.22 -28.97
CA ILE C 130 -9.94 31.90 -28.62
C ILE C 130 -10.35 30.74 -29.50
N ASP C 131 -10.44 29.55 -28.91
CA ASP C 131 -10.72 28.35 -29.68
C ASP C 131 -12.19 28.25 -30.06
N PRO C 132 -12.50 27.69 -31.23
CA PRO C 132 -13.88 27.72 -31.73
C PRO C 132 -14.78 26.74 -31.00
N ALA C 133 -16.04 27.17 -30.83
CA ALA C 133 -17.05 26.37 -30.15
C ALA C 133 -17.69 25.33 -31.05
N ILE C 134 -17.78 25.57 -32.36
CA ILE C 134 -18.56 24.65 -33.20
C ILE C 134 -17.88 23.29 -33.28
N ARG C 135 -16.55 23.25 -33.33
CA ARG C 135 -15.77 22.03 -33.32
C ARG C 135 -14.31 22.42 -33.11
N PRO C 136 -13.47 21.50 -32.60
CA PRO C 136 -12.05 21.83 -32.48
C PRO C 136 -11.41 22.03 -33.84
N MET C 137 -10.37 22.86 -33.86
CA MET C 137 -9.51 22.87 -35.03
C MET C 137 -8.90 21.48 -35.20
N ASP C 138 -8.40 21.18 -36.41
CA ASP C 138 -7.85 19.84 -36.64
C ASP C 138 -6.71 19.57 -35.67
N PRO C 139 -6.61 18.34 -35.16
CA PRO C 139 -5.52 17.97 -34.25
C PRO C 139 -4.16 18.36 -34.80
N ALA C 140 -3.39 19.06 -33.98
CA ALA C 140 -2.14 19.64 -34.44
C ALA C 140 -1.27 19.92 -33.24
N ARG C 141 0.03 20.09 -33.49
CA ARG C 141 0.95 20.63 -32.48
C ARG C 141 0.96 22.16 -32.62
N GLU C 142 0.80 22.87 -31.51
CA GLU C 142 0.50 24.30 -31.54
C GLU C 142 1.61 25.11 -30.88
N TYR C 143 2.04 26.16 -31.57
CA TYR C 143 2.99 27.15 -31.07
C TYR C 143 2.40 28.53 -31.33
N PHE C 144 2.81 29.52 -30.54
CA PHE C 144 2.45 30.90 -30.82
C PHE C 144 3.72 31.72 -31.06
N PHE C 145 3.60 32.81 -31.83
CA PHE C 145 4.76 33.67 -32.13
C PHE C 145 4.32 35.11 -32.28
N THR C 146 4.94 36.02 -31.53
CA THR C 146 4.76 37.44 -31.76
C THR C 146 5.94 37.94 -32.59
N LEU C 147 5.65 38.86 -33.50
CA LEU C 147 6.65 39.52 -34.33
C LEU C 147 6.67 41.00 -33.93
N SER C 148 7.78 41.47 -33.38
CA SER C 148 7.80 42.79 -32.77
C SER C 148 9.07 43.52 -33.19
N GLU C 149 9.25 44.70 -32.62
CA GLU C 149 10.32 45.64 -32.98
C GLU C 149 10.89 46.10 -31.64
N PHE C 150 12.19 45.95 -31.44
CA PHE C 150 12.72 46.34 -30.14
C PHE C 150 14.11 46.93 -30.26
N ASP C 151 14.29 48.09 -29.64
CA ASP C 151 15.59 48.77 -29.62
C ASP C 151 15.91 49.15 -28.19
N PRO C 152 17.02 48.65 -27.62
CA PRO C 152 17.31 48.91 -26.20
C PRO C 152 17.77 50.32 -25.93
N ASN C 153 18.18 51.08 -26.94
CA ASN C 153 18.72 52.43 -26.75
C ASN C 153 17.76 53.54 -27.10
N ASN C 154 16.84 53.31 -28.03
CA ASN C 154 15.88 54.32 -28.45
C ASN C 154 14.58 53.59 -28.79
N ALA C 155 13.65 53.61 -27.83
CA ALA C 155 12.43 52.81 -27.95
C ALA C 155 11.65 53.12 -29.22
N LEU C 156 11.81 54.33 -29.77
CA LEU C 156 11.03 54.74 -30.93
C LEU C 156 11.88 54.88 -32.18
N GLU C 157 13.10 54.31 -32.19
CA GLU C 157 13.90 54.20 -33.40
C GLU C 157 13.08 53.63 -34.55
N HIS C 158 13.18 54.25 -35.73
CA HIS C 158 12.40 53.80 -36.88
C HIS C 158 12.77 52.38 -37.28
N PHE C 159 14.07 52.12 -37.47
CA PHE C 159 14.63 50.81 -37.73
C PHE C 159 15.29 50.32 -36.44
N THR C 160 14.67 49.35 -35.80
CA THR C 160 15.10 48.92 -34.47
C THR C 160 16.26 47.92 -34.58
N GLU C 161 17.02 47.83 -33.49
CA GLU C 161 18.15 46.92 -33.48
C GLU C 161 17.70 45.47 -33.64
N PHE C 162 16.54 45.14 -33.08
CA PHE C 162 16.04 43.77 -33.05
C PHE C 162 14.62 43.70 -33.60
N TYR C 163 14.30 42.53 -34.17
CA TYR C 163 12.97 42.18 -34.64
C TYR C 163 12.68 40.77 -34.12
N PRO C 164 12.48 40.63 -32.82
CA PRO C 164 12.47 39.29 -32.23
C PRO C 164 11.17 38.55 -32.48
N ILE C 165 11.30 37.25 -32.55
CA ILE C 165 10.18 36.33 -32.44
C ILE C 165 10.03 35.96 -30.97
N ASN C 166 8.86 36.29 -30.39
CA ASN C 166 8.61 36.08 -28.96
C ASN C 166 9.67 36.78 -28.09
N GLY C 167 9.94 38.03 -28.42
CA GLY C 167 10.64 38.95 -27.51
C GLY C 167 12.16 38.85 -27.41
N TYR C 168 12.69 37.61 -27.33
CA TYR C 168 14.13 37.34 -27.22
C TYR C 168 14.67 36.98 -28.61
N ALA C 169 15.52 37.86 -29.17
CA ALA C 169 16.02 37.68 -30.53
C ALA C 169 16.76 36.37 -30.69
N GLY C 170 16.37 35.59 -31.70
CA GLY C 170 17.11 34.41 -32.08
C GLY C 170 16.94 33.22 -31.18
N GLN C 171 15.97 33.23 -30.26
CA GLN C 171 15.92 32.14 -29.30
C GLN C 171 15.68 30.79 -29.95
N TYR C 172 14.95 30.75 -31.07
CA TYR C 172 14.60 29.49 -31.68
C TYR C 172 15.67 28.99 -32.65
N MET C 173 16.79 29.70 -32.72
CA MET C 173 18.00 29.18 -33.35
C MET C 173 18.70 28.19 -32.44
N ASP C 174 18.87 28.54 -31.16
CA ASP C 174 19.49 27.62 -30.21
C ASP C 174 18.51 26.62 -29.64
N ASN C 175 17.21 26.91 -29.70
CA ASN C 175 16.18 26.00 -29.21
C ASN C 175 15.14 25.85 -30.30
N PRO C 176 15.34 24.92 -31.24
CA PRO C 176 14.48 24.87 -32.42
C PRO C 176 13.04 24.55 -32.07
N ILE C 177 12.14 25.05 -32.91
CA ILE C 177 10.73 24.66 -32.84
C ILE C 177 10.62 23.24 -33.35
N ARG C 178 10.18 22.32 -32.50
CA ARG C 178 10.16 20.91 -32.84
C ARG C 178 8.81 20.51 -33.39
N VAL C 179 8.81 19.89 -34.58
CA VAL C 179 7.61 19.36 -35.18
C VAL C 179 7.87 17.89 -35.49
N VAL C 180 6.79 17.17 -35.79
CA VAL C 180 6.86 15.74 -36.02
C VAL C 180 6.55 15.48 -37.48
N SER C 181 7.33 14.61 -38.10
CA SER C 181 7.14 14.29 -39.49
C SER C 181 5.73 13.74 -39.72
N GLY C 182 5.03 14.29 -40.71
CA GLY C 182 3.66 13.90 -41.03
C GLY C 182 2.58 14.43 -40.11
N GLU C 183 2.91 15.18 -39.07
CA GLU C 183 1.93 15.62 -38.09
C GLU C 183 1.54 17.08 -38.39
N LEU C 184 0.24 17.38 -38.34
CA LEU C 184 -0.18 18.76 -38.55
C LEU C 184 0.38 19.67 -37.48
N THR C 185 0.84 20.85 -37.89
CA THR C 185 1.37 21.86 -36.99
C THR C 185 0.61 23.16 -37.23
N ARG C 186 0.36 23.91 -36.16
CA ARG C 186 -0.42 25.14 -36.24
C ARG C 186 0.30 26.24 -35.50
N PHE C 187 0.52 27.35 -36.18
CA PHE C 187 1.23 28.51 -35.69
C PHE C 187 0.23 29.64 -35.50
N TYR C 188 0.18 30.22 -34.31
CA TYR C 188 -0.65 31.39 -34.01
C TYR C 188 0.29 32.59 -34.01
N VAL C 189 0.27 33.39 -35.08
CA VAL C 189 1.29 34.43 -35.31
C VAL C 189 0.65 35.81 -35.20
N VAL C 190 1.29 36.68 -34.40
CA VAL C 190 0.78 38.01 -34.06
C VAL C 190 1.77 39.04 -34.59
N GLY C 191 1.28 39.96 -35.42
CA GLY C 191 2.10 41.06 -35.93
C GLY C 191 1.93 42.29 -35.08
N ILE C 192 2.98 42.72 -34.38
CA ILE C 192 2.86 43.78 -33.40
C ILE C 192 4.11 44.67 -33.41
N GLY C 193 4.59 45.01 -34.60
CA GLY C 193 5.51 46.11 -34.78
C GLY C 193 4.77 47.42 -35.03
N GLY C 194 5.53 48.44 -35.42
CA GLY C 194 4.92 49.74 -35.65
C GLY C 194 5.34 50.46 -36.92
N VAL C 195 6.40 49.98 -37.57
CA VAL C 195 6.86 50.63 -38.79
C VAL C 195 6.75 49.71 -40.00
N LEU C 196 7.55 48.64 -40.04
CA LEU C 196 7.54 47.77 -41.20
C LEU C 196 6.51 46.66 -41.03
N GLN C 197 6.05 46.11 -42.15
CA GLN C 197 5.13 44.98 -42.08
C GLN C 197 5.95 43.69 -42.09
N SER C 198 5.28 42.56 -41.92
CA SER C 198 5.97 41.29 -41.66
C SER C 198 5.59 40.22 -42.69
N PRO C 199 6.38 40.01 -43.73
CA PRO C 199 6.09 38.87 -44.61
C PRO C 199 6.58 37.57 -43.95
N PHE C 200 5.65 36.77 -43.45
CA PHE C 200 5.98 35.58 -42.67
C PHE C 200 6.19 34.41 -43.61
N HIS C 201 7.35 33.76 -43.51
CA HIS C 201 7.69 32.73 -44.48
C HIS C 201 8.22 31.48 -43.78
N VAL C 202 7.78 30.31 -44.25
CA VAL C 202 8.23 29.03 -43.72
C VAL C 202 8.91 28.25 -44.85
N HIS C 203 10.12 27.75 -44.58
CA HIS C 203 10.85 26.98 -45.57
C HIS C 203 10.16 25.66 -45.88
N SER C 204 10.20 25.26 -47.16
CA SER C 204 10.04 23.87 -47.62
C SER C 204 8.62 23.34 -47.57
N THR C 205 7.63 24.18 -47.35
CA THR C 205 6.26 23.69 -47.37
C THR C 205 5.34 24.87 -47.62
N ILE C 206 4.12 24.56 -48.03
CA ILE C 206 3.10 25.56 -48.34
C ILE C 206 2.18 25.69 -47.14
N MET C 207 1.92 26.93 -46.75
CA MET C 207 1.11 27.37 -45.61
C MET C 207 -0.37 27.31 -45.96
N LYS C 208 -1.19 26.83 -45.03
CA LYS C 208 -2.62 27.09 -45.06
C LYS C 208 -2.89 28.19 -44.05
N VAL C 209 -3.49 29.30 -44.50
CA VAL C 209 -3.54 30.53 -43.73
C VAL C 209 -5.00 30.96 -43.55
N TYR C 210 -5.39 31.25 -42.32
CA TYR C 210 -6.66 31.94 -42.06
C TYR C 210 -6.40 33.44 -41.99
N PRO C 211 -6.83 34.21 -42.99
CA PRO C 211 -6.58 35.67 -42.96
C PRO C 211 -7.11 36.31 -41.69
N SER C 212 -6.29 37.19 -41.12
CA SER C 212 -6.62 38.00 -39.96
C SER C 212 -6.87 37.18 -38.71
N GLY C 213 -6.49 35.90 -38.71
CA GLY C 213 -6.77 35.04 -37.57
C GLY C 213 -8.24 34.80 -37.32
N ILE C 214 -9.10 35.03 -38.31
CA ILE C 214 -10.54 34.92 -38.14
C ILE C 214 -11.02 33.62 -38.75
N LEU C 215 -11.56 32.73 -37.92
CA LEU C 215 -11.89 31.39 -38.38
C LEU C 215 -13.17 31.33 -39.19
N TRP C 216 -13.91 32.45 -39.29
CA TRP C 216 -15.05 32.49 -40.19
C TRP C 216 -14.64 32.42 -41.65
N ASN C 217 -13.41 32.81 -41.97
CA ASN C 217 -12.95 32.91 -43.35
C ASN C 217 -12.58 31.54 -43.90
N GLU C 218 -12.75 31.39 -45.21
CA GLU C 218 -12.12 30.28 -45.90
C GLU C 218 -10.61 30.50 -45.90
N PRO C 219 -9.80 29.50 -45.56
CA PRO C 219 -8.34 29.70 -45.59
C PRO C 219 -7.85 29.74 -47.03
N TYR C 220 -6.60 30.17 -47.19
CA TYR C 220 -5.96 30.16 -48.50
C TYR C 220 -4.54 29.64 -48.33
N TYR C 221 -3.88 29.33 -49.44
CA TYR C 221 -2.58 28.70 -49.42
C TYR C 221 -1.52 29.71 -49.85
N ALA C 222 -0.38 29.72 -49.16
CA ALA C 222 0.63 30.77 -49.35
C ALA C 222 2.03 30.21 -49.09
N GLN C 223 3.00 30.69 -49.86
CA GLN C 223 4.40 30.44 -49.51
C GLN C 223 4.90 31.49 -48.52
N THR C 224 4.34 32.70 -48.59
CA THR C 224 4.65 33.80 -47.71
C THR C 224 3.34 34.53 -47.47
N HIS C 225 3.12 34.98 -46.24
CA HIS C 225 1.87 35.66 -45.89
C HIS C 225 2.23 36.97 -45.18
N LEU C 226 1.84 38.09 -45.78
CA LEU C 226 2.09 39.40 -45.21
C LEU C 226 1.16 39.65 -44.05
N ILE C 227 1.73 39.87 -42.87
CA ILE C 227 0.97 40.14 -41.65
C ILE C 227 1.18 41.60 -41.28
N GLY C 228 0.12 42.40 -41.42
CA GLY C 228 0.20 43.79 -41.04
C GLY C 228 0.29 43.94 -39.53
N ASN C 229 0.91 45.04 -39.11
CA ASN C 229 0.96 45.34 -37.68
C ASN C 229 -0.47 45.53 -37.17
N GLY C 230 -0.75 44.93 -36.01
CA GLY C 230 -2.09 44.91 -35.48
C GLY C 230 -2.95 43.79 -36.03
N ASP C 231 -2.40 42.93 -36.88
CA ASP C 231 -3.11 41.80 -37.45
C ASP C 231 -2.46 40.49 -36.98
N THR C 232 -3.16 39.38 -37.23
CA THR C 232 -2.71 38.05 -36.85
C THR C 232 -2.96 37.10 -38.02
N ALA C 233 -2.43 35.88 -37.89
CA ALA C 233 -2.74 34.82 -38.83
C ALA C 233 -2.63 33.47 -38.12
N ILE C 234 -3.59 32.59 -38.38
CA ILE C 234 -3.52 31.20 -37.94
C ILE C 234 -3.03 30.38 -39.14
N ILE C 235 -1.90 29.68 -38.98
CA ILE C 235 -1.20 29.05 -40.08
C ILE C 235 -1.06 27.58 -39.75
N GLU C 236 -1.36 26.71 -40.73
CA GLU C 236 -1.17 25.27 -40.57
C GLU C 236 -0.21 24.77 -41.64
N ALA C 237 0.66 23.85 -41.25
CA ALA C 237 1.64 23.29 -42.18
C ALA C 237 2.00 21.88 -41.72
N THR C 238 2.42 21.05 -42.67
CA THR C 238 2.94 19.73 -42.37
C THR C 238 4.28 19.55 -43.06
N TRP C 239 5.28 19.10 -42.33
CA TRP C 239 6.57 18.75 -42.91
C TRP C 239 6.65 17.23 -42.95
N THR C 240 6.98 16.67 -44.10
CA THR C 240 6.99 15.21 -44.24
C THR C 240 8.38 14.61 -44.14
N GLN C 241 9.44 15.39 -44.22
CA GLN C 241 10.77 14.82 -44.22
C GLN C 241 11.60 15.36 -43.07
N PRO C 242 12.18 14.48 -42.25
CA PRO C 242 12.95 14.94 -41.10
C PRO C 242 14.19 15.73 -41.51
N GLY C 243 14.63 16.58 -40.60
CA GLY C 243 15.78 17.43 -40.82
C GLY C 243 15.48 18.84 -40.32
N MET C 244 16.39 19.75 -40.63
CA MET C 244 16.35 21.11 -40.14
C MET C 244 15.96 22.07 -41.26
N TYR C 245 15.04 22.97 -40.94
CA TYR C 245 14.52 24.00 -41.81
C TYR C 245 14.46 25.29 -41.00
N LEU C 246 14.02 26.37 -41.65
CA LEU C 246 13.94 27.68 -41.03
C LEU C 246 12.55 28.25 -41.23
N PHE C 247 12.19 29.21 -40.37
CA PHE C 247 11.17 30.19 -40.71
C PHE C 247 11.59 31.55 -40.18
N HIS C 248 11.03 32.61 -40.77
CA HIS C 248 11.44 33.95 -40.40
C HIS C 248 10.53 34.94 -41.09
N VAL C 249 10.54 36.17 -40.58
CA VAL C 249 10.05 37.29 -41.38
C VAL C 249 11.02 37.48 -42.53
N HIS C 250 10.48 37.70 -43.73
CA HIS C 250 11.31 37.77 -44.94
C HIS C 250 11.69 39.22 -45.18
N GLY C 251 12.94 39.57 -44.85
CA GLY C 251 13.41 40.94 -44.97
C GLY C 251 14.56 41.19 -44.00
N ILE C 252 14.87 42.48 -43.79
CA ILE C 252 15.99 42.81 -42.90
C ILE C 252 15.73 42.33 -41.48
N GLN C 253 14.47 42.08 -41.13
CA GLN C 253 14.14 41.51 -39.83
C GLN C 253 14.94 40.23 -39.54
N GLU C 254 15.18 39.42 -40.56
CA GLU C 254 15.77 38.11 -40.30
C GLU C 254 17.26 38.20 -40.00
N GLU C 255 17.90 39.34 -40.27
CA GLU C 255 19.27 39.54 -39.81
C GLU C 255 19.33 40.08 -38.38
N ARG C 256 18.19 40.34 -37.74
CA ARG C 256 18.17 41.07 -36.48
C ARG C 256 17.33 40.32 -35.46
N GLY C 257 17.25 39.00 -35.58
CA GLY C 257 16.60 38.17 -34.60
C GLY C 257 15.28 37.60 -35.03
N SER C 258 14.77 37.92 -36.23
CA SER C 258 13.57 37.24 -36.71
C SER C 258 14.02 36.01 -37.49
N MET C 259 14.43 34.99 -36.76
CA MET C 259 14.87 33.76 -37.41
C MET C 259 14.70 32.60 -36.44
N ALA C 260 14.09 31.53 -36.92
CA ALA C 260 13.83 30.36 -36.10
C ALA C 260 14.23 29.12 -36.89
N MET C 261 14.72 28.11 -36.19
CA MET C 261 14.97 26.80 -36.75
C MET C 261 13.79 25.87 -36.46
N ILE C 262 13.41 25.09 -37.47
CA ILE C 262 12.39 24.05 -37.35
C ILE C 262 13.12 22.71 -37.40
N GLU C 263 13.00 21.93 -36.35
CA GLU C 263 13.53 20.57 -36.32
C GLU C 263 12.38 19.59 -36.54
N VAL C 264 12.33 18.94 -37.70
CA VAL C 264 11.32 17.92 -37.97
C VAL C 264 11.85 16.58 -37.47
N LEU C 265 11.16 16.01 -36.49
CA LEU C 265 11.54 14.76 -35.85
C LEU C 265 10.72 13.62 -36.44
N GLU C 266 11.32 12.43 -36.46
CA GLU C 266 10.56 11.28 -36.92
C GLU C 266 9.60 10.74 -35.86
N ASP C 267 9.91 10.87 -34.59
CA ASP C 267 8.89 10.52 -33.62
C ASP C 267 8.77 11.57 -32.53
N ALA C 268 7.58 11.60 -31.94
CA ALA C 268 7.19 12.57 -30.93
C ALA C 268 7.66 12.22 -29.53
N SER C 269 8.36 11.09 -29.32
CA SER C 269 8.49 10.59 -27.96
C SER C 269 9.23 11.57 -27.05
N SER C 270 10.21 12.32 -27.57
CA SER C 270 10.91 13.30 -26.76
C SER C 270 10.05 14.51 -26.41
N LEU C 271 8.85 14.63 -26.96
CA LEU C 271 7.96 15.75 -26.67
C LEU C 271 6.89 15.39 -25.65
N SER C 272 6.82 14.12 -25.20
CA SER C 272 5.71 13.66 -24.37
C SER C 272 5.61 14.44 -23.07
N ASP C 273 6.73 14.74 -22.44
CA ASP C 273 6.73 15.44 -21.16
C ASP C 273 6.67 16.95 -21.29
N VAL C 274 6.86 17.47 -22.50
CA VAL C 274 6.92 18.90 -22.75
C VAL C 274 5.56 19.46 -23.18
N GLN C 275 4.88 18.74 -24.07
CA GLN C 275 3.59 19.15 -24.58
C GLN C 275 2.52 19.02 -23.49
N ARG C 276 1.42 19.74 -23.67
CA ARG C 276 0.25 19.71 -22.82
C ARG C 276 -0.97 19.48 -23.70
N PRO C 277 -2.00 18.82 -23.19
CA PRO C 277 -3.23 18.71 -23.98
C PRO C 277 -3.82 20.09 -24.23
N SER C 278 -4.24 20.32 -25.47
CA SER C 278 -4.68 21.65 -25.87
C SER C 278 -6.14 21.91 -25.49
N ASN C 279 -6.49 23.21 -25.42
CA ASN C 279 -7.89 23.60 -25.33
C ASN C 279 -8.64 23.30 -26.63
N ASN C 280 -7.94 23.19 -27.75
CA ASN C 280 -8.45 22.49 -28.93
C ASN C 280 -8.40 21.00 -28.64
N LYS C 281 -9.55 20.38 -28.39
CA LYS C 281 -9.54 18.97 -27.99
C LYS C 281 -8.88 18.11 -29.06
N GLY C 282 -7.86 17.34 -28.64
CA GLY C 282 -7.12 16.50 -29.55
C GLY C 282 -5.79 17.05 -29.99
N SER C 283 -5.50 18.33 -29.72
CA SER C 283 -4.25 18.96 -30.11
C SER C 283 -3.27 18.95 -28.97
N TYR C 284 -2.01 19.24 -29.30
CA TYR C 284 -0.92 19.27 -28.33
C TYR C 284 -0.32 20.65 -28.28
N SER C 285 -0.44 21.31 -27.13
CA SER C 285 0.05 22.66 -26.96
C SER C 285 1.52 22.67 -26.56
N MET C 286 2.33 23.45 -27.27
CA MET C 286 3.71 23.67 -26.87
C MET C 286 3.89 25.05 -26.29
N VAL C 287 2.78 25.75 -26.04
CA VAL C 287 2.81 27.12 -25.56
C VAL C 287 3.54 27.18 -24.22
N GLU C 288 3.27 26.23 -23.34
CA GLU C 288 3.89 26.25 -22.02
C GLU C 288 5.40 26.09 -22.12
N TRP C 289 5.89 25.22 -23.01
CA TRP C 289 7.33 25.10 -23.25
C TRP C 289 7.90 26.43 -23.73
N GLN C 290 7.18 27.10 -24.63
CA GLN C 290 7.65 28.38 -25.15
C GLN C 290 7.74 29.43 -24.05
N GLU C 291 6.74 29.50 -23.18
CA GLU C 291 6.74 30.53 -22.16
C GLU C 291 7.77 30.23 -21.07
N ASP C 292 7.99 28.95 -20.74
CA ASP C 292 9.09 28.60 -19.86
C ASP C 292 10.42 29.08 -20.44
N LEU C 293 10.64 28.86 -21.73
CA LEU C 293 11.90 29.24 -22.35
C LEU C 293 12.06 30.77 -22.40
N ILE C 294 10.99 31.49 -22.70
CA ILE C 294 11.05 32.95 -22.72
C ILE C 294 11.53 33.47 -21.37
N ARG C 295 10.93 32.98 -20.29
CA ARG C 295 11.29 33.44 -18.95
C ARG C 295 12.72 33.01 -18.60
N THR C 296 13.11 31.79 -18.95
CA THR C 296 14.47 31.33 -18.71
C THR C 296 15.48 32.22 -19.40
N LEU C 297 15.24 32.59 -20.65
CA LEU C 297 16.20 33.40 -21.39
C LEU C 297 16.16 34.86 -20.97
N GLU C 298 14.97 35.43 -20.74
CA GLU C 298 14.91 36.86 -20.41
C GLU C 298 15.39 37.17 -18.99
N GLN C 299 15.38 36.20 -18.07
CA GLN C 299 15.85 36.38 -16.71
C GLN C 299 15.36 37.70 -16.10
N PRO C 300 14.06 37.89 -15.97
CA PRO C 300 13.53 39.22 -15.61
C PRO C 300 13.90 39.62 -14.19
N GLN C 301 14.27 40.89 -14.04
CA GLN C 301 14.48 41.50 -12.73
C GLN C 301 13.50 42.65 -12.60
N LEU C 302 12.51 42.52 -11.70
CA LEU C 302 11.49 43.55 -11.58
C LEU C 302 12.07 44.81 -10.93
N ILE C 303 11.50 45.95 -11.29
CA ILE C 303 11.75 47.23 -10.63
C ILE C 303 10.56 47.46 -9.70
N SER C 304 10.73 47.18 -8.41
CA SER C 304 9.64 47.28 -7.43
C SER C 304 9.60 48.67 -6.79
N TYR C 305 8.47 49.37 -6.93
CA TYR C 305 8.26 50.72 -6.42
C TYR C 305 7.49 50.68 -5.10
N GLU C 306 7.66 51.72 -4.28
CA GLU C 306 7.03 51.74 -2.97
C GLU C 306 5.80 52.64 -2.87
N ASN C 307 5.83 53.82 -3.49
CA ASN C 307 4.72 54.77 -3.36
C ASN C 307 3.43 54.24 -3.98
N LEU C 308 3.37 54.22 -5.31
CA LEU C 308 2.14 53.94 -6.07
C LEU C 308 0.99 54.80 -5.55
N GLY C 309 1.19 56.11 -5.69
CA GLY C 309 0.31 57.10 -5.11
C GLY C 309 0.99 57.89 -4.02
N ASP D 1 -14.13 61.59 33.27
CA ASP D 1 -13.46 60.29 33.42
C ASP D 1 -13.88 59.61 34.73
N SER D 2 -13.74 60.32 35.84
CA SER D 2 -14.34 59.83 37.08
C SER D 2 -15.86 59.70 36.94
N SER D 3 -16.48 60.43 36.01
CA SER D 3 -17.91 60.30 35.71
C SER D 3 -18.25 59.05 34.91
N ASP D 4 -17.23 58.37 34.39
CA ASP D 4 -17.36 57.10 33.69
C ASP D 4 -17.30 55.90 34.63
N THR D 5 -16.98 56.13 35.90
CA THR D 5 -16.89 55.07 36.90
C THR D 5 -18.17 55.02 37.72
N PHE D 6 -18.31 53.93 38.48
CA PHE D 6 -19.43 53.69 39.40
C PHE D 6 -18.86 53.56 40.81
N PRO D 7 -18.79 54.65 41.57
CA PRO D 7 -18.25 54.57 42.92
C PRO D 7 -19.01 53.59 43.80
N LYS D 8 -18.27 52.95 44.69
CA LYS D 8 -18.86 52.13 45.74
C LYS D 8 -19.88 52.93 46.54
N PHE D 9 -21.03 52.34 46.81
CA PHE D 9 -22.19 53.07 47.32
C PHE D 9 -23.03 52.18 48.22
N LYS D 10 -23.46 52.74 49.36
CA LYS D 10 -24.35 52.06 50.31
C LYS D 10 -25.77 52.04 49.77
N ASN D 11 -26.22 50.87 49.35
CA ASN D 11 -27.58 50.68 48.84
C ASN D 11 -28.62 51.04 49.90
N PRO D 12 -29.49 52.03 49.64
CA PRO D 12 -30.50 52.39 50.65
C PRO D 12 -31.69 51.43 50.71
N ASN D 13 -31.94 50.64 49.66
CA ASN D 13 -33.02 49.65 49.65
C ASN D 13 -32.47 48.28 49.27
N PRO D 14 -31.71 47.65 50.16
CA PRO D 14 -31.20 46.30 49.88
C PRO D 14 -32.31 45.27 49.80
N GLN D 15 -32.17 44.34 48.86
CA GLN D 15 -33.02 43.17 48.76
C GLN D 15 -32.38 41.96 49.44
N THR D 16 -33.25 41.05 49.87
CA THR D 16 -32.84 39.79 50.49
C THR D 16 -33.16 38.67 49.52
N LEU D 17 -32.12 37.97 49.06
CA LEU D 17 -32.24 36.97 48.01
C LEU D 17 -31.78 35.63 48.55
N SER D 18 -32.41 34.57 48.05
CA SER D 18 -32.09 33.21 48.50
C SER D 18 -32.03 32.30 47.29
N TYR D 19 -30.87 31.69 47.05
CA TYR D 19 -30.68 30.79 45.92
C TYR D 19 -30.48 29.37 46.43
N THR D 20 -30.79 28.41 45.57
CA THR D 20 -30.55 26.99 45.84
C THR D 20 -29.75 26.42 44.69
N LEU D 21 -28.54 25.94 44.98
CA LEU D 21 -27.68 25.32 43.98
C LEU D 21 -27.35 23.90 44.42
N ILE D 22 -27.45 22.95 43.49
CA ILE D 22 -27.28 21.54 43.78
C ILE D 22 -26.17 21.00 42.90
N ALA D 23 -25.14 20.46 43.52
CA ALA D 23 -24.12 19.75 42.74
C ALA D 23 -24.73 18.48 42.18
N GLN D 24 -24.70 18.32 40.86
CA GLN D 24 -25.41 17.25 40.18
C GLN D 24 -24.57 16.76 39.01
N ASP D 25 -24.32 15.45 38.97
CA ASP D 25 -23.69 14.84 37.81
C ASP D 25 -24.71 14.72 36.69
N ALA D 26 -24.22 14.86 35.46
CA ALA D 26 -25.12 14.84 34.33
C ALA D 26 -24.35 14.40 33.11
N GLU D 27 -25.10 14.08 32.06
CA GLU D 27 -24.55 13.92 30.74
C GLU D 27 -25.23 14.95 29.84
N ILE D 28 -24.43 15.73 29.12
CA ILE D 28 -24.98 16.78 28.26
C ILE D 28 -24.35 16.67 26.89
N GLU D 29 -25.05 17.22 25.91
CA GLU D 29 -24.44 17.51 24.62
C GLU D 29 -23.61 18.78 24.71
N VAL D 30 -22.35 18.70 24.26
CA VAL D 30 -21.45 19.84 24.26
C VAL D 30 -21.16 20.34 22.87
N SER D 31 -21.68 19.68 21.84
CA SER D 31 -21.42 19.95 20.44
C SER D 31 -22.28 18.99 19.66
N PRO D 32 -22.64 19.29 18.42
CA PRO D 32 -23.56 18.39 17.67
C PRO D 32 -22.99 16.98 17.59
N GLY D 33 -23.74 16.04 18.18
CA GLY D 33 -23.36 14.64 18.18
C GLY D 33 -22.34 14.23 19.23
N VAL D 34 -22.07 15.07 20.23
CA VAL D 34 -21.04 14.79 21.22
C VAL D 34 -21.68 14.90 22.61
N ARG D 35 -21.88 13.77 23.27
CA ARG D 35 -22.41 13.74 24.63
C ARG D 35 -21.26 13.45 25.58
N ALA D 36 -21.30 14.07 26.76
CA ALA D 36 -20.19 13.90 27.68
C ALA D 36 -20.69 14.00 29.11
N LYS D 37 -19.97 13.36 30.01
CA LYS D 37 -20.26 13.47 31.43
C LYS D 37 -19.71 14.79 31.96
N VAL D 38 -20.51 15.47 32.79
CA VAL D 38 -20.12 16.75 33.38
C VAL D 38 -20.50 16.70 34.85
N TRP D 39 -19.86 17.59 35.61
CA TRP D 39 -20.24 17.94 36.97
C TRP D 39 -20.79 19.36 36.93
N THR D 40 -22.02 19.54 37.41
CA THR D 40 -22.72 20.81 37.27
C THR D 40 -23.22 21.33 38.60
N TYR D 41 -23.64 22.59 38.57
CA TYR D 41 -24.62 23.10 39.51
C TYR D 41 -25.93 23.19 38.75
N ASN D 42 -26.95 22.48 39.22
CA ASN D 42 -28.33 22.54 38.72
C ASN D 42 -28.46 22.07 37.27
N GLY D 43 -27.52 21.25 36.80
CA GLY D 43 -27.74 20.48 35.59
C GLY D 43 -27.31 21.07 34.26
N THR D 44 -26.64 22.23 34.23
CA THR D 44 -26.18 22.79 32.96
C THR D 44 -24.75 23.29 33.14
N VAL D 45 -24.04 23.42 32.01
CA VAL D 45 -22.74 24.06 31.96
C VAL D 45 -22.80 25.19 30.94
N PRO D 46 -22.55 26.45 31.31
CA PRO D 46 -22.29 26.94 32.67
C PRO D 46 -23.48 26.79 33.62
N ALA D 47 -23.18 26.91 34.91
CA ALA D 47 -24.15 27.02 35.99
C ALA D 47 -25.05 28.24 35.84
N PRO D 48 -26.15 28.31 36.60
CA PRO D 48 -27.05 29.48 36.50
C PRO D 48 -26.34 30.79 36.76
N THR D 49 -26.65 31.79 35.96
CA THR D 49 -26.15 33.14 36.21
C THR D 49 -26.88 33.73 37.40
N LEU D 50 -26.13 34.10 38.43
CA LEU D 50 -26.67 34.78 39.59
C LEU D 50 -26.58 36.28 39.38
N ARG D 51 -27.68 36.98 39.60
CA ARG D 51 -27.69 38.43 39.38
C ARG D 51 -28.48 39.15 40.45
N PHE D 52 -27.84 40.12 41.11
CA PHE D 52 -28.47 40.96 42.12
C PHE D 52 -27.73 42.30 42.14
N SER D 53 -28.04 43.10 43.15
CA SER D 53 -27.49 44.44 43.27
C SER D 53 -26.51 44.53 44.42
N GLU D 54 -25.53 45.42 44.24
CA GLU D 54 -24.61 45.78 45.30
C GLU D 54 -25.40 46.13 46.56
N GLY D 55 -24.96 45.59 47.68
CA GLY D 55 -25.64 45.80 48.95
C GLY D 55 -26.72 44.80 49.28
N ASP D 56 -27.16 43.98 48.32
CA ASP D 56 -28.18 43.00 48.64
C ASP D 56 -27.64 41.94 49.59
N ASP D 57 -28.55 41.31 50.32
CA ASP D 57 -28.25 40.21 51.22
C ASP D 57 -28.50 38.91 50.46
N VAL D 58 -27.45 38.12 50.26
CA VAL D 58 -27.49 36.95 49.39
C VAL D 58 -27.24 35.71 50.23
N THR D 59 -28.13 34.73 50.11
CA THR D 59 -27.91 33.40 50.65
C THR D 59 -27.91 32.40 49.50
N VAL D 60 -27.00 31.42 49.57
CA VAL D 60 -26.94 30.33 48.60
C VAL D 60 -26.89 29.03 49.39
N LYS D 61 -28.02 28.35 49.49
CA LYS D 61 -28.01 26.99 50.05
C LYS D 61 -27.41 26.02 49.04
N PHE D 62 -26.29 25.41 49.39
CA PHE D 62 -25.58 24.51 48.47
C PHE D 62 -25.77 23.07 48.93
N VAL D 63 -26.22 22.21 48.04
CA VAL D 63 -26.50 20.81 48.33
C VAL D 63 -25.63 19.94 47.42
N ASN D 64 -24.86 19.04 48.01
CA ASN D 64 -23.99 18.16 47.23
C ASN D 64 -24.69 16.82 47.03
N ASP D 65 -25.21 16.57 45.82
CA ASP D 65 -25.84 15.30 45.47
C ASP D 65 -24.98 14.44 44.58
N THR D 66 -23.69 14.38 44.86
CA THR D 66 -22.72 13.60 44.10
C THR D 66 -21.80 12.87 45.07
N PRO D 67 -21.11 11.83 44.61
CA PRO D 67 -20.15 11.14 45.46
C PRO D 67 -18.77 11.79 45.53
N TYR D 68 -18.62 13.04 45.04
CA TYR D 68 -17.40 13.83 45.19
C TYR D 68 -17.61 14.92 46.22
N ALA D 69 -16.51 15.40 46.79
CA ALA D 69 -16.59 16.63 47.58
C ALA D 69 -16.57 17.83 46.65
N HIS D 70 -17.31 18.87 47.02
CA HIS D 70 -17.49 20.09 46.22
C HIS D 70 -17.63 21.28 47.14
N THR D 71 -17.40 22.49 46.59
CA THR D 71 -17.73 23.72 47.29
C THR D 71 -18.28 24.73 46.28
N ILE D 72 -18.57 25.93 46.78
CA ILE D 72 -18.78 27.10 45.93
C ILE D 72 -17.82 28.16 46.40
N HIS D 73 -16.87 28.52 45.55
CA HIS D 73 -16.05 29.69 45.76
C HIS D 73 -16.58 30.84 44.89
N PHE D 74 -16.97 31.94 45.53
CA PHE D 74 -17.41 33.15 44.85
C PHE D 74 -16.24 34.12 44.77
N HIS D 75 -16.04 34.74 43.60
CA HIS D 75 -15.13 35.88 43.55
C HIS D 75 -15.80 37.08 44.20
N GLY D 76 -14.99 37.99 44.72
CA GLY D 76 -15.47 39.18 45.41
C GLY D 76 -15.14 39.11 46.90
N THR D 77 -15.56 40.15 47.62
CA THR D 77 -15.21 40.29 49.03
C THR D 77 -16.13 39.49 49.95
N HIS D 78 -15.54 38.67 50.84
CA HIS D 78 -16.31 37.98 51.89
C HIS D 78 -15.34 37.38 52.89
N ASP D 79 -15.88 36.71 53.90
CA ASP D 79 -15.04 36.21 54.98
C ASP D 79 -14.69 34.74 54.71
N SER D 80 -13.89 34.17 55.60
CA SER D 80 -13.35 32.84 55.36
C SER D 80 -14.45 31.77 55.37
N ALA D 81 -15.41 31.88 56.30
CA ALA D 81 -16.48 30.88 56.31
C ALA D 81 -17.27 30.89 55.02
N ASN D 82 -17.21 31.96 54.23
CA ASN D 82 -17.93 32.03 52.97
C ASN D 82 -17.04 32.05 51.74
N ASP D 83 -15.81 31.52 51.85
CA ASP D 83 -14.84 31.57 50.76
C ASP D 83 -14.79 30.28 49.96
N GLY D 84 -15.46 29.22 50.41
CA GLY D 84 -15.53 28.00 49.63
C GLY D 84 -14.25 27.18 49.57
N VAL D 85 -13.38 27.32 50.55
CA VAL D 85 -12.26 26.40 50.71
C VAL D 85 -12.43 25.54 51.95
N PHE D 86 -12.73 26.19 53.07
CA PHE D 86 -13.03 25.52 54.33
C PHE D 86 -14.48 25.79 54.67
N PRO D 87 -15.35 24.79 54.83
CA PRO D 87 -15.07 23.36 54.66
C PRO D 87 -15.40 22.83 53.25
N MET D 88 -14.80 21.69 52.94
CA MET D 88 -15.28 20.86 51.84
C MET D 88 -16.70 20.40 52.18
N ILE D 89 -17.59 20.32 51.19
CA ILE D 89 -18.95 19.87 51.42
C ILE D 89 -19.06 18.41 51.00
N MET D 90 -19.31 17.52 51.97
CA MET D 90 -19.21 16.09 51.68
C MET D 90 -20.45 15.59 50.93
N PRO D 91 -20.34 14.43 50.27
CA PRO D 91 -21.48 13.86 49.56
C PRO D 91 -22.74 13.82 50.44
N GLY D 92 -23.85 14.24 49.85
CA GLY D 92 -25.11 14.33 50.59
C GLY D 92 -25.18 15.40 51.66
N GLU D 93 -24.15 16.24 51.83
CA GLU D 93 -24.20 17.30 52.82
C GLU D 93 -24.65 18.62 52.19
N GLU D 94 -24.85 19.62 53.06
CA GLU D 94 -25.38 20.90 52.62
C GLU D 94 -24.64 22.01 53.34
N TYR D 95 -24.54 23.17 52.70
CA TYR D 95 -23.90 24.31 53.32
C TYR D 95 -24.61 25.58 52.87
N THR D 96 -24.78 26.50 53.78
CA THR D 96 -25.46 27.74 53.45
C THR D 96 -24.44 28.87 53.40
N TYR D 97 -24.12 29.31 52.19
CA TYR D 97 -23.27 30.49 52.01
C TYR D 97 -24.12 31.73 52.20
N HIS D 98 -23.57 32.73 52.90
CA HIS D 98 -24.32 33.95 53.15
C HIS D 98 -23.36 35.14 53.09
N PHE D 99 -23.74 36.17 52.34
CA PHE D 99 -22.90 37.36 52.32
C PHE D 99 -23.71 38.56 51.83
N VAL D 100 -23.29 39.74 52.28
CA VAL D 100 -23.79 40.99 51.73
C VAL D 100 -22.90 41.35 50.54
N ALA D 101 -23.53 41.68 49.42
CA ALA D 101 -22.78 41.99 48.21
C ALA D 101 -21.99 43.26 48.45
N GLU D 102 -20.67 43.13 48.57
CA GLU D 102 -19.87 44.24 49.07
C GLU D 102 -19.47 45.21 47.98
N GLU D 103 -19.41 44.76 46.72
CA GLU D 103 -19.09 45.67 45.64
C GLU D 103 -19.79 45.19 44.37
N ALA D 104 -20.15 46.15 43.53
CA ALA D 104 -20.69 45.86 42.21
C ALA D 104 -19.59 45.33 41.30
N GLY D 105 -20.00 44.74 40.18
CA GLY D 105 -19.03 44.25 39.24
C GLY D 105 -19.48 42.95 38.61
N LEU D 106 -18.62 42.40 37.76
CA LEU D 106 -18.89 41.12 37.11
C LEU D 106 -17.93 40.12 37.73
N PHE D 107 -18.50 39.08 38.33
CA PHE D 107 -17.71 38.09 39.04
C PHE D 107 -18.06 36.70 38.52
N MET D 108 -17.52 35.68 39.17
CA MET D 108 -17.77 34.30 38.79
C MET D 108 -17.86 33.51 40.08
N TYR D 109 -18.40 32.30 39.96
CA TYR D 109 -18.33 31.33 41.04
C TYR D 109 -17.97 29.99 40.43
N HIS D 110 -17.26 29.17 41.20
CA HIS D 110 -16.86 27.87 40.70
C HIS D 110 -16.47 26.98 41.87
N CYS D 111 -16.45 25.68 41.62
CA CYS D 111 -16.07 24.77 42.69
C CYS D 111 -14.60 25.00 43.04
N HIS D 112 -14.27 24.81 44.32
CA HIS D 112 -12.86 24.89 44.72
C HIS D 112 -12.36 23.61 45.38
N ALA D 113 -13.05 22.48 45.16
CA ALA D 113 -12.48 21.19 45.55
C ALA D 113 -11.17 20.94 44.80
N PHE D 114 -10.40 19.94 45.26
CA PHE D 114 -9.05 19.72 44.75
C PHE D 114 -8.95 18.40 44.02
N PRO D 115 -8.33 18.33 42.84
CA PRO D 115 -7.69 19.47 42.16
C PRO D 115 -8.72 20.37 41.45
N THR D 116 -8.66 21.67 41.72
CA THR D 116 -9.68 22.60 41.24
C THR D 116 -9.78 22.58 39.72
N SER D 117 -8.64 22.45 39.03
CA SER D 117 -8.68 22.43 37.56
C SER D 117 -9.60 21.33 37.05
N GLU D 118 -9.60 20.16 37.71
CA GLU D 118 -10.49 19.09 37.30
C GLU D 118 -11.95 19.49 37.47
N HIS D 119 -12.29 20.08 38.62
CA HIS D 119 -13.68 20.39 38.89
C HIS D 119 -14.20 21.48 37.97
N VAL D 120 -13.34 22.42 37.61
CA VAL D 120 -13.73 23.46 36.66
C VAL D 120 -13.84 22.87 35.25
N ARG D 121 -12.90 22.00 34.87
CA ARG D 121 -12.98 21.40 33.54
C ARG D 121 -14.24 20.56 33.37
N MET D 122 -14.72 19.90 34.42
CA MET D 122 -15.94 19.11 34.29
C MET D 122 -17.21 19.94 34.31
N GLY D 123 -17.13 21.23 34.58
CA GLY D 123 -18.23 22.15 34.34
C GLY D 123 -18.76 22.91 35.53
N MET D 124 -18.10 22.87 36.70
CA MET D 124 -18.63 23.57 37.88
C MET D 124 -18.18 25.03 37.93
N PHE D 125 -18.83 25.85 37.11
CA PHE D 125 -18.55 27.29 37.11
C PHE D 125 -19.79 28.02 36.63
N GLY D 126 -19.96 29.23 37.15
CA GLY D 126 -21.01 30.10 36.65
C GLY D 126 -20.66 31.56 36.84
N THR D 127 -21.61 32.40 36.44
CA THR D 127 -21.46 33.85 36.35
C THR D 127 -22.25 34.51 37.47
N MET D 128 -21.70 35.59 38.02
CA MET D 128 -22.36 36.36 39.07
C MET D 128 -22.27 37.83 38.70
N ILE D 129 -23.39 38.43 38.33
CA ILE D 129 -23.50 39.83 37.92
C ILE D 129 -24.02 40.64 39.09
N ILE D 130 -23.22 41.58 39.58
CA ILE D 130 -23.62 42.41 40.71
C ILE D 130 -23.80 43.84 40.19
N ASP D 131 -25.03 44.27 40.06
CA ASP D 131 -25.29 45.55 39.45
C ASP D 131 -24.98 46.70 40.42
N PRO D 132 -24.51 47.83 39.90
CA PRO D 132 -24.13 48.93 40.80
C PRO D 132 -25.36 49.59 41.42
N ALA D 133 -25.22 49.96 42.69
CA ALA D 133 -26.30 50.64 43.40
C ALA D 133 -26.29 52.15 43.20
N ILE D 134 -25.12 52.76 42.92
CA ILE D 134 -25.07 54.22 42.87
C ILE D 134 -25.90 54.75 41.71
N ARG D 135 -25.95 54.03 40.59
CA ARG D 135 -26.80 54.35 39.46
C ARG D 135 -26.76 53.17 38.52
N PRO D 136 -27.78 52.93 37.71
CA PRO D 136 -27.71 51.82 36.76
C PRO D 136 -26.68 52.07 35.67
N MET D 137 -26.14 50.98 35.13
CA MET D 137 -25.31 51.07 33.94
C MET D 137 -26.17 51.69 32.83
N ASP D 138 -25.53 52.26 31.81
CA ASP D 138 -26.29 52.88 30.73
C ASP D 138 -27.24 51.85 30.13
N PRO D 139 -28.46 52.25 29.77
CA PRO D 139 -29.42 51.30 29.19
C PRO D 139 -28.85 50.60 27.96
N ALA D 140 -28.96 49.27 27.95
CA ALA D 140 -28.32 48.43 26.94
C ALA D 140 -29.01 47.08 26.89
N ARG D 141 -28.86 46.40 25.74
CA ARG D 141 -29.22 44.99 25.66
C ARG D 141 -28.06 44.15 26.17
N GLU D 142 -28.35 43.21 27.08
CA GLU D 142 -27.34 42.53 27.88
C GLU D 142 -27.28 41.03 27.59
N TYR D 143 -26.04 40.53 27.42
CA TYR D 143 -25.73 39.11 27.29
C TYR D 143 -24.59 38.75 28.23
N PHE D 144 -24.51 37.47 28.63
CA PHE D 144 -23.34 36.94 29.34
C PHE D 144 -22.71 35.82 28.53
N PHE D 145 -21.39 35.68 28.69
CA PHE D 145 -20.60 34.67 27.98
C PHE D 145 -19.50 34.15 28.90
N THR D 146 -19.50 32.84 29.14
CA THR D 146 -18.35 32.19 29.75
C THR D 146 -17.46 31.63 28.65
N LEU D 147 -16.14 31.74 28.86
CA LEU D 147 -15.12 31.29 27.93
C LEU D 147 -14.38 30.14 28.62
N SER D 148 -14.56 28.91 28.14
CA SER D 148 -14.04 27.77 28.87
C SER D 148 -13.28 26.83 27.94
N GLU D 149 -12.75 25.75 28.54
CA GLU D 149 -11.99 24.71 27.87
C GLU D 149 -12.70 23.39 28.19
N PHE D 150 -13.00 22.59 27.18
CA PHE D 150 -13.70 21.33 27.47
C PHE D 150 -13.26 20.21 26.54
N ASP D 151 -12.91 19.06 27.11
CA ASP D 151 -12.52 17.90 26.32
C ASP D 151 -13.31 16.67 26.81
N PRO D 152 -14.10 16.04 25.96
CA PRO D 152 -14.96 14.94 26.43
C PRO D 152 -14.23 13.61 26.62
N ASN D 153 -13.00 13.47 26.13
CA ASN D 153 -12.28 12.21 26.26
C ASN D 153 -11.26 12.22 27.38
N ASN D 154 -10.61 13.37 27.64
CA ASN D 154 -9.68 13.48 28.76
C ASN D 154 -9.86 14.89 29.32
N ALA D 155 -10.41 14.96 30.54
CA ALA D 155 -10.82 16.23 31.11
C ALA D 155 -9.64 17.19 31.28
N LEU D 156 -8.46 16.66 31.55
CA LEU D 156 -7.31 17.47 31.93
C LEU D 156 -6.33 17.69 30.78
N GLU D 157 -6.71 17.31 29.56
CA GLU D 157 -5.93 17.60 28.37
C GLU D 157 -5.49 19.07 28.35
N HIS D 158 -4.20 19.33 28.14
CA HIS D 158 -3.72 20.71 28.09
C HIS D 158 -4.42 21.48 26.96
N PHE D 159 -4.46 20.89 25.77
CA PHE D 159 -5.12 21.47 24.61
C PHE D 159 -6.41 20.69 24.37
N THR D 160 -7.55 21.33 24.66
CA THR D 160 -8.84 20.64 24.67
C THR D 160 -9.47 20.59 23.28
N GLU D 161 -10.37 19.62 23.09
CA GLU D 161 -11.08 19.55 21.81
C GLU D 161 -11.92 20.79 21.56
N PHE D 162 -12.52 21.33 22.62
CA PHE D 162 -13.43 22.45 22.45
C PHE D 162 -13.04 23.61 23.35
N TYR D 163 -13.44 24.80 22.92
CA TYR D 163 -13.34 26.04 23.71
C TYR D 163 -14.71 26.71 23.67
N PRO D 164 -15.70 26.18 24.41
CA PRO D 164 -17.07 26.67 24.29
C PRO D 164 -17.26 28.10 24.79
N ILE D 165 -18.17 28.81 24.14
CA ILE D 165 -18.82 29.99 24.68
C ILE D 165 -20.14 29.52 25.29
N ASN D 166 -20.25 29.65 26.61
CA ASN D 166 -21.43 29.21 27.34
C ASN D 166 -21.70 27.72 27.19
N GLY D 167 -20.64 26.93 27.34
CA GLY D 167 -20.77 25.47 27.48
C GLY D 167 -20.91 24.62 26.23
N TYR D 168 -21.74 25.06 25.29
CA TYR D 168 -22.06 24.30 24.08
C TYR D 168 -21.32 24.92 22.90
N ALA D 169 -20.34 24.19 22.36
CA ALA D 169 -19.46 24.71 21.31
C ALA D 169 -20.25 25.17 20.08
N GLY D 170 -20.01 26.40 19.63
CA GLY D 170 -20.61 26.88 18.40
C GLY D 170 -22.09 27.21 18.44
N GLN D 171 -22.72 27.27 19.64
CA GLN D 171 -24.19 27.40 19.66
C GLN D 171 -24.67 28.71 19.04
N TYR D 172 -23.85 29.77 19.07
CA TYR D 172 -24.27 31.06 18.53
C TYR D 172 -23.90 31.24 17.06
N MET D 173 -23.36 30.21 16.39
CA MET D 173 -23.32 30.21 14.92
C MET D 173 -24.72 30.00 14.32
N ASP D 174 -25.44 28.99 14.81
CA ASP D 174 -26.81 28.72 14.35
C ASP D 174 -27.85 29.57 15.05
N ASN D 175 -27.51 30.14 16.20
CA ASN D 175 -28.43 30.95 17.01
C ASN D 175 -27.77 32.28 17.29
N PRO D 176 -27.78 33.21 16.31
CA PRO D 176 -26.98 34.43 16.44
C PRO D 176 -27.34 35.25 17.67
N ILE D 177 -26.35 36.00 18.15
CA ILE D 177 -26.57 37.00 19.18
C ILE D 177 -27.17 38.23 18.50
N ARG D 178 -28.41 38.56 18.87
CA ARG D 178 -29.15 39.62 18.19
C ARG D 178 -28.96 40.94 18.92
N VAL D 179 -28.61 41.96 18.15
CA VAL D 179 -28.42 43.32 18.64
C VAL D 179 -29.17 44.25 17.70
N VAL D 180 -29.32 45.50 18.13
CA VAL D 180 -30.17 46.44 17.40
C VAL D 180 -29.33 47.62 16.97
N SER D 181 -29.40 47.95 15.68
CA SER D 181 -28.72 49.10 15.12
C SER D 181 -28.88 50.32 16.02
N GLY D 182 -27.75 50.86 16.47
CA GLY D 182 -27.75 52.09 17.23
C GLY D 182 -28.05 51.95 18.71
N GLU D 183 -28.30 50.74 19.20
CA GLU D 183 -28.62 50.53 20.61
C GLU D 183 -27.37 50.01 21.31
N LEU D 184 -27.08 50.55 22.50
CA LEU D 184 -25.96 50.04 23.27
C LEU D 184 -26.15 48.56 23.60
N THR D 185 -25.07 47.80 23.51
CA THR D 185 -25.06 46.39 23.86
C THR D 185 -23.99 46.16 24.91
N ARG D 186 -24.26 45.30 25.89
CA ARG D 186 -23.35 45.07 26.99
C ARG D 186 -23.14 43.58 27.16
N PHE D 187 -21.88 43.15 27.10
CA PHE D 187 -21.48 41.75 27.23
C PHE D 187 -20.81 41.57 28.59
N TYR D 188 -21.25 40.57 29.35
CA TYR D 188 -20.64 40.25 30.63
C TYR D 188 -19.80 38.99 30.42
N VAL D 189 -18.49 39.16 30.23
CA VAL D 189 -17.63 38.05 29.77
C VAL D 189 -16.75 37.52 30.89
N VAL D 190 -16.76 36.18 31.06
CA VAL D 190 -16.09 35.48 32.14
C VAL D 190 -15.05 34.54 31.52
N GLY D 191 -13.78 34.69 31.92
CA GLY D 191 -12.72 33.81 31.46
C GLY D 191 -12.48 32.71 32.47
N ILE D 192 -12.69 31.46 32.06
CA ILE D 192 -12.61 30.40 33.05
C ILE D 192 -12.03 29.13 32.43
N GLY D 193 -10.92 29.28 31.71
CA GLY D 193 -10.09 28.15 31.33
C GLY D 193 -9.00 27.94 32.36
N GLY D 194 -8.04 27.06 31.98
CA GLY D 194 -6.92 26.76 32.87
C GLY D 194 -5.56 26.82 32.22
N VAL D 195 -5.52 26.85 30.89
CA VAL D 195 -4.23 26.80 30.21
C VAL D 195 -4.00 28.08 29.44
N LEU D 196 -4.72 28.27 28.32
CA LEU D 196 -4.52 29.44 27.46
C LEU D 196 -5.35 30.63 27.95
N GLN D 197 -4.90 31.84 27.61
CA GLN D 197 -5.69 33.04 27.89
C GLN D 197 -6.59 33.36 26.71
N SER D 198 -7.49 34.31 26.90
CA SER D 198 -8.58 34.56 25.95
C SER D 198 -8.56 35.99 25.44
N PRO D 199 -7.98 36.26 24.26
CA PRO D 199 -8.15 37.59 23.65
C PRO D 199 -9.54 37.70 23.04
N PHE D 200 -10.42 38.41 23.73
CA PHE D 200 -11.80 38.52 23.28
C PHE D 200 -11.91 39.62 22.23
N HIS D 201 -12.44 39.28 21.06
CA HIS D 201 -12.48 40.19 19.93
C HIS D 201 -13.89 40.25 19.33
N VAL D 202 -14.35 41.46 19.04
CA VAL D 202 -15.63 41.66 18.38
C VAL D 202 -15.37 42.34 17.04
N HIS D 203 -16.06 41.88 15.99
CA HIS D 203 -15.90 42.49 14.67
C HIS D 203 -16.57 43.86 14.55
N SER D 204 -15.92 44.71 13.74
CA SER D 204 -16.50 45.91 13.11
C SER D 204 -16.87 47.01 14.10
N THR D 205 -16.35 46.98 15.31
CA THR D 205 -16.60 48.11 16.20
C THR D 205 -15.59 48.05 17.33
N ILE D 206 -15.41 49.17 18.00
CA ILE D 206 -14.42 49.30 19.07
C ILE D 206 -15.14 49.11 20.40
N MET D 207 -14.60 48.24 21.25
CA MET D 207 -15.24 48.03 22.54
C MET D 207 -14.83 49.07 23.57
N LYS D 208 -15.76 49.38 24.46
CA LYS D 208 -15.45 50.02 25.73
C LYS D 208 -15.42 48.94 26.81
N VAL D 209 -14.35 48.90 27.59
CA VAL D 209 -14.07 47.76 28.46
C VAL D 209 -13.83 48.24 29.89
N TYR D 210 -14.56 47.66 30.85
CA TYR D 210 -14.24 47.83 32.26
C TYR D 210 -13.27 46.73 32.68
N PRO D 211 -11.99 47.03 32.95
CA PRO D 211 -11.04 45.97 33.25
C PRO D 211 -11.40 45.20 34.52
N SER D 212 -11.19 43.89 34.48
CA SER D 212 -11.46 42.97 35.57
C SER D 212 -12.93 42.98 35.98
N GLY D 213 -13.80 43.58 35.17
CA GLY D 213 -15.21 43.65 35.52
C GLY D 213 -15.49 44.45 36.76
N ILE D 214 -14.58 45.35 37.14
CA ILE D 214 -14.74 46.20 38.32
C ILE D 214 -15.15 47.60 37.85
N LEU D 215 -16.36 48.01 38.25
CA LEU D 215 -16.93 49.27 37.81
C LEU D 215 -16.31 50.50 38.46
N TRP D 216 -15.49 50.32 39.52
CA TRP D 216 -14.76 51.46 40.07
C TRP D 216 -13.74 51.99 39.08
N ASN D 217 -13.38 51.18 38.09
CA ASN D 217 -12.32 51.52 37.17
C ASN D 217 -12.82 52.47 36.10
N GLU D 218 -11.93 53.35 35.64
CA GLU D 218 -12.19 54.02 34.39
C GLU D 218 -12.10 52.99 33.28
N PRO D 219 -13.06 52.94 32.37
CA PRO D 219 -12.96 52.01 31.25
C PRO D 219 -11.96 52.51 30.20
N TYR D 220 -11.65 51.64 29.24
CA TYR D 220 -10.75 51.99 28.16
C TYR D 220 -11.29 51.36 26.88
N TYR D 221 -10.74 51.78 25.74
CA TYR D 221 -11.24 51.35 24.44
C TYR D 221 -10.31 50.31 23.82
N ALA D 222 -10.90 49.27 23.24
CA ALA D 222 -10.07 48.19 22.71
C ALA D 222 -10.71 47.59 21.47
N GLN D 223 -9.86 47.17 20.52
CA GLN D 223 -10.34 46.27 19.46
C GLN D 223 -10.35 44.81 19.92
N THR D 224 -9.51 44.48 20.88
CA THR D 224 -9.37 43.12 21.40
C THR D 224 -8.96 43.26 22.86
N HIS D 225 -9.54 42.47 23.74
CA HIS D 225 -9.23 42.62 25.16
C HIS D 225 -8.86 41.27 25.76
N LEU D 226 -7.66 41.18 26.31
CA LEU D 226 -7.15 39.94 26.91
C LEU D 226 -7.84 39.66 28.23
N ILE D 227 -8.54 38.53 28.32
CA ILE D 227 -9.22 38.14 29.54
C ILE D 227 -8.44 36.97 30.12
N GLY D 228 -7.79 37.19 31.26
CA GLY D 228 -7.09 36.10 31.89
C GLY D 228 -8.07 35.14 32.53
N ASN D 229 -7.63 33.90 32.68
CA ASN D 229 -8.43 32.91 33.37
C ASN D 229 -8.67 33.33 34.81
N GLY D 230 -9.90 33.19 35.29
CA GLY D 230 -10.20 33.74 36.58
C GLY D 230 -10.47 35.23 36.57
N ASP D 231 -10.49 35.86 35.41
CA ASP D 231 -10.79 37.28 35.32
C ASP D 231 -12.10 37.44 34.56
N THR D 232 -12.65 38.66 34.54
CA THR D 232 -13.85 38.96 33.76
C THR D 232 -13.68 40.32 33.10
N ALA D 233 -14.62 40.67 32.23
CA ALA D 233 -14.65 41.99 31.62
C ALA D 233 -16.08 42.38 31.28
N ILE D 234 -16.45 43.61 31.61
CA ILE D 234 -17.74 44.15 31.17
C ILE D 234 -17.46 44.98 29.92
N ILE D 235 -18.10 44.62 28.83
CA ILE D 235 -17.80 45.15 27.51
C ILE D 235 -19.05 45.81 26.96
N GLU D 236 -18.90 47.00 26.39
CA GLU D 236 -20.02 47.70 25.75
C GLU D 236 -19.65 48.08 24.32
N ALA D 237 -20.63 47.99 23.44
CA ALA D 237 -20.42 48.24 22.02
C ALA D 237 -21.76 48.58 21.37
N THR D 238 -21.67 49.27 20.24
CA THR D 238 -22.82 49.66 19.42
C THR D 238 -22.48 49.40 17.97
N TRP D 239 -23.31 48.59 17.30
CA TRP D 239 -23.23 48.42 15.86
C TRP D 239 -24.27 49.34 15.22
N THR D 240 -23.93 49.92 14.08
CA THR D 240 -24.85 50.87 13.46
C THR D 240 -25.40 50.42 12.11
N GLN D 241 -24.85 49.39 11.49
CA GLN D 241 -25.29 48.96 10.16
C GLN D 241 -25.85 47.55 10.22
N PRO D 242 -27.12 47.33 9.88
CA PRO D 242 -27.71 45.98 9.98
C PRO D 242 -26.99 44.98 9.07
N GLY D 243 -26.93 43.73 9.52
CA GLY D 243 -26.29 42.66 8.81
C GLY D 243 -25.61 41.74 9.81
N MET D 244 -24.77 40.82 9.31
CA MET D 244 -24.16 39.80 10.14
C MET D 244 -22.70 40.13 10.44
N TYR D 245 -22.29 39.90 11.68
CA TYR D 245 -20.90 40.08 12.10
C TYR D 245 -20.51 38.88 12.96
N LEU D 246 -19.34 38.95 13.61
CA LEU D 246 -18.85 37.86 14.44
C LEU D 246 -18.25 38.40 15.73
N PHE D 247 -18.18 37.53 16.73
CA PHE D 247 -17.19 37.72 17.78
C PHE D 247 -16.66 36.35 18.18
N HIS D 248 -15.48 36.34 18.80
CA HIS D 248 -14.80 35.08 19.07
C HIS D 248 -13.59 35.39 19.95
N VAL D 249 -13.09 34.36 20.62
CA VAL D 249 -11.72 34.43 21.13
C VAL D 249 -10.77 34.40 19.93
N HIS D 250 -9.76 35.25 19.93
CA HIS D 250 -8.83 35.33 18.82
C HIS D 250 -7.72 34.31 19.04
N GLY D 251 -7.72 33.23 18.27
CA GLY D 251 -6.72 32.17 18.42
C GLY D 251 -7.32 30.84 18.00
N ILE D 252 -6.59 29.75 18.27
CA ILE D 252 -7.09 28.43 17.86
C ILE D 252 -8.46 28.10 18.47
N GLN D 253 -8.82 28.76 19.58
CA GLN D 253 -10.16 28.58 20.15
C GLN D 253 -11.26 28.84 19.12
N GLU D 254 -11.03 29.75 18.16
CA GLU D 254 -12.17 30.20 17.36
C GLU D 254 -12.68 29.12 16.43
N GLU D 255 -11.87 28.11 16.11
CA GLU D 255 -12.30 27.01 15.26
C GLU D 255 -12.77 25.82 16.07
N ARG D 256 -12.75 25.93 17.38
CA ARG D 256 -13.07 24.82 18.26
C ARG D 256 -14.25 25.16 19.14
N GLY D 257 -15.11 26.06 18.68
CA GLY D 257 -16.34 26.39 19.38
C GLY D 257 -16.41 27.82 19.90
N SER D 258 -15.32 28.58 19.88
CA SER D 258 -15.33 29.92 20.44
C SER D 258 -15.60 30.95 19.35
N MET D 259 -16.76 30.84 18.73
CA MET D 259 -17.14 31.82 17.73
C MET D 259 -18.64 31.99 17.76
N ALA D 260 -19.09 33.22 17.55
CA ALA D 260 -20.50 33.57 17.65
C ALA D 260 -20.86 34.48 16.49
N MET D 261 -22.05 34.27 15.93
CA MET D 261 -22.65 35.18 14.97
C MET D 261 -23.30 36.34 15.71
N ILE D 262 -23.11 37.56 15.20
CA ILE D 262 -23.88 38.71 15.63
C ILE D 262 -24.81 39.11 14.51
N GLU D 263 -26.09 39.19 14.81
CA GLU D 263 -27.08 39.68 13.86
C GLU D 263 -27.54 41.05 14.33
N VAL D 264 -27.18 42.09 13.56
CA VAL D 264 -27.60 43.46 13.87
C VAL D 264 -28.95 43.70 13.23
N LEU D 265 -29.97 43.96 14.04
CA LEU D 265 -31.33 44.15 13.54
C LEU D 265 -31.61 45.63 13.29
N GLU D 266 -32.62 45.88 12.46
CA GLU D 266 -32.99 47.25 12.14
C GLU D 266 -33.73 47.91 13.30
N ASP D 267 -34.42 47.12 14.11
CA ASP D 267 -35.10 47.63 15.30
C ASP D 267 -35.30 46.45 16.26
N ALA D 268 -35.81 46.77 17.46
CA ALA D 268 -35.93 45.78 18.54
C ALA D 268 -37.24 45.00 18.53
N SER D 269 -38.11 45.19 17.54
CA SER D 269 -39.48 44.68 17.63
C SER D 269 -39.53 43.15 17.72
N SER D 270 -38.64 42.45 17.02
CA SER D 270 -38.71 40.99 17.05
C SER D 270 -38.20 40.38 18.35
N LEU D 271 -37.68 41.19 19.27
CA LEU D 271 -37.11 40.73 20.53
C LEU D 271 -37.99 41.02 21.72
N SER D 272 -39.19 41.58 21.52
CA SER D 272 -39.98 42.08 22.64
C SER D 272 -40.47 40.96 23.55
N ASP D 273 -40.81 39.80 23.00
CA ASP D 273 -41.20 38.70 23.89
C ASP D 273 -40.03 37.89 24.41
N VAL D 274 -38.81 38.07 23.92
CA VAL D 274 -37.72 37.23 24.40
C VAL D 274 -36.94 37.96 25.50
N GLN D 275 -36.81 39.28 25.36
CA GLN D 275 -36.06 40.07 26.31
C GLN D 275 -36.81 40.16 27.64
N ARG D 276 -36.08 40.51 28.69
CA ARG D 276 -36.71 40.75 29.98
C ARG D 276 -36.18 42.04 30.59
N PRO D 277 -37.02 42.77 31.34
CA PRO D 277 -36.53 43.94 32.08
C PRO D 277 -35.34 43.55 32.96
N SER D 278 -34.26 44.31 32.83
CA SER D 278 -33.01 43.99 33.50
C SER D 278 -32.98 44.57 34.90
N ASN D 279 -32.24 43.89 35.78
CA ASN D 279 -31.93 44.45 37.10
C ASN D 279 -31.13 45.74 37.00
N ASN D 280 -30.47 46.00 35.88
CA ASN D 280 -30.03 47.36 35.53
C ASN D 280 -31.25 48.10 35.01
N LYS D 281 -31.80 49.02 35.80
CA LYS D 281 -33.04 49.68 35.41
C LYS D 281 -32.91 50.38 34.08
N GLY D 282 -33.80 50.06 33.15
CA GLY D 282 -33.76 50.62 31.82
C GLY D 282 -33.11 49.73 30.79
N SER D 283 -32.40 48.68 31.22
CA SER D 283 -31.77 47.77 30.27
C SER D 283 -32.70 46.60 29.94
N TYR D 284 -32.31 45.88 28.88
CA TYR D 284 -33.04 44.71 28.36
C TYR D 284 -32.14 43.50 28.46
N SER D 285 -32.54 42.52 29.27
CA SER D 285 -31.71 41.34 29.51
C SER D 285 -32.10 40.23 28.54
N MET D 286 -31.12 39.66 27.85
CA MET D 286 -31.32 38.40 27.15
C MET D 286 -30.65 37.21 27.83
N VAL D 287 -30.32 37.33 29.11
CA VAL D 287 -29.76 36.21 29.84
C VAL D 287 -30.74 35.04 29.84
N GLU D 288 -32.03 35.31 30.08
CA GLU D 288 -33.00 34.22 30.15
C GLU D 288 -33.10 33.50 28.81
N TRP D 289 -33.18 34.24 27.69
CA TRP D 289 -33.09 33.62 26.37
C TRP D 289 -31.85 32.72 26.25
N GLN D 290 -30.70 33.18 26.74
CA GLN D 290 -29.47 32.40 26.55
C GLN D 290 -29.53 31.11 27.36
N GLU D 291 -30.05 31.19 28.58
CA GLU D 291 -30.06 30.03 29.46
C GLU D 291 -31.12 29.03 29.04
N ASP D 292 -32.22 29.48 28.47
CA ASP D 292 -33.17 28.54 27.86
C ASP D 292 -32.52 27.79 26.72
N LEU D 293 -31.73 28.48 25.90
CA LEU D 293 -31.09 27.82 24.77
C LEU D 293 -29.96 26.89 25.22
N ILE D 294 -29.22 27.25 26.27
CA ILE D 294 -28.21 26.33 26.82
C ILE D 294 -28.87 25.02 27.20
N ARG D 295 -30.01 25.09 27.87
CA ARG D 295 -30.64 23.86 28.34
C ARG D 295 -31.25 23.09 27.17
N THR D 296 -31.87 23.79 26.23
CA THR D 296 -32.41 23.11 25.04
C THR D 296 -31.31 22.36 24.30
N LEU D 297 -30.13 22.96 24.12
CA LEU D 297 -29.08 22.32 23.35
C LEU D 297 -28.38 21.24 24.15
N GLU D 298 -28.19 21.44 25.45
CA GLU D 298 -27.41 20.48 26.21
C GLU D 298 -28.23 19.22 26.55
N GLN D 299 -29.56 19.35 26.62
CA GLN D 299 -30.45 18.22 26.84
C GLN D 299 -29.97 17.38 28.02
N PRO D 300 -29.84 17.96 29.20
CA PRO D 300 -29.11 17.26 30.27
C PRO D 300 -29.87 16.04 30.79
N GLN D 301 -29.14 14.93 30.95
CA GLN D 301 -29.65 13.77 31.67
C GLN D 301 -28.98 13.76 33.03
N LEU D 302 -29.74 14.16 34.05
CA LEU D 302 -29.20 14.24 35.40
C LEU D 302 -29.12 12.84 36.02
N ILE D 303 -28.05 12.61 36.78
CA ILE D 303 -27.88 11.39 37.57
C ILE D 303 -28.13 11.77 39.03
N SER D 304 -29.14 11.16 39.65
CA SER D 304 -29.45 11.46 41.04
C SER D 304 -28.95 10.35 41.96
N TYR D 305 -28.58 10.73 43.18
CA TYR D 305 -28.18 9.79 44.22
C TYR D 305 -28.98 10.07 45.49
N GLU D 306 -29.37 9.00 46.18
CA GLU D 306 -30.02 9.22 47.47
C GLU D 306 -29.19 8.76 48.66
N ASN D 307 -28.48 7.64 48.58
CA ASN D 307 -27.60 7.18 49.67
C ASN D 307 -26.17 7.61 49.37
N LEU D 308 -25.74 8.66 50.04
CA LEU D 308 -24.38 9.18 49.94
C LEU D 308 -23.72 9.24 51.30
N GLY D 309 -24.38 8.76 52.35
CA GLY D 309 -23.75 8.68 53.65
C GLY D 309 -22.49 7.84 53.57
N GLU D 310 -21.50 8.20 54.39
CA GLU D 310 -20.24 7.50 54.32
C GLU D 310 -20.34 6.16 55.05
N SER D 311 -19.62 5.18 54.54
CA SER D 311 -19.49 3.86 55.12
C SER D 311 -18.02 3.64 55.42
N ALA D 312 -17.73 2.59 56.19
CA ALA D 312 -16.35 2.28 56.50
C ALA D 312 -15.66 1.65 55.28
N ALA D 313 -14.32 1.69 55.30
CA ALA D 313 -13.52 1.14 54.21
C ALA D 313 -13.73 -0.37 54.07
N ILE D 314 -13.54 -0.86 52.85
CA ILE D 314 -13.67 -2.28 52.52
C ILE D 314 -12.28 -2.86 52.34
N SER D 315 -11.92 -3.87 53.14
CA SER D 315 -10.64 -4.54 53.01
C SER D 315 -10.77 -5.99 53.46
N SER D 316 -9.90 -6.83 52.94
CA SER D 316 -9.85 -8.23 53.31
C SER D 316 -8.73 -8.56 54.29
N GLU D 317 -7.74 -7.66 54.42
CA GLU D 317 -6.54 -7.86 55.22
C GLU D 317 -6.34 -6.71 56.20
N LYS D 318 -5.79 -7.03 57.36
CA LYS D 318 -5.34 -6.03 58.32
C LYS D 318 -3.86 -6.28 58.58
N VAL D 319 -3.05 -5.22 58.49
CA VAL D 319 -1.59 -5.32 58.59
C VAL D 319 -1.15 -4.66 59.88
N SER D 320 -0.29 -5.34 60.64
CA SER D 320 0.29 -4.76 61.85
C SER D 320 1.49 -3.93 61.44
N ALA D 321 1.23 -2.68 61.11
CA ALA D 321 2.28 -1.73 60.76
C ALA D 321 1.86 -0.35 61.26
N ASP D 322 2.82 0.57 61.34
CA ASP D 322 2.54 1.94 61.79
C ASP D 322 2.92 2.98 60.74
N LYS D 323 3.11 2.56 59.49
CA LYS D 323 3.35 3.47 58.37
C LYS D 323 2.28 3.20 57.32
N VAL D 324 1.69 4.26 56.79
CA VAL D 324 0.68 4.15 55.73
C VAL D 324 1.06 5.11 54.61
N SER D 325 1.02 4.63 53.37
CA SER D 325 1.25 5.45 52.19
C SER D 325 -0.08 5.94 51.62
N ILE D 326 -0.16 7.24 51.37
CA ILE D 326 -1.25 7.79 50.56
C ILE D 326 -0.85 7.64 49.10
N VAL D 327 -1.57 6.78 48.38
CA VAL D 327 -1.07 6.21 47.13
C VAL D 327 -1.09 7.23 45.98
N LYS D 328 -0.15 7.06 45.05
CA LYS D 328 -0.16 7.79 43.79
C LYS D 328 -1.51 7.66 43.08
N ASP D 329 -2.02 8.79 42.60
CA ASP D 329 -3.22 8.87 41.77
C ASP D 329 -4.49 8.53 42.55
N SER D 330 -4.43 8.57 43.88
CA SER D 330 -5.63 8.29 44.65
C SER D 330 -6.68 9.38 44.50
N TRP D 331 -6.33 10.55 43.96
CA TRP D 331 -7.35 11.53 43.63
C TRP D 331 -8.25 11.05 42.48
N ASN D 332 -7.92 9.91 41.86
CA ASN D 332 -8.78 9.28 40.87
C ASN D 332 -9.52 8.14 41.54
N PRO D 333 -10.86 8.17 41.61
CA PRO D 333 -11.58 7.14 42.39
C PRO D 333 -11.47 5.72 41.83
N GLU D 334 -11.04 5.55 40.58
CA GLU D 334 -10.97 4.20 40.02
C GLU D 334 -9.72 3.44 40.45
N ILE D 335 -8.77 4.08 41.13
CA ILE D 335 -7.82 3.31 41.93
C ILE D 335 -8.49 3.06 43.27
N THR D 336 -8.61 1.79 43.66
CA THR D 336 -9.47 1.46 44.78
C THR D 336 -8.74 1.43 46.12
N GLU D 337 -7.42 1.21 46.11
CA GLU D 337 -6.62 1.21 47.34
C GLU D 337 -6.01 2.59 47.53
N SER D 338 -6.77 3.50 48.17
CA SER D 338 -6.32 4.88 48.34
C SER D 338 -5.20 4.99 49.37
N TYR D 339 -5.32 4.25 50.47
CA TYR D 339 -4.32 4.19 51.51
C TYR D 339 -3.73 2.79 51.49
N ASP D 340 -2.42 2.68 51.69
CA ASP D 340 -1.73 1.40 51.66
C ASP D 340 -0.86 1.25 52.90
N PRO D 341 -1.22 0.39 53.86
CA PRO D 341 -2.39 -0.51 53.86
C PRO D 341 -3.70 0.19 54.22
N ILE D 342 -4.83 -0.29 53.69
CA ILE D 342 -6.13 0.31 54.04
C ILE D 342 -6.41 0.12 55.52
N ALA D 343 -6.13 -1.07 56.04
CA ALA D 343 -6.45 -1.41 57.43
C ALA D 343 -5.17 -1.82 58.14
N ILE D 344 -4.90 -1.16 59.26
CA ILE D 344 -3.72 -1.44 60.07
C ILE D 344 -4.17 -1.72 61.50
N GLN D 345 -3.27 -2.39 62.22
CA GLN D 345 -3.44 -2.80 63.60
C GLN D 345 -2.21 -2.36 64.38
N VAL D 346 -2.43 -1.68 65.51
CA VAL D 346 -1.33 -1.19 66.35
C VAL D 346 -1.72 -1.35 67.81
N ASP D 347 -0.70 -1.35 68.67
CA ASP D 347 -0.91 -1.30 70.10
C ASP D 347 -1.07 0.15 70.56
N SER D 348 -1.89 0.34 71.59
CA SER D 348 -2.10 1.67 72.14
C SER D 348 -0.78 2.29 72.55
N GLY D 349 -0.60 3.56 72.20
CA GLY D 349 0.67 4.23 72.34
C GLY D 349 1.52 4.24 71.10
N THR D 350 1.02 3.74 69.97
CA THR D 350 1.77 3.69 68.74
C THR D 350 1.51 4.95 67.91
N THR D 351 2.59 5.50 67.34
CA THR D 351 2.51 6.65 66.44
C THR D 351 2.51 6.17 65.00
N VAL D 352 1.43 6.49 64.27
CA VAL D 352 1.25 6.15 62.86
C VAL D 352 1.67 7.33 62.01
N THR D 353 2.42 7.06 60.95
CA THR D 353 2.88 8.10 60.05
C THR D 353 2.34 7.82 58.65
N TRP D 354 1.65 8.81 58.07
CA TRP D 354 1.21 8.77 56.68
C TRP D 354 2.19 9.57 55.83
N THR D 355 2.46 9.06 54.64
CA THR D 355 3.24 9.78 53.64
C THR D 355 2.39 10.01 52.40
N ASN D 356 2.33 11.25 51.92
CA ASN D 356 1.60 11.54 50.69
C ASN D 356 2.52 11.23 49.52
N ASP D 357 2.43 10.01 48.98
CA ASP D 357 3.18 9.66 47.79
C ASP D 357 2.43 9.95 46.51
N ASP D 358 1.41 10.80 46.57
CA ASP D 358 0.73 11.30 45.39
C ASP D 358 1.37 12.62 44.98
N SER D 359 0.81 13.25 43.96
CA SER D 359 1.21 14.59 43.55
C SER D 359 0.14 15.63 43.83
N VAL D 360 -0.96 15.23 44.46
CA VAL D 360 -2.06 16.10 44.86
C VAL D 360 -2.08 16.16 46.38
N VAL D 361 -2.65 17.24 46.93
CA VAL D 361 -2.84 17.33 48.38
C VAL D 361 -3.90 16.32 48.84
N HIS D 362 -3.72 15.80 50.06
CA HIS D 362 -4.64 14.84 50.67
C HIS D 362 -4.75 15.15 52.15
N THR D 363 -5.71 14.50 52.81
CA THR D 363 -5.84 14.60 54.25
C THR D 363 -6.03 13.21 54.83
N VAL D 364 -5.89 13.15 56.15
CA VAL D 364 -6.22 11.98 56.97
C VAL D 364 -7.09 12.50 58.11
N THR D 365 -8.34 12.05 58.16
CA THR D 365 -9.35 12.65 59.01
C THR D 365 -10.30 11.60 59.58
N ASP D 366 -10.54 11.69 60.90
CA ASP D 366 -11.17 10.64 61.72
C ASP D 366 -12.65 10.37 61.44
N ASN D 367 -13.36 11.18 60.66
CA ASN D 367 -14.77 10.88 60.42
C ASN D 367 -15.62 11.10 61.66
N GLU D 368 -15.10 10.77 62.84
CA GLU D 368 -15.63 11.25 64.10
C GLU D 368 -14.82 12.41 64.65
N ASN D 369 -13.86 12.90 63.87
CA ASN D 369 -13.15 14.17 64.08
C ASN D 369 -12.35 14.20 65.39
N SER D 370 -11.88 13.05 65.86
CA SER D 370 -10.94 13.06 66.97
C SER D 370 -9.54 13.43 66.52
N PHE D 371 -9.19 13.16 65.25
CA PHE D 371 -7.92 13.60 64.68
C PHE D 371 -8.17 14.10 63.26
N ASP D 372 -7.28 14.99 62.80
CA ASP D 372 -7.41 15.56 61.46
C ASP D 372 -6.08 16.19 61.06
N SER D 373 -5.57 15.78 59.89
CA SER D 373 -4.25 16.24 59.46
C SER D 373 -4.28 17.63 58.83
N GLY D 374 -5.43 18.03 58.29
CA GLY D 374 -5.46 19.16 57.40
C GLY D 374 -4.79 18.78 56.09
N PHE D 375 -4.49 19.80 55.29
CA PHE D 375 -3.74 19.59 54.06
C PHE D 375 -2.42 18.88 54.35
N ILE D 376 -2.16 17.79 53.64
CA ILE D 376 -0.84 17.17 53.56
C ILE D 376 -0.38 17.36 52.13
N GLN D 377 0.61 18.22 51.89
CA GLN D 377 1.05 18.42 50.52
C GLN D 377 1.79 17.18 50.02
N ALA D 378 1.88 17.08 48.69
CA ALA D 378 2.57 15.97 48.06
C ALA D 378 3.99 15.83 48.59
N GLY D 379 4.35 14.61 49.00
CA GLY D 379 5.67 14.33 49.51
C GLY D 379 5.86 14.57 50.99
N ASN D 380 4.91 15.23 51.65
CA ASN D 380 5.00 15.49 53.09
C ASN D 380 4.39 14.33 53.90
N THR D 381 4.59 14.38 55.22
CA THR D 381 4.07 13.38 56.15
C THR D 381 3.24 14.03 57.25
N TRP D 382 2.48 13.20 57.94
CA TRP D 382 1.72 13.58 59.13
C TRP D 382 1.66 12.38 60.07
N SER D 383 1.78 12.63 61.37
CA SER D 383 1.82 11.59 62.39
C SER D 383 0.82 11.87 63.49
N TYR D 384 0.41 10.79 64.15
CA TYR D 384 -0.53 10.85 65.26
C TYR D 384 -0.28 9.66 66.17
N SER D 385 -0.20 9.89 67.48
CA SER D 385 0.02 8.81 68.43
C SER D 385 -1.33 8.39 68.98
N PHE D 386 -1.65 7.10 68.82
CA PHE D 386 -2.94 6.54 69.22
C PHE D 386 -2.77 5.89 70.59
N ASP D 387 -3.14 6.62 71.65
CA ASP D 387 -2.90 6.17 73.02
C ASP D 387 -4.10 5.46 73.63
N ASN D 388 -5.21 5.37 72.91
CA ASN D 388 -6.46 4.88 73.46
C ASN D 388 -6.95 3.71 72.64
N PRO D 389 -7.09 2.53 73.23
CA PRO D 389 -7.62 1.39 72.46
C PRO D 389 -8.98 1.70 71.86
N GLY D 390 -9.14 1.36 70.59
CA GLY D 390 -10.40 1.60 69.92
C GLY D 390 -10.29 1.29 68.44
N GLU D 391 -11.36 1.66 67.72
CA GLU D 391 -11.48 1.42 66.29
C GLU D 391 -11.81 2.73 65.59
N PHE D 392 -11.01 3.09 64.58
CA PHE D 392 -11.12 4.38 63.93
C PHE D 392 -11.28 4.21 62.43
N ASP D 393 -12.30 4.85 61.85
CA ASP D 393 -12.48 4.92 60.40
C ASP D 393 -12.10 6.32 59.95
N TYR D 394 -11.12 6.42 59.06
CA TYR D 394 -10.69 7.74 58.60
C TYR D 394 -10.88 7.87 57.09
N ILE D 395 -10.92 9.13 56.65
CA ILE D 395 -11.16 9.46 55.24
C ILE D 395 -10.25 10.62 54.86
N CYS D 396 -10.17 10.87 53.56
CA CYS D 396 -9.68 12.15 53.05
C CYS D 396 -10.89 13.08 52.87
N THR D 397 -10.86 14.24 53.53
CA THR D 397 -11.96 15.19 53.38
C THR D 397 -11.99 15.84 52.00
N LEU D 398 -10.91 15.73 51.22
CA LEU D 398 -10.93 16.24 49.85
C LEU D 398 -11.42 15.21 48.85
N HIS D 399 -11.27 13.92 49.15
CA HIS D 399 -11.60 12.85 48.23
C HIS D 399 -12.34 11.77 49.01
N PRO D 400 -13.67 11.84 49.04
CA PRO D 400 -14.46 11.01 49.97
C PRO D 400 -14.38 9.51 49.76
N TRP D 401 -14.05 9.03 48.54
CA TRP D 401 -13.84 7.60 48.32
C TRP D 401 -12.59 7.06 49.01
N MET D 402 -11.79 7.92 49.62
CA MET D 402 -10.46 7.61 50.12
C MET D 402 -10.68 7.25 51.59
N LYS D 403 -10.59 5.96 51.95
CA LYS D 403 -10.95 5.53 53.30
C LYS D 403 -9.97 4.48 53.84
N GLY D 404 -9.75 4.51 55.15
CA GLY D 404 -8.96 3.49 55.81
C GLY D 404 -9.46 3.25 57.22
N THR D 405 -8.89 2.22 57.88
CA THR D 405 -9.21 1.95 59.27
C THR D 405 -7.93 1.72 60.07
N ILE D 406 -8.01 2.04 61.35
CA ILE D 406 -6.97 1.78 62.35
C ILE D 406 -7.63 1.06 63.51
N SER D 407 -7.06 -0.10 63.90
CA SER D 407 -7.50 -0.83 65.08
C SER D 407 -6.40 -0.75 66.13
N VAL D 408 -6.72 -0.18 67.30
CA VAL D 408 -5.75 0.07 68.35
C VAL D 408 -6.01 -0.93 69.48
N ASN D 409 -5.00 -1.76 69.76
CA ASN D 409 -5.09 -2.83 70.76
C ASN D 409 -4.61 -2.34 72.12
N ASP E 1 -1.28 62.67 38.26
CA ASP E 1 -1.03 62.43 39.68
C ASP E 1 -2.00 61.48 40.28
N SER E 2 -3.27 61.69 39.95
CA SER E 2 -4.32 60.83 40.46
C SER E 2 -4.26 60.71 41.99
N SER E 3 -3.36 61.47 42.61
CA SER E 3 -3.02 61.32 44.02
C SER E 3 -2.39 59.94 44.29
N ASP E 4 -2.69 58.93 43.47
CA ASP E 4 -2.08 57.62 43.66
C ASP E 4 -0.88 57.36 42.75
N THR E 5 -0.45 58.31 41.93
CA THR E 5 0.79 58.12 41.20
C THR E 5 2.00 58.69 41.95
N PHE E 6 3.19 58.20 41.57
CA PHE E 6 4.46 58.62 42.15
C PHE E 6 5.31 59.13 40.99
N PRO E 7 5.28 60.43 40.72
CA PRO E 7 6.05 60.95 39.57
C PRO E 7 7.55 60.75 39.77
N LYS E 8 8.25 60.57 38.65
CA LYS E 8 9.71 60.59 38.65
C LYS E 8 10.24 61.80 39.40
N PHE E 9 11.23 61.58 40.26
CA PHE E 9 11.64 62.62 41.21
C PHE E 9 13.12 62.48 41.54
N LYS E 10 13.81 63.62 41.61
CA LYS E 10 15.23 63.66 42.01
C LYS E 10 15.38 63.42 43.51
N ASN E 11 15.98 62.29 43.88
CA ASN E 11 16.23 61.99 45.28
C ASN E 11 17.26 62.97 45.86
N PRO E 12 16.92 63.76 46.88
CA PRO E 12 17.92 64.67 47.46
C PRO E 12 18.93 64.01 48.35
N ASN E 13 18.70 62.77 48.80
CA ASN E 13 19.61 62.07 49.70
C ASN E 13 19.99 60.70 49.14
N PRO E 14 20.58 60.67 47.94
CA PRO E 14 20.89 59.36 47.34
C PRO E 14 21.93 58.62 48.16
N GLN E 15 21.83 57.30 48.14
CA GLN E 15 22.80 56.42 48.77
C GLN E 15 23.62 55.69 47.72
N THR E 16 24.86 55.40 48.10
CA THR E 16 25.77 54.59 47.30
C THR E 16 25.80 53.18 47.89
N LEU E 17 25.42 52.19 47.09
CA LEU E 17 25.28 50.83 47.57
C LEU E 17 26.07 49.89 46.67
N SER E 18 26.43 48.74 47.23
CA SER E 18 27.12 47.72 46.46
C SER E 18 26.63 46.34 46.88
N TYR E 19 26.66 45.42 45.93
CA TYR E 19 26.28 44.02 46.12
C TYR E 19 27.28 43.13 45.43
N THR E 20 27.41 41.90 45.91
CA THR E 20 28.19 40.85 45.25
C THR E 20 27.26 39.68 44.95
N LEU E 21 27.10 39.35 43.66
CA LEU E 21 26.29 38.21 43.24
C LEU E 21 27.20 37.22 42.54
N ILE E 22 27.14 35.96 42.94
CA ILE E 22 28.02 34.93 42.40
C ILE E 22 27.16 33.93 41.65
N ALA E 23 27.45 33.70 40.38
CA ALA E 23 26.78 32.60 39.71
C ALA E 23 27.33 31.29 40.26
N GLN E 24 26.45 30.47 40.83
CA GLN E 24 26.85 29.27 41.54
C GLN E 24 25.91 28.13 41.16
N ASP E 25 26.48 26.97 40.87
CA ASP E 25 25.69 25.76 40.71
C ASP E 25 25.39 25.17 42.09
N ALA E 26 24.25 24.48 42.20
CA ALA E 26 23.86 23.89 43.48
C ALA E 26 22.82 22.79 43.25
N GLU E 27 22.65 21.98 44.30
CA GLU E 27 21.50 21.07 44.43
C GLU E 27 20.60 21.63 45.51
N ILE E 28 19.32 21.84 45.20
CA ILE E 28 18.36 22.35 46.16
C ILE E 28 17.13 21.45 46.15
N GLU E 29 16.40 21.46 47.26
CA GLU E 29 15.05 20.91 47.26
C GLU E 29 14.14 21.94 46.62
N VAL E 30 13.33 21.52 45.63
CA VAL E 30 12.32 22.39 45.01
C VAL E 30 10.89 22.03 45.42
N SER E 31 10.71 20.90 46.10
CA SER E 31 9.44 20.35 46.53
C SER E 31 9.77 19.25 47.53
N PRO E 32 8.87 18.90 48.45
CA PRO E 32 9.22 17.86 49.43
C PRO E 32 9.76 16.61 48.75
N GLY E 33 10.95 16.17 49.15
CA GLY E 33 11.56 14.99 48.56
C GLY E 33 12.07 15.13 47.14
N VAL E 34 12.15 16.33 46.57
CA VAL E 34 12.56 16.51 45.19
C VAL E 34 13.81 17.39 45.19
N ARG E 35 14.98 16.80 45.02
CA ARG E 35 16.22 17.56 44.94
C ARG E 35 16.61 17.69 43.47
N ALA E 36 17.01 18.89 43.06
CA ALA E 36 17.30 19.14 41.66
C ALA E 36 18.52 20.03 41.54
N LYS E 37 19.24 19.87 40.43
CA LYS E 37 20.37 20.74 40.13
C LYS E 37 19.84 22.07 39.60
N VAL E 38 20.39 23.18 40.11
CA VAL E 38 19.95 24.52 39.68
C VAL E 38 21.18 25.36 39.38
N TRP E 39 20.97 26.41 38.60
CA TRP E 39 21.94 27.48 38.39
C TRP E 39 21.40 28.74 39.08
N THR E 40 22.21 29.34 39.96
CA THR E 40 21.75 30.35 40.89
C THR E 40 22.68 31.56 40.89
N TYR E 41 22.15 32.65 41.46
CA TYR E 41 22.97 33.67 42.08
C TYR E 41 22.89 33.46 43.59
N ASN E 42 24.04 33.18 44.18
CA ASN E 42 24.23 33.15 45.63
C ASN E 42 23.54 31.96 46.29
N GLY E 43 23.12 30.96 45.51
CA GLY E 43 22.80 29.67 46.07
C GLY E 43 21.34 29.38 46.36
N THR E 44 20.42 30.28 46.04
CA THR E 44 18.99 30.00 46.15
C THR E 44 18.26 30.33 44.86
N VAL E 45 17.04 29.82 44.74
CA VAL E 45 16.12 30.16 43.67
C VAL E 45 14.81 30.58 44.33
N PRO E 46 14.34 31.83 44.15
CA PRO E 46 15.01 32.89 43.37
C PRO E 46 16.25 33.43 44.04
N ALA E 47 17.00 34.21 43.28
CA ALA E 47 18.18 34.95 43.71
C ALA E 47 17.80 35.98 44.77
N PRO E 48 18.77 36.62 45.43
CA PRO E 48 18.43 37.58 46.49
C PRO E 48 17.61 38.76 45.96
N THR E 49 16.66 39.19 46.76
CA THR E 49 15.90 40.39 46.45
C THR E 49 16.74 41.62 46.74
N LEU E 50 17.00 42.42 45.71
CA LEU E 50 17.72 43.67 45.88
C LEU E 50 16.73 44.78 46.07
N ARG E 51 17.00 45.63 47.04
CA ARG E 51 16.07 46.72 47.33
C ARG E 51 16.83 48.00 47.65
N PHE E 52 16.42 49.10 47.04
CA PHE E 52 17.03 50.40 47.26
C PHE E 52 16.06 51.46 46.75
N SER E 53 16.51 52.71 46.74
CA SER E 53 15.66 53.85 46.41
C SER E 53 16.01 54.38 45.03
N GLU E 54 14.98 54.92 44.38
CA GLU E 54 15.14 55.75 43.19
C GLU E 54 16.24 56.78 43.43
N GLY E 55 17.15 56.90 42.47
CA GLY E 55 18.25 57.82 42.58
C GLY E 55 19.50 57.27 43.27
N ASP E 56 19.44 56.09 43.86
CA ASP E 56 20.62 55.52 44.49
C ASP E 56 21.64 55.07 43.44
N ASP E 57 22.92 55.11 43.83
CA ASP E 57 24.04 54.63 43.02
C ASP E 57 24.34 53.19 43.40
N VAL E 58 24.18 52.27 42.44
CA VAL E 58 24.20 50.84 42.71
C VAL E 58 25.33 50.20 41.92
N THR E 59 26.17 49.44 42.61
CA THR E 59 27.23 48.69 41.95
C THR E 59 27.10 47.22 42.32
N VAL E 60 27.13 46.34 41.34
CA VAL E 60 27.01 44.91 41.56
C VAL E 60 28.25 44.21 41.00
N LYS E 61 29.02 43.61 41.89
CA LYS E 61 30.15 42.76 41.49
C LYS E 61 29.59 41.39 41.12
N PHE E 62 29.80 40.96 39.88
CA PHE E 62 29.31 39.67 39.40
C PHE E 62 30.49 38.73 39.17
N VAL E 63 30.46 37.58 39.83
CA VAL E 63 31.51 36.54 39.75
C VAL E 63 30.88 35.28 39.18
N ASN E 64 31.48 34.72 38.14
CA ASN E 64 30.99 33.48 37.54
C ASN E 64 31.81 32.30 38.08
N ASP E 65 31.20 31.51 38.96
CA ASP E 65 31.87 30.36 39.55
C ASP E 65 31.35 29.04 38.98
N THR E 66 31.03 29.01 37.68
CA THR E 66 30.46 27.85 37.00
C THR E 66 31.16 27.62 35.68
N PRO E 67 30.97 26.46 35.06
CA PRO E 67 31.56 26.19 33.73
C PRO E 67 30.77 26.74 32.55
N TYR E 68 29.69 27.47 32.76
CA TYR E 68 28.96 28.11 31.68
C TYR E 68 29.27 29.61 31.68
N ALA E 69 28.97 30.26 30.54
CA ALA E 69 28.93 31.73 30.50
C ALA E 69 27.61 32.22 31.06
N HIS E 70 27.65 33.34 31.78
CA HIS E 70 26.46 33.94 32.37
C HIS E 70 26.56 35.46 32.29
N THR E 71 25.44 36.13 32.58
CA THR E 71 25.40 37.59 32.75
C THR E 71 24.41 37.92 33.86
N ILE E 72 24.25 39.21 34.13
CA ILE E 72 23.06 39.73 34.79
C ILE E 72 22.46 40.81 33.91
N HIS E 73 21.22 40.58 33.49
CA HIS E 73 20.39 41.59 32.84
C HIS E 73 19.37 42.10 33.84
N PHE E 74 19.43 43.40 34.11
CA PHE E 74 18.46 44.11 34.94
C PHE E 74 17.41 44.75 34.06
N HIS E 75 16.14 44.63 34.47
CA HIS E 75 15.11 45.46 33.85
C HIS E 75 15.23 46.89 34.34
N GLY E 76 14.77 47.84 33.53
CA GLY E 76 14.87 49.24 33.86
C GLY E 76 15.87 49.96 32.96
N THR E 77 16.01 51.25 33.20
CA THR E 77 16.81 52.10 32.33
C THR E 77 18.29 52.05 32.69
N HIS E 78 19.14 51.82 31.69
CA HIS E 78 20.61 51.87 31.84
C HIS E 78 21.23 51.83 30.45
N ASP E 79 22.58 51.89 30.38
CA ASP E 79 23.27 51.92 29.11
C ASP E 79 23.72 50.51 28.68
N SER E 80 24.31 50.43 27.47
CA SER E 80 24.59 49.14 26.85
C SER E 80 25.58 48.32 27.68
N ALA E 81 26.66 48.95 28.16
CA ALA E 81 27.67 48.27 28.96
C ALA E 81 27.10 47.65 30.23
N ASN E 82 25.97 48.14 30.71
CA ASN E 82 25.37 47.60 31.92
C ASN E 82 24.07 46.85 31.65
N ASP E 83 23.84 46.43 30.39
CA ASP E 83 22.59 45.79 29.99
C ASP E 83 22.67 44.27 30.03
N GLY E 84 23.83 43.70 30.30
CA GLY E 84 23.94 42.26 30.54
C GLY E 84 23.77 41.38 29.32
N VAL E 85 24.04 41.90 28.13
CA VAL E 85 24.16 41.10 26.92
C VAL E 85 25.60 41.06 26.43
N PHE E 86 26.22 42.23 26.27
CA PHE E 86 27.61 42.41 25.91
C PHE E 86 28.34 42.90 27.14
N PRO E 87 29.34 42.17 27.67
CA PRO E 87 29.83 40.88 27.23
C PRO E 87 29.24 39.73 28.05
N MET E 88 29.32 38.52 27.51
CA MET E 88 29.22 37.30 28.32
C MET E 88 30.36 37.17 29.30
N ILE E 89 30.04 36.77 30.52
CA ILE E 89 31.03 36.65 31.57
C ILE E 89 31.48 35.20 31.61
N MET E 90 32.78 34.97 31.38
CA MET E 90 33.28 33.62 31.18
C MET E 90 33.54 32.93 32.52
N PRO E 91 33.66 31.60 32.51
CA PRO E 91 33.97 30.85 33.73
C PRO E 91 35.19 31.39 34.47
N GLY E 92 35.02 31.63 35.76
CA GLY E 92 36.10 32.15 36.58
C GLY E 92 36.33 33.64 36.48
N GLU E 93 35.49 34.37 35.76
CA GLU E 93 35.71 35.78 35.50
C GLU E 93 34.71 36.63 36.27
N GLU E 94 34.93 37.95 36.18
CA GLU E 94 34.18 38.89 37.00
C GLU E 94 33.77 40.06 36.11
N TYR E 95 32.65 40.70 36.44
CA TYR E 95 32.25 41.89 35.73
C TYR E 95 31.55 42.81 36.71
N THR E 96 31.61 44.11 36.48
CA THR E 96 30.99 45.07 37.38
C THR E 96 29.85 45.77 36.65
N TYR E 97 28.62 45.57 37.12
CA TYR E 97 27.47 46.35 36.66
C TYR E 97 27.32 47.57 37.56
N HIS E 98 27.04 48.72 36.96
CA HIS E 98 26.88 49.93 37.74
C HIS E 98 25.77 50.77 37.10
N PHE E 99 24.86 51.28 37.92
CA PHE E 99 23.85 52.20 37.41
C PHE E 99 23.34 53.07 38.53
N VAL E 100 22.89 54.26 38.17
CA VAL E 100 22.04 55.04 39.04
C VAL E 100 20.61 54.55 38.83
N ALA E 101 19.89 54.31 39.92
CA ALA E 101 18.50 53.88 39.82
C ALA E 101 17.64 54.99 39.20
N GLU E 102 17.33 54.83 37.91
CA GLU E 102 16.73 55.94 37.17
C GLU E 102 15.24 56.09 37.42
N GLU E 103 14.55 55.04 37.85
CA GLU E 103 13.13 55.18 38.15
C GLU E 103 12.73 54.19 39.22
N ALA E 104 11.66 54.52 39.94
CA ALA E 104 11.13 53.62 40.95
C ALA E 104 10.27 52.56 40.29
N GLY E 105 10.03 51.48 41.02
CA GLY E 105 9.07 50.47 40.62
C GLY E 105 9.56 49.08 40.99
N LEU E 106 8.89 48.09 40.44
CA LEU E 106 9.24 46.70 40.67
C LEU E 106 9.84 46.15 39.38
N PHE E 107 11.08 45.64 39.47
CA PHE E 107 11.79 45.12 38.32
C PHE E 107 12.28 43.73 38.65
N MET E 108 12.98 43.13 37.70
CA MET E 108 13.61 41.85 37.99
C MET E 108 15.01 41.89 37.42
N TYR E 109 15.78 40.86 37.70
CA TYR E 109 17.04 40.65 37.02
C TYR E 109 17.17 39.17 36.75
N HIS E 110 17.88 38.82 35.69
CA HIS E 110 18.03 37.41 35.35
C HIS E 110 19.16 37.27 34.33
N CYS E 111 19.69 36.06 34.23
CA CYS E 111 20.78 35.83 33.30
C CYS E 111 20.27 36.01 31.87
N HIS E 112 21.16 36.49 31.00
CA HIS E 112 20.81 36.64 29.60
C HIS E 112 21.75 35.88 28.66
N ALA E 113 22.44 34.84 29.17
CA ALA E 113 23.21 33.96 28.30
C ALA E 113 22.25 33.17 27.40
N PHE E 114 22.82 32.48 26.42
CA PHE E 114 22.00 31.85 25.38
C PHE E 114 22.17 30.33 25.41
N PRO E 115 21.06 29.57 25.32
CA PRO E 115 19.65 29.98 25.23
C PRO E 115 19.14 30.55 26.56
N THR E 116 18.52 31.75 26.55
CA THR E 116 18.13 32.39 27.80
C THR E 116 17.04 31.61 28.54
N SER E 117 16.15 30.93 27.82
CA SER E 117 15.13 30.13 28.49
C SER E 117 15.76 29.06 29.38
N GLU E 118 16.86 28.47 28.92
CA GLU E 118 17.54 27.46 29.72
C GLU E 118 18.09 28.05 31.02
N HIS E 119 18.76 29.21 30.93
CA HIS E 119 19.36 29.81 32.13
C HIS E 119 18.31 30.28 33.12
N VAL E 120 17.19 30.80 32.65
CA VAL E 120 16.12 31.21 33.55
C VAL E 120 15.39 29.98 34.12
N ARG E 121 15.12 28.97 33.27
CA ARG E 121 14.50 27.73 33.79
C ARG E 121 15.35 27.05 34.86
N MET E 122 16.68 27.14 34.73
CA MET E 122 17.60 26.57 35.72
C MET E 122 17.64 27.34 37.04
N GLY E 123 17.11 28.57 37.07
CA GLY E 123 16.97 29.30 38.32
C GLY E 123 17.58 30.70 38.41
N MET E 124 18.19 31.21 37.33
CA MET E 124 18.94 32.48 37.42
C MET E 124 18.05 33.71 37.24
N PHE E 125 17.28 34.02 38.29
CA PHE E 125 16.40 35.18 38.30
C PHE E 125 16.18 35.64 39.73
N GLY E 126 15.96 36.94 39.90
CA GLY E 126 15.68 37.55 41.18
C GLY E 126 14.84 38.80 41.01
N THR E 127 14.51 39.40 42.16
CA THR E 127 13.59 40.52 42.26
C THR E 127 14.37 41.81 42.58
N MET E 128 13.96 42.93 41.99
CA MET E 128 14.59 44.21 42.33
C MET E 128 13.53 45.27 42.61
N ILE E 129 13.43 45.68 43.86
CA ILE E 129 12.43 46.64 44.31
C ILE E 129 13.12 48.00 44.44
N ILE E 130 12.61 49.01 43.74
CA ILE E 130 13.18 50.35 43.76
C ILE E 130 12.09 51.27 44.28
N ASP E 131 12.28 51.75 45.52
CA ASP E 131 11.27 52.53 46.22
C ASP E 131 11.22 53.99 45.77
N PRO E 132 10.03 54.61 45.76
CA PRO E 132 9.91 55.95 45.19
C PRO E 132 10.59 57.01 46.07
N ALA E 133 11.20 57.98 45.39
CA ALA E 133 11.84 59.09 46.08
C ALA E 133 10.88 60.22 46.43
N ILE E 134 9.79 60.43 45.66
CA ILE E 134 8.96 61.61 45.89
C ILE E 134 8.26 61.53 47.24
N ARG E 135 7.89 60.33 47.68
CA ARG E 135 7.25 60.06 48.96
C ARG E 135 7.23 58.54 49.11
N PRO E 136 7.20 58.01 50.32
CA PRO E 136 7.10 56.55 50.46
C PRO E 136 5.73 56.07 50.05
N MET E 137 5.68 54.81 49.60
CA MET E 137 4.40 54.14 49.41
C MET E 137 3.61 54.13 50.71
N ASP E 138 2.30 53.93 50.60
CA ASP E 138 1.47 53.90 51.80
C ASP E 138 1.96 52.83 52.76
N PRO E 139 1.92 53.08 54.07
CA PRO E 139 2.44 52.12 55.04
C PRO E 139 1.71 50.79 54.94
N ALA E 140 2.49 49.72 54.74
CA ALA E 140 1.92 48.41 54.47
C ALA E 140 2.87 47.33 54.95
N ARG E 141 2.34 46.11 55.07
CA ARG E 141 3.18 44.94 55.27
C ARG E 141 3.55 44.38 53.90
N GLU E 142 4.85 44.13 53.68
CA GLU E 142 5.35 43.90 52.33
C GLU E 142 5.92 42.49 52.19
N TYR E 143 5.53 41.83 51.10
CA TYR E 143 6.02 40.53 50.67
C TYR E 143 6.35 40.60 49.18
N PHE E 144 7.26 39.75 48.73
CA PHE E 144 7.56 39.60 47.32
C PHE E 144 7.31 38.17 46.87
N PHE E 145 6.98 38.00 45.57
CA PHE E 145 6.70 36.66 45.03
C PHE E 145 7.17 36.61 43.59
N THR E 146 8.02 35.62 43.28
CA THR E 146 8.32 35.27 41.89
C THR E 146 7.41 34.13 41.46
N LEU E 147 6.92 34.20 40.21
CA LEU E 147 6.12 33.15 39.60
C LEU E 147 6.94 32.55 38.46
N SER E 148 7.36 31.28 38.61
CA SER E 148 8.27 30.67 37.67
C SER E 148 7.74 29.30 37.22
N GLU E 149 8.49 28.70 36.30
CA GLU E 149 8.27 27.36 35.76
C GLU E 149 9.49 26.52 36.08
N PHE E 150 9.30 25.32 36.64
CA PHE E 150 10.47 24.52 36.96
C PHE E 150 10.19 23.04 36.78
N ASP E 151 11.11 22.35 36.11
CA ASP E 151 10.95 20.92 35.88
C ASP E 151 12.26 20.22 36.19
N PRO E 152 12.31 19.35 37.20
CA PRO E 152 13.60 18.75 37.59
C PRO E 152 14.12 17.71 36.63
N ASN E 153 13.36 17.30 35.62
CA ASN E 153 13.79 16.23 34.73
C ASN E 153 14.06 16.68 33.32
N ASN E 154 13.31 17.64 32.81
CA ASN E 154 13.64 18.29 31.54
C ASN E 154 13.44 19.78 31.73
N ALA E 155 14.55 20.50 31.86
CA ALA E 155 14.51 21.92 32.17
C ALA E 155 13.68 22.71 31.18
N LEU E 156 13.61 22.25 29.93
CA LEU E 156 12.98 23.01 28.87
C LEU E 156 11.60 22.46 28.49
N GLU E 157 11.06 21.56 29.30
CA GLU E 157 9.69 21.05 29.10
C GLU E 157 8.70 22.18 28.96
N HIS E 158 7.84 22.11 27.93
CA HIS E 158 6.87 23.20 27.73
C HIS E 158 5.95 23.35 28.94
N PHE E 159 5.32 22.25 29.38
CA PHE E 159 4.53 22.24 30.60
C PHE E 159 5.36 21.63 31.71
N THR E 160 5.68 22.42 32.72
CA THR E 160 6.63 21.99 33.74
C THR E 160 5.92 21.25 34.87
N GLU E 161 6.66 20.36 35.52
CA GLU E 161 6.12 19.68 36.69
C GLU E 161 5.65 20.67 37.75
N PHE E 162 6.39 21.76 37.94
CA PHE E 162 6.10 22.72 39.00
C PHE E 162 5.98 24.14 38.43
N TYR E 163 5.17 24.95 39.13
CA TYR E 163 5.05 26.39 38.91
C TYR E 163 5.17 27.05 40.27
N PRO E 164 6.37 27.04 40.86
CA PRO E 164 6.52 27.54 42.23
C PRO E 164 6.28 29.04 42.36
N ILE E 165 5.87 29.41 43.56
CA ILE E 165 5.96 30.77 44.05
C ILE E 165 7.20 30.85 44.93
N ASN E 166 8.16 31.70 44.53
CA ASN E 166 9.44 31.84 45.23
C ASN E 166 10.21 30.53 45.30
N GLY E 167 10.24 29.81 44.18
CA GLY E 167 11.22 28.77 43.94
C GLY E 167 10.88 27.39 44.47
N TYR E 168 10.25 27.30 45.65
CA TYR E 168 9.94 26.02 46.30
C TYR E 168 8.43 25.79 46.21
N ALA E 169 8.04 24.80 45.43
CA ALA E 169 6.62 24.54 45.17
C ALA E 169 5.86 24.36 46.48
N GLY E 170 4.83 25.19 46.66
CA GLY E 170 3.85 24.99 47.72
C GLY E 170 4.30 25.40 49.11
N GLN E 171 5.39 26.16 49.23
CA GLN E 171 5.93 26.44 50.57
C GLN E 171 4.98 27.23 51.46
N TYR E 172 4.12 28.06 50.88
CA TYR E 172 3.24 28.91 51.69
C TYR E 172 1.92 28.23 52.05
N MET E 173 1.79 26.94 51.77
CA MET E 173 0.70 26.12 52.31
C MET E 173 0.97 25.74 53.77
N ASP E 174 2.17 25.21 54.05
CA ASP E 174 2.54 24.93 55.44
C ASP E 174 2.98 26.15 56.20
N ASN E 175 3.45 27.19 55.51
CA ASN E 175 3.94 28.42 56.12
C ASN E 175 3.14 29.59 55.54
N PRO E 176 1.93 29.83 56.04
CA PRO E 176 1.07 30.85 55.42
C PRO E 176 1.69 32.24 55.40
N ILE E 177 1.30 32.99 54.39
CA ILE E 177 1.56 34.42 54.33
C ILE E 177 0.67 35.12 55.36
N ARG E 178 1.28 35.76 56.36
CA ARG E 178 0.52 36.36 57.44
C ARG E 178 0.22 37.83 57.15
N VAL E 179 -1.05 38.19 57.31
CA VAL E 179 -1.50 39.58 57.16
C VAL E 179 -2.31 39.91 58.41
N VAL E 180 -2.57 41.19 58.60
CA VAL E 180 -3.21 41.66 59.81
C VAL E 180 -4.51 42.33 59.43
N SER E 181 -5.60 41.96 60.12
CA SER E 181 -6.91 42.53 59.88
C SER E 181 -6.86 44.04 59.86
N GLY E 182 -7.29 44.63 58.74
CA GLY E 182 -7.38 46.08 58.60
C GLY E 182 -6.10 46.76 58.20
N GLU E 183 -4.99 46.04 58.10
CA GLU E 183 -3.70 46.63 57.80
C GLU E 183 -3.42 46.48 56.30
N LEU E 184 -2.96 47.56 55.67
CA LEU E 184 -2.62 47.49 54.26
C LEU E 184 -1.48 46.50 54.04
N THR E 185 -1.60 45.70 52.99
CA THR E 185 -0.62 44.69 52.61
C THR E 185 -0.23 44.94 51.16
N ARG E 186 1.06 44.82 50.85
CA ARG E 186 1.57 45.10 49.52
C ARG E 186 2.42 43.92 49.07
N PHE E 187 2.13 43.39 47.88
CA PHE E 187 2.80 42.26 47.28
C PHE E 187 3.57 42.75 46.07
N TYR E 188 4.85 42.43 46.00
CA TYR E 188 5.69 42.70 44.84
C TYR E 188 5.81 41.41 44.02
N VAL E 189 5.11 41.33 42.89
CA VAL E 189 4.95 40.07 42.16
C VAL E 189 5.65 40.13 40.81
N VAL E 190 6.48 39.13 40.53
CA VAL E 190 7.35 39.08 39.35
C VAL E 190 6.93 37.88 38.52
N GLY E 191 6.59 38.10 37.25
CA GLY E 191 6.30 36.96 36.39
C GLY E 191 7.54 36.55 35.61
N ILE E 192 8.03 35.32 35.78
CA ILE E 192 9.28 34.98 35.11
C ILE E 192 9.25 33.53 34.66
N GLY E 193 8.14 33.14 34.04
CA GLY E 193 8.05 31.93 33.26
C GLY E 193 8.38 32.21 31.80
N GLY E 194 8.16 31.20 30.96
CA GLY E 194 8.53 31.30 29.57
C GLY E 194 7.46 30.87 28.59
N VAL E 195 6.45 30.14 29.07
CA VAL E 195 5.44 29.58 28.17
C VAL E 195 4.06 30.19 28.48
N LEU E 196 3.48 29.86 29.62
CA LEU E 196 2.16 30.37 29.98
C LEU E 196 2.26 31.71 30.70
N GLN E 197 1.16 32.48 30.63
CA GLN E 197 1.07 33.71 31.41
C GLN E 197 0.46 33.41 32.78
N SER E 198 0.45 34.41 33.65
CA SER E 198 0.06 34.19 35.05
C SER E 198 -1.08 35.10 35.46
N PRO E 199 -2.34 34.62 35.46
CA PRO E 199 -3.42 35.38 36.09
C PRO E 199 -3.33 35.33 37.59
N PHE E 200 -2.84 36.39 38.22
CA PHE E 200 -2.62 36.39 39.66
C PHE E 200 -3.92 36.74 40.40
N HIS E 201 -4.35 35.85 41.31
CA HIS E 201 -5.65 35.99 41.96
C HIS E 201 -5.53 35.87 43.49
N VAL E 202 -6.15 36.78 44.23
CA VAL E 202 -6.25 36.66 45.68
C VAL E 202 -7.72 36.45 46.04
N HIS E 203 -7.97 35.52 46.96
CA HIS E 203 -9.32 35.27 47.44
C HIS E 203 -9.85 36.40 48.32
N SER E 204 -11.16 36.67 48.18
CA SER E 204 -11.99 37.42 49.12
C SER E 204 -11.61 38.89 49.28
N THR E 205 -10.88 39.47 48.35
CA THR E 205 -10.71 40.92 48.38
C THR E 205 -10.32 41.39 47.00
N ILE E 206 -10.51 42.69 46.76
CA ILE E 206 -10.21 43.35 45.49
C ILE E 206 -8.84 43.99 45.57
N MET E 207 -7.99 43.71 44.58
CA MET E 207 -6.61 44.19 44.52
C MET E 207 -6.57 45.63 43.99
N LYS E 208 -5.63 46.43 44.47
CA LYS E 208 -5.23 47.64 43.77
C LYS E 208 -3.89 47.34 43.11
N VAL E 209 -3.77 47.57 41.80
CA VAL E 209 -2.66 47.08 41.01
C VAL E 209 -1.97 48.23 40.27
N TYR E 210 -0.64 48.33 40.40
CA TYR E 210 0.15 49.22 39.54
C TYR E 210 0.63 48.42 38.33
N PRO E 211 0.08 48.64 37.15
CA PRO E 211 0.47 47.81 36.00
C PRO E 211 1.96 47.93 35.69
N SER E 212 2.55 46.81 35.30
CA SER E 212 3.97 46.69 34.97
C SER E 212 4.89 47.05 36.13
N GLY E 213 4.36 47.17 37.35
CA GLY E 213 5.19 47.56 38.47
C GLY E 213 5.72 48.98 38.37
N ILE E 214 5.06 49.84 37.60
CA ILE E 214 5.57 51.20 37.34
C ILE E 214 4.73 52.18 38.14
N LEU E 215 5.38 52.90 39.06
CA LEU E 215 4.62 53.75 39.97
C LEU E 215 4.19 55.07 39.33
N TRP E 216 4.68 55.39 38.12
CA TRP E 216 4.15 56.55 37.41
C TRP E 216 2.71 56.36 37.00
N ASN E 217 2.25 55.11 36.90
CA ASN E 217 0.91 54.80 36.40
C ASN E 217 -0.15 55.02 37.46
N GLU E 218 -1.32 55.46 37.01
CA GLU E 218 -2.51 55.36 37.83
C GLU E 218 -2.81 53.89 38.08
N PRO E 219 -3.03 53.46 39.31
CA PRO E 219 -3.34 52.05 39.56
C PRO E 219 -4.80 51.74 39.21
N TYR E 220 -5.14 50.45 39.16
CA TYR E 220 -6.54 50.07 38.89
C TYR E 220 -6.92 48.92 39.81
N TYR E 221 -8.21 48.65 39.88
CA TYR E 221 -8.74 47.60 40.77
C TYR E 221 -9.05 46.34 39.98
N ALA E 222 -8.73 45.19 40.57
CA ALA E 222 -8.78 43.92 39.85
C ALA E 222 -9.12 42.79 40.81
N GLN E 223 -9.93 41.84 40.34
CA GLN E 223 -10.06 40.60 41.09
C GLN E 223 -8.99 39.60 40.71
N THR E 224 -8.50 39.72 39.49
CA THR E 224 -7.43 38.90 38.92
C THR E 224 -6.65 39.79 37.99
N HIS E 225 -5.32 39.71 38.04
CA HIS E 225 -4.49 40.56 37.21
C HIS E 225 -3.52 39.68 36.44
N LEU E 226 -3.58 39.76 35.12
CA LEU E 226 -2.71 38.95 34.27
C LEU E 226 -1.30 39.55 34.26
N ILE E 227 -0.32 38.76 34.69
CA ILE E 227 1.06 39.19 34.71
C ILE E 227 1.80 38.46 33.59
N GLY E 228 2.22 39.19 32.56
CA GLY E 228 2.98 38.55 31.49
C GLY E 228 4.37 38.13 31.96
N ASN E 229 4.95 37.14 31.30
CA ASN E 229 6.33 36.79 31.60
C ASN E 229 7.27 37.94 31.27
N GLY E 230 8.17 38.26 32.20
CA GLY E 230 9.02 39.42 32.08
C GLY E 230 8.34 40.72 32.52
N ASP E 231 7.12 40.63 33.04
CA ASP E 231 6.44 41.78 33.63
C ASP E 231 6.32 41.59 35.13
N THR E 232 5.97 42.67 35.82
CA THR E 232 5.80 42.67 37.28
C THR E 232 4.49 43.35 37.60
N ALA E 233 4.12 43.34 38.88
CA ALA E 233 2.93 44.06 39.33
C ALA E 233 3.10 44.37 40.81
N ILE E 234 2.78 45.59 41.19
CA ILE E 234 2.74 45.96 42.60
C ILE E 234 1.28 45.96 43.01
N ILE E 235 0.93 45.12 43.97
CA ILE E 235 -0.47 44.86 44.32
C ILE E 235 -0.68 45.25 45.78
N GLU E 236 -1.77 45.99 46.05
CA GLU E 236 -2.12 46.30 47.44
C GLU E 236 -3.49 45.72 47.77
N ALA E 237 -3.64 45.27 49.02
CA ALA E 237 -4.91 44.70 49.45
C ALA E 237 -4.98 44.78 50.96
N THR E 238 -6.23 44.77 51.46
CA THR E 238 -6.51 44.70 52.89
C THR E 238 -7.56 43.63 53.12
N TRP E 239 -7.28 42.72 54.04
CA TRP E 239 -8.27 41.78 54.55
C TRP E 239 -8.79 42.30 55.89
N THR E 240 -10.10 42.14 56.12
CA THR E 240 -10.68 42.66 57.35
C THR E 240 -11.25 41.59 58.27
N GLN E 241 -11.31 40.33 57.86
CA GLN E 241 -11.98 39.27 58.62
C GLN E 241 -10.98 38.17 58.94
N PRO E 242 -10.60 37.94 60.20
CA PRO E 242 -9.59 36.93 60.51
C PRO E 242 -9.99 35.54 60.04
N GLY E 243 -8.99 34.73 59.66
CA GLY E 243 -9.22 33.40 59.15
C GLY E 243 -8.29 33.08 58.02
N MET E 244 -8.53 31.93 57.35
CA MET E 244 -7.66 31.41 56.32
C MET E 244 -8.23 31.70 54.95
N TYR E 245 -7.36 32.14 54.03
CA TYR E 245 -7.72 32.36 52.62
C TYR E 245 -6.60 31.79 51.74
N LEU E 246 -6.74 31.95 50.41
CA LEU E 246 -5.74 31.53 49.45
C LEU E 246 -5.37 32.68 48.51
N PHE E 247 -4.20 32.57 47.90
CA PHE E 247 -3.91 33.22 46.63
C PHE E 247 -3.06 32.29 45.78
N HIS E 248 -3.12 32.50 44.46
CA HIS E 248 -2.52 31.57 43.54
C HIS E 248 -2.61 32.13 42.14
N VAL E 249 -1.78 31.60 41.24
CA VAL E 249 -2.04 31.79 39.82
C VAL E 249 -3.27 30.98 39.45
N HIS E 250 -4.15 31.56 38.65
CA HIS E 250 -5.45 30.93 38.34
C HIS E 250 -5.24 30.07 37.10
N GLY E 251 -5.10 28.76 37.28
CA GLY E 251 -4.95 27.87 36.16
C GLY E 251 -4.31 26.57 36.62
N ILE E 252 -3.81 25.80 35.66
CA ILE E 252 -3.17 24.54 36.03
C ILE E 252 -1.96 24.75 36.91
N GLN E 253 -1.37 25.94 36.88
CA GLN E 253 -0.27 26.27 37.80
C GLN E 253 -0.65 26.01 39.25
N GLU E 254 -1.90 26.28 39.60
CA GLU E 254 -2.29 26.20 41.01
C GLU E 254 -2.35 24.77 41.55
N GLU E 255 -2.32 23.75 40.70
CA GLU E 255 -2.17 22.37 41.18
C GLU E 255 -0.72 21.92 41.24
N ARG E 256 0.22 22.77 40.87
CA ARG E 256 1.60 22.34 40.68
C ARG E 256 2.56 23.27 41.42
N GLY E 257 2.11 23.81 42.54
CA GLY E 257 2.96 24.57 43.43
C GLY E 257 2.64 26.04 43.51
N SER E 258 1.80 26.56 42.63
CA SER E 258 1.44 27.98 42.66
C SER E 258 0.21 28.20 43.53
N MET E 259 0.30 27.84 44.80
CA MET E 259 -0.75 28.14 45.77
C MET E 259 -0.16 28.51 47.12
N ALA E 260 -0.76 29.52 47.74
CA ALA E 260 -0.30 30.03 49.01
C ALA E 260 -1.51 30.22 49.92
N MET E 261 -1.34 29.97 51.20
CA MET E 261 -2.36 30.28 52.18
C MET E 261 -2.12 31.65 52.77
N ILE E 262 -3.20 32.38 52.99
CA ILE E 262 -3.19 33.65 53.71
C ILE E 262 -3.80 33.41 55.08
N GLU E 263 -3.08 33.81 56.12
CA GLU E 263 -3.60 33.81 57.49
C GLU E 263 -3.83 35.24 57.92
N VAL E 264 -5.09 35.61 58.11
CA VAL E 264 -5.43 36.96 58.58
C VAL E 264 -5.44 36.93 60.11
N LEU E 265 -4.55 37.71 60.71
CA LEU E 265 -4.45 37.78 62.17
C LEU E 265 -5.25 38.94 62.73
N GLU E 266 -5.60 38.81 64.01
CA GLU E 266 -6.36 39.84 64.71
C GLU E 266 -5.53 41.10 64.92
N ASP E 267 -4.22 40.95 65.14
CA ASP E 267 -3.32 42.08 65.32
C ASP E 267 -1.92 41.66 64.89
N ALA E 268 -0.98 42.61 64.97
CA ALA E 268 0.37 42.39 64.47
C ALA E 268 1.32 41.82 65.51
N SER E 269 0.84 41.52 66.72
CA SER E 269 1.74 41.29 67.85
C SER E 269 2.68 40.11 67.60
N SER E 270 2.21 39.04 66.95
CA SER E 270 3.07 37.88 66.74
C SER E 270 4.14 38.10 65.66
N LEU E 271 4.11 39.21 64.94
CA LEU E 271 5.08 39.43 63.87
C LEU E 271 6.17 40.40 64.24
N SER E 272 6.15 40.94 65.45
CA SER E 272 7.06 42.04 65.79
C SER E 272 8.52 41.60 65.75
N ASP E 273 8.80 40.33 65.97
CA ASP E 273 10.17 39.83 65.92
C ASP E 273 10.60 39.40 64.53
N VAL E 274 9.68 39.26 63.58
CA VAL E 274 10.07 38.74 62.28
C VAL E 274 10.07 39.84 61.21
N GLN E 275 9.23 40.85 61.38
CA GLN E 275 9.22 41.95 60.43
C GLN E 275 10.49 42.79 60.59
N ARG E 276 10.77 43.59 59.57
CA ARG E 276 11.86 44.56 59.60
C ARG E 276 11.33 45.89 59.09
N PRO E 277 11.92 46.99 59.53
CA PRO E 277 11.55 48.31 58.96
C PRO E 277 11.87 48.32 57.47
N SER E 278 10.92 48.77 56.68
CA SER E 278 11.06 48.77 55.23
C SER E 278 11.84 50.01 54.75
N ASN E 279 12.49 49.87 53.60
CA ASN E 279 13.04 51.01 52.87
C ASN E 279 11.96 52.00 52.44
N ASN E 280 10.70 51.54 52.27
CA ASN E 280 9.55 52.45 52.27
C ASN E 280 9.32 52.88 53.70
N LYS E 281 9.63 54.13 54.03
CA LYS E 281 9.52 54.59 55.42
C LYS E 281 8.10 54.39 55.94
N GLY E 282 7.98 53.69 57.07
CA GLY E 282 6.70 53.45 57.72
C GLY E 282 6.09 52.10 57.43
N SER E 283 6.66 51.34 56.48
CA SER E 283 6.16 50.03 56.11
C SER E 283 6.94 48.95 56.83
N TYR E 284 6.38 47.74 56.81
CA TYR E 284 6.94 46.60 57.52
C TYR E 284 7.26 45.52 56.51
N SER E 285 8.56 45.24 56.35
CA SER E 285 9.04 44.27 55.36
C SER E 285 9.05 42.86 55.94
N MET E 286 8.46 41.93 55.20
CA MET E 286 8.50 40.52 55.53
C MET E 286 9.48 39.77 54.65
N VAL E 287 10.27 40.50 53.83
CA VAL E 287 11.11 39.87 52.82
C VAL E 287 12.19 39.01 53.46
N GLU E 288 12.77 39.50 54.56
CA GLU E 288 13.77 38.75 55.32
C GLU E 288 13.22 37.39 55.78
N TRP E 289 12.04 37.39 56.39
CA TRP E 289 11.38 36.14 56.75
C TRP E 289 11.25 35.22 55.56
N GLN E 290 10.80 35.74 54.42
CA GLN E 290 10.63 34.91 53.23
C GLN E 290 11.95 34.30 52.79
N GLU E 291 12.99 35.11 52.71
CA GLU E 291 14.26 34.63 52.18
C GLU E 291 14.92 33.65 53.13
N ASP E 292 14.73 33.83 54.44
CA ASP E 292 15.16 32.82 55.39
C ASP E 292 14.45 31.51 55.14
N LEU E 293 13.13 31.55 54.92
CA LEU E 293 12.36 30.33 54.69
C LEU E 293 12.77 29.66 53.38
N ILE E 294 13.03 30.45 52.34
CA ILE E 294 13.51 29.90 51.07
C ILE E 294 14.78 29.10 51.28
N ARG E 295 15.75 29.64 52.03
CA ARG E 295 17.01 28.94 52.22
C ARG E 295 16.85 27.71 53.11
N THR E 296 16.00 27.83 54.14
CA THR E 296 15.72 26.69 55.02
C THR E 296 15.11 25.53 54.26
N LEU E 297 14.15 25.82 53.38
CA LEU E 297 13.46 24.76 52.67
C LEU E 297 14.32 24.18 51.54
N GLU E 298 15.08 25.02 50.85
CA GLU E 298 15.83 24.54 49.71
C GLU E 298 17.09 23.78 50.12
N GLN E 299 17.60 24.01 51.33
CA GLN E 299 18.84 23.42 51.84
C GLN E 299 19.93 23.32 50.76
N PRO E 300 20.38 24.43 50.20
CA PRO E 300 21.27 24.35 49.04
C PRO E 300 22.58 23.63 49.35
N GLN E 301 23.02 22.84 48.39
CA GLN E 301 24.33 22.18 48.42
C GLN E 301 25.14 22.77 47.28
N LEU E 302 26.02 23.72 47.60
CA LEU E 302 26.82 24.36 46.56
C LEU E 302 27.79 23.39 45.93
N ILE E 303 27.99 23.57 44.62
CA ILE E 303 28.99 22.83 43.86
C ILE E 303 30.09 23.81 43.50
N SER E 304 31.33 23.45 43.77
CA SER E 304 32.44 24.31 43.40
C SER E 304 33.37 23.53 42.49
N TYR E 305 33.97 24.24 41.54
CA TYR E 305 34.76 23.59 40.50
C TYR E 305 36.20 24.04 40.59
N GLU E 306 37.11 23.15 40.20
CA GLU E 306 38.53 23.50 40.08
C GLU E 306 38.89 23.72 38.62
N ASN E 307 39.83 24.63 38.38
CA ASN E 307 40.33 24.90 37.03
C ASN E 307 39.22 25.39 36.09
N LEU E 308 38.42 26.34 36.57
CA LEU E 308 37.43 26.99 35.73
C LEU E 308 38.12 27.73 34.59
N GLY E 309 37.68 27.49 33.36
CA GLY E 309 38.28 28.15 32.22
C GLY E 309 39.46 27.44 31.58
N GLU E 310 39.98 26.39 32.22
CA GLU E 310 41.04 25.58 31.61
C GLU E 310 40.43 24.54 30.67
N SER E 311 41.18 24.19 29.62
CA SER E 311 40.78 23.15 28.68
C SER E 311 42.02 22.61 27.98
N ALA E 312 41.90 21.38 27.47
CA ALA E 312 43.00 20.77 26.73
C ALA E 312 43.22 21.49 25.40
N ALA E 313 44.46 21.48 24.93
CA ALA E 313 44.75 22.07 23.63
C ALA E 313 44.21 21.18 22.51
N ILE E 314 43.86 21.79 21.38
CA ILE E 314 43.36 21.03 20.24
C ILE E 314 44.52 20.26 19.63
N SER E 315 44.39 18.93 19.55
CA SER E 315 45.41 18.08 18.98
C SER E 315 44.94 17.31 17.74
N SER E 316 43.72 17.55 17.28
CA SER E 316 43.21 16.94 16.05
C SER E 316 44.09 17.27 14.85
N GLU E 317 44.27 16.31 13.96
CA GLU E 317 45.05 16.54 12.76
C GLU E 317 44.39 17.61 11.88
N LYS E 318 45.21 18.47 11.30
CA LYS E 318 44.69 19.61 10.57
C LYS E 318 44.11 19.18 9.22
N VAL E 319 42.99 19.78 8.84
CA VAL E 319 42.27 19.46 7.62
C VAL E 319 42.37 20.64 6.67
N SER E 320 42.67 20.35 5.41
CA SER E 320 42.70 21.42 4.41
C SER E 320 41.27 21.64 3.89
N ALA E 321 40.59 22.64 4.45
CA ALA E 321 39.23 22.97 4.07
C ALA E 321 39.05 24.47 4.25
N ASP E 322 38.06 25.03 3.55
CA ASP E 322 37.68 26.44 3.76
C ASP E 322 36.21 26.56 4.18
N LYS E 323 35.62 25.47 4.65
CA LYS E 323 34.26 25.39 5.14
C LYS E 323 34.30 24.73 6.50
N VAL E 324 33.66 25.33 7.50
CA VAL E 324 33.60 24.77 8.85
C VAL E 324 32.15 24.71 9.31
N SER E 325 31.77 23.61 9.94
CA SER E 325 30.44 23.46 10.49
C SER E 325 30.49 23.76 11.99
N ILE E 326 29.59 24.61 12.46
CA ILE E 326 29.31 24.71 13.89
C ILE E 326 28.26 23.65 14.19
N VAL E 327 28.65 22.63 14.96
CA VAL E 327 27.94 21.35 15.02
C VAL E 327 26.60 21.44 15.77
N LYS E 328 25.62 20.67 15.29
CA LYS E 328 24.34 20.54 15.95
C LYS E 328 24.53 20.10 17.40
N ASP E 329 23.73 20.69 18.29
CA ASP E 329 23.77 20.49 19.74
C ASP E 329 25.03 21.02 20.41
N SER E 330 25.76 21.95 19.77
CA SER E 330 26.94 22.54 20.39
C SER E 330 26.61 23.30 21.68
N TRP E 331 25.37 23.78 21.81
CA TRP E 331 24.98 24.43 23.06
C TRP E 331 24.89 23.45 24.23
N ASN E 332 25.03 22.16 23.97
CA ASN E 332 25.21 21.16 25.02
C ASN E 332 26.70 20.91 25.22
N PRO E 333 27.26 21.13 26.43
CA PRO E 333 28.69 20.88 26.63
C PRO E 333 29.10 19.42 26.53
N GLU E 334 28.14 18.49 26.46
CA GLU E 334 28.51 17.09 26.31
C GLU E 334 29.04 16.77 24.90
N ILE E 335 28.77 17.63 23.92
CA ILE E 335 29.29 17.47 22.56
C ILE E 335 30.74 17.95 22.57
N THR E 336 31.68 17.00 22.42
CA THR E 336 33.07 17.31 22.73
C THR E 336 33.80 18.07 21.63
N GLU E 337 33.36 17.96 20.38
CA GLU E 337 33.91 18.79 19.30
C GLU E 337 32.79 19.66 18.73
N SER E 338 32.97 20.97 18.79
CA SER E 338 31.91 21.90 18.47
C SER E 338 32.02 22.52 17.09
N TYR E 339 33.22 22.51 16.51
CA TYR E 339 33.48 22.91 15.13
C TYR E 339 33.99 21.69 14.36
N ASP E 340 33.63 21.61 13.09
CA ASP E 340 34.00 20.47 12.26
C ASP E 340 34.29 20.94 10.84
N PRO E 341 35.56 20.90 10.41
CA PRO E 341 36.70 20.40 11.19
C PRO E 341 37.16 21.33 12.33
N ILE E 342 37.61 20.74 13.44
CA ILE E 342 38.00 21.56 14.58
C ILE E 342 39.31 22.28 14.31
N ALA E 343 40.16 21.73 13.44
CA ALA E 343 41.45 22.32 13.12
C ALA E 343 41.59 22.31 11.60
N ILE E 344 41.66 23.49 11.00
CA ILE E 344 41.76 23.61 9.56
C ILE E 344 43.03 24.33 9.17
N GLN E 345 43.39 24.15 7.91
CA GLN E 345 44.59 24.74 7.33
C GLN E 345 44.24 25.34 5.98
N VAL E 346 44.67 26.58 5.75
CA VAL E 346 44.39 27.33 4.53
C VAL E 346 45.63 28.11 4.14
N ASP E 347 45.67 28.50 2.87
CA ASP E 347 46.71 29.39 2.36
C ASP E 347 46.29 30.83 2.64
N SER E 348 47.26 31.72 2.81
CA SER E 348 46.90 33.13 3.00
C SER E 348 46.11 33.62 1.80
N GLY E 349 45.11 34.46 2.06
CA GLY E 349 44.19 34.90 1.04
C GLY E 349 42.92 34.11 0.94
N THR E 350 42.77 33.03 1.73
CA THR E 350 41.63 32.13 1.65
C THR E 350 40.47 32.66 2.49
N THR E 351 39.27 32.63 1.92
CA THR E 351 38.06 32.92 2.67
C THR E 351 37.52 31.63 3.26
N VAL E 352 37.34 31.60 4.58
CA VAL E 352 36.74 30.46 5.27
C VAL E 352 35.30 30.82 5.62
N THR E 353 34.41 29.85 5.53
CA THR E 353 32.98 30.09 5.77
C THR E 353 32.50 29.12 6.83
N TRP E 354 32.01 29.67 7.94
CA TRP E 354 31.35 28.89 8.96
C TRP E 354 29.86 28.86 8.68
N THR E 355 29.24 27.70 8.88
CA THR E 355 27.78 27.55 8.85
C THR E 355 27.35 27.10 10.23
N ASN E 356 26.34 27.77 10.78
CA ASN E 356 25.76 27.39 12.07
C ASN E 356 24.71 26.32 11.81
N ASP E 357 25.10 25.06 11.99
CA ASP E 357 24.23 23.91 11.83
C ASP E 357 23.51 23.55 13.11
N ASP E 358 23.58 24.41 14.12
CA ASP E 358 22.85 24.22 15.36
C ASP E 358 21.53 25.00 15.29
N SER E 359 20.72 24.88 16.33
CA SER E 359 19.48 25.64 16.47
C SER E 359 19.58 26.75 17.51
N VAL E 360 20.79 27.03 18.01
CA VAL E 360 21.07 28.12 18.93
C VAL E 360 22.12 29.02 18.27
N VAL E 361 22.09 30.32 18.59
CA VAL E 361 23.14 31.21 18.10
C VAL E 361 24.51 30.75 18.61
N HIS E 362 25.55 31.03 17.83
CA HIS E 362 26.95 30.80 18.19
C HIS E 362 27.80 31.95 17.64
N THR E 363 29.08 31.96 18.02
CA THR E 363 30.05 32.90 17.44
C THR E 363 31.33 32.19 17.02
N VAL E 364 32.11 32.89 16.21
CA VAL E 364 33.47 32.50 15.84
C VAL E 364 34.35 33.72 16.16
N THR E 365 35.20 33.60 17.19
CA THR E 365 35.88 34.75 17.77
C THR E 365 37.33 34.43 18.06
N ASP E 366 38.26 35.15 17.43
CA ASP E 366 39.68 35.01 17.71
C ASP E 366 39.96 35.29 19.19
N ASN E 367 40.70 34.41 19.87
CA ASN E 367 40.91 34.78 21.26
C ASN E 367 41.96 35.87 21.42
N GLU E 368 42.67 36.24 20.35
CA GLU E 368 43.33 37.53 20.26
C GLU E 368 42.43 38.58 19.65
N ASN E 369 41.17 38.22 19.40
CA ASN E 369 40.18 39.07 18.72
C ASN E 369 40.78 39.85 17.54
N SER E 370 41.52 39.13 16.70
CA SER E 370 41.83 39.64 15.37
C SER E 370 40.67 39.47 14.40
N PHE E 371 39.66 38.67 14.77
CA PHE E 371 38.41 38.61 14.02
C PHE E 371 37.29 38.21 14.99
N ASP E 372 36.06 38.58 14.62
CA ASP E 372 34.90 38.30 15.47
C ASP E 372 33.65 38.34 14.63
N SER E 373 32.92 37.22 14.62
CA SER E 373 31.70 37.10 13.84
C SER E 373 30.53 37.84 14.44
N GLY E 374 30.55 38.10 15.76
CA GLY E 374 29.29 38.46 16.39
C GLY E 374 28.37 37.24 16.44
N PHE E 375 27.11 37.51 16.75
CA PHE E 375 26.07 36.48 16.72
C PHE E 375 25.93 35.89 15.31
N ILE E 376 26.10 34.57 15.20
CA ILE E 376 25.77 33.86 13.97
C ILE E 376 24.45 33.11 14.18
N GLN E 377 23.40 33.56 13.51
CA GLN E 377 22.08 32.97 13.71
C GLN E 377 22.05 31.52 13.22
N ALA E 378 21.22 30.72 13.89
CA ALA E 378 21.05 29.31 13.53
C ALA E 378 20.72 29.18 12.05
N GLY E 379 21.43 28.29 11.38
CA GLY E 379 21.30 28.14 9.94
C GLY E 379 22.07 29.13 9.09
N ASN E 380 22.60 30.21 9.68
CA ASN E 380 23.26 31.20 8.85
C ASN E 380 24.76 30.89 8.70
N THR E 381 25.42 31.68 7.87
CA THR E 381 26.84 31.56 7.58
C THR E 381 27.55 32.86 7.94
N TRP E 382 28.85 32.75 8.17
CA TRP E 382 29.73 33.88 8.38
C TRP E 382 31.07 33.55 7.77
N SER E 383 31.65 34.52 7.04
CA SER E 383 32.88 34.31 6.28
C SER E 383 33.93 35.34 6.65
N TYR E 384 35.19 34.97 6.47
CA TYR E 384 36.31 35.84 6.79
C TYR E 384 37.49 35.45 5.91
N SER E 385 38.19 36.46 5.39
CA SER E 385 39.34 36.26 4.51
C SER E 385 40.62 36.36 5.33
N PHE E 386 41.40 35.27 5.36
CA PHE E 386 42.60 35.17 6.19
C PHE E 386 43.83 35.52 5.35
N ASP E 387 44.27 36.78 5.46
CA ASP E 387 45.36 37.32 4.65
C ASP E 387 46.71 37.35 5.35
N ASN E 388 46.78 36.88 6.59
CA ASN E 388 47.99 36.99 7.40
C ASN E 388 48.39 35.63 7.94
N PRO E 389 49.59 35.16 7.65
CA PRO E 389 50.01 33.82 8.12
C PRO E 389 50.07 33.74 9.63
N GLY E 390 49.92 32.53 10.15
CA GLY E 390 50.05 32.25 11.56
C GLY E 390 48.92 31.34 12.01
N GLU E 391 48.86 31.11 13.32
CA GLU E 391 47.87 30.22 13.91
C GLU E 391 46.92 31.01 14.79
N PHE E 392 45.62 30.83 14.55
CA PHE E 392 44.58 31.57 15.23
C PHE E 392 43.68 30.60 15.97
N ASP E 393 43.64 30.72 17.29
CA ASP E 393 42.76 29.91 18.11
C ASP E 393 41.47 30.70 18.35
N TYR E 394 40.33 30.10 18.04
CA TYR E 394 39.08 30.84 18.19
C TYR E 394 38.12 30.10 19.09
N ILE E 395 37.11 30.82 19.55
CA ILE E 395 36.18 30.32 20.53
C ILE E 395 34.80 30.82 20.14
N CYS E 396 33.79 30.27 20.80
CA CYS E 396 32.48 30.91 20.84
C CYS E 396 32.41 31.70 22.14
N THR E 397 32.07 32.99 22.05
CA THR E 397 31.94 33.80 23.26
C THR E 397 30.67 33.47 24.04
N LEU E 398 29.74 32.77 23.42
CA LEU E 398 28.68 32.10 24.12
C LEU E 398 29.26 30.69 24.31
N HIS E 399 28.84 29.97 25.30
CA HIS E 399 29.36 28.58 25.36
C HIS E 399 30.89 28.44 25.39
N PRO E 400 31.48 28.60 26.57
CA PRO E 400 32.95 28.60 26.67
C PRO E 400 33.65 27.29 26.32
N TRP E 401 32.95 26.16 26.25
CA TRP E 401 33.60 24.90 25.89
C TRP E 401 33.87 24.78 24.39
N MET E 402 33.49 25.75 23.59
CA MET E 402 33.49 25.63 22.14
C MET E 402 34.80 26.26 21.65
N LYS E 403 35.64 25.50 20.95
CA LYS E 403 36.87 26.09 20.42
C LYS E 403 37.35 25.37 19.16
N GLY E 404 38.17 26.08 18.38
CA GLY E 404 38.75 25.59 17.16
C GLY E 404 40.04 26.33 16.86
N THR E 405 40.71 25.93 15.78
CA THR E 405 41.94 26.58 15.34
C THR E 405 41.92 26.68 13.82
N ILE E 406 42.60 27.70 13.32
CA ILE E 406 42.86 27.82 11.89
C ILE E 406 44.32 28.18 11.71
N SER E 407 45.01 27.47 10.82
CA SER E 407 46.41 27.73 10.49
C SER E 407 46.46 28.33 9.11
N VAL E 408 47.13 29.46 8.98
CA VAL E 408 47.20 30.21 7.73
C VAL E 408 48.63 30.14 7.21
N ASN E 409 48.79 29.54 6.04
CA ASN E 409 50.10 29.39 5.40
C ASN E 409 50.19 30.28 4.18
N ASP F 1 -5.55 64.21 31.54
CA ASP F 1 -4.62 63.88 30.46
C ASP F 1 -5.31 63.69 29.12
N SER F 2 -6.35 64.51 28.84
CA SER F 2 -6.81 64.70 27.46
C SER F 2 -5.62 64.95 26.54
N SER F 3 -4.55 65.54 27.09
CA SER F 3 -3.44 66.06 26.30
C SER F 3 -2.65 64.96 25.59
N ASP F 4 -2.52 63.77 26.19
CA ASP F 4 -1.83 62.67 25.52
C ASP F 4 -2.78 61.74 24.78
N THR F 5 -4.04 62.09 24.64
CA THR F 5 -4.96 61.31 23.83
C THR F 5 -5.23 62.01 22.51
N PHE F 6 -5.78 61.26 21.57
CA PHE F 6 -6.15 61.74 20.24
C PHE F 6 -7.61 61.40 20.02
N PRO F 7 -8.53 62.31 20.35
CA PRO F 7 -9.95 62.03 20.15
C PRO F 7 -10.30 61.94 18.67
N LYS F 8 -11.39 61.21 18.41
CA LYS F 8 -12.01 61.16 17.10
C LYS F 8 -12.26 62.57 16.57
N PHE F 9 -12.04 62.77 15.27
CA PHE F 9 -12.00 64.11 14.71
C PHE F 9 -12.24 63.99 13.21
N LYS F 10 -13.20 64.77 12.69
CA LYS F 10 -13.46 64.78 11.26
C LYS F 10 -12.30 65.42 10.51
N ASN F 11 -11.65 64.63 9.68
CA ASN F 11 -10.53 65.09 8.87
C ASN F 11 -10.99 66.23 7.95
N PRO F 12 -10.42 67.42 8.07
CA PRO F 12 -10.83 68.50 7.17
C PRO F 12 -10.30 68.32 5.76
N ASN F 13 -9.28 67.48 5.55
CA ASN F 13 -8.62 67.31 4.26
C ASN F 13 -8.46 65.83 3.93
N PRO F 14 -9.56 65.11 3.71
CA PRO F 14 -9.45 63.67 3.45
C PRO F 14 -8.99 63.38 2.03
N GLN F 15 -8.24 62.28 1.89
CA GLN F 15 -7.87 61.85 0.56
C GLN F 15 -8.57 60.55 0.20
N THR F 16 -8.59 60.27 -1.10
CA THR F 16 -9.22 59.09 -1.66
C THR F 16 -8.11 58.17 -2.15
N LEU F 17 -8.04 56.97 -1.55
CA LEU F 17 -6.94 56.04 -1.78
C LEU F 17 -7.44 54.70 -2.27
N SER F 18 -6.57 54.03 -3.03
CA SER F 18 -6.92 52.77 -3.67
C SER F 18 -5.70 51.85 -3.63
N TYR F 19 -5.87 50.68 -3.04
CA TYR F 19 -4.82 49.68 -2.95
C TYR F 19 -5.29 48.40 -3.63
N THR F 20 -4.33 47.57 -4.01
CA THR F 20 -4.62 46.25 -4.55
C THR F 20 -3.82 45.21 -3.79
N LEU F 21 -4.51 44.18 -3.31
CA LEU F 21 -3.88 43.04 -2.67
C LEU F 21 -4.30 41.79 -3.41
N ILE F 22 -3.32 40.92 -3.67
CA ILE F 22 -3.53 39.69 -4.43
C ILE F 22 -3.16 38.53 -3.51
N ALA F 23 -4.09 37.61 -3.29
CA ALA F 23 -3.75 36.36 -2.61
C ALA F 23 -2.87 35.52 -3.53
N GLN F 24 -1.68 35.18 -3.07
CA GLN F 24 -0.70 34.49 -3.89
C GLN F 24 -0.05 33.40 -3.08
N ASP F 25 0.06 32.20 -3.65
CA ASP F 25 0.85 31.14 -3.02
C ASP F 25 2.31 31.32 -3.39
N ALA F 26 3.20 31.08 -2.43
CA ALA F 26 4.60 31.29 -2.69
C ALA F 26 5.46 30.36 -1.84
N GLU F 27 6.71 30.23 -2.26
CA GLU F 27 7.80 29.63 -1.49
C GLU F 27 8.67 30.78 -1.00
N ILE F 28 8.88 30.91 0.30
CA ILE F 28 9.76 31.97 0.80
C ILE F 28 10.74 31.38 1.80
N GLU F 29 11.87 32.05 1.94
CA GLU F 29 12.75 31.75 3.06
C GLU F 29 12.18 32.39 4.32
N VAL F 30 12.05 31.59 5.37
CA VAL F 30 11.51 32.08 6.64
C VAL F 30 12.56 32.16 7.72
N SER F 31 13.76 31.66 7.47
CA SER F 31 14.85 31.51 8.40
C SER F 31 16.05 31.15 7.55
N PRO F 32 17.29 31.46 7.97
CA PRO F 32 18.46 31.08 7.16
C PRO F 32 18.40 29.62 6.74
N GLY F 33 18.46 29.38 5.44
CA GLY F 33 18.43 28.02 4.91
C GLY F 33 17.13 27.26 5.10
N VAL F 34 16.01 27.94 5.33
CA VAL F 34 14.73 27.26 5.52
C VAL F 34 13.70 27.89 4.57
N ARG F 35 13.31 27.15 3.54
CA ARG F 35 12.32 27.59 2.57
C ARG F 35 11.02 26.87 2.88
N ALA F 36 9.90 27.57 2.70
CA ALA F 36 8.62 26.99 3.09
C ALA F 36 7.51 27.57 2.23
N LYS F 37 6.44 26.78 2.07
CA LYS F 37 5.26 27.25 1.35
C LYS F 37 4.42 28.14 2.25
N VAL F 38 3.95 29.25 1.69
CA VAL F 38 3.14 30.21 2.43
C VAL F 38 1.96 30.62 1.57
N TRP F 39 0.91 31.12 2.22
CA TRP F 39 -0.18 31.84 1.56
C TRP F 39 -0.04 33.30 1.93
N THR F 40 -0.05 34.18 0.93
CA THR F 40 0.30 35.58 1.15
C THR F 40 -0.72 36.51 0.52
N TYR F 41 -0.65 37.77 0.92
CA TYR F 41 -1.05 38.87 0.07
C TYR F 41 0.20 39.51 -0.52
N ASN F 42 0.30 39.52 -1.85
CA ASN F 42 1.35 40.18 -2.62
C ASN F 42 2.75 39.56 -2.44
N GLY F 43 2.85 38.36 -1.89
CA GLY F 43 4.07 37.59 -2.01
C GLY F 43 5.00 37.58 -0.83
N THR F 44 4.73 38.34 0.23
CA THR F 44 5.58 38.32 1.43
C THR F 44 4.74 38.05 2.67
N VAL F 45 5.44 37.65 3.73
CA VAL F 45 4.84 37.46 5.05
C VAL F 45 5.69 38.30 5.99
N PRO F 46 5.14 39.32 6.66
CA PRO F 46 3.75 39.78 6.57
C PRO F 46 3.45 40.44 5.24
N ALA F 47 2.16 40.63 5.00
CA ALA F 47 1.59 41.36 3.87
C ALA F 47 1.99 42.84 3.90
N PRO F 48 1.71 43.60 2.84
CA PRO F 48 2.07 45.03 2.84
C PRO F 48 1.42 45.81 3.97
N THR F 49 2.19 46.69 4.58
CA THR F 49 1.66 47.60 5.58
C THR F 49 0.86 48.68 4.87
N LEU F 50 -0.43 48.76 5.17
CA LEU F 50 -1.30 49.81 4.65
C LEU F 50 -1.26 50.96 5.63
N ARG F 51 -1.17 52.19 5.11
CA ARG F 51 -1.07 53.35 5.98
C ARG F 51 -1.81 54.52 5.36
N PHE F 52 -2.67 55.14 6.15
CA PHE F 52 -3.43 56.31 5.71
C PHE F 52 -3.91 57.05 6.95
N SER F 53 -4.76 58.04 6.74
CA SER F 53 -5.20 58.93 7.79
C SER F 53 -6.67 58.67 8.11
N GLU F 54 -7.00 58.88 9.39
CA GLU F 54 -8.38 58.91 9.82
C GLU F 54 -9.19 59.81 8.89
N GLY F 55 -10.36 59.33 8.49
CA GLY F 55 -11.23 60.10 7.61
C GLY F 55 -11.02 59.86 6.13
N ASP F 56 -9.92 59.20 5.75
CA ASP F 56 -9.66 58.95 4.34
C ASP F 56 -10.68 57.98 3.77
N ASP F 57 -10.94 58.12 2.47
CA ASP F 57 -11.77 57.16 1.75
C ASP F 57 -10.86 56.10 1.15
N VAL F 58 -11.01 54.86 1.62
CA VAL F 58 -10.08 53.78 1.32
C VAL F 58 -10.79 52.70 0.51
N THR F 59 -10.19 52.33 -0.62
CA THR F 59 -10.62 51.17 -1.40
C THR F 59 -9.49 50.15 -1.44
N VAL F 60 -9.80 48.88 -1.14
CA VAL F 60 -8.82 47.80 -1.25
C VAL F 60 -9.40 46.75 -2.17
N LYS F 61 -8.88 46.68 -3.40
CA LYS F 61 -9.29 45.65 -4.35
C LYS F 61 -8.53 44.35 -4.09
N PHE F 62 -9.28 43.29 -3.82
CA PHE F 62 -8.73 42.01 -3.43
C PHE F 62 -8.93 41.02 -4.58
N VAL F 63 -7.83 40.43 -5.07
CA VAL F 63 -7.82 39.49 -6.18
C VAL F 63 -7.28 38.16 -5.66
N ASN F 64 -8.02 37.07 -5.91
CA ASN F 64 -7.64 35.75 -5.41
C ASN F 64 -6.98 34.94 -6.52
N ASP F 65 -5.66 34.78 -6.45
CA ASP F 65 -4.87 34.02 -7.43
C ASP F 65 -4.39 32.68 -6.88
N THR F 66 -5.20 32.01 -6.08
CA THR F 66 -4.88 30.73 -5.46
C THR F 66 -6.03 29.76 -5.69
N PRO F 67 -5.82 28.46 -5.46
CA PRO F 67 -6.91 27.48 -5.60
C PRO F 67 -7.89 27.45 -4.44
N TYR F 68 -7.70 28.23 -3.38
CA TYR F 68 -8.57 28.19 -2.22
C TYR F 68 -9.31 29.50 -2.04
N ALA F 69 -10.40 29.43 -1.28
CA ALA F 69 -11.17 30.63 -0.96
C ALA F 69 -10.47 31.45 0.11
N HIS F 70 -10.55 32.78 -0.03
CA HIS F 70 -9.90 33.71 0.87
C HIS F 70 -10.82 34.90 1.06
N THR F 71 -10.53 35.71 2.10
CA THR F 71 -11.11 37.04 2.25
C THR F 71 -10.02 37.98 2.75
N ILE F 72 -10.38 39.25 2.95
CA ILE F 72 -9.62 40.16 3.81
C ILE F 72 -10.56 40.67 4.89
N HIS F 73 -10.20 40.42 6.15
CA HIS F 73 -10.89 41.01 7.28
C HIS F 73 -10.01 42.08 7.89
N PHE F 74 -10.49 43.32 7.87
CA PHE F 74 -9.84 44.45 8.54
C PHE F 74 -10.38 44.58 9.96
N HIS F 75 -9.49 44.85 10.91
CA HIS F 75 -9.94 45.34 12.22
C HIS F 75 -10.38 46.80 12.10
N GLY F 76 -11.29 47.21 12.97
CA GLY F 76 -11.81 48.56 12.96
C GLY F 76 -13.28 48.59 12.55
N THR F 77 -13.82 49.80 12.44
CA THR F 77 -15.26 49.97 12.20
C THR F 77 -15.59 49.96 10.70
N HIS F 78 -16.58 49.15 10.32
CA HIS F 78 -17.11 49.11 8.96
C HIS F 78 -18.37 48.24 8.99
N ASP F 79 -19.03 48.09 7.84
CA ASP F 79 -20.28 47.35 7.77
C ASP F 79 -20.04 45.91 7.34
N SER F 80 -21.13 45.13 7.28
CA SER F 80 -21.01 43.70 7.06
C SER F 80 -20.42 43.37 5.68
N ALA F 81 -20.84 44.09 4.64
CA ALA F 81 -20.29 43.87 3.30
C ALA F 81 -18.78 44.07 3.27
N ASN F 82 -18.22 44.84 4.20
CA ASN F 82 -16.79 45.12 4.20
C ASN F 82 -16.06 44.47 5.36
N ASP F 83 -16.64 43.42 5.93
CA ASP F 83 -16.09 42.77 7.10
C ASP F 83 -15.32 41.49 6.81
N GLY F 84 -15.37 40.97 5.59
CA GLY F 84 -14.46 39.89 5.24
C GLY F 84 -14.80 38.54 5.83
N VAL F 85 -16.05 38.34 6.24
CA VAL F 85 -16.57 37.02 6.62
C VAL F 85 -17.45 36.45 5.53
N PHE F 86 -18.41 37.25 5.05
CA PHE F 86 -19.21 36.93 3.89
C PHE F 86 -19.15 38.09 2.90
N PRO F 87 -18.97 37.80 1.61
CA PRO F 87 -18.82 36.50 0.98
C PRO F 87 -17.38 35.98 0.96
N MET F 88 -17.25 34.67 0.81
CA MET F 88 -15.97 34.02 0.55
C MET F 88 -15.54 34.46 -0.83
N ILE F 89 -14.27 34.85 -1.02
CA ILE F 89 -13.81 35.21 -2.36
C ILE F 89 -13.16 33.99 -2.99
N MET F 90 -13.76 33.50 -4.10
CA MET F 90 -13.39 32.21 -4.69
C MET F 90 -12.22 32.36 -5.66
N PRO F 91 -11.55 31.25 -5.98
CA PRO F 91 -10.37 31.33 -6.86
C PRO F 91 -10.64 32.11 -8.14
N GLY F 92 -9.74 33.05 -8.43
CA GLY F 92 -9.88 33.90 -9.59
C GLY F 92 -10.78 35.10 -9.44
N GLU F 93 -11.51 35.21 -8.34
CA GLU F 93 -12.46 36.32 -8.21
C GLU F 93 -11.80 37.58 -7.65
N GLU F 94 -12.49 38.70 -7.80
CA GLU F 94 -12.09 39.97 -7.22
C GLU F 94 -13.20 40.45 -6.30
N TYR F 95 -12.83 41.17 -5.24
CA TYR F 95 -13.82 41.81 -4.36
C TYR F 95 -13.27 43.14 -3.90
N THR F 96 -14.11 44.16 -3.93
CA THR F 96 -13.70 45.51 -3.58
C THR F 96 -14.16 45.83 -2.17
N TYR F 97 -13.23 45.89 -1.24
CA TYR F 97 -13.52 46.42 0.08
C TYR F 97 -13.40 47.94 0.04
N HIS F 98 -14.36 48.62 0.64
CA HIS F 98 -14.36 50.08 0.66
C HIS F 98 -14.87 50.57 2.01
N PHE F 99 -14.18 51.56 2.58
CA PHE F 99 -14.64 52.14 3.83
C PHE F 99 -13.98 53.49 4.05
N VAL F 100 -14.70 54.38 4.71
CA VAL F 100 -14.10 55.60 5.22
C VAL F 100 -13.46 55.28 6.55
N ALA F 101 -12.18 55.61 6.70
CA ALA F 101 -11.46 55.23 7.92
C ALA F 101 -12.12 55.93 9.10
N GLU F 102 -12.85 55.15 9.90
CA GLU F 102 -13.71 55.72 10.93
C GLU F 102 -12.92 56.14 12.17
N GLU F 103 -11.80 55.49 12.47
CA GLU F 103 -11.03 55.92 13.63
C GLU F 103 -9.56 55.72 13.37
N ALA F 104 -8.74 56.49 14.06
CA ALA F 104 -7.29 56.30 14.02
C ALA F 104 -6.89 55.16 14.93
N GLY F 105 -5.63 54.74 14.79
CA GLY F 105 -5.04 53.74 15.64
C GLY F 105 -4.24 52.74 14.82
N LEU F 106 -3.86 51.65 15.49
CA LEU F 106 -3.10 50.58 14.86
C LEU F 106 -3.96 49.35 14.75
N PHE F 107 -4.19 48.90 13.51
CA PHE F 107 -5.03 47.73 13.29
C PHE F 107 -4.27 46.72 12.47
N MET F 108 -4.92 45.61 12.18
CA MET F 108 -4.36 44.58 11.31
C MET F 108 -5.43 44.18 10.31
N TYR F 109 -5.01 43.40 9.33
CA TYR F 109 -5.92 42.69 8.45
C TYR F 109 -5.40 41.29 8.23
N HIS F 110 -6.30 40.35 7.97
CA HIS F 110 -5.90 38.97 7.78
C HIS F 110 -7.07 38.22 7.17
N CYS F 111 -6.76 37.09 6.55
CA CYS F 111 -7.80 36.30 5.93
C CYS F 111 -8.77 35.80 7.00
N HIS F 112 -10.03 35.64 6.60
CA HIS F 112 -11.00 35.08 7.55
C HIS F 112 -11.73 33.87 6.98
N ALA F 113 -11.16 33.22 5.98
CA ALA F 113 -11.72 31.97 5.47
C ALA F 113 -11.50 30.85 6.48
N PHE F 114 -12.40 29.84 6.48
CA PHE F 114 -12.27 28.71 7.39
C PHE F 114 -11.18 27.76 6.91
N PRO F 115 -10.34 27.21 7.82
CA PRO F 115 -10.22 27.62 9.22
C PRO F 115 -9.27 28.80 9.34
N THR F 116 -9.75 29.89 9.96
CA THR F 116 -8.97 31.12 9.99
C THR F 116 -7.60 30.92 10.60
N SER F 117 -7.49 30.14 11.67
CA SER F 117 -6.17 29.97 12.30
C SER F 117 -5.15 29.41 11.32
N GLU F 118 -5.60 28.54 10.42
CA GLU F 118 -4.68 27.98 9.42
C GLU F 118 -4.26 29.02 8.39
N HIS F 119 -5.20 29.81 7.89
CA HIS F 119 -4.83 30.81 6.87
C HIS F 119 -3.87 31.84 7.44
N VAL F 120 -4.05 32.22 8.71
CA VAL F 120 -3.12 33.13 9.38
C VAL F 120 -1.78 32.43 9.60
N ARG F 121 -1.80 31.19 10.11
CA ARG F 121 -0.57 30.42 10.25
C ARG F 121 0.18 30.32 8.93
N MET F 122 -0.53 30.28 7.80
CA MET F 122 0.17 30.08 6.55
C MET F 122 0.74 31.39 6.03
N GLY F 123 0.33 32.53 6.59
CA GLY F 123 0.95 33.78 6.20
C GLY F 123 0.05 34.95 5.86
N MET F 124 -1.28 34.78 5.82
CA MET F 124 -2.13 35.87 5.33
C MET F 124 -2.56 36.84 6.43
N PHE F 125 -1.66 37.77 6.71
CA PHE F 125 -1.88 38.82 7.69
C PHE F 125 -0.98 40.01 7.38
N GLY F 126 -1.49 41.22 7.68
CA GLY F 126 -0.72 42.43 7.49
C GLY F 126 -1.12 43.50 8.49
N THR F 127 -0.42 44.63 8.42
CA THR F 127 -0.56 45.71 9.38
C THR F 127 -1.28 46.89 8.74
N MET F 128 -2.10 47.59 9.53
CA MET F 128 -2.80 48.75 8.97
C MET F 128 -2.71 49.88 9.99
N ILE F 129 -1.99 50.94 9.63
CA ILE F 129 -1.69 52.07 10.51
C ILE F 129 -2.57 53.22 10.06
N ILE F 130 -3.45 53.69 10.94
CA ILE F 130 -4.33 54.80 10.59
C ILE F 130 -3.96 55.99 11.46
N ASP F 131 -3.40 57.01 10.84
CA ASP F 131 -2.88 58.12 11.60
C ASP F 131 -4.00 59.05 12.05
N PRO F 132 -3.83 59.69 13.21
CA PRO F 132 -4.90 60.54 13.75
C PRO F 132 -5.08 61.84 12.97
N ALA F 133 -6.35 62.23 12.81
CA ALA F 133 -6.68 63.47 12.11
C ALA F 133 -6.60 64.70 12.99
N ILE F 134 -6.78 64.57 14.31
CA ILE F 134 -6.82 65.80 15.11
C ILE F 134 -5.46 66.48 15.15
N ARG F 135 -4.37 65.72 15.16
CA ARG F 135 -3.01 66.24 15.13
C ARG F 135 -2.05 65.07 14.88
N PRO F 136 -0.87 65.31 14.31
CA PRO F 136 0.09 64.21 14.17
C PRO F 136 0.52 63.68 15.53
N MET F 137 0.85 62.40 15.56
CA MET F 137 1.57 61.87 16.70
C MET F 137 2.90 62.62 16.81
N ASP F 138 3.52 62.58 17.99
CA ASP F 138 4.76 63.35 18.22
C ASP F 138 5.84 62.90 17.23
N PRO F 139 6.66 63.84 16.73
CA PRO F 139 7.71 63.46 15.76
C PRO F 139 8.57 62.35 16.30
N ALA F 140 8.70 61.29 15.51
CA ALA F 140 9.33 60.06 15.93
C ALA F 140 9.87 59.34 14.71
N ARG F 141 10.86 58.49 14.93
CA ARG F 141 11.23 57.49 13.93
C ARG F 141 10.34 56.28 14.13
N GLU F 142 9.75 55.76 13.05
CA GLU F 142 8.67 54.79 13.13
C GLU F 142 9.04 53.47 12.47
N TYR F 143 8.75 52.36 13.16
CA TYR F 143 8.89 51.00 12.69
C TYR F 143 7.60 50.23 13.00
N PHE F 144 7.31 49.19 12.21
CA PHE F 144 6.21 48.29 12.51
C PHE F 144 6.76 46.87 12.70
N PHE F 145 6.05 46.05 13.49
CA PHE F 145 6.51 44.68 13.80
C PHE F 145 5.29 43.80 13.98
N THR F 146 5.22 42.70 13.22
CA THR F 146 4.24 41.66 13.48
C THR F 146 4.91 40.57 14.31
N LEU F 147 4.16 40.03 15.29
CA LEU F 147 4.60 38.92 16.13
C LEU F 147 3.73 37.72 15.74
N SER F 148 4.35 36.69 15.18
CA SER F 148 3.56 35.62 14.57
C SER F 148 4.15 34.28 14.98
N GLU F 149 3.46 33.21 14.57
CA GLU F 149 3.83 31.82 14.83
C GLU F 149 3.93 31.12 13.48
N PHE F 150 5.04 30.44 13.19
CA PHE F 150 5.18 29.79 11.90
C PHE F 150 5.94 28.48 12.04
N ASP F 151 5.44 27.45 11.38
CA ASP F 151 6.07 26.13 11.39
C ASP F 151 6.08 25.59 9.96
N PRO F 152 7.24 25.33 9.36
CA PRO F 152 7.26 24.91 7.96
C PRO F 152 6.76 23.49 7.74
N ASN F 153 6.81 22.63 8.76
CA ASN F 153 6.38 21.24 8.58
C ASN F 153 4.94 20.98 8.98
N ASN F 154 4.36 21.70 9.92
CA ASN F 154 2.95 21.47 10.28
C ASN F 154 2.36 22.80 10.71
N ALA F 155 1.50 23.37 9.85
CA ALA F 155 0.99 24.72 10.05
C ALA F 155 0.23 24.88 11.35
N LEU F 156 -0.34 23.81 11.90
CA LEU F 156 -1.15 23.94 13.10
C LEU F 156 -0.47 23.35 14.35
N GLU F 157 0.84 23.13 14.30
CA GLU F 157 1.64 22.80 15.50
C GLU F 157 1.28 23.73 16.65
N HIS F 158 1.03 23.17 17.82
CA HIS F 158 0.73 24.02 18.98
C HIS F 158 1.89 24.95 19.30
N PHE F 159 3.10 24.40 19.41
CA PHE F 159 4.35 25.14 19.61
C PHE F 159 5.12 25.10 18.31
N THR F 160 5.19 26.22 17.62
CA THR F 160 5.79 26.29 16.31
C THR F 160 7.32 26.37 16.36
N GLU F 161 7.95 25.97 15.26
CA GLU F 161 9.41 26.05 15.19
C GLU F 161 9.89 27.49 15.30
N PHE F 162 9.15 28.45 14.74
CA PHE F 162 9.54 29.85 14.74
C PHE F 162 8.45 30.75 15.30
N TYR F 163 8.91 31.86 15.90
CA TYR F 163 8.06 32.97 16.34
C TYR F 163 8.65 34.26 15.79
N PRO F 164 8.54 34.48 14.49
CA PRO F 164 9.28 35.58 13.88
C PRO F 164 8.66 36.94 14.15
N ILE F 165 9.55 37.93 14.13
CA ILE F 165 9.18 39.33 14.03
C ILE F 165 9.25 39.71 12.57
N ASN F 166 8.13 40.17 12.01
CA ASN F 166 8.01 40.47 10.58
C ASN F 166 8.41 39.25 9.73
N GLY F 167 7.89 38.09 10.09
CA GLY F 167 7.90 36.96 9.16
C GLY F 167 9.17 36.14 9.02
N TYR F 168 10.32 36.80 8.92
CA TYR F 168 11.62 36.15 8.77
C TYR F 168 12.33 36.10 10.12
N ALA F 169 12.48 34.89 10.67
CA ALA F 169 13.06 34.69 12.00
C ALA F 169 14.43 35.36 12.15
N GLY F 170 14.59 36.14 13.21
CA GLY F 170 15.90 36.67 13.56
C GLY F 170 16.46 37.71 12.62
N GLN F 171 15.65 38.28 11.71
CA GLN F 171 16.21 39.16 10.69
C GLN F 171 16.86 40.40 11.29
N TYR F 172 16.33 40.93 12.40
CA TYR F 172 16.84 42.16 12.95
C TYR F 172 18.04 41.92 13.88
N MET F 173 18.54 40.70 13.92
CA MET F 173 19.79 40.47 14.60
C MET F 173 20.93 40.78 13.65
N ASP F 174 20.84 40.32 12.40
CA ASP F 174 21.84 40.71 11.41
C ASP F 174 21.61 42.10 10.87
N ASN F 175 20.39 42.63 10.90
CA ASN F 175 20.09 43.97 10.39
C ASN F 175 19.41 44.75 11.51
N PRO F 176 20.19 45.34 12.41
CA PRO F 176 19.60 45.96 13.61
C PRO F 176 18.59 47.06 13.29
N ILE F 177 17.66 47.25 14.22
CA ILE F 177 16.72 48.38 14.19
C ILE F 177 17.46 49.62 14.65
N ARG F 178 17.62 50.60 13.77
CA ARG F 178 18.47 51.74 14.07
C ARG F 178 17.64 52.88 14.64
N VAL F 179 18.05 53.38 15.82
CA VAL F 179 17.44 54.53 16.46
C VAL F 179 18.54 55.55 16.79
N VAL F 180 18.11 56.76 17.13
CA VAL F 180 19.02 57.88 17.31
C VAL F 180 18.98 58.31 18.78
N SER F 181 20.14 58.50 19.39
CA SER F 181 20.17 58.86 20.80
C SER F 181 19.42 60.16 21.02
N GLY F 182 18.49 60.15 21.98
CA GLY F 182 17.62 61.27 22.27
C GLY F 182 16.45 61.50 21.34
N GLU F 183 16.29 60.71 20.27
CA GLU F 183 15.19 60.86 19.34
C GLU F 183 14.03 59.97 19.76
N LEU F 184 12.82 60.51 19.78
CA LEU F 184 11.67 59.64 20.03
C LEU F 184 11.55 58.58 18.92
N THR F 185 11.24 57.35 19.33
CA THR F 185 11.05 56.20 18.45
C THR F 185 9.65 55.64 18.72
N ARG F 186 8.93 55.24 17.68
CA ARG F 186 7.59 54.71 17.83
C ARG F 186 7.49 53.38 17.08
N PHE F 187 7.03 52.35 17.80
CA PHE F 187 6.87 50.99 17.27
C PHE F 187 5.38 50.68 17.16
N TYR F 188 4.95 50.20 16.00
CA TYR F 188 3.58 49.77 15.79
C TYR F 188 3.60 48.25 15.80
N VAL F 189 3.20 47.63 16.91
CA VAL F 189 3.39 46.20 17.15
C VAL F 189 2.04 45.47 17.08
N VAL F 190 1.99 44.40 16.28
CA VAL F 190 0.76 43.64 15.98
C VAL F 190 0.97 42.22 16.49
N GLY F 191 0.11 41.75 17.38
CA GLY F 191 0.17 40.39 17.89
C GLY F 191 -0.78 39.52 17.08
N ILE F 192 -0.23 38.52 16.41
CA ILE F 192 -1.03 37.74 15.47
C ILE F 192 -0.57 36.27 15.46
N GLY F 193 -0.35 35.70 16.64
CA GLY F 193 -0.25 34.27 16.81
C GLY F 193 -1.60 33.65 17.11
N GLY F 194 -1.59 32.35 17.44
CA GLY F 194 -2.85 31.67 17.69
C GLY F 194 -2.96 30.90 18.98
N VAL F 195 -1.82 30.62 19.62
CA VAL F 195 -1.76 29.85 20.86
C VAL F 195 -1.23 30.68 22.03
N LEU F 196 0.05 31.05 21.98
CA LEU F 196 0.65 31.80 23.09
C LEU F 196 0.42 33.30 22.92
N GLN F 197 0.37 34.00 24.06
CA GLN F 197 0.35 35.45 24.04
C GLN F 197 1.78 35.97 23.96
N SER F 198 1.93 37.28 23.77
CA SER F 198 3.23 37.89 23.46
C SER F 198 3.59 39.00 24.44
N PRO F 199 4.40 38.72 25.47
CA PRO F 199 4.87 39.82 26.33
C PRO F 199 6.01 40.57 25.63
N PHE F 200 5.71 41.77 25.13
CA PHE F 200 6.69 42.56 24.38
C PHE F 200 7.62 43.33 25.31
N HIS F 201 8.92 43.15 25.14
CA HIS F 201 9.88 43.76 26.06
C HIS F 201 11.00 44.45 25.29
N VAL F 202 11.40 45.64 25.71
CA VAL F 202 12.56 46.31 25.15
C VAL F 202 13.58 46.56 26.26
N HIS F 203 14.85 46.32 25.96
CA HIS F 203 15.89 46.49 26.95
C HIS F 203 16.12 47.97 27.26
N SER F 204 16.41 48.27 28.53
CA SER F 204 17.11 49.49 28.96
C SER F 204 16.29 50.77 28.88
N THR F 205 14.99 50.69 28.67
CA THR F 205 14.17 51.88 28.70
C THR F 205 12.73 51.47 29.00
N ILE F 206 11.94 52.45 29.45
CA ILE F 206 10.55 52.22 29.81
C ILE F 206 9.68 52.69 28.66
N MET F 207 8.73 51.84 28.25
CA MET F 207 7.88 52.17 27.11
C MET F 207 6.66 52.97 27.53
N LYS F 208 6.22 53.85 26.65
CA LYS F 208 4.91 54.47 26.77
C LYS F 208 4.00 53.75 25.79
N VAL F 209 2.87 53.22 26.27
CA VAL F 209 2.07 52.26 25.53
C VAL F 209 0.63 52.78 25.40
N TYR F 210 0.10 52.74 24.18
CA TYR F 210 -1.31 52.98 23.95
C TYR F 210 -2.00 51.63 23.92
N PRO F 211 -2.75 51.26 24.95
CA PRO F 211 -3.41 49.95 24.95
C PRO F 211 -4.25 49.72 23.70
N SER F 212 -4.13 48.51 23.15
CA SER F 212 -4.92 48.06 22.01
C SER F 212 -4.65 48.88 20.74
N GLY F 213 -3.61 49.71 20.75
CA GLY F 213 -3.34 50.54 19.60
C GLY F 213 -4.40 51.61 19.35
N ILE F 214 -5.21 51.95 20.36
CA ILE F 214 -6.32 52.91 20.23
C ILE F 214 -5.88 54.22 20.85
N LEU F 215 -5.82 55.28 20.03
CA LEU F 215 -5.25 56.55 20.47
C LEU F 215 -6.23 57.41 21.27
N TRP F 216 -7.48 56.96 21.42
CA TRP F 216 -8.39 57.63 22.34
C TRP F 216 -8.00 57.39 23.79
N ASN F 217 -7.29 56.29 24.06
CA ASN F 217 -6.89 55.95 25.42
C ASN F 217 -5.78 56.85 25.91
N GLU F 218 -5.77 57.10 27.21
CA GLU F 218 -4.56 57.61 27.85
C GLU F 218 -3.49 56.52 27.82
N PRO F 219 -2.24 56.83 27.45
CA PRO F 219 -1.20 55.78 27.44
C PRO F 219 -0.77 55.45 28.86
N TYR F 220 -0.05 54.34 28.99
CA TYR F 220 0.55 53.98 30.27
C TYR F 220 2.00 53.54 30.05
N TYR F 221 2.71 53.39 31.16
CA TYR F 221 4.14 53.14 31.17
C TYR F 221 4.43 51.68 31.55
N ALA F 222 5.33 51.02 30.83
CA ALA F 222 5.52 49.59 31.02
C ALA F 222 6.96 49.18 30.72
N GLN F 223 7.50 48.24 31.51
CA GLN F 223 8.74 47.60 31.13
C GLN F 223 8.50 46.47 30.15
N THR F 224 7.32 45.86 30.24
CA THR F 224 6.88 44.76 29.40
C THR F 224 5.38 44.91 29.21
N HIS F 225 4.90 44.66 27.99
CA HIS F 225 3.50 44.88 27.68
C HIS F 225 2.95 43.66 26.98
N LEU F 226 1.94 43.03 27.60
CA LEU F 226 1.31 41.84 27.06
C LEU F 226 0.39 42.17 25.91
N ILE F 227 0.70 41.67 24.72
CA ILE F 227 -0.09 41.87 23.52
C ILE F 227 -0.79 40.55 23.20
N GLY F 228 -2.11 40.53 23.34
CA GLY F 228 -2.85 39.34 22.99
C GLY F 228 -2.93 39.17 21.49
N ASN F 229 -3.13 37.93 21.06
CA ASN F 229 -3.34 37.66 19.65
C ASN F 229 -4.59 38.38 19.17
N GLY F 230 -4.50 39.02 18.01
CA GLY F 230 -5.57 39.88 17.54
C GLY F 230 -5.58 41.27 18.16
N ASP F 231 -4.59 41.61 18.99
CA ASP F 231 -4.48 42.95 19.53
C ASP F 231 -3.22 43.62 18.99
N THR F 232 -3.11 44.94 19.21
CA THR F 232 -1.94 45.70 18.80
C THR F 232 -1.49 46.61 19.93
N ALA F 233 -0.34 47.27 19.74
CA ALA F 233 0.08 48.29 20.70
C ALA F 233 0.90 49.32 19.95
N ILE F 234 0.63 50.60 20.21
CA ILE F 234 1.49 51.70 19.73
C ILE F 234 2.43 52.07 20.87
N ILE F 235 3.75 51.91 20.66
CA ILE F 235 4.72 51.98 21.74
C ILE F 235 5.72 53.07 21.38
N GLU F 236 6.08 53.91 22.35
CA GLU F 236 7.05 54.99 22.17
C GLU F 236 8.15 54.84 23.22
N ALA F 237 9.40 55.06 22.80
CA ALA F 237 10.56 54.94 23.68
C ALA F 237 11.67 55.85 23.16
N THR F 238 12.57 56.24 24.05
CA THR F 238 13.76 57.00 23.70
C THR F 238 14.96 56.35 24.36
N TRP F 239 16.02 56.15 23.60
CA TRP F 239 17.27 55.64 24.11
C TRP F 239 18.24 56.81 24.12
N THR F 240 18.83 57.10 25.27
CA THR F 240 19.70 58.26 25.35
C THR F 240 21.18 57.89 25.27
N GLN F 241 21.54 56.61 25.30
CA GLN F 241 22.94 56.22 25.35
C GLN F 241 23.27 55.34 24.15
N PRO F 242 24.25 55.70 23.33
CA PRO F 242 24.57 54.88 22.14
C PRO F 242 25.13 53.52 22.53
N GLY F 243 24.99 52.55 21.61
CA GLY F 243 25.39 51.17 21.85
C GLY F 243 24.31 50.21 21.39
N MET F 244 24.48 48.93 21.73
CA MET F 244 23.60 47.87 21.24
C MET F 244 22.73 47.38 22.38
N TYR F 245 21.45 47.16 22.07
CA TYR F 245 20.44 46.67 22.99
C TYR F 245 19.61 45.65 22.22
N LEU F 246 18.62 45.06 22.89
CA LEU F 246 17.74 44.07 22.30
C LEU F 246 16.29 44.44 22.55
N PHE F 247 15.40 43.90 21.73
CA PHE F 247 14.00 43.74 22.14
C PHE F 247 13.50 42.40 21.64
N HIS F 248 12.37 41.93 22.21
CA HIS F 248 11.88 40.61 21.89
C HIS F 248 10.61 40.33 22.68
N VAL F 249 9.86 39.33 22.22
CA VAL F 249 8.86 38.72 23.07
C VAL F 249 9.58 37.95 24.17
N HIS F 250 9.14 38.14 25.41
CA HIS F 250 9.80 37.56 26.59
C HIS F 250 9.24 36.16 26.80
N GLY F 251 10.04 35.14 26.48
CA GLY F 251 9.62 33.75 26.68
C GLY F 251 10.29 32.84 25.65
N ILE F 252 9.72 31.66 25.44
CA ILE F 252 10.37 30.72 24.53
C ILE F 252 10.42 31.23 23.10
N GLN F 253 9.54 32.17 22.75
CA GLN F 253 9.61 32.82 21.44
C GLN F 253 10.97 33.40 21.15
N GLU F 254 11.66 33.90 22.18
CA GLU F 254 12.90 34.61 21.89
C GLU F 254 14.04 33.68 21.50
N GLU F 255 13.87 32.37 21.69
CA GLU F 255 14.83 31.38 21.20
C GLU F 255 14.51 30.92 19.78
N ARG F 256 13.42 31.40 19.21
CA ARG F 256 12.92 30.82 17.97
C ARG F 256 12.66 31.91 16.95
N GLY F 257 13.44 32.98 16.99
CA GLY F 257 13.38 34.04 16.00
C GLY F 257 12.75 35.32 16.46
N SER F 258 12.20 35.38 17.68
CA SER F 258 11.59 36.60 18.20
C SER F 258 12.68 37.33 18.97
N MET F 259 13.61 37.93 18.24
CA MET F 259 14.72 38.58 18.89
C MET F 259 15.27 39.60 17.90
N ALA F 260 15.43 40.84 18.34
CA ALA F 260 15.83 41.93 17.46
C ALA F 260 16.89 42.73 18.16
N MET F 261 17.83 43.25 17.38
CA MET F 261 18.86 44.10 17.95
C MET F 261 18.53 45.56 17.66
N ILE F 262 18.77 46.41 18.65
CA ILE F 262 18.55 47.85 18.56
C ILE F 262 19.92 48.52 18.56
N GLU F 263 20.24 49.25 17.51
CA GLU F 263 21.49 49.99 17.44
C GLU F 263 21.17 51.46 17.68
N VAL F 264 21.58 51.99 18.82
CA VAL F 264 21.38 53.40 19.13
C VAL F 264 22.58 54.15 18.57
N LEU F 265 22.33 54.97 17.56
CA LEU F 265 23.34 55.78 16.92
C LEU F 265 23.40 57.15 17.55
N GLU F 266 24.59 57.71 17.59
CA GLU F 266 24.71 59.10 18.00
C GLU F 266 24.31 60.03 16.87
N ASP F 267 24.51 59.58 15.63
CA ASP F 267 24.39 60.44 14.46
C ASP F 267 23.38 59.81 13.51
N ALA F 268 22.31 60.57 13.20
CA ALA F 268 21.25 60.15 12.29
C ALA F 268 21.64 60.18 10.82
N SER F 269 22.88 60.56 10.49
CA SER F 269 23.21 60.92 9.12
C SER F 269 23.14 59.72 8.17
N SER F 270 23.48 58.53 8.67
CA SER F 270 23.44 57.34 7.83
C SER F 270 22.02 56.89 7.49
N LEU F 271 21.01 57.48 8.12
CA LEU F 271 19.62 57.13 7.87
C LEU F 271 18.93 58.07 6.89
N SER F 272 19.59 59.14 6.44
CA SER F 272 18.87 60.16 5.69
C SER F 272 18.40 59.65 4.33
N ASP F 273 19.12 58.71 3.73
CA ASP F 273 18.68 58.17 2.45
C ASP F 273 17.71 57.01 2.57
N VAL F 274 17.61 56.38 3.74
CA VAL F 274 16.73 55.23 3.88
C VAL F 274 15.37 55.62 4.47
N GLN F 275 15.34 56.60 5.37
CA GLN F 275 14.08 57.02 5.96
C GLN F 275 13.23 57.75 4.92
N ARG F 276 11.92 57.84 5.20
CA ARG F 276 10.97 58.58 4.39
C ARG F 276 10.09 59.47 5.25
N PRO F 277 9.66 60.61 4.73
CA PRO F 277 8.71 61.45 5.47
C PRO F 277 7.46 60.65 5.80
N SER F 278 7.03 60.72 7.06
CA SER F 278 5.91 59.90 7.50
C SER F 278 4.58 60.57 7.15
N ASN F 279 3.53 59.74 7.13
CA ASN F 279 2.17 60.26 7.09
C ASN F 279 1.77 60.94 8.40
N ASN F 280 2.47 60.63 9.49
CA ASN F 280 2.46 61.51 10.67
C ASN F 280 3.38 62.67 10.34
N LYS F 281 2.82 63.85 10.06
CA LYS F 281 3.66 64.97 9.64
C LYS F 281 4.76 65.26 10.65
N GLY F 282 6.01 65.29 10.19
CA GLY F 282 7.15 65.54 11.04
C GLY F 282 7.89 64.31 11.51
N SER F 283 7.35 63.11 11.26
CA SER F 283 7.99 61.87 11.67
C SER F 283 8.81 61.29 10.52
N TYR F 284 9.65 60.31 10.85
CA TYR F 284 10.52 59.64 9.88
C TYR F 284 10.15 58.16 9.83
N SER F 285 9.63 57.73 8.69
CA SER F 285 9.17 56.36 8.55
C SER F 285 10.33 55.46 8.12
N MET F 286 10.50 54.36 8.82
CA MET F 286 11.44 53.31 8.44
C MET F 286 10.71 52.12 7.83
N VAL F 287 9.42 52.26 7.57
CA VAL F 287 8.61 51.11 7.16
C VAL F 287 9.06 50.61 5.79
N GLU F 288 9.38 51.54 4.89
CA GLU F 288 9.86 51.17 3.56
C GLU F 288 11.15 50.36 3.63
N TRP F 289 12.09 50.78 4.50
CA TRP F 289 13.33 50.01 4.65
C TRP F 289 13.03 48.61 5.15
N GLN F 290 12.10 48.49 6.10
CA GLN F 290 11.75 47.18 6.62
C GLN F 290 11.17 46.29 5.53
N GLU F 291 10.26 46.83 4.73
CA GLU F 291 9.58 45.98 3.76
C GLU F 291 10.52 45.62 2.61
N ASP F 292 11.44 46.51 2.26
CA ASP F 292 12.50 46.13 1.34
C ASP F 292 13.29 44.94 1.88
N LEU F 293 13.64 44.98 3.17
CA LEU F 293 14.45 43.91 3.74
C LEU F 293 13.68 42.60 3.81
N ILE F 294 12.40 42.65 4.20
CA ILE F 294 11.56 41.45 4.23
C ILE F 294 11.60 40.75 2.88
N ARG F 295 11.41 41.51 1.80
CA ARG F 295 11.38 40.88 0.48
C ARG F 295 12.77 40.40 0.05
N THR F 296 13.81 41.16 0.38
CA THR F 296 15.18 40.73 0.07
C THR F 296 15.50 39.40 0.74
N LEU F 297 15.14 39.26 2.02
CA LEU F 297 15.46 38.05 2.76
C LEU F 297 14.56 36.88 2.36
N GLU F 298 13.27 37.14 2.11
CA GLU F 298 12.34 36.04 1.85
C GLU F 298 12.48 35.48 0.44
N GLN F 299 12.97 36.27 -0.51
CA GLN F 299 13.20 35.82 -1.89
C GLN F 299 11.99 35.04 -2.42
N PRO F 300 10.82 35.66 -2.49
CA PRO F 300 9.61 34.90 -2.74
C PRO F 300 9.61 34.32 -4.15
N GLN F 301 9.14 33.07 -4.25
CA GLN F 301 8.93 32.41 -5.53
C GLN F 301 7.44 32.10 -5.66
N LEU F 302 6.74 32.85 -6.50
CA LEU F 302 5.30 32.65 -6.64
C LEU F 302 5.00 31.30 -7.27
N ILE F 303 3.95 30.63 -6.77
CA ILE F 303 3.46 29.37 -7.29
C ILE F 303 2.22 29.70 -8.10
N SER F 304 2.32 29.67 -9.42
CA SER F 304 1.27 30.20 -10.27
C SER F 304 0.25 29.15 -10.68
N TYR F 305 -1.01 29.59 -10.76
CA TYR F 305 -2.14 28.80 -11.23
C TYR F 305 -2.91 29.71 -12.19
N GLU F 306 -2.84 29.45 -13.49
CA GLU F 306 -3.78 30.11 -14.39
C GLU F 306 -4.97 29.22 -14.68
N ASN F 307 -5.11 28.12 -13.94
CA ASN F 307 -6.27 27.23 -13.97
C ASN F 307 -7.28 27.59 -12.88
N LEU F 308 -7.69 28.85 -12.79
CA LEU F 308 -8.60 29.29 -11.72
C LEU F 308 -10.01 29.41 -12.28
N GLY F 309 -10.87 28.47 -11.89
CA GLY F 309 -12.28 28.49 -12.26
C GLY F 309 -12.73 27.25 -13.00
N ASP G 1 38.69 -48.35 64.21
CA ASP G 1 39.70 -49.16 63.55
C ASP G 1 41.09 -48.73 63.99
N SER G 2 41.35 -47.42 63.95
CA SER G 2 42.70 -46.88 64.05
C SER G 2 43.57 -47.60 63.03
N SER G 3 44.88 -47.67 63.26
CA SER G 3 45.82 -48.36 62.36
C SER G 3 45.68 -47.90 60.90
N ASP G 4 44.46 -47.58 60.45
CA ASP G 4 44.23 -46.84 59.21
C ASP G 4 44.16 -45.33 59.41
N THR G 5 44.17 -44.85 60.65
CA THR G 5 44.22 -43.41 60.89
C THR G 5 45.63 -42.98 61.26
N PHE G 6 45.86 -41.68 61.18
CA PHE G 6 47.13 -41.04 61.50
C PHE G 6 46.87 -40.03 62.61
N PRO G 7 46.93 -40.44 63.87
CA PRO G 7 46.63 -39.51 64.96
C PRO G 7 47.59 -38.34 65.01
N LYS G 8 47.06 -37.22 65.52
CA LYS G 8 47.84 -36.01 65.76
C LYS G 8 49.07 -36.31 66.59
N PHE G 9 50.20 -35.74 66.20
CA PHE G 9 51.50 -36.11 66.74
C PHE G 9 52.44 -34.92 66.76
N LYS G 10 53.18 -34.75 67.86
CA LYS G 10 54.16 -33.67 67.98
C LYS G 10 55.44 -34.05 67.25
N ASN G 11 55.68 -33.41 66.12
CA ASN G 11 56.86 -33.69 65.31
C ASN G 11 58.13 -33.40 66.12
N PRO G 12 59.00 -34.40 66.36
CA PRO G 12 60.21 -34.12 67.14
C PRO G 12 61.33 -33.46 66.36
N ASN G 13 61.29 -33.48 65.02
CA ASN G 13 62.28 -32.80 64.19
C ASN G 13 61.59 -31.87 63.20
N PRO G 14 60.96 -30.80 63.69
CA PRO G 14 60.30 -29.86 62.78
C PRO G 14 61.31 -29.17 61.87
N GLN G 15 60.94 -29.00 60.61
CA GLN G 15 61.70 -28.18 59.68
C GLN G 15 61.15 -26.75 59.65
N THR G 16 62.02 -25.80 59.32
CA THR G 16 61.63 -24.40 59.18
C THR G 16 61.63 -24.04 57.71
N LEU G 17 60.47 -23.63 57.20
CA LEU G 17 60.26 -23.39 55.78
C LEU G 17 59.85 -21.94 55.59
N SER G 18 60.19 -21.40 54.43
CA SER G 18 59.85 -20.01 54.13
C SER G 18 59.55 -19.93 52.64
N TYR G 19 58.32 -19.51 52.32
CA TYR G 19 57.86 -19.40 50.95
C TYR G 19 57.67 -17.95 50.56
N THR G 20 57.66 -17.70 49.25
CA THR G 20 57.35 -16.38 48.71
C THR G 20 56.29 -16.55 47.64
N LEU G 21 55.13 -15.93 47.84
CA LEU G 21 54.04 -15.95 46.87
C LEU G 21 53.72 -14.52 46.46
N ILE G 22 53.61 -14.29 45.15
CA ILE G 22 53.39 -12.95 44.63
C ILE G 22 52.09 -12.96 43.83
N ALA G 23 51.15 -12.14 44.23
CA ALA G 23 49.96 -11.93 43.41
C ALA G 23 50.36 -11.21 42.13
N GLN G 24 50.08 -11.81 40.98
CA GLN G 24 50.49 -11.30 39.67
C GLN G 24 49.35 -11.52 38.70
N ASP G 25 48.98 -10.46 37.98
CA ASP G 25 48.03 -10.63 36.89
C ASP G 25 48.75 -11.23 35.69
N ALA G 26 48.00 -11.96 34.87
CA ALA G 26 48.61 -12.67 33.77
C ALA G 26 47.54 -12.98 32.75
N GLU G 27 48.00 -13.32 31.55
CA GLU G 27 47.20 -13.99 30.55
C GLU G 27 47.75 -15.40 30.39
N ILE G 28 46.86 -16.39 30.47
CA ILE G 28 47.26 -17.78 30.29
C ILE G 28 46.34 -18.42 29.25
N GLU G 29 46.82 -19.50 28.68
CA GLU G 29 45.96 -20.35 27.89
C GLU G 29 45.28 -21.34 28.83
N VAL G 30 43.95 -21.46 28.72
CA VAL G 30 43.18 -22.35 29.60
C VAL G 30 42.63 -23.55 28.85
N SER G 31 42.79 -23.59 27.55
CA SER G 31 42.29 -24.65 26.70
C SER G 31 42.82 -24.38 25.30
N PRO G 32 42.91 -25.39 24.45
CA PRO G 32 43.49 -25.17 23.11
C PRO G 32 42.93 -23.94 22.41
N GLY G 33 43.79 -22.95 22.15
CA GLY G 33 43.40 -21.75 21.44
C GLY G 33 42.55 -20.77 22.21
N VAL G 34 42.55 -20.82 23.53
CA VAL G 34 41.74 -19.92 24.35
C VAL G 34 42.68 -19.29 25.38
N ARG G 35 43.05 -18.04 25.15
CA ARG G 35 43.81 -17.25 26.10
C ARG G 35 42.85 -16.44 26.96
N ALA G 36 43.22 -16.20 28.21
CA ALA G 36 42.35 -15.47 29.11
C ALA G 36 43.17 -14.79 30.19
N LYS G 37 42.65 -13.66 30.66
CA LYS G 37 43.22 -12.98 31.82
C LYS G 37 42.88 -13.73 33.10
N VAL G 38 43.86 -13.80 34.01
CA VAL G 38 43.72 -14.47 35.29
C VAL G 38 44.42 -13.65 36.36
N TRP G 39 44.02 -13.89 37.60
CA TRP G 39 44.74 -13.43 38.78
C TRP G 39 45.41 -14.62 39.43
N THR G 40 46.71 -14.54 39.68
CA THR G 40 47.46 -15.70 40.12
C THR G 40 48.28 -15.43 41.37
N TYR G 41 48.76 -16.51 41.96
CA TYR G 41 49.96 -16.48 42.78
C TYR G 41 51.07 -17.09 41.93
N ASN G 42 52.13 -16.31 41.70
CA ASN G 42 53.35 -16.77 41.03
C ASN G 42 53.13 -17.24 39.60
N GLY G 43 52.02 -16.84 38.98
CA GLY G 43 51.88 -16.86 37.54
C GLY G 43 51.21 -18.07 36.92
N THR G 44 50.68 -19.01 37.69
CA THR G 44 49.96 -20.14 37.12
C THR G 44 48.64 -20.33 37.84
N VAL G 45 47.74 -21.03 37.18
CA VAL G 45 46.49 -21.49 37.80
C VAL G 45 46.42 -23.01 37.63
N PRO G 46 46.37 -23.79 38.72
CA PRO G 46 46.44 -23.36 40.11
C PRO G 46 47.77 -22.79 40.52
N ALA G 47 47.77 -22.14 41.67
CA ALA G 47 48.97 -21.66 42.32
C ALA G 47 49.90 -22.82 42.70
N PRO G 48 51.15 -22.53 43.10
CA PRO G 48 52.07 -23.63 43.44
C PRO G 48 51.55 -24.45 44.60
N THR G 49 51.78 -25.76 44.53
CA THR G 49 51.41 -26.64 45.62
C THR G 49 52.41 -26.49 46.76
N LEU G 50 51.93 -26.05 47.93
CA LEU G 50 52.78 -26.06 49.10
C LEU G 50 52.73 -27.44 49.75
N ARG G 51 53.89 -27.97 50.12
CA ARG G 51 54.00 -29.28 50.74
C ARG G 51 55.05 -29.26 51.83
N PHE G 52 54.65 -29.67 53.03
CA PHE G 52 55.56 -29.77 54.17
C PHE G 52 54.96 -30.78 55.13
N SER G 53 55.49 -30.84 56.34
CA SER G 53 55.11 -31.85 57.32
C SER G 53 54.45 -31.21 58.53
N GLU G 54 53.49 -31.95 59.09
CA GLU G 54 52.89 -31.62 60.37
C GLU G 54 53.95 -31.15 61.36
N GLY G 55 53.68 -30.02 62.03
CA GLY G 55 54.59 -29.48 63.00
C GLY G 55 55.71 -28.62 62.44
N ASP G 56 55.89 -28.57 61.13
CA ASP G 56 56.89 -27.65 60.59
C ASP G 56 56.51 -26.19 60.88
N ASP G 57 57.52 -25.33 60.86
CA ASP G 57 57.36 -23.91 61.06
C ASP G 57 57.34 -23.25 59.69
N VAL G 58 56.21 -22.67 59.30
CA VAL G 58 56.00 -22.24 57.93
C VAL G 58 55.84 -20.72 57.87
N THR G 59 56.61 -20.08 56.99
CA THR G 59 56.46 -18.65 56.70
C THR G 59 56.08 -18.49 55.25
N VAL G 60 55.09 -17.64 54.96
CA VAL G 60 54.72 -17.33 53.58
C VAL G 60 54.75 -15.82 53.44
N LYS G 61 55.76 -15.32 52.74
CA LYS G 61 55.87 -13.89 52.45
C LYS G 61 54.99 -13.58 51.24
N PHE G 62 53.92 -12.83 51.45
CA PHE G 62 52.93 -12.56 50.40
C PHE G 62 53.10 -11.13 49.91
N VAL G 63 53.28 -10.98 48.59
CA VAL G 63 53.52 -9.70 47.95
C VAL G 63 52.43 -9.47 46.91
N ASN G 64 51.75 -8.33 47.01
CA ASN G 64 50.65 -8.01 46.11
C ASN G 64 51.20 -7.08 45.03
N ASP G 65 51.45 -7.63 43.84
CA ASP G 65 51.93 -6.83 42.70
C ASP G 65 50.82 -6.57 41.69
N THR G 66 49.62 -6.22 42.17
CA THR G 66 48.46 -6.00 41.31
C THR G 66 47.74 -4.77 41.84
N PRO G 67 46.89 -4.15 41.02
CA PRO G 67 46.08 -3.02 41.51
C PRO G 67 44.82 -3.42 42.29
N TYR G 68 44.63 -4.70 42.60
CA TYR G 68 43.52 -5.11 43.46
C TYR G 68 44.04 -5.35 44.88
N ALA G 69 43.10 -5.49 45.81
CA ALA G 69 43.44 -5.97 47.15
C ALA G 69 43.33 -7.49 47.15
N HIS G 70 44.23 -8.15 47.89
CA HIS G 70 44.30 -9.60 47.90
C HIS G 70 44.71 -10.08 49.30
N THR G 71 44.47 -11.37 49.59
CA THR G 71 45.01 -12.00 50.79
C THR G 71 45.44 -13.43 50.45
N ILE G 72 45.96 -14.14 51.45
CA ILE G 72 46.01 -15.61 51.40
C ILE G 72 45.26 -16.14 52.61
N HIS G 73 44.17 -16.87 52.35
CA HIS G 73 43.49 -17.64 53.38
C HIS G 73 43.91 -19.09 53.24
N PHE G 74 44.53 -19.65 54.28
CA PHE G 74 44.89 -21.07 54.32
C PHE G 74 43.82 -21.83 55.08
N HIS G 75 43.44 -22.99 54.58
CA HIS G 75 42.60 -23.89 55.37
C HIS G 75 43.47 -24.54 56.44
N GLY G 76 42.85 -24.94 57.55
CA GLY G 76 43.58 -25.50 58.68
C GLY G 76 43.57 -24.57 59.87
N THR G 77 44.22 -25.01 60.95
CA THR G 77 44.16 -24.30 62.22
C THR G 77 45.20 -23.19 62.29
N HIS G 78 44.76 -21.98 62.58
CA HIS G 78 45.66 -20.85 62.84
C HIS G 78 44.90 -19.76 63.57
N ASP G 79 45.60 -18.65 63.83
CA ASP G 79 45.03 -17.56 64.59
C ASP G 79 44.56 -16.46 63.64
N SER G 80 43.93 -15.43 64.21
CA SER G 80 43.28 -14.41 63.40
C SER G 80 44.28 -13.66 62.52
N ALA G 81 45.44 -13.28 63.08
CA ALA G 81 46.44 -12.58 62.28
C ALA G 81 46.89 -13.40 61.08
N ASN G 82 46.67 -14.72 61.09
CA ASN G 82 47.12 -15.55 59.98
C ASN G 82 45.98 -16.19 59.20
N ASP G 83 44.78 -15.60 59.27
CA ASP G 83 43.60 -16.21 58.66
C ASP G 83 43.24 -15.55 57.31
N GLY G 84 43.95 -14.51 56.90
CA GLY G 84 43.73 -14.01 55.56
C GLY G 84 42.42 -13.26 55.34
N VAL G 85 41.79 -12.75 56.38
CA VAL G 85 40.67 -11.84 56.24
C VAL G 85 41.04 -10.44 56.68
N PHE G 86 41.65 -10.31 57.86
CA PHE G 86 42.19 -9.05 58.37
C PHE G 86 43.70 -9.20 58.47
N PRO G 87 44.50 -8.35 57.80
CA PRO G 87 44.11 -7.25 56.92
C PRO G 87 44.06 -7.66 55.45
N MET G 88 43.32 -6.88 54.67
CA MET G 88 43.48 -6.89 53.22
C MET G 88 44.91 -6.45 52.92
N ILE G 89 45.54 -7.01 51.89
CA ILE G 89 46.90 -6.60 51.53
C ILE G 89 46.78 -5.67 50.34
N MET G 90 47.16 -4.40 50.53
CA MET G 90 46.93 -3.39 49.51
C MET G 90 47.97 -3.48 48.38
N PRO G 91 47.65 -2.92 47.20
CA PRO G 91 48.56 -2.99 46.06
C PRO G 91 49.97 -2.55 46.42
N GLY G 92 50.96 -3.31 45.94
CA GLY G 92 52.36 -3.02 46.23
C GLY G 92 52.83 -3.36 47.62
N GLU G 93 51.97 -3.84 48.51
CA GLU G 93 52.36 -4.11 49.89
C GLU G 93 52.60 -5.61 50.12
N GLU G 94 53.11 -5.92 51.31
CA GLU G 94 53.58 -7.26 51.61
C GLU G 94 53.07 -7.65 52.98
N TYR G 95 52.82 -8.94 53.17
CA TYR G 95 52.38 -9.46 54.45
C TYR G 95 53.05 -10.80 54.67
N THR G 96 53.52 -11.01 55.88
CA THR G 96 54.21 -12.25 56.22
C THR G 96 53.26 -13.10 57.05
N TYR G 97 52.69 -14.12 56.43
CA TYR G 97 51.94 -15.15 57.17
C TYR G 97 52.93 -16.10 57.82
N HIS G 98 52.63 -16.51 59.06
CA HIS G 98 53.50 -17.42 59.78
C HIS G 98 52.67 -18.36 60.66
N PHE G 99 52.96 -19.66 60.59
CA PHE G 99 52.24 -20.60 61.45
C PHE G 99 53.00 -21.91 61.57
N VAL G 100 52.81 -22.57 62.70
CA VAL G 100 53.22 -23.97 62.85
C VAL G 100 52.10 -24.84 62.29
N ALA G 101 52.48 -25.80 61.44
CA ALA G 101 51.48 -26.70 60.86
C ALA G 101 50.89 -27.54 61.98
N GLU G 102 49.62 -27.28 62.30
CA GLU G 102 48.95 -27.87 63.45
C GLU G 102 48.35 -29.25 63.15
N GLU G 103 48.05 -29.56 61.88
CA GLU G 103 47.38 -30.79 61.48
C GLU G 103 47.98 -31.32 60.21
N ALA G 104 48.18 -32.62 60.13
CA ALA G 104 48.39 -33.22 58.82
C ALA G 104 47.08 -33.19 58.03
N GLY G 105 47.19 -33.35 56.73
CA GLY G 105 46.01 -33.47 55.91
C GLY G 105 46.19 -32.80 54.57
N LEU G 106 45.10 -32.76 53.82
CA LEU G 106 45.09 -32.12 52.51
C LEU G 106 44.26 -30.85 52.64
N PHE G 107 44.89 -29.71 52.38
CA PHE G 107 44.22 -28.43 52.54
C PHE G 107 44.34 -27.63 51.25
N MET G 108 43.71 -26.46 51.23
CA MET G 108 43.91 -25.56 50.12
C MET G 108 44.21 -24.18 50.67
N TYR G 109 44.62 -23.29 49.77
CA TYR G 109 44.73 -21.87 50.07
C TYR G 109 44.16 -21.09 48.90
N HIS G 110 43.61 -19.92 49.20
CA HIS G 110 43.03 -19.11 48.15
C HIS G 110 42.83 -17.70 48.68
N CYS G 111 42.59 -16.78 47.75
CA CYS G 111 42.42 -15.39 48.16
C CYS G 111 41.08 -15.24 48.84
N HIS G 112 41.02 -14.32 49.80
CA HIS G 112 39.77 -14.08 50.50
C HIS G 112 39.34 -12.61 50.40
N ALA G 113 39.87 -11.88 49.41
CA ALA G 113 39.34 -10.55 49.10
C ALA G 113 37.87 -10.67 48.70
N PHE G 114 37.19 -9.53 48.66
CA PHE G 114 35.74 -9.55 48.42
C PHE G 114 35.39 -8.86 47.10
N PRO G 115 34.50 -9.45 46.28
CA PRO G 115 33.83 -10.74 46.52
C PRO G 115 34.70 -11.95 46.23
N THR G 116 34.74 -12.89 47.18
CA THR G 116 35.74 -13.96 47.11
C THR G 116 35.54 -14.82 45.87
N SER G 117 34.28 -15.07 45.49
CA SER G 117 33.99 -15.89 44.33
C SER G 117 34.68 -15.35 43.08
N GLU G 118 34.77 -14.02 42.95
CA GLU G 118 35.45 -13.44 41.80
C GLU G 118 36.94 -13.78 41.82
N HIS G 119 37.58 -13.64 42.98
CA HIS G 119 39.02 -13.86 43.08
C HIS G 119 39.36 -15.32 42.87
N VAL G 120 38.53 -16.23 43.40
CA VAL G 120 38.74 -17.65 43.14
C VAL G 120 38.50 -17.96 41.67
N ARG G 121 37.40 -17.45 41.11
CA ARG G 121 37.13 -17.70 39.70
C ARG G 121 38.25 -17.19 38.81
N MET G 122 38.95 -16.13 39.24
CA MET G 122 39.98 -15.56 38.38
C MET G 122 41.29 -16.34 38.51
N GLY G 123 41.38 -17.25 39.47
CA GLY G 123 42.45 -18.22 39.55
C GLY G 123 43.28 -18.24 40.82
N MET G 124 42.90 -17.47 41.85
CA MET G 124 43.76 -17.37 43.03
C MET G 124 43.46 -18.48 44.04
N PHE G 125 43.96 -19.68 43.72
CA PHE G 125 43.81 -20.80 44.62
C PHE G 125 44.94 -21.78 44.41
N GLY G 126 45.34 -22.44 45.48
CA GLY G 126 46.37 -23.46 45.42
C GLY G 126 46.11 -24.60 46.40
N THR G 127 46.97 -25.60 46.33
CA THR G 127 46.91 -26.81 47.15
C THR G 127 47.97 -26.76 48.24
N MET G 128 47.62 -27.26 49.43
CA MET G 128 48.54 -27.36 50.55
C MET G 128 48.50 -28.80 51.06
N ILE G 129 49.58 -29.54 50.84
CA ILE G 129 49.72 -30.91 51.33
C ILE G 129 50.52 -30.88 52.62
N ILE G 130 49.93 -31.35 53.71
CA ILE G 130 50.62 -31.42 54.98
C ILE G 130 50.76 -32.90 55.35
N ASP G 131 51.97 -33.41 55.24
CA ASP G 131 52.20 -34.85 55.45
C ASP G 131 52.21 -35.20 56.95
N PRO G 132 51.71 -36.37 57.31
CA PRO G 132 51.61 -36.71 58.74
C PRO G 132 53.00 -36.98 59.35
N ALA G 133 53.17 -36.53 60.59
CA ALA G 133 54.42 -36.73 61.31
C ALA G 133 54.48 -38.09 62.01
N ILE G 134 53.33 -38.66 62.38
CA ILE G 134 53.36 -39.89 63.19
C ILE G 134 53.98 -41.04 62.41
N ARG G 135 53.77 -41.07 61.10
CA ARG G 135 54.35 -42.06 60.20
C ARG G 135 54.00 -41.64 58.79
N PRO G 136 54.75 -42.08 57.79
CA PRO G 136 54.41 -41.73 56.41
C PRO G 136 53.14 -42.45 55.94
N MET G 137 52.41 -41.79 55.05
CA MET G 137 51.37 -42.49 54.28
C MET G 137 52.01 -43.68 53.58
N ASP G 138 51.21 -44.70 53.29
CA ASP G 138 51.74 -45.88 52.62
C ASP G 138 52.45 -45.46 51.34
N PRO G 139 53.59 -46.06 51.00
CA PRO G 139 54.31 -45.69 49.77
C PRO G 139 53.40 -45.81 48.54
N ALA G 140 53.40 -44.75 47.73
CA ALA G 140 52.51 -44.61 46.57
C ALA G 140 53.10 -43.57 45.62
N ARG G 141 52.68 -43.64 44.36
CA ARG G 141 52.91 -42.58 43.41
C ARG G 141 51.84 -41.48 43.59
N GLU G 142 52.27 -40.22 43.72
CA GLU G 142 51.41 -39.17 44.22
C GLU G 142 51.16 -38.10 43.17
N TYR G 143 49.88 -37.71 43.02
CA TYR G 143 49.45 -36.60 42.18
C TYR G 143 48.49 -35.71 42.95
N PHE G 144 48.36 -34.46 42.49
CA PHE G 144 47.38 -33.52 43.00
C PHE G 144 46.50 -33.03 41.87
N PHE G 145 45.26 -32.67 42.20
CA PHE G 145 44.30 -32.19 41.22
C PHE G 145 43.37 -31.18 41.85
N THR G 146 43.28 -29.98 41.24
CA THR G 146 42.25 -29.01 41.59
C THR G 146 41.08 -29.14 40.63
N LEU G 147 39.86 -29.07 41.18
CA LEU G 147 38.63 -29.12 40.40
C LEU G 147 38.00 -27.74 40.50
N SER G 148 38.03 -26.99 39.40
CA SER G 148 37.60 -25.59 39.46
C SER G 148 36.56 -25.31 38.38
N GLU G 149 36.09 -24.06 38.35
CA GLU G 149 35.18 -23.54 37.33
C GLU G 149 35.82 -22.32 36.69
N PHE G 150 35.85 -22.27 35.36
CA PHE G 150 36.49 -21.15 34.67
C PHE G 150 35.73 -20.77 33.41
N ASP G 151 35.35 -19.50 33.31
CA ASP G 151 34.75 -18.96 32.10
C ASP G 151 35.60 -17.78 31.63
N PRO G 152 36.14 -17.81 30.41
CA PRO G 152 37.00 -16.69 29.97
C PRO G 152 36.23 -15.44 29.56
N ASN G 153 34.91 -15.52 29.37
CA ASN G 153 34.12 -14.39 28.89
C ASN G 153 33.37 -13.67 30.01
N ASN G 154 32.82 -14.40 30.97
CA ASN G 154 32.22 -13.77 32.14
C ASN G 154 32.66 -14.59 33.34
N ALA G 155 33.54 -13.99 34.15
CA ALA G 155 34.17 -14.68 35.27
C ALA G 155 33.15 -15.33 36.20
N LEU G 156 32.01 -14.67 36.38
CA LEU G 156 31.07 -15.04 37.43
C LEU G 156 29.85 -15.78 36.89
N GLU G 157 29.93 -16.27 35.65
CA GLU G 157 28.83 -17.01 35.08
C GLU G 157 28.50 -18.24 35.92
N HIS G 158 27.20 -18.51 36.12
CA HIS G 158 26.79 -19.63 36.96
C HIS G 158 27.29 -20.97 36.40
N PHE G 159 27.02 -21.22 35.12
CA PHE G 159 27.53 -22.39 34.42
C PHE G 159 28.68 -21.95 33.52
N THR G 160 29.90 -22.33 33.88
CA THR G 160 31.09 -21.84 33.19
C THR G 160 31.39 -22.69 31.94
N GLU G 161 32.14 -22.10 31.01
CA GLU G 161 32.53 -22.83 29.81
C GLU G 161 33.40 -24.04 30.15
N PHE G 162 34.27 -23.91 31.15
CA PHE G 162 35.22 -24.97 31.48
C PHE G 162 35.10 -25.36 32.94
N TYR G 163 35.43 -26.64 33.21
CA TYR G 163 35.61 -27.17 34.56
C TYR G 163 36.97 -27.86 34.56
N PRO G 164 38.06 -27.10 34.59
CA PRO G 164 39.37 -27.72 34.40
C PRO G 164 39.84 -28.55 35.60
N ILE G 165 40.64 -29.57 35.29
CA ILE G 165 41.48 -30.22 36.29
C ILE G 165 42.87 -29.58 36.22
N ASN G 166 43.29 -28.95 37.30
CA ASN G 166 44.56 -28.24 37.38
C ASN G 166 44.65 -27.12 36.34
N GLY G 167 43.58 -26.33 36.26
CA GLY G 167 43.57 -25.05 35.53
C GLY G 167 43.42 -25.09 34.02
N TYR G 168 44.11 -26.02 33.36
CA TYR G 168 44.08 -26.12 31.90
C TYR G 168 43.15 -27.25 31.50
N ALA G 169 42.06 -26.90 30.82
CA ALA G 169 40.99 -27.86 30.54
C ALA G 169 41.49 -29.01 29.67
N GLY G 170 41.21 -30.24 30.13
CA GLY G 170 41.50 -31.42 29.33
C GLY G 170 42.97 -31.75 29.14
N GLN G 171 43.87 -31.21 29.96
CA GLN G 171 45.29 -31.38 29.69
C GLN G 171 45.72 -32.84 29.84
N TYR G 172 45.04 -33.61 30.67
CA TYR G 172 45.46 -34.98 30.92
C TYR G 172 44.84 -35.98 29.95
N MET G 173 44.07 -35.50 28.97
CA MET G 173 43.73 -36.33 27.81
C MET G 173 44.97 -36.56 26.94
N ASP G 174 45.65 -35.48 26.51
CA ASP G 174 46.85 -35.63 25.70
C ASP G 174 48.07 -36.02 26.51
N ASN G 175 48.06 -35.78 27.82
CA ASN G 175 49.18 -36.07 28.70
C ASN G 175 48.68 -36.94 29.84
N PRO G 176 48.51 -38.26 29.61
CA PRO G 176 47.83 -39.11 30.59
C PRO G 176 48.50 -39.12 31.95
N ILE G 177 47.69 -39.39 32.98
CA ILE G 177 48.20 -39.65 34.33
C ILE G 177 48.71 -41.09 34.35
N ARG G 178 50.02 -41.25 34.50
CA ARG G 178 50.66 -42.56 34.42
C ARG G 178 50.72 -43.20 35.80
N VAL G 179 50.28 -44.45 35.88
CA VAL G 179 50.32 -45.22 37.12
C VAL G 179 50.93 -46.57 36.77
N VAL G 180 51.35 -47.29 37.79
CA VAL G 180 52.06 -48.56 37.61
C VAL G 180 51.19 -49.70 38.11
N SER G 181 50.98 -50.70 37.26
CA SER G 181 50.21 -51.89 37.63
C SER G 181 50.69 -52.47 38.94
N GLY G 182 49.79 -52.59 39.90
CA GLY G 182 50.11 -53.13 41.20
C GLY G 182 50.63 -52.14 42.21
N GLU G 183 50.92 -50.90 41.80
CA GLU G 183 51.53 -49.90 42.67
C GLU G 183 50.46 -48.98 43.25
N LEU G 184 50.53 -48.72 44.55
CA LEU G 184 49.56 -47.81 45.16
C LEU G 184 49.71 -46.42 44.58
N THR G 185 48.58 -45.77 44.30
CA THR G 185 48.51 -44.41 43.78
C THR G 185 47.69 -43.58 44.74
N ARG G 186 48.15 -42.35 44.99
CA ARG G 186 47.48 -41.43 45.90
C ARG G 186 47.19 -40.14 45.16
N PHE G 187 45.91 -39.74 45.15
CA PHE G 187 45.45 -38.49 44.54
C PHE G 187 45.10 -37.50 45.63
N TYR G 188 45.62 -36.30 45.53
CA TYR G 188 45.30 -35.23 46.46
C TYR G 188 44.33 -34.29 45.73
N VAL G 189 43.02 -34.47 45.97
CA VAL G 189 42.01 -33.76 45.17
C VAL G 189 41.39 -32.61 45.96
N VAL G 190 41.32 -31.43 45.33
CA VAL G 190 40.88 -30.19 45.95
C VAL G 190 39.66 -29.70 45.17
N GLY G 191 38.53 -29.55 45.87
CA GLY G 191 37.34 -29.01 45.24
C GLY G 191 37.26 -27.50 45.42
N ILE G 192 37.31 -26.74 44.34
CA ILE G 192 37.39 -25.29 44.51
C ILE G 192 36.58 -24.55 43.44
N GLY G 193 35.37 -25.04 43.19
CA GLY G 193 34.38 -24.28 42.44
C GLY G 193 33.52 -23.45 43.38
N GLY G 194 32.44 -22.92 42.82
CA GLY G 194 31.53 -22.11 43.63
C GLY G 194 30.05 -22.38 43.42
N VAL G 195 29.69 -23.12 42.37
CA VAL G 195 28.26 -23.34 42.13
C VAL G 195 27.94 -24.82 42.33
N LEU G 196 28.36 -25.67 41.38
CA LEU G 196 28.08 -27.10 41.44
C LEU G 196 29.11 -27.83 42.30
N GLN G 197 28.69 -28.99 42.83
CA GLN G 197 29.62 -29.87 43.54
C GLN G 197 30.28 -30.86 42.57
N SER G 198 31.29 -31.59 43.06
CA SER G 198 32.11 -32.44 42.19
C SER G 198 32.05 -33.92 42.60
N PRO G 199 31.26 -34.77 41.92
CA PRO G 199 31.39 -36.22 42.18
C PRO G 199 32.61 -36.77 41.46
N PHE G 200 33.67 -37.01 42.22
CA PHE G 200 34.93 -37.48 41.66
C PHE G 200 34.89 -38.98 41.45
N HIS G 201 35.13 -39.42 40.22
CA HIS G 201 34.96 -40.82 39.85
C HIS G 201 36.18 -41.29 39.07
N VAL G 202 36.65 -42.49 39.40
CA VAL G 202 37.77 -43.11 38.69
C VAL G 202 37.30 -44.43 38.09
N HIS G 203 37.70 -44.71 36.85
CA HIS G 203 37.28 -45.94 36.20
C HIS G 203 37.99 -47.18 36.74
N SER G 204 37.26 -48.29 36.75
CA SER G 204 37.78 -49.66 36.82
C SER G 204 38.42 -50.02 38.16
N THR G 205 38.22 -49.26 39.21
CA THR G 205 38.72 -49.69 40.51
C THR G 205 37.95 -48.94 41.59
N ILE G 206 38.09 -49.41 42.82
CA ILE G 206 37.38 -48.83 43.98
C ILE G 206 38.37 -48.00 44.77
N MET G 207 37.94 -46.81 45.16
CA MET G 207 38.79 -45.80 45.76
C MET G 207 38.79 -46.06 47.26
N LYS G 208 39.92 -45.81 47.91
CA LYS G 208 39.94 -45.64 49.37
C LYS G 208 40.09 -44.14 49.66
N VAL G 209 39.16 -43.57 50.44
CA VAL G 209 39.02 -42.13 50.56
C VAL G 209 39.17 -41.69 52.01
N TYR G 210 40.04 -40.72 52.26
CA TYR G 210 40.06 -40.01 53.53
C TYR G 210 39.14 -38.79 53.44
N PRO G 211 37.97 -38.81 54.08
CA PRO G 211 37.02 -37.70 53.90
C PRO G 211 37.58 -36.38 54.44
N SER G 212 37.25 -35.30 53.72
CA SER G 212 37.72 -33.95 54.00
C SER G 212 39.25 -33.84 53.97
N GLY G 213 39.95 -34.86 53.44
CA GLY G 213 41.40 -34.83 53.45
C GLY G 213 42.01 -34.79 54.83
N ILE G 214 41.27 -35.21 55.85
CA ILE G 214 41.74 -35.22 57.23
C ILE G 214 42.12 -36.65 57.59
N LEU G 215 43.39 -36.84 57.95
CA LEU G 215 43.95 -38.15 58.17
C LEU G 215 43.63 -38.73 59.54
N TRP G 216 43.07 -37.94 60.46
CA TRP G 216 42.53 -38.48 61.70
C TRP G 216 41.36 -39.41 61.44
N ASN G 217 40.75 -39.34 60.27
CA ASN G 217 39.53 -40.08 59.98
C ASN G 217 39.82 -41.50 59.55
N GLU G 218 38.94 -42.41 59.93
CA GLU G 218 38.94 -43.70 59.28
C GLU G 218 38.53 -43.50 57.82
N PRO G 219 39.23 -44.09 56.87
CA PRO G 219 38.84 -43.95 55.46
C PRO G 219 37.66 -44.86 55.14
N TYR G 220 37.09 -44.65 53.95
CA TYR G 220 36.01 -45.50 53.49
C TYR G 220 36.21 -45.76 52.00
N TYR G 221 35.40 -46.67 51.46
CA TYR G 221 35.59 -47.15 50.10
C TYR G 221 34.46 -46.65 49.21
N ALA G 222 34.81 -46.19 48.01
CA ALA G 222 33.86 -45.50 47.16
C ALA G 222 34.16 -45.74 45.69
N GLN G 223 33.11 -45.91 44.88
CA GLN G 223 33.24 -45.82 43.44
C GLN G 223 33.22 -44.38 42.95
N THR G 224 32.62 -43.50 43.75
CA THR G 224 32.48 -42.08 43.43
C THR G 224 32.44 -41.36 44.76
N HIS G 225 33.17 -40.25 44.88
CA HIS G 225 33.21 -39.53 46.14
C HIS G 225 32.88 -38.07 45.88
N LEU G 226 31.83 -37.59 46.55
CA LEU G 226 31.34 -36.22 46.37
C LEU G 226 32.23 -35.25 47.14
N ILE G 227 32.87 -34.32 46.43
CA ILE G 227 33.75 -33.34 47.04
C ILE G 227 33.05 -32.00 46.98
N GLY G 228 32.68 -31.45 48.13
CA GLY G 228 32.08 -30.14 48.17
C GLY G 228 33.11 -29.07 47.86
N ASN G 229 32.63 -27.94 47.37
CA ASN G 229 33.52 -26.81 47.13
C ASN G 229 34.09 -26.33 48.45
N GLY G 230 35.40 -26.06 48.47
CA GLY G 230 36.08 -25.78 49.73
C GLY G 230 36.42 -27.00 50.56
N ASP G 231 36.20 -28.19 50.03
CA ASP G 231 36.65 -29.43 50.65
C ASP G 231 37.71 -30.09 49.81
N THR G 232 38.33 -31.12 50.40
CA THR G 232 39.37 -31.90 49.74
C THR G 232 39.12 -33.36 50.05
N ALA G 233 39.91 -34.23 49.39
CA ALA G 233 39.85 -35.68 49.61
C ALA G 233 41.20 -36.28 49.27
N ILE G 234 41.70 -37.16 50.14
CA ILE G 234 42.88 -37.95 49.82
C ILE G 234 42.39 -39.31 49.37
N ILE G 235 42.71 -39.68 48.14
CA ILE G 235 42.18 -40.88 47.49
C ILE G 235 43.34 -41.82 47.17
N GLU G 236 43.17 -43.11 47.50
CA GLU G 236 44.17 -44.12 47.18
C GLU G 236 43.54 -45.21 46.31
N ALA G 237 44.27 -45.60 45.27
CA ALA G 237 43.77 -46.58 44.31
C ALA G 237 44.92 -47.38 43.74
N THR G 238 44.62 -48.58 43.27
CA THR G 238 45.58 -49.46 42.60
C THR G 238 44.93 -50.08 41.38
N TRP G 239 45.50 -49.85 40.21
CA TRP G 239 45.11 -50.58 39.01
C TRP G 239 46.03 -51.79 38.85
N THR G 240 45.46 -52.90 38.35
CA THR G 240 46.23 -54.12 38.22
C THR G 240 46.38 -54.64 36.80
N GLN G 241 45.71 -54.05 35.82
CA GLN G 241 45.76 -54.54 34.44
C GLN G 241 46.21 -53.41 33.54
N PRO G 242 47.31 -53.54 32.82
CA PRO G 242 47.81 -52.40 32.02
C PRO G 242 46.86 -52.02 30.90
N GLY G 243 46.84 -50.73 30.58
CA GLY G 243 45.94 -50.22 29.57
C GLY G 243 45.51 -48.79 29.93
N MET G 244 44.55 -48.29 29.16
CA MET G 244 44.09 -46.90 29.29
C MET G 244 42.74 -46.86 30.00
N TYR G 245 42.62 -46.01 31.01
CA TYR G 245 41.36 -45.81 31.73
C TYR G 245 41.07 -44.31 31.82
N LEU G 246 40.12 -43.91 32.65
CA LEU G 246 39.71 -42.51 32.77
C LEU G 246 39.45 -42.17 34.23
N PHE G 247 39.49 -40.86 34.53
CA PHE G 247 38.82 -40.34 35.70
C PHE G 247 38.30 -38.96 35.36
N HIS G 248 37.33 -38.51 36.16
CA HIS G 248 36.64 -37.28 35.81
C HIS G 248 35.65 -36.99 36.93
N VAL G 249 35.25 -35.72 36.99
CA VAL G 249 34.05 -35.36 37.72
C VAL G 249 32.87 -35.94 36.97
N HIS G 250 31.96 -36.60 37.68
CA HIS G 250 30.81 -37.22 37.03
C HIS G 250 29.72 -36.15 36.90
N GLY G 251 29.47 -35.68 35.68
CA GLY G 251 28.47 -34.66 35.42
C GLY G 251 28.81 -33.88 34.17
N ILE G 252 28.13 -32.73 33.98
CA ILE G 252 28.40 -31.96 32.77
C ILE G 252 29.85 -31.46 32.74
N GLN G 253 30.50 -31.39 33.91
CA GLN G 253 31.91 -31.01 33.99
C GLN G 253 32.79 -31.84 33.05
N GLU G 254 32.46 -33.12 32.89
CA GLU G 254 33.40 -34.01 32.23
C GLU G 254 33.53 -33.76 30.75
N GLU G 255 32.62 -33.01 30.14
CA GLU G 255 32.73 -32.63 28.74
C GLU G 255 33.27 -31.22 28.59
N ARG G 256 33.61 -30.57 29.68
CA ARG G 256 34.03 -29.20 29.70
C ARG G 256 35.42 -29.06 30.32
N GLY G 257 36.24 -30.11 30.14
CA GLY G 257 37.62 -30.10 30.59
C GLY G 257 37.91 -30.99 31.79
N SER G 258 36.87 -31.50 32.47
CA SER G 258 37.10 -32.31 33.67
C SER G 258 37.28 -33.78 33.34
N MET G 259 38.16 -34.09 32.41
CA MET G 259 38.46 -35.48 32.08
C MET G 259 39.95 -35.69 32.01
N ALA G 260 40.39 -36.84 32.51
CA ALA G 260 41.79 -37.22 32.51
C ALA G 260 41.92 -38.67 32.11
N MET G 261 42.93 -38.96 31.32
CA MET G 261 43.19 -40.33 30.95
C MET G 261 44.21 -40.90 31.91
N ILE G 262 44.04 -42.18 32.23
CA ILE G 262 44.97 -42.92 33.07
C ILE G 262 45.63 -43.95 32.18
N GLU G 263 46.96 -43.96 32.17
CA GLU G 263 47.68 -45.01 31.47
C GLU G 263 48.39 -45.87 32.52
N VAL G 264 47.97 -47.12 32.59
CA VAL G 264 48.55 -48.09 33.53
C VAL G 264 49.73 -48.75 32.84
N LEU G 265 50.92 -48.58 33.41
CA LEU G 265 52.16 -49.11 32.87
C LEU G 265 52.54 -50.44 33.53
N GLU G 266 53.27 -51.26 32.80
CA GLU G 266 53.69 -52.56 33.33
C GLU G 266 54.66 -52.40 34.48
N ASP G 267 55.49 -51.37 34.46
CA ASP G 267 56.40 -51.11 35.56
C ASP G 267 56.78 -49.64 35.55
N ALA G 268 57.56 -49.24 36.55
CA ALA G 268 57.86 -47.84 36.81
C ALA G 268 59.08 -47.31 36.05
N SER G 269 59.71 -48.12 35.20
CA SER G 269 61.03 -47.72 34.68
C SER G 269 60.95 -46.41 33.89
N SER G 270 59.91 -46.23 33.09
CA SER G 270 59.86 -45.04 32.25
C SER G 270 59.58 -43.76 33.04
N LEU G 271 59.34 -43.83 34.35
CA LEU G 271 59.12 -42.63 35.16
C LEU G 271 60.30 -42.31 36.09
N SER G 272 61.45 -42.96 35.92
CA SER G 272 62.52 -42.75 36.89
C SER G 272 63.05 -41.32 36.85
N ASP G 273 63.07 -40.67 35.68
CA ASP G 273 63.59 -39.31 35.57
C ASP G 273 62.59 -38.20 35.90
N VAL G 274 61.27 -38.43 35.86
CA VAL G 274 60.34 -37.34 36.15
C VAL G 274 59.84 -37.37 37.59
N GLN G 275 59.79 -38.54 38.21
CA GLN G 275 59.36 -38.59 39.60
C GLN G 275 60.41 -37.98 40.51
N ARG G 276 60.00 -37.66 41.73
CA ARG G 276 60.88 -37.09 42.74
C ARG G 276 60.60 -37.77 44.07
N PRO G 277 61.62 -37.95 44.91
CA PRO G 277 61.36 -38.51 46.25
C PRO G 277 60.37 -37.65 47.00
N SER G 278 59.30 -38.26 47.51
CA SER G 278 58.23 -37.52 48.14
C SER G 278 58.58 -37.18 49.58
N ASN G 279 58.01 -36.09 50.07
CA ASN G 279 58.07 -35.76 51.49
C ASN G 279 57.39 -36.82 52.36
N ASN G 280 56.48 -37.61 51.80
CA ASN G 280 56.06 -38.86 52.42
C ASN G 280 57.18 -39.87 52.17
N LYS G 281 57.95 -40.18 53.21
CA LYS G 281 59.12 -41.05 53.04
C LYS G 281 58.72 -42.37 52.39
N GLY G 282 59.33 -42.66 51.25
CA GLY G 282 59.08 -43.91 50.56
C GLY G 282 58.16 -43.81 49.37
N SER G 283 57.52 -42.66 49.18
CA SER G 283 56.62 -42.42 48.05
C SER G 283 57.33 -41.68 46.92
N TYR G 284 56.67 -41.68 45.76
CA TYR G 284 57.18 -41.05 44.54
C TYR G 284 56.22 -39.94 44.12
N SER G 285 56.72 -38.72 44.09
CA SER G 285 55.88 -37.58 43.79
C SER G 285 55.93 -37.29 42.29
N MET G 286 54.74 -37.14 41.67
CA MET G 286 54.66 -36.66 40.30
C MET G 286 54.21 -35.21 40.23
N VAL G 287 54.20 -34.51 41.36
CA VAL G 287 53.70 -33.15 41.43
C VAL G 287 54.55 -32.22 40.57
N GLU G 288 55.86 -32.37 40.66
CA GLU G 288 56.76 -31.54 39.87
C GLU G 288 56.54 -31.74 38.38
N TRP G 289 56.34 -32.98 37.94
CA TRP G 289 55.98 -33.21 36.55
C TRP G 289 54.67 -32.49 36.20
N GLN G 290 53.67 -32.57 37.09
CA GLN G 290 52.39 -31.91 36.82
C GLN G 290 52.56 -30.39 36.68
N GLU G 291 53.35 -29.79 37.57
CA GLU G 291 53.43 -28.33 37.56
C GLU G 291 54.29 -27.82 36.41
N ASP G 292 55.33 -28.57 36.01
CA ASP G 292 56.03 -28.23 34.77
C ASP G 292 55.08 -28.22 33.59
N LEU G 293 54.19 -29.21 33.51
CA LEU G 293 53.26 -29.28 32.38
C LEU G 293 52.21 -28.16 32.43
N ILE G 294 51.77 -27.77 33.63
CA ILE G 294 50.85 -26.65 33.77
C ILE G 294 51.47 -25.40 33.19
N ARG G 295 52.73 -25.13 33.55
CA ARG G 295 53.40 -23.93 33.07
C ARG G 295 53.60 -23.99 31.56
N THR G 296 54.05 -25.14 31.06
CA THR G 296 54.25 -25.31 29.62
C THR G 296 52.97 -25.04 28.84
N LEU G 297 51.84 -25.60 29.29
CA LEU G 297 50.61 -25.47 28.53
C LEU G 297 50.01 -24.06 28.66
N GLU G 298 50.13 -23.46 29.85
CA GLU G 298 49.45 -22.19 30.07
C GLU G 298 50.21 -21.00 29.46
N GLN G 299 51.53 -21.14 29.32
CA GLN G 299 52.39 -20.14 28.71
C GLN G 299 52.09 -18.73 29.28
N PRO G 300 52.31 -18.54 30.58
CA PRO G 300 51.81 -17.31 31.22
C PRO G 300 52.57 -16.09 30.70
N GLN G 301 51.82 -15.06 30.35
CA GLN G 301 52.40 -13.74 30.10
C GLN G 301 52.07 -12.89 31.32
N LEU G 302 53.07 -12.65 32.15
CA LEU G 302 52.85 -11.89 33.38
C LEU G 302 52.90 -10.39 33.10
N ILE G 303 52.15 -9.66 33.90
CA ILE G 303 52.14 -8.20 33.92
C ILE G 303 52.67 -7.76 35.27
N SER G 304 53.72 -6.96 35.26
CA SER G 304 54.26 -6.42 36.49
C SER G 304 53.87 -4.95 36.62
N TYR G 305 53.77 -4.50 37.87
CA TYR G 305 53.58 -3.09 38.17
C TYR G 305 54.66 -2.66 39.17
N GLU G 306 55.19 -1.47 38.97
CA GLU G 306 56.17 -0.92 39.89
C GLU G 306 55.59 0.19 40.76
N ASN G 307 54.58 0.91 40.29
CA ASN G 307 54.03 2.06 40.99
C ASN G 307 52.57 1.77 41.33
N LEU G 308 52.34 1.25 42.52
CA LEU G 308 51.02 0.91 43.03
C LEU G 308 50.67 1.72 44.28
N GLY G 309 51.54 2.66 44.67
CA GLY G 309 51.26 3.46 45.85
C GLY G 309 49.97 4.24 45.71
N GLU G 310 49.39 4.59 46.86
CA GLU G 310 48.07 5.23 46.86
C GLU G 310 48.14 6.59 46.18
N SER G 311 47.20 6.81 45.27
CA SER G 311 47.00 8.09 44.60
C SER G 311 45.71 8.72 45.14
N ALA G 312 45.69 10.05 45.24
CA ALA G 312 44.51 10.72 45.75
C ALA G 312 43.36 10.62 44.75
N ALA G 313 42.15 10.93 45.21
CA ALA G 313 40.98 10.84 44.34
C ALA G 313 41.04 11.89 43.24
N ILE G 314 40.61 11.51 42.04
CA ILE G 314 40.52 12.42 40.91
C ILE G 314 39.11 12.99 40.84
N SER G 315 38.99 14.31 40.97
CA SER G 315 37.67 14.94 41.06
C SER G 315 37.72 16.32 40.42
N SER G 316 36.65 16.65 39.69
CA SER G 316 36.53 17.97 39.06
C SER G 316 35.75 18.96 39.90
N GLU G 317 34.83 18.47 40.75
CA GLU G 317 33.92 19.34 41.48
C GLU G 317 33.82 18.87 42.92
N LYS G 318 33.46 19.79 43.79
CA LYS G 318 33.32 19.56 45.23
C LYS G 318 31.92 19.98 45.65
N VAL G 319 31.23 19.11 46.38
CA VAL G 319 29.83 19.34 46.75
C VAL G 319 29.76 19.61 48.25
N SER G 320 29.03 20.67 48.62
CA SER G 320 28.81 20.97 50.04
C SER G 320 27.61 20.15 50.54
N ALA G 321 27.90 18.94 51.00
CA ALA G 321 26.89 17.98 51.44
C ALA G 321 27.52 17.06 52.48
N ASP G 322 26.66 16.40 53.26
CA ASP G 322 27.12 15.49 54.31
C ASP G 322 26.53 14.10 54.16
N LYS G 323 26.10 13.73 52.95
CA LYS G 323 25.61 12.39 52.67
C LYS G 323 26.30 11.89 51.41
N VAL G 324 26.83 10.67 51.47
CA VAL G 324 27.59 10.11 50.37
C VAL G 324 27.04 8.73 50.07
N SER G 325 26.83 8.44 48.79
CA SER G 325 26.43 7.13 48.33
C SER G 325 27.66 6.31 47.93
N ILE G 326 27.72 5.07 48.38
CA ILE G 326 28.65 4.09 47.84
C ILE G 326 27.90 3.41 46.69
N VAL G 327 28.37 3.64 45.48
CA VAL G 327 27.58 3.45 44.27
C VAL G 327 27.43 1.96 43.93
N LYS G 328 26.26 1.61 43.40
CA LYS G 328 26.04 0.31 42.79
C LYS G 328 27.17 -0.07 41.84
N ASP G 329 27.69 -1.29 41.99
CA ASP G 329 28.73 -1.88 41.15
C ASP G 329 30.10 -1.24 41.37
N SER G 330 30.29 -0.57 42.51
CA SER G 330 31.60 0.01 42.83
C SER G 330 32.70 -1.04 42.87
N TRP G 331 32.35 -2.30 43.20
CA TRP G 331 33.35 -3.38 43.20
C TRP G 331 33.91 -3.67 41.80
N ASN G 332 33.32 -3.13 40.74
CA ASN G 332 33.92 -3.23 39.40
C ASN G 332 34.70 -1.95 39.11
N PRO G 333 36.02 -2.03 38.85
CA PRO G 333 36.81 -0.80 38.65
C PRO G 333 36.41 0.01 37.43
N GLU G 334 35.68 -0.58 36.47
CA GLU G 334 35.19 0.19 35.32
C GLU G 334 34.20 1.27 35.75
N ILE G 335 33.53 1.09 36.88
CA ILE G 335 32.77 2.17 37.51
C ILE G 335 33.77 3.20 38.00
N THR G 336 33.80 4.36 37.34
CA THR G 336 34.86 5.32 37.61
C THR G 336 34.58 6.16 38.86
N GLU G 337 33.31 6.42 39.19
CA GLU G 337 32.95 7.24 40.35
C GLU G 337 32.32 6.33 41.40
N SER G 338 33.13 5.96 42.40
CA SER G 338 32.78 4.92 43.36
C SER G 338 31.96 5.45 44.52
N TYR G 339 32.31 6.63 45.01
CA TYR G 339 31.51 7.37 45.97
C TYR G 339 30.92 8.57 45.26
N ASP G 340 29.69 8.92 45.61
CA ASP G 340 28.98 10.01 44.96
C ASP G 340 28.35 10.86 46.05
N PRO G 341 28.83 12.10 46.28
CA PRO G 341 29.91 12.81 45.58
C PRO G 341 31.30 12.26 45.93
N ILE G 342 32.26 12.33 45.00
CA ILE G 342 33.63 11.91 45.31
C ILE G 342 34.26 12.84 46.32
N ALA G 343 34.06 14.15 46.14
CA ALA G 343 34.66 15.17 46.97
C ALA G 343 33.54 16.00 47.59
N ILE G 344 33.55 16.09 48.91
CA ILE G 344 32.56 16.86 49.64
C ILE G 344 33.26 17.90 50.49
N GLN G 345 32.52 18.95 50.79
CA GLN G 345 32.97 20.06 51.61
C GLN G 345 31.97 20.22 52.74
N VAL G 346 32.46 20.31 53.98
CA VAL G 346 31.62 20.37 55.16
C VAL G 346 32.27 21.30 56.17
N ASP G 347 31.49 21.64 57.18
CA ASP G 347 31.94 22.52 58.25
C ASP G 347 32.37 21.66 59.43
N SER G 348 33.42 22.08 60.14
CA SER G 348 33.86 21.33 61.31
C SER G 348 32.70 21.15 62.29
N GLY G 349 32.50 19.93 62.75
CA GLY G 349 31.35 19.59 63.55
C GLY G 349 30.25 18.87 62.80
N THR G 350 30.41 18.61 61.50
CA THR G 350 29.41 17.97 60.69
C THR G 350 29.57 16.45 60.72
N THR G 351 28.44 15.74 60.80
CA THR G 351 28.42 14.30 60.66
C THR G 351 28.12 13.92 59.21
N VAL G 352 29.00 13.10 58.62
CA VAL G 352 28.84 12.64 57.25
C VAL G 352 28.37 11.19 57.31
N THR G 353 27.36 10.87 56.50
CA THR G 353 26.79 9.53 56.48
C THR G 353 26.95 8.93 55.10
N TRP G 354 27.59 7.76 55.04
CA TRP G 354 27.68 6.96 53.83
C TRP G 354 26.61 5.89 53.83
N THR G 355 26.03 5.66 52.66
CA THR G 355 25.08 4.57 52.46
C THR G 355 25.63 3.62 51.41
N ASN G 356 25.67 2.33 51.73
CA ASN G 356 26.11 1.33 50.75
C ASN G 356 24.92 0.97 49.89
N ASP G 357 24.83 1.61 48.71
CA ASP G 357 23.83 1.30 47.69
C ASP G 357 24.30 0.25 46.70
N ASP G 358 25.31 -0.51 47.05
CA ASP G 358 25.79 -1.63 46.26
C ASP G 358 25.21 -2.90 46.85
N SER G 359 25.51 -4.03 46.23
CA SER G 359 25.09 -5.32 46.77
C SER G 359 26.26 -6.11 47.34
N VAL G 360 27.45 -5.51 47.44
CA VAL G 360 28.62 -6.12 48.05
C VAL G 360 29.06 -5.25 49.24
N VAL G 361 29.84 -5.84 50.13
CA VAL G 361 30.37 -5.12 51.27
C VAL G 361 31.41 -4.09 50.82
N HIS G 362 31.45 -2.94 51.50
CA HIS G 362 32.40 -1.86 51.24
C HIS G 362 32.84 -1.30 52.58
N THR G 363 33.86 -0.45 52.54
CA THR G 363 34.31 0.28 53.71
C THR G 363 34.55 1.73 53.33
N VAL G 364 34.72 2.55 54.35
CA VAL G 364 35.17 3.93 54.23
C VAL G 364 36.31 4.10 55.22
N THR G 365 37.51 4.34 54.70
CA THR G 365 38.70 4.27 55.54
C THR G 365 39.67 5.38 55.20
N ASP G 366 40.04 6.16 56.21
CA ASP G 366 41.04 7.23 56.07
C ASP G 366 42.42 6.67 55.72
N ASN G 367 43.10 7.33 54.76
CA ASN G 367 44.47 6.92 54.44
C ASN G 367 45.39 7.01 55.64
N GLU G 368 45.15 7.94 56.55
CA GLU G 368 45.92 8.03 57.79
C GLU G 368 45.24 7.31 58.94
N ASN G 369 44.21 6.51 58.66
CA ASN G 369 43.57 5.64 59.64
C ASN G 369 43.05 6.39 60.87
N SER G 370 42.72 7.68 60.71
CA SER G 370 42.07 8.41 61.79
C SER G 370 40.59 8.05 61.91
N PHE G 371 40.02 7.42 60.88
CA PHE G 371 38.67 6.86 60.95
C PHE G 371 38.61 5.66 60.03
N ASP G 372 37.69 4.74 60.34
CA ASP G 372 37.56 3.49 59.60
C ASP G 372 36.23 2.84 59.94
N SER G 373 35.46 2.52 58.90
CA SER G 373 34.11 2.00 59.10
C SER G 373 34.08 0.49 59.37
N GLY G 374 35.14 -0.24 59.03
CA GLY G 374 35.03 -1.69 58.91
C GLY G 374 34.08 -2.04 57.77
N PHE G 375 33.63 -3.30 57.78
CA PHE G 375 32.64 -3.73 56.80
C PHE G 375 31.37 -2.90 56.93
N ILE G 376 30.87 -2.39 55.80
CA ILE G 376 29.53 -1.83 55.71
C ILE G 376 28.76 -2.77 54.80
N GLN G 377 27.79 -3.50 55.35
CA GLN G 377 27.03 -4.41 54.53
C GLN G 377 26.17 -3.64 53.52
N ALA G 378 25.84 -4.31 52.43
CA ALA G 378 24.95 -3.74 51.43
C ALA G 378 23.65 -3.27 52.08
N GLY G 379 23.24 -2.04 51.76
CA GLY G 379 22.05 -1.47 52.33
C GLY G 379 22.26 -0.74 53.65
N ASN G 380 23.39 -0.93 54.33
CA ASN G 380 23.62 -0.29 55.61
C ASN G 380 24.29 1.08 55.43
N THR G 381 24.43 1.80 56.55
CA THR G 381 25.07 3.12 56.60
C THR G 381 26.15 3.12 57.67
N TRP G 382 26.99 4.15 57.63
CA TRP G 382 28.04 4.41 58.61
C TRP G 382 28.25 5.91 58.66
N SER G 383 28.42 6.46 59.87
CA SER G 383 28.52 7.90 60.06
C SER G 383 29.78 8.25 60.83
N TYR G 384 30.27 9.47 60.61
CA TYR G 384 31.45 9.93 61.33
C TYR G 384 31.37 11.44 61.47
N SER G 385 31.66 11.94 62.67
CA SER G 385 31.66 13.36 62.97
C SER G 385 33.04 13.96 62.73
N PHE G 386 33.13 14.92 61.82
CA PHE G 386 34.40 15.56 61.48
C PHE G 386 34.50 16.87 62.24
N ASP G 387 35.19 16.85 63.37
CA ASP G 387 35.20 17.96 64.30
C ASP G 387 36.39 18.89 64.12
N ASN G 388 37.37 18.52 63.28
CA ASN G 388 38.59 19.29 63.16
C ASN G 388 38.82 19.70 61.72
N PRO G 389 39.01 20.99 61.44
CA PRO G 389 39.37 21.42 60.08
C PRO G 389 40.52 20.60 59.51
N GLY G 390 40.47 20.40 58.21
CA GLY G 390 41.52 19.66 57.52
C GLY G 390 40.98 18.94 56.30
N GLU G 391 41.89 18.27 55.60
CA GLU G 391 41.62 17.57 54.36
C GLU G 391 41.81 16.07 54.59
N PHE G 392 40.85 15.26 54.11
CA PHE G 392 40.88 13.82 54.36
C PHE G 392 40.72 13.06 53.06
N ASP G 393 41.65 12.15 52.79
CA ASP G 393 41.59 11.25 51.65
C ASP G 393 41.19 9.88 52.18
N TYR G 394 40.07 9.34 51.71
CA TYR G 394 39.64 8.04 52.17
C TYR G 394 39.48 7.06 51.01
N ILE G 395 39.47 5.78 51.37
CA ILE G 395 39.39 4.70 50.38
C ILE G 395 38.52 3.59 50.96
N CYS G 396 38.16 2.66 50.10
CA CYS G 396 37.65 1.38 50.54
C CYS G 396 38.82 0.41 50.60
N THR G 397 39.05 -0.20 51.77
CA THR G 397 40.17 -1.12 51.89
C THR G 397 39.95 -2.43 51.12
N LEU G 398 38.70 -2.76 50.74
CA LEU G 398 38.51 -3.97 49.94
C LEU G 398 38.71 -3.74 48.45
N HIS G 399 38.47 -2.52 47.96
CA HIS G 399 38.55 -2.20 46.53
C HIS G 399 39.33 -0.90 46.44
N PRO G 400 40.65 -0.97 46.39
CA PRO G 400 41.48 0.24 46.56
C PRO G 400 41.34 1.29 45.47
N TRP G 401 40.70 0.98 44.35
CA TRP G 401 40.40 1.99 43.34
C TRP G 401 39.25 2.90 43.76
N MET G 402 38.56 2.59 44.86
CA MET G 402 37.49 3.42 45.38
C MET G 402 38.07 4.49 46.30
N LYS G 403 37.94 5.77 45.91
CA LYS G 403 38.59 6.86 46.60
C LYS G 403 37.66 8.07 46.67
N GLY G 404 37.76 8.80 47.79
CA GLY G 404 37.01 10.04 47.96
C GLY G 404 37.80 11.02 48.79
N THR G 405 37.30 12.26 48.86
CA THR G 405 37.91 13.28 49.70
C THR G 405 36.84 14.01 50.49
N ILE G 406 37.24 14.51 51.66
CA ILE G 406 36.41 15.32 52.53
C ILE G 406 37.23 16.54 52.89
N SER G 407 36.73 17.73 52.58
CA SER G 407 37.34 18.98 53.00
C SER G 407 36.53 19.53 54.17
N VAL G 408 37.16 19.68 55.33
CA VAL G 408 36.48 20.13 56.53
C VAL G 408 36.91 21.56 56.82
N ASN G 409 35.95 22.46 56.87
CA ASN G 409 36.21 23.89 57.07
C ASN G 409 35.72 24.34 58.44
N ASP H 1 33.13 -48.87 71.89
CA ASP H 1 34.50 -48.45 71.62
C ASP H 1 34.47 -46.98 71.18
N SER H 2 33.33 -46.61 70.59
CA SER H 2 33.04 -45.24 70.18
C SER H 2 32.36 -44.54 71.35
N SER H 3 33.18 -44.01 72.24
CA SER H 3 32.64 -43.23 73.33
C SER H 3 32.00 -41.94 72.85
N ASP H 4 32.00 -41.68 71.53
CA ASP H 4 31.38 -40.49 71.00
C ASP H 4 30.01 -40.75 70.37
N THR H 5 29.50 -41.98 70.43
CA THR H 5 28.12 -42.19 70.00
C THR H 5 27.19 -42.06 71.19
N PHE H 6 25.92 -41.82 70.88
CA PHE H 6 24.82 -41.72 71.84
C PHE H 6 23.75 -42.72 71.39
N PRO H 7 23.80 -43.97 71.86
CA PRO H 7 22.81 -44.95 71.42
C PRO H 7 21.40 -44.60 71.85
N LYS H 8 20.43 -45.06 71.07
CA LYS H 8 19.01 -45.01 71.45
C LYS H 8 18.84 -45.44 72.90
N PHE H 9 18.12 -44.63 73.68
CA PHE H 9 18.00 -44.86 75.11
C PHE H 9 16.62 -44.50 75.60
N LYS H 10 16.13 -45.26 76.58
CA LYS H 10 14.80 -45.04 77.14
C LYS H 10 14.90 -43.98 78.23
N ASN H 11 14.34 -42.80 77.98
CA ASN H 11 14.37 -41.70 78.92
C ASN H 11 13.60 -42.06 80.19
N PRO H 12 14.23 -42.09 81.36
CA PRO H 12 13.50 -42.45 82.59
C PRO H 12 12.60 -41.34 83.13
N ASN H 13 12.82 -40.09 82.75
CA ASN H 13 12.03 -38.97 83.26
C ASN H 13 11.50 -38.17 82.08
N PRO H 14 10.61 -38.76 81.28
CA PRO H 14 10.08 -38.04 80.11
C PRO H 14 9.25 -36.86 80.58
N GLN H 15 9.26 -35.81 79.78
CA GLN H 15 8.40 -34.66 80.05
C GLN H 15 7.32 -34.57 78.99
N THR H 16 6.22 -33.92 79.37
CA THR H 16 5.09 -33.69 78.49
C THR H 16 5.08 -32.23 78.11
N LEU H 17 5.18 -31.93 76.81
CA LEU H 17 5.33 -30.57 76.34
C LEU H 17 4.30 -30.25 75.27
N SER H 18 3.95 -28.96 75.17
CA SER H 18 3.01 -28.54 74.15
C SER H 18 3.46 -27.20 73.55
N TYR H 19 3.21 -27.07 72.25
CA TYR H 19 3.54 -25.88 71.48
C TYR H 19 2.32 -25.48 70.67
N THR H 20 2.24 -24.18 70.38
CA THR H 20 1.28 -23.64 69.44
C THR H 20 2.06 -22.97 68.30
N LEU H 21 1.85 -23.45 67.08
CA LEU H 21 2.44 -22.88 65.88
C LEU H 21 1.32 -22.44 64.96
N ILE H 22 1.37 -21.18 64.54
CA ILE H 22 0.32 -20.56 63.72
C ILE H 22 0.94 -20.21 62.38
N ALA H 23 0.38 -20.78 61.31
CA ALA H 23 0.78 -20.34 59.98
C ALA H 23 0.27 -18.93 59.79
N GLN H 24 1.19 -18.00 59.53
CA GLN H 24 0.90 -16.57 59.49
C GLN H 24 1.62 -15.96 58.29
N ASP H 25 0.91 -15.13 57.53
CA ASP H 25 1.56 -14.27 56.53
C ASP H 25 2.13 -13.02 57.20
N ALA H 26 3.22 -12.49 56.63
CA ALA H 26 3.84 -11.30 57.22
C ALA H 26 4.71 -10.61 56.18
N GLU H 27 5.01 -9.33 56.44
CA GLU H 27 6.10 -8.59 55.82
C GLU H 27 7.27 -8.53 56.77
N ILE H 28 8.45 -8.96 56.31
CA ILE H 28 9.66 -8.87 57.12
C ILE H 28 10.78 -8.26 56.30
N GLU H 29 11.72 -7.66 57.00
CA GLU H 29 13.02 -7.32 56.42
C GLU H 29 13.86 -8.58 56.32
N VAL H 30 14.39 -8.89 55.13
CA VAL H 30 15.28 -10.03 54.93
C VAL H 30 16.72 -9.61 54.69
N SER H 31 16.98 -8.31 54.57
CA SER H 31 18.26 -7.69 54.27
C SER H 31 18.06 -6.21 54.56
N PRO H 32 19.11 -5.45 54.88
CA PRO H 32 18.91 -4.02 55.15
C PRO H 32 18.15 -3.37 54.01
N GLY H 33 17.02 -2.73 54.32
CA GLY H 33 16.23 -2.03 53.33
C GLY H 33 15.45 -2.90 52.37
N VAL H 34 15.29 -4.21 52.63
CA VAL H 34 14.60 -5.12 51.72
C VAL H 34 13.49 -5.79 52.52
N ARG H 35 12.27 -5.28 52.39
CA ARG H 35 11.10 -5.89 53.03
C ARG H 35 10.41 -6.81 52.03
N ALA H 36 9.97 -7.98 52.49
CA ALA H 36 9.34 -8.92 51.57
C ALA H 36 8.22 -9.68 52.27
N LYS H 37 7.26 -10.12 51.46
CA LYS H 37 6.16 -10.92 51.96
C LYS H 37 6.66 -12.34 52.19
N VAL H 38 6.34 -12.90 53.34
CA VAL H 38 6.77 -14.25 53.69
C VAL H 38 5.59 -15.04 54.24
N TRP H 39 5.73 -16.37 54.22
CA TRP H 39 4.80 -17.26 54.92
C TRP H 39 5.57 -17.93 56.05
N THR H 40 5.03 -17.82 57.27
CA THR H 40 5.76 -18.20 58.47
C THR H 40 4.94 -19.12 59.36
N TYR H 41 5.64 -19.72 60.32
CA TYR H 41 5.06 -20.14 61.59
C TYR H 41 5.48 -19.10 62.62
N ASN H 42 4.49 -18.45 63.23
CA ASN H 42 4.66 -17.53 64.35
C ASN H 42 5.37 -16.25 63.96
N GLY H 43 5.50 -15.95 62.67
CA GLY H 43 5.88 -14.60 62.27
C GLY H 43 7.35 -14.32 61.99
N THR H 44 8.25 -15.29 62.15
CA THR H 44 9.64 -15.09 61.71
C THR H 44 10.06 -16.15 60.70
N VAL H 45 11.17 -15.86 60.02
CA VAL H 45 11.85 -16.84 59.18
C VAL H 45 13.29 -16.87 59.65
N PRO H 46 13.80 -17.98 60.17
CA PRO H 46 13.06 -19.24 60.30
C PRO H 46 12.07 -19.22 61.47
N ALA H 47 11.23 -20.24 61.51
CA ALA H 47 10.23 -20.48 62.54
C ALA H 47 10.90 -20.70 63.90
N PRO H 48 10.13 -20.83 65.00
CA PRO H 48 10.77 -21.04 66.30
C PRO H 48 11.53 -22.35 66.37
N THR H 49 12.67 -22.34 67.04
CA THR H 49 13.43 -23.56 67.26
C THR H 49 12.75 -24.37 68.35
N LEU H 50 12.36 -25.59 68.03
CA LEU H 50 11.77 -26.49 69.02
C LEU H 50 12.87 -27.32 69.64
N ARG H 51 12.91 -27.39 70.97
CA ARG H 51 13.93 -28.17 71.64
C ARG H 51 13.35 -28.96 72.81
N PHE H 52 13.66 -30.25 72.87
CA PHE H 52 13.19 -31.11 73.95
C PHE H 52 14.10 -32.35 73.99
N SER H 53 13.76 -33.31 74.86
CA SER H 53 14.60 -34.49 75.04
C SER H 53 14.02 -35.70 74.33
N GLU H 54 14.93 -36.59 73.94
CA GLU H 54 14.58 -37.93 73.52
C GLU H 54 13.60 -38.54 74.52
N GLY H 55 12.54 -39.15 74.01
CA GLY H 55 11.54 -39.75 74.87
C GLY H 55 10.45 -38.81 75.38
N ASP H 56 10.58 -37.50 75.18
CA ASP H 56 9.54 -36.58 75.64
C ASP H 56 8.26 -36.73 74.82
N ASP H 57 7.13 -36.35 75.42
CA ASP H 57 5.84 -36.39 74.75
C ASP H 57 5.47 -34.97 74.27
N VAL H 58 5.32 -34.84 72.96
CA VAL H 58 5.24 -33.52 72.32
C VAL H 58 3.89 -33.37 71.61
N THR H 59 3.20 -32.28 71.91
CA THR H 59 1.96 -31.94 71.23
C THR H 59 2.08 -30.56 70.58
N VAL H 60 1.77 -30.45 69.29
CA VAL H 60 1.83 -29.15 68.60
C VAL H 60 0.44 -28.80 68.05
N LYS H 61 -0.16 -27.77 68.63
CA LYS H 61 -1.38 -27.18 68.08
C LYS H 61 -1.01 -26.36 66.86
N PHE H 62 -1.48 -26.77 65.68
CA PHE H 62 -1.20 -26.08 64.43
C PHE H 62 -2.46 -25.36 63.96
N VAL H 63 -2.35 -24.05 63.79
CA VAL H 63 -3.46 -23.18 63.39
C VAL H 63 -3.09 -22.50 62.08
N ASN H 64 -3.98 -22.57 61.08
CA ASN H 64 -3.77 -21.95 59.76
C ASN H 64 -4.54 -20.63 59.70
N ASP H 65 -3.83 -19.51 59.83
CA ASP H 65 -4.45 -18.18 59.71
C ASP H 65 -4.10 -17.49 58.40
N THR H 66 -4.11 -18.23 57.28
CA THR H 66 -3.81 -17.75 55.92
C THR H 66 -4.81 -18.31 54.92
N PRO H 67 -4.86 -17.76 53.69
CA PRO H 67 -5.73 -18.31 52.63
C PRO H 67 -5.18 -19.50 51.88
N TYR H 68 -3.98 -19.99 52.21
CA TYR H 68 -3.44 -21.19 51.61
C TYR H 68 -3.69 -22.40 52.52
N ALA H 69 -3.57 -23.59 51.95
CA ALA H 69 -3.44 -24.78 52.79
C ALA H 69 -1.99 -24.91 53.26
N HIS H 70 -1.83 -25.46 54.46
CA HIS H 70 -0.50 -25.65 55.05
C HIS H 70 -0.52 -26.92 55.89
N THR H 71 0.69 -27.41 56.22
CA THR H 71 0.87 -28.52 57.17
C THR H 71 2.12 -28.25 58.01
N ILE H 72 2.45 -29.17 58.90
CA ILE H 72 3.79 -29.23 59.47
C ILE H 72 4.31 -30.62 59.22
N HIS H 73 5.44 -30.73 58.53
CA HIS H 73 6.10 -32.02 58.35
C HIS H 73 7.37 -32.02 59.19
N PHE H 74 7.42 -32.90 60.18
CA PHE H 74 8.59 -33.06 61.02
C PHE H 74 9.46 -34.18 60.45
N HIS H 75 10.76 -33.92 60.34
CA HIS H 75 11.72 -35.00 60.14
C HIS H 75 11.81 -35.87 61.41
N GLY H 76 12.19 -37.13 61.23
CA GLY H 76 12.26 -38.08 62.33
C GLY H 76 11.15 -39.11 62.26
N THR H 77 11.19 -40.04 63.20
CA THR H 77 10.27 -41.18 63.21
C THR H 77 8.89 -40.81 63.80
N HIS H 78 7.83 -41.09 63.06
CA HIS H 78 6.46 -40.96 63.56
C HIS H 78 5.53 -41.67 62.58
N ASP H 79 4.24 -41.64 62.88
CA ASP H 79 3.28 -42.37 62.06
C ASP H 79 2.62 -41.44 61.03
N SER H 80 1.78 -42.04 60.19
CA SER H 80 1.21 -41.34 59.05
C SER H 80 0.37 -40.14 59.48
N ALA H 81 -0.50 -40.32 60.47
CA ALA H 81 -1.36 -39.22 60.91
C ALA H 81 -0.55 -38.02 61.42
N ASN H 82 0.73 -38.21 61.73
CA ASN H 82 1.53 -37.12 62.25
C ASN H 82 2.68 -36.75 61.32
N ASP H 83 2.59 -37.13 60.04
CA ASP H 83 3.66 -36.95 59.07
C ASP H 83 3.51 -35.68 58.22
N GLY H 84 2.38 -34.99 58.32
CA GLY H 84 2.24 -33.69 57.68
C GLY H 84 1.99 -33.69 56.19
N VAL H 85 1.53 -34.79 55.64
CA VAL H 85 1.07 -34.84 54.26
C VAL H 85 -0.46 -34.96 54.21
N PHE H 86 -1.01 -35.90 54.97
CA PHE H 86 -2.45 -36.15 55.10
C PHE H 86 -2.86 -35.82 56.53
N PRO H 87 -3.77 -34.86 56.75
CA PRO H 87 -4.41 -34.00 55.76
C PRO H 87 -3.74 -32.64 55.60
N MET H 88 -4.03 -31.95 54.49
CA MET H 88 -3.80 -30.51 54.40
C MET H 88 -4.70 -29.76 55.35
N ILE H 89 -4.14 -28.76 56.04
CA ILE H 89 -4.90 -27.96 56.98
C ILE H 89 -5.44 -26.75 56.24
N MET H 90 -6.75 -26.58 56.27
CA MET H 90 -7.44 -25.57 55.47
C MET H 90 -7.42 -24.20 56.15
N PRO H 91 -7.62 -23.13 55.39
CA PRO H 91 -7.67 -21.80 55.98
C PRO H 91 -8.64 -21.71 57.15
N GLY H 92 -8.16 -21.20 58.28
CA GLY H 92 -8.99 -21.09 59.46
C GLY H 92 -9.05 -22.32 60.34
N GLU H 93 -8.60 -23.48 59.86
CA GLU H 93 -8.68 -24.72 60.62
C GLU H 93 -7.47 -24.94 61.52
N GLU H 94 -7.55 -26.03 62.31
CA GLU H 94 -6.48 -26.41 63.20
C GLU H 94 -6.27 -27.92 63.12
N TYR H 95 -5.10 -28.34 63.54
CA TYR H 95 -4.76 -29.76 63.61
C TYR H 95 -3.79 -29.92 64.77
N THR H 96 -3.83 -31.07 65.41
CA THR H 96 -2.93 -31.34 66.52
C THR H 96 -1.95 -32.42 66.07
N TYR H 97 -0.67 -32.09 66.05
CA TYR H 97 0.35 -33.10 65.87
C TYR H 97 0.78 -33.60 67.24
N HIS H 98 1.02 -34.91 67.37
CA HIS H 98 1.46 -35.45 68.66
C HIS H 98 2.40 -36.61 68.42
N PHE H 99 3.55 -36.60 69.10
CA PHE H 99 4.47 -37.73 69.00
C PHE H 99 5.31 -37.82 70.26
N VAL H 100 5.78 -39.00 70.52
CA VAL H 100 6.86 -39.21 71.47
C VAL H 100 8.15 -39.09 70.67
N ALA H 101 9.12 -38.38 71.21
CA ALA H 101 10.38 -38.17 70.51
C ALA H 101 11.15 -39.49 70.50
N GLU H 102 11.13 -40.14 69.34
CA GLU H 102 11.60 -41.51 69.19
C GLU H 102 13.12 -41.60 69.20
N GLU H 103 13.82 -40.55 68.78
CA GLU H 103 15.28 -40.64 68.75
C GLU H 103 15.84 -39.24 68.85
N ALA H 104 17.07 -39.15 69.37
CA ALA H 104 17.74 -37.89 69.54
C ALA H 104 18.32 -37.44 68.21
N GLY H 105 18.72 -36.17 68.14
CA GLY H 105 19.42 -35.70 66.97
C GLY H 105 18.98 -34.30 66.59
N LEU H 106 19.36 -33.88 65.39
CA LEU H 106 18.99 -32.58 64.88
C LEU H 106 18.11 -32.80 63.68
N PHE H 107 16.88 -32.26 63.75
CA PHE H 107 15.90 -32.42 62.70
C PHE H 107 15.39 -31.04 62.32
N MET H 108 14.39 -31.03 61.46
CA MET H 108 13.84 -29.80 60.94
C MET H 108 12.36 -30.05 60.79
N TYR H 109 11.62 -28.96 60.64
CA TYR H 109 10.22 -29.09 60.27
C TYR H 109 9.95 -28.02 59.24
N HIS H 110 9.04 -28.32 58.32
CA HIS H 110 8.66 -27.37 57.30
C HIS H 110 7.29 -27.76 56.78
N CYS H 111 6.68 -26.84 56.05
CA CYS H 111 5.37 -27.09 55.47
C CYS H 111 5.51 -28.11 54.35
N HIS H 112 4.51 -28.96 54.18
CA HIS H 112 4.56 -29.90 53.07
C HIS H 112 3.39 -29.75 52.10
N ALA H 113 2.75 -28.57 52.09
CA ALA H 113 1.77 -28.26 51.05
C ALA H 113 2.42 -28.29 49.67
N PHE H 114 1.60 -28.23 48.63
CA PHE H 114 2.05 -28.40 47.25
C PHE H 114 1.81 -27.14 46.43
N PRO H 115 2.83 -26.65 45.68
CA PRO H 115 4.17 -27.23 45.53
C PRO H 115 5.06 -26.90 46.72
N THR H 116 5.80 -27.88 47.23
CA THR H 116 6.47 -27.70 48.52
C THR H 116 7.63 -26.73 48.45
N SER H 117 8.34 -26.67 47.32
CA SER H 117 9.38 -25.65 47.16
C SER H 117 8.82 -24.23 47.30
N GLU H 118 7.58 -24.00 46.87
CA GLU H 118 7.03 -22.66 47.05
C GLU H 118 6.84 -22.32 48.52
N HIS H 119 6.33 -23.25 49.31
CA HIS H 119 6.06 -22.98 50.72
C HIS H 119 7.36 -22.85 51.52
N VAL H 120 8.36 -23.66 51.19
CA VAL H 120 9.65 -23.53 51.87
C VAL H 120 10.38 -22.26 51.41
N ARG H 121 10.34 -21.95 50.12
CA ARG H 121 10.96 -20.70 49.67
C ARG H 121 10.34 -19.47 50.33
N MET H 122 9.07 -19.56 50.71
CA MET H 122 8.35 -18.43 51.27
C MET H 122 8.64 -18.26 52.77
N GLY H 123 9.20 -19.30 53.41
CA GLY H 123 9.69 -19.17 54.78
C GLY H 123 9.23 -20.22 55.80
N MET H 124 8.43 -21.20 55.37
CA MET H 124 7.82 -22.18 56.29
C MET H 124 8.77 -23.33 56.65
N PHE H 125 9.76 -23.01 57.50
CA PHE H 125 10.73 -24.00 57.96
C PHE H 125 11.32 -23.55 59.30
N GLY H 126 11.70 -24.53 60.11
CA GLY H 126 12.24 -24.33 61.45
C GLY H 126 13.08 -25.52 61.87
N THR H 127 13.71 -25.38 63.03
CA THR H 127 14.70 -26.33 63.54
C THR H 127 14.13 -27.11 64.71
N MET H 128 14.53 -28.37 64.84
CA MET H 128 14.05 -29.17 65.97
C MET H 128 15.23 -29.92 66.56
N ILE H 129 15.61 -29.56 67.78
CA ILE H 129 16.78 -30.12 68.45
C ILE H 129 16.28 -31.09 69.50
N ILE H 130 16.64 -32.36 69.36
CA ILE H 130 16.21 -33.38 70.32
C ILE H 130 17.46 -33.88 71.03
N ASP H 131 17.59 -33.52 72.29
CA ASP H 131 18.77 -33.87 73.08
C ASP H 131 18.77 -35.33 73.51
N PRO H 132 19.95 -35.96 73.59
CA PRO H 132 20.03 -37.40 73.91
C PRO H 132 19.67 -37.70 75.36
N ALA H 133 19.00 -38.83 75.54
CA ALA H 133 18.61 -39.25 76.89
C ALA H 133 19.71 -40.02 77.61
N ILE H 134 20.57 -40.74 76.90
CA ILE H 134 21.53 -41.62 77.60
C ILE H 134 22.56 -40.82 78.40
N ARG H 135 22.94 -39.61 77.92
CA ARG H 135 23.80 -38.69 78.64
C ARG H 135 23.75 -37.36 77.90
N PRO H 136 24.02 -36.24 78.55
CA PRO H 136 24.08 -34.97 77.82
C PRO H 136 25.22 -34.98 76.82
N MET H 137 25.09 -34.21 75.73
CA MET H 137 26.33 -33.99 74.99
C MET H 137 27.31 -33.13 75.78
N ASP H 138 28.55 -33.11 75.31
CA ASP H 138 29.62 -32.50 76.08
C ASP H 138 29.27 -31.04 76.31
N PRO H 139 29.52 -30.51 77.49
CA PRO H 139 29.21 -29.11 77.77
C PRO H 139 29.79 -28.19 76.70
N ALA H 140 28.94 -27.36 76.11
CA ALA H 140 29.33 -26.48 75.02
C ALA H 140 28.43 -25.26 75.00
N ARG H 141 28.88 -24.20 74.32
CA ARG H 141 28.03 -23.06 73.99
C ARG H 141 27.35 -23.37 72.66
N GLU H 142 26.01 -23.21 72.60
CA GLU H 142 25.22 -23.77 71.51
C GLU H 142 24.50 -22.70 70.70
N TYR H 143 24.52 -22.90 69.38
CA TYR H 143 23.88 -22.05 68.40
C TYR H 143 23.24 -22.93 67.32
N PHE H 144 22.18 -22.44 66.70
CA PHE H 144 21.58 -23.08 65.55
C PHE H 144 21.66 -22.17 64.33
N PHE H 145 21.72 -22.77 63.15
CA PHE H 145 21.80 -22.02 61.90
C PHE H 145 21.02 -22.76 60.83
N THR H 146 20.04 -22.09 60.23
CA THR H 146 19.42 -22.56 59.01
C THR H 146 20.11 -21.94 57.80
N LEU H 147 20.24 -22.74 56.74
CA LEU H 147 20.85 -22.35 55.46
C LEU H 147 19.75 -22.43 54.42
N SER H 148 19.34 -21.28 53.88
CA SER H 148 18.17 -21.28 53.03
C SER H 148 18.44 -20.46 51.77
N GLU H 149 17.43 -20.43 50.89
CA GLU H 149 17.46 -19.70 49.64
C GLU H 149 16.26 -18.76 49.63
N PHE H 150 16.48 -17.49 49.32
CA PHE H 150 15.36 -16.57 49.37
C PHE H 150 15.49 -15.49 48.32
N ASP H 151 14.42 -15.25 47.56
CA ASP H 151 14.43 -14.18 46.58
C ASP H 151 13.18 -13.34 46.73
N PRO H 152 13.31 -12.05 47.07
CA PRO H 152 12.11 -11.23 47.33
C PRO H 152 11.29 -10.93 46.10
N ASN H 153 11.80 -11.16 44.89
CA ASN H 153 11.12 -10.76 43.67
C ASN H 153 10.53 -11.91 42.89
N ASN H 154 11.15 -13.09 42.95
CA ASN H 154 10.60 -14.28 42.30
C ASN H 154 10.94 -15.47 43.20
N ALA H 155 9.95 -15.94 43.95
CA ALA H 155 10.19 -16.86 45.04
C ALA H 155 10.85 -18.16 44.57
N LEU H 156 10.58 -18.60 43.34
CA LEU H 156 11.09 -19.86 42.83
C LEU H 156 12.24 -19.69 41.85
N GLU H 157 12.87 -18.52 41.83
CA GLU H 157 14.12 -18.33 41.09
C GLU H 157 15.13 -19.43 41.43
N HIS H 158 15.70 -20.06 40.40
CA HIS H 158 16.72 -21.08 40.61
C HIS H 158 17.90 -20.55 41.43
N PHE H 159 18.52 -19.45 41.00
CA PHE H 159 19.56 -18.80 41.78
C PHE H 159 18.94 -17.60 42.48
N THR H 160 18.84 -17.67 43.81
CA THR H 160 18.14 -16.64 44.56
C THR H 160 19.06 -15.46 44.84
N GLU H 161 18.43 -14.31 45.11
CA GLU H 161 19.20 -13.11 45.47
C GLU H 161 19.97 -13.32 46.77
N PHE H 162 19.38 -14.03 47.73
CA PHE H 162 19.98 -14.21 49.04
C PHE H 162 20.07 -15.70 49.39
N TYR H 163 21.07 -16.04 50.22
CA TYR H 163 21.24 -17.36 50.84
C TYR H 163 21.48 -17.12 52.32
N PRO H 164 20.45 -16.66 53.04
CA PRO H 164 20.68 -16.20 54.41
C PRO H 164 21.02 -17.34 55.35
N ILE H 165 21.75 -16.99 56.41
CA ILE H 165 21.87 -17.83 57.59
C ILE H 165 20.84 -17.32 58.59
N ASN H 166 19.88 -18.18 58.95
CA ASN H 166 18.81 -17.82 59.88
C ASN H 166 17.98 -16.63 59.36
N GLY H 167 17.63 -16.69 58.07
CA GLY H 167 16.56 -15.86 57.53
C GLY H 167 16.93 -14.45 57.06
N TYR H 168 17.80 -13.76 57.78
CA TYR H 168 18.16 -12.38 57.49
C TYR H 168 19.59 -12.35 56.97
N ALA H 169 19.76 -11.94 55.71
CA ALA H 169 21.06 -12.03 55.06
C ALA H 169 22.11 -11.21 55.80
N GLY H 170 23.25 -11.84 56.08
CA GLY H 170 24.37 -11.12 56.63
C GLY H 170 24.22 -10.67 58.07
N GLN H 171 23.19 -11.12 58.79
CA GLN H 171 22.96 -10.59 60.14
C GLN H 171 24.15 -10.80 61.08
N TYR H 172 24.93 -11.85 60.89
CA TYR H 172 25.99 -12.15 61.83
C TYR H 172 27.34 -11.51 61.46
N MET H 173 27.35 -10.59 60.49
CA MET H 173 28.51 -9.71 60.31
C MET H 173 28.48 -8.49 61.21
N ASP H 174 27.32 -7.87 61.36
CA ASP H 174 27.19 -6.80 62.34
C ASP H 174 27.00 -7.31 63.75
N ASN H 175 26.51 -8.54 63.92
CA ASN H 175 26.26 -9.14 65.23
C ASN H 175 27.00 -10.47 65.30
N PRO H 176 28.31 -10.45 65.61
CA PRO H 176 29.10 -11.68 65.54
C PRO H 176 28.61 -12.79 66.46
N ILE H 177 28.86 -14.02 66.02
CA ILE H 177 28.67 -15.22 66.83
C ILE H 177 29.80 -15.25 67.84
N ARG H 178 29.49 -15.08 69.12
CA ARG H 178 30.54 -15.00 70.14
C ARG H 178 30.87 -16.39 70.68
N VAL H 179 32.17 -16.69 70.74
CA VAL H 179 32.64 -17.92 71.33
C VAL H 179 33.78 -17.57 72.29
N VAL H 180 34.11 -18.53 73.15
CA VAL H 180 35.07 -18.31 74.22
C VAL H 180 36.29 -19.17 73.97
N SER H 181 37.47 -18.57 74.08
CA SER H 181 38.74 -19.26 73.90
C SER H 181 38.81 -20.51 74.77
N GLY H 182 39.04 -21.65 74.14
CA GLY H 182 39.18 -22.91 74.85
C GLY H 182 37.85 -23.58 75.25
N GLU H 183 36.72 -22.93 75.02
CA GLU H 183 35.42 -23.49 75.39
C GLU H 183 34.80 -24.22 74.19
N LEU H 184 34.34 -25.45 74.41
CA LEU H 184 33.69 -26.19 73.34
C LEU H 184 32.47 -25.42 72.85
N THR H 185 32.28 -25.42 71.53
CA THR H 185 31.16 -24.74 70.88
C THR H 185 30.46 -25.75 69.98
N ARG H 186 29.14 -25.69 69.93
CA ARG H 186 28.36 -26.66 69.17
C ARG H 186 27.37 -25.91 68.29
N PHE H 187 27.37 -26.23 66.99
CA PHE H 187 26.48 -25.62 66.01
C PHE H 187 25.50 -26.66 65.51
N TYR H 188 24.20 -26.35 65.56
CA TYR H 188 23.15 -27.16 64.99
C TYR H 188 22.74 -26.54 63.65
N VAL H 189 23.14 -27.19 62.55
CA VAL H 189 23.05 -26.59 61.22
C VAL H 189 22.07 -27.38 60.36
N VAL H 190 21.11 -26.67 59.76
CA VAL H 190 20.00 -27.24 59.01
C VAL H 190 20.13 -26.77 57.57
N GLY H 191 20.27 -27.70 56.63
CA GLY H 191 20.23 -27.36 55.22
C GLY H 191 18.82 -27.38 54.66
N ILE H 192 18.32 -26.24 54.17
CA ILE H 192 16.91 -26.20 53.79
C ILE H 192 16.71 -25.29 52.58
N GLY H 193 17.59 -25.44 51.58
CA GLY H 193 17.40 -24.88 50.27
C GLY H 193 16.77 -25.90 49.35
N GLY H 194 16.74 -25.57 48.06
CA GLY H 194 16.13 -26.51 47.14
C GLY H 194 16.87 -26.77 45.84
N VAL H 195 17.95 -26.02 45.57
CA VAL H 195 18.67 -26.14 44.30
C VAL H 195 20.11 -26.59 44.57
N LEU H 196 20.89 -25.73 45.23
CA LEU H 196 22.29 -25.96 45.50
C LEU H 196 22.48 -26.57 46.89
N GLN H 197 23.53 -27.37 47.03
CA GLN H 197 23.92 -27.91 48.32
C GLN H 197 24.86 -26.94 49.04
N SER H 198 25.07 -27.20 50.32
CA SER H 198 25.73 -26.24 51.21
C SER H 198 27.02 -26.81 51.77
N PRO H 199 28.19 -26.50 51.20
CA PRO H 199 29.46 -26.86 51.87
C PRO H 199 29.72 -25.95 53.07
N PHE H 200 29.43 -26.43 54.28
CA PHE H 200 29.53 -25.59 55.46
C PHE H 200 30.97 -25.56 55.95
N HIS H 201 31.55 -24.37 56.07
CA HIS H 201 32.97 -24.21 56.35
C HIS H 201 33.18 -23.20 57.48
N VAL H 202 33.98 -23.54 58.49
CA VAL H 202 34.38 -22.56 59.51
C VAL H 202 35.88 -22.31 59.39
N HIS H 203 36.29 -21.05 59.54
CA HIS H 203 37.70 -20.68 59.42
C HIS H 203 38.51 -21.12 60.62
N SER H 204 39.76 -21.56 60.37
CA SER H 204 40.83 -21.62 61.37
C SER H 204 40.65 -22.73 62.40
N THR H 205 39.82 -23.72 62.14
CA THR H 205 39.73 -24.85 63.06
C THR H 205 39.04 -26.01 62.36
N ILE H 206 39.27 -27.21 62.89
CA ILE H 206 38.77 -28.46 62.33
C ILE H 206 37.51 -28.85 63.07
N MET H 207 36.51 -29.27 62.31
CA MET H 207 35.16 -29.48 62.80
C MET H 207 35.01 -30.95 63.17
N LYS H 208 34.38 -31.24 64.30
CA LYS H 208 33.83 -32.58 64.60
C LYS H 208 32.36 -32.60 64.22
N VAL H 209 31.97 -33.53 63.34
CA VAL H 209 30.67 -33.51 62.68
C VAL H 209 29.95 -34.82 62.95
N TYR H 210 28.70 -34.75 63.41
CA TYR H 210 27.81 -35.91 63.42
C TYR H 210 27.04 -35.92 62.11
N PRO H 211 27.30 -36.87 61.22
CA PRO H 211 26.62 -36.88 59.92
C PRO H 211 25.10 -36.99 60.08
N SER H 212 24.38 -36.22 59.26
CA SER H 212 22.93 -36.19 59.20
C SER H 212 22.32 -35.78 60.53
N GLY H 213 23.13 -35.25 61.45
CA GLY H 213 22.62 -34.86 62.74
C GLY H 213 22.11 -36.01 63.58
N ILE H 214 22.59 -37.22 63.31
CA ILE H 214 22.14 -38.43 64.00
C ILE H 214 23.24 -38.83 64.99
N LEU H 215 22.93 -38.78 66.27
CA LEU H 215 23.90 -38.99 67.32
C LEU H 215 24.24 -40.46 67.51
N TRP H 216 23.49 -41.38 66.88
CA TRP H 216 23.92 -42.78 66.89
C TRP H 216 25.23 -42.99 66.14
N ASN H 217 25.59 -42.05 65.26
CA ASN H 217 26.74 -42.18 64.38
C ASN H 217 28.03 -41.83 65.09
N GLU H 218 29.10 -42.49 64.66
CA GLU H 218 30.42 -42.01 65.00
C GLU H 218 30.67 -40.69 64.25
N PRO H 219 31.10 -39.63 64.92
CA PRO H 219 31.39 -38.38 64.22
C PRO H 219 32.72 -38.49 63.47
N TYR H 220 32.97 -37.53 62.57
CA TYR H 220 34.22 -37.50 61.82
C TYR H 220 34.73 -36.07 61.77
N TYR H 221 35.99 -35.87 61.36
CA TYR H 221 36.54 -34.53 61.35
C TYR H 221 36.60 -33.96 59.95
N ALA H 222 36.27 -32.66 59.82
CA ALA H 222 36.15 -32.06 58.51
C ALA H 222 36.61 -30.60 58.56
N GLN H 223 37.24 -30.15 57.49
CA GLN H 223 37.47 -28.71 57.31
C GLN H 223 36.26 -28.07 56.67
N THR H 224 35.47 -28.86 55.96
CA THR H 224 34.27 -28.42 55.26
C THR H 224 33.35 -29.63 55.17
N HIS H 225 32.05 -29.41 55.42
CA HIS H 225 31.10 -30.52 55.47
C HIS H 225 29.92 -30.19 54.58
N LEU H 226 29.69 -31.02 53.57
CA LEU H 226 28.58 -30.81 52.66
C LEU H 226 27.26 -31.19 53.34
N ILE H 227 26.35 -30.23 53.45
CA ILE H 227 25.03 -30.47 54.03
C ILE H 227 24.02 -30.46 52.89
N GLY H 228 23.47 -31.64 52.59
CA GLY H 228 22.42 -31.72 51.59
C GLY H 228 21.16 -30.99 52.03
N ASN H 229 20.39 -30.50 51.07
CA ASN H 229 19.09 -29.94 51.40
C ASN H 229 18.19 -31.01 51.98
N GLY H 230 17.51 -30.67 53.06
CA GLY H 230 16.74 -31.64 53.81
C GLY H 230 17.56 -32.44 54.81
N ASP H 231 18.86 -32.12 54.94
CA ASP H 231 19.72 -32.81 55.87
C ASP H 231 20.16 -31.83 56.94
N THR H 232 20.76 -32.33 58.01
CA THR H 232 21.34 -31.47 59.04
C THR H 232 22.74 -31.95 59.40
N ALA H 233 23.39 -31.21 60.30
CA ALA H 233 24.67 -31.62 60.84
C ALA H 233 24.83 -31.05 62.24
N ILE H 234 25.32 -31.86 63.18
CA ILE H 234 25.74 -31.35 64.47
C ILE H 234 27.25 -31.23 64.45
N ILE H 235 27.74 -30.02 64.74
CA ILE H 235 29.13 -29.64 64.52
C ILE H 235 29.72 -29.11 65.83
N GLU H 236 30.90 -29.59 66.18
CA GLU H 236 31.58 -29.10 67.39
C GLU H 236 32.95 -28.56 67.00
N ALA H 237 33.36 -27.49 67.66
CA ALA H 237 34.68 -26.92 67.38
C ALA H 237 35.10 -26.07 68.57
N THR H 238 36.41 -25.87 68.68
CA THR H 238 37.00 -25.05 69.72
C THR H 238 38.00 -24.09 69.08
N TRP H 239 37.87 -22.81 69.42
CA TRP H 239 38.83 -21.77 69.05
C TRP H 239 39.67 -21.47 70.28
N THR H 240 40.98 -21.29 70.08
CA THR H 240 41.86 -21.04 71.21
C THR H 240 42.55 -19.69 71.17
N GLN H 241 42.44 -18.92 70.07
CA GLN H 241 43.17 -17.67 69.92
C GLN H 241 42.18 -16.52 69.71
N PRO H 242 42.10 -15.55 70.61
CA PRO H 242 41.06 -14.52 70.49
C PRO H 242 41.26 -13.67 69.25
N GLY H 243 40.16 -13.05 68.79
CA GLY H 243 40.16 -12.27 67.58
C GLY H 243 39.02 -12.68 66.70
N MET H 244 39.03 -12.23 65.44
CA MET H 244 37.83 -12.34 64.65
C MET H 244 38.08 -13.35 63.53
N TYR H 245 37.07 -14.19 63.27
CA TYR H 245 37.11 -15.21 62.23
C TYR H 245 35.78 -15.20 61.47
N LEU H 246 35.67 -16.09 60.48
CA LEU H 246 34.47 -16.25 59.67
C LEU H 246 33.96 -17.69 59.69
N PHE H 247 32.66 -17.84 59.41
CA PHE H 247 32.15 -19.11 58.87
C PHE H 247 31.10 -18.81 57.82
N HIS H 248 30.90 -19.76 56.90
CA HIS H 248 30.02 -19.48 55.76
C HIS H 248 29.83 -20.76 54.97
N VAL H 249 28.76 -20.78 54.15
CA VAL H 249 28.70 -21.76 53.08
C VAL H 249 29.75 -21.40 52.03
N HIS H 250 30.48 -22.40 51.54
CA HIS H 250 31.58 -22.17 50.61
C HIS H 250 31.03 -22.18 49.20
N GLY H 251 30.87 -21.00 48.61
CA GLY H 251 30.36 -20.89 47.27
C GLY H 251 29.75 -19.52 47.04
N ILE H 252 29.04 -19.39 45.93
CA ILE H 252 28.42 -18.10 45.63
C ILE H 252 27.48 -17.64 46.73
N GLN H 253 27.00 -18.57 47.57
CA GLN H 253 26.15 -18.23 48.71
C GLN H 253 26.81 -17.23 49.63
N GLU H 254 28.13 -17.32 49.80
CA GLU H 254 28.83 -16.46 50.76
C GLU H 254 28.90 -15.00 50.32
N GLU H 255 28.60 -14.68 49.06
CA GLU H 255 28.47 -13.29 48.62
C GLU H 255 27.06 -12.75 48.77
N ARG H 256 26.11 -13.58 49.20
CA ARG H 256 24.70 -13.25 49.15
C ARG H 256 24.03 -13.51 50.47
N GLY H 257 24.75 -13.30 51.56
CA GLY H 257 24.18 -13.35 52.89
C GLY H 257 24.63 -14.53 53.72
N SER H 258 25.24 -15.55 53.10
CA SER H 258 25.70 -16.72 53.86
C SER H 258 27.13 -16.49 54.37
N MET H 259 27.30 -15.44 55.17
CA MET H 259 28.55 -15.21 55.87
C MET H 259 28.31 -14.69 57.27
N ALA H 260 29.08 -15.22 58.21
CA ALA H 260 28.98 -14.84 59.60
C ALA H 260 30.36 -14.62 60.17
N MET H 261 30.43 -13.73 61.13
CA MET H 261 31.68 -13.41 61.76
C MET H 261 31.71 -14.09 63.12
N ILE H 262 32.84 -14.68 63.46
CA ILE H 262 33.04 -15.30 64.76
C ILE H 262 33.91 -14.39 65.59
N GLU H 263 33.47 -14.07 66.81
CA GLU H 263 34.29 -13.32 67.76
C GLU H 263 34.74 -14.28 68.86
N VAL H 264 36.03 -14.59 68.91
CA VAL H 264 36.58 -15.42 69.97
C VAL H 264 36.93 -14.50 71.13
N LEU H 265 36.28 -14.71 72.26
CA LEU H 265 36.47 -13.88 73.44
C LEU H 265 37.47 -14.51 74.41
N GLU H 266 37.99 -13.64 75.27
CA GLU H 266 38.98 -14.02 76.28
C GLU H 266 38.38 -14.93 77.33
N ASP H 267 37.17 -14.60 77.80
CA ASP H 267 36.45 -15.42 78.77
C ASP H 267 34.96 -15.28 78.51
N ALA H 268 34.14 -15.95 79.32
CA ALA H 268 32.69 -15.97 79.12
C ALA H 268 31.95 -14.87 79.88
N SER H 269 32.68 -13.91 80.47
CA SER H 269 32.03 -12.97 81.40
C SER H 269 30.97 -12.12 80.71
N SER H 270 31.25 -11.61 79.52
CA SER H 270 30.27 -10.74 78.87
C SER H 270 29.00 -11.45 78.45
N LEU H 271 28.92 -12.78 78.59
CA LEU H 271 27.77 -13.52 78.10
C LEU H 271 26.87 -14.07 79.20
N SER H 272 27.15 -13.74 80.47
CA SER H 272 26.40 -14.39 81.54
C SER H 272 24.94 -14.00 81.54
N ASP H 273 24.60 -12.80 81.04
CA ASP H 273 23.21 -12.37 80.98
C ASP H 273 22.53 -12.75 79.67
N VAL H 274 23.31 -13.10 78.66
CA VAL H 274 22.81 -13.45 77.32
C VAL H 274 22.46 -14.93 77.24
N GLN H 275 23.32 -15.81 77.74
CA GLN H 275 23.15 -17.25 77.64
C GLN H 275 22.06 -17.73 78.59
N ARG H 276 21.62 -18.97 78.36
CA ARG H 276 20.64 -19.63 79.20
C ARG H 276 21.07 -21.08 79.38
N PRO H 277 20.70 -21.68 80.51
CA PRO H 277 20.99 -23.12 80.71
C PRO H 277 20.35 -23.96 79.61
N SER H 278 21.15 -24.84 79.00
CA SER H 278 20.69 -25.67 77.91
C SER H 278 19.90 -26.88 78.42
N ASN H 279 19.02 -27.39 77.55
CA ASN H 279 18.39 -28.69 77.80
C ASN H 279 19.42 -29.83 77.76
N ASN H 280 20.58 -29.62 77.12
CA ASN H 280 21.76 -30.45 77.35
C ASN H 280 22.37 -30.01 78.68
N LYS H 281 22.24 -30.82 79.72
CA LYS H 281 22.65 -30.40 81.05
C LYS H 281 24.12 -30.00 81.07
N GLY H 282 24.40 -28.77 81.48
CA GLY H 282 25.74 -28.26 81.57
C GLY H 282 26.19 -27.42 80.39
N SER H 283 25.43 -27.41 79.31
CA SER H 283 25.75 -26.56 78.17
C SER H 283 25.08 -25.20 78.31
N TYR H 284 25.47 -24.28 77.43
CA TYR H 284 25.03 -22.90 77.49
C TYR H 284 24.42 -22.56 76.15
N SER H 285 23.11 -22.31 76.15
CA SER H 285 22.36 -22.05 74.93
C SER H 285 22.42 -20.57 74.56
N MET H 286 22.69 -20.28 73.29
CA MET H 286 22.55 -18.92 72.82
C MET H 286 21.39 -18.79 71.83
N VAL H 287 20.53 -19.79 71.80
CA VAL H 287 19.42 -19.83 70.84
C VAL H 287 18.47 -18.67 71.10
N GLU H 288 18.27 -18.32 72.37
CA GLU H 288 17.34 -17.25 72.71
C GLU H 288 17.87 -15.90 72.25
N TRP H 289 19.17 -15.65 72.47
CA TRP H 289 19.81 -14.48 71.89
C TRP H 289 19.65 -14.45 70.38
N GLN H 290 19.82 -15.61 69.72
CA GLN H 290 19.68 -15.65 68.27
C GLN H 290 18.27 -15.30 67.84
N GLU H 291 17.28 -15.89 68.50
CA GLU H 291 15.90 -15.68 68.07
C GLU H 291 15.44 -14.27 68.42
N ASP H 292 15.89 -13.72 69.54
CA ASP H 292 15.67 -12.31 69.82
C ASP H 292 16.18 -11.44 68.67
N LEU H 293 17.39 -11.72 68.19
CA LEU H 293 17.98 -10.91 67.12
C LEU H 293 17.23 -11.09 65.81
N ILE H 294 16.83 -12.34 65.49
CA ILE H 294 16.04 -12.57 64.28
C ILE H 294 14.80 -11.68 64.28
N ARG H 295 14.08 -11.66 65.39
CA ARG H 295 12.84 -10.87 65.43
C ARG H 295 13.13 -9.37 65.40
N THR H 296 14.18 -8.93 66.09
CA THR H 296 14.56 -7.52 66.07
C THR H 296 14.85 -7.04 64.65
N LEU H 297 15.62 -7.82 63.90
CA LEU H 297 16.03 -7.43 62.56
C LEU H 297 14.90 -7.56 61.56
N GLU H 298 14.08 -8.61 61.69
CA GLU H 298 13.04 -8.81 60.68
C GLU H 298 11.86 -7.85 60.85
N GLN H 299 11.66 -7.29 62.04
CA GLN H 299 10.56 -6.38 62.35
C GLN H 299 9.25 -6.85 61.70
N PRO H 300 8.78 -8.06 62.00
CA PRO H 300 7.65 -8.62 61.26
C PRO H 300 6.38 -7.77 61.41
N GLN H 301 5.62 -7.72 60.32
CA GLN H 301 4.32 -7.07 60.24
C GLN H 301 3.30 -8.13 59.88
N LEU H 302 2.57 -8.63 60.88
CA LEU H 302 1.63 -9.71 60.62
C LEU H 302 0.48 -9.24 59.74
N ILE H 303 0.06 -10.12 58.84
CA ILE H 303 -1.10 -9.91 57.99
C ILE H 303 -2.21 -10.81 58.49
N SER H 304 -3.34 -10.23 58.86
CA SER H 304 -4.46 -11.01 59.37
C SER H 304 -5.65 -10.85 58.44
N TYR H 305 -6.35 -11.95 58.20
CA TYR H 305 -7.43 -11.98 57.24
C TYR H 305 -8.75 -12.19 57.98
N GLU H 306 -9.77 -11.42 57.60
CA GLU H 306 -11.04 -11.42 58.30
C GLU H 306 -12.11 -12.24 57.60
N ASN H 307 -11.69 -13.18 56.72
CA ASN H 307 -12.66 -13.90 55.89
C ASN H 307 -12.29 -15.35 55.57
N LEU H 308 -11.42 -15.98 56.36
CA LEU H 308 -10.79 -17.23 55.94
C LEU H 308 -11.79 -18.35 55.75
N GLY H 309 -11.71 -19.04 54.62
CA GLY H 309 -12.54 -20.17 54.32
C GLY H 309 -13.80 -19.88 53.52
N GLU H 310 -14.10 -18.61 53.27
CA GLU H 310 -15.34 -18.18 52.62
C GLU H 310 -15.13 -18.06 51.11
N SER H 311 -16.12 -18.51 50.34
CA SER H 311 -16.04 -18.51 48.88
C SER H 311 -17.32 -17.93 48.30
N ALA H 312 -17.24 -17.48 47.05
CA ALA H 312 -18.27 -16.66 46.44
C ALA H 312 -19.40 -17.43 45.77
N ALA H 313 -19.40 -18.77 45.82
CA ALA H 313 -20.45 -19.61 45.22
C ALA H 313 -20.50 -19.49 43.70
N ILE H 314 -20.57 -20.63 43.02
CA ILE H 314 -20.42 -20.67 41.58
C ILE H 314 -21.74 -20.32 40.92
N SER H 315 -21.71 -19.32 40.03
CA SER H 315 -22.90 -18.85 39.32
C SER H 315 -22.87 -19.18 37.83
N SER H 316 -21.83 -19.86 37.36
CA SER H 316 -21.69 -20.16 35.95
C SER H 316 -22.81 -21.06 35.45
N GLU H 317 -23.25 -20.81 34.22
CA GLU H 317 -24.24 -21.68 33.60
C GLU H 317 -23.70 -23.10 33.50
N LYS H 318 -24.54 -24.07 33.79
CA LYS H 318 -24.13 -25.47 33.72
C LYS H 318 -23.93 -25.89 32.27
N VAL H 319 -22.85 -26.63 32.02
CA VAL H 319 -22.52 -27.13 30.70
C VAL H 319 -22.76 -28.64 30.68
N SER H 320 -23.38 -29.14 29.60
CA SER H 320 -23.50 -30.57 29.41
C SER H 320 -22.20 -31.10 28.81
N ALA H 321 -21.42 -31.81 29.63
CA ALA H 321 -20.15 -32.36 29.20
C ALA H 321 -19.75 -33.44 30.19
N ASP H 322 -18.90 -34.36 29.74
CA ASP H 322 -18.35 -35.36 30.65
C ASP H 322 -16.83 -35.26 30.74
N LYS H 323 -16.24 -34.18 30.26
CA LYS H 323 -14.81 -33.90 30.37
C LYS H 323 -14.65 -32.59 31.11
N VAL H 324 -13.79 -32.57 32.13
CA VAL H 324 -13.44 -31.32 32.81
C VAL H 324 -11.92 -31.14 32.77
N SER H 325 -11.48 -29.91 32.54
CA SER H 325 -10.07 -29.54 32.58
C SER H 325 -9.75 -28.89 33.92
N ILE H 326 -8.68 -29.34 34.57
CA ILE H 326 -8.09 -28.60 35.69
C ILE H 326 -7.06 -27.68 35.06
N VAL H 327 -7.29 -26.36 35.15
CA VAL H 327 -6.65 -25.45 34.20
C VAL H 327 -5.21 -25.14 34.60
N LYS H 328 -4.38 -24.88 33.58
CA LYS H 328 -3.02 -24.40 33.79
C LYS H 328 -2.99 -23.24 34.77
N ASP H 329 -1.98 -23.26 35.64
CA ASP H 329 -1.69 -22.26 36.67
C ASP H 329 -2.73 -22.21 37.78
N SER H 330 -3.58 -23.24 37.94
CA SER H 330 -4.54 -23.27 39.06
C SER H 330 -3.86 -23.14 40.41
N TRP H 331 -2.58 -23.54 40.51
CA TRP H 331 -1.87 -23.41 41.77
C TRP H 331 -1.60 -21.94 42.13
N ASN H 332 -1.87 -21.01 41.21
CA ASN H 332 -1.87 -19.59 41.54
C ASN H 332 -3.29 -19.13 41.85
N PRO H 333 -3.57 -18.62 43.05
CA PRO H 333 -4.95 -18.19 43.36
C PRO H 333 -5.47 -17.07 42.49
N GLU H 334 -4.62 -16.36 41.75
CA GLU H 334 -5.08 -15.32 40.84
C GLU H 334 -5.91 -15.85 39.67
N ILE H 335 -5.90 -17.16 39.44
CA ILE H 335 -6.73 -17.76 38.40
C ILE H 335 -8.10 -18.05 39.01
N THR H 336 -9.14 -17.39 38.49
CA THR H 336 -10.41 -17.32 39.19
C THR H 336 -11.36 -18.47 38.90
N GLU H 337 -11.18 -19.20 37.80
CA GLU H 337 -11.88 -20.46 37.56
C GLU H 337 -10.84 -21.55 37.36
N SER H 338 -10.73 -22.45 38.34
CA SER H 338 -9.70 -23.48 38.34
C SER H 338 -10.11 -24.77 37.63
N TYR H 339 -11.41 -24.99 37.41
CA TYR H 339 -11.88 -26.10 36.61
C TYR H 339 -12.69 -25.59 35.44
N ASP H 340 -12.68 -26.36 34.35
CA ASP H 340 -13.30 -25.88 33.12
C ASP H 340 -13.89 -27.03 32.33
N PRO H 341 -15.23 -27.13 32.20
CA PRO H 341 -16.26 -26.22 32.74
C PRO H 341 -16.34 -26.24 34.28
N ILE H 342 -16.53 -25.08 34.91
CA ILE H 342 -16.57 -25.04 36.36
C ILE H 342 -17.84 -25.68 36.90
N ALA H 343 -18.90 -25.75 36.10
CA ALA H 343 -20.19 -26.31 36.53
C ALA H 343 -20.72 -27.16 35.40
N ILE H 344 -20.86 -28.48 35.63
CA ILE H 344 -21.30 -29.37 34.56
C ILE H 344 -22.60 -30.06 34.96
N GLN H 345 -23.25 -30.62 33.94
CA GLN H 345 -24.57 -31.24 34.02
C GLN H 345 -24.46 -32.60 33.34
N VAL H 346 -24.77 -33.69 34.08
CA VAL H 346 -24.70 -35.04 33.52
C VAL H 346 -25.91 -35.86 33.98
N ASP H 347 -26.30 -36.83 33.16
CA ASP H 347 -27.29 -37.81 33.57
C ASP H 347 -26.66 -38.82 34.54
N SER H 348 -27.47 -39.37 35.43
CA SER H 348 -26.99 -40.44 36.29
C SER H 348 -26.47 -41.58 35.44
N GLY H 349 -25.39 -42.23 35.92
CA GLY H 349 -24.71 -43.26 35.17
C GLY H 349 -23.59 -42.76 34.28
N THR H 350 -23.37 -41.46 34.23
CA THR H 350 -22.35 -40.89 33.37
C THR H 350 -21.00 -40.91 34.08
N THR H 351 -19.95 -41.28 33.33
CA THR H 351 -18.58 -41.16 33.81
C THR H 351 -17.99 -39.84 33.33
N VAL H 352 -17.52 -39.03 34.28
CA VAL H 352 -16.84 -37.77 33.97
C VAL H 352 -15.34 -37.96 34.18
N THR H 353 -14.55 -37.37 33.29
CA THR H 353 -13.09 -37.50 33.32
C THR H 353 -12.48 -36.12 33.50
N TRP H 354 -11.72 -35.94 34.58
CA TRP H 354 -10.91 -34.75 34.79
C TRP H 354 -9.50 -34.99 34.25
N THR H 355 -8.97 -34.00 33.56
CA THR H 355 -7.58 -34.02 33.09
C THR H 355 -6.82 -32.91 33.80
N ASN H 356 -5.68 -33.24 34.38
CA ASN H 356 -4.87 -32.21 35.05
C ASN H 356 -4.00 -31.55 34.00
N ASP H 357 -4.45 -30.40 33.51
CA ASP H 357 -3.71 -29.64 32.52
C ASP H 357 -2.69 -28.70 33.15
N ASP H 358 -2.56 -28.71 34.48
CA ASP H 358 -1.54 -27.92 35.16
C ASP H 358 -0.22 -28.70 35.20
N SER H 359 0.80 -28.10 35.79
CA SER H 359 2.11 -28.70 35.98
C SER H 359 2.37 -29.02 37.44
N VAL H 360 1.34 -28.87 38.27
CA VAL H 360 1.33 -29.13 39.70
C VAL H 360 0.21 -30.13 39.97
N VAL H 361 0.41 -31.00 40.96
CA VAL H 361 -0.64 -31.96 41.32
C VAL H 361 -1.89 -31.22 41.82
N HIS H 362 -3.05 -31.83 41.59
CA HIS H 362 -4.34 -31.32 42.07
C HIS H 362 -5.22 -32.48 42.47
N THR H 363 -6.35 -32.18 43.11
CA THR H 363 -7.35 -33.18 43.45
C THR H 363 -8.74 -32.71 43.01
N VAL H 364 -9.65 -33.68 42.97
CA VAL H 364 -11.08 -33.45 42.76
C VAL H 364 -11.76 -34.19 43.90
N THR H 365 -12.34 -33.43 44.83
CA THR H 365 -12.79 -34.00 46.10
C THR H 365 -14.16 -33.44 46.45
N ASP H 366 -15.14 -34.33 46.61
CA ASP H 366 -16.47 -33.92 47.07
C ASP H 366 -16.36 -33.34 48.48
N ASN H 367 -17.00 -32.18 48.69
CA ASN H 367 -16.88 -31.61 50.02
C ASN H 367 -17.81 -32.27 51.04
N GLU H 368 -18.60 -33.24 50.59
CA GLU H 368 -19.36 -34.13 51.45
C GLU H 368 -18.98 -35.59 51.22
N ASN H 369 -17.78 -35.81 50.69
CA ASN H 369 -17.05 -37.08 50.69
C ASN H 369 -17.73 -38.21 49.95
N SER H 370 -18.53 -37.94 48.92
CA SER H 370 -18.99 -39.09 48.16
C SER H 370 -17.98 -39.53 47.10
N PHE H 371 -16.93 -38.73 46.86
CA PHE H 371 -15.86 -39.12 45.95
C PHE H 371 -14.61 -38.31 46.25
N ASP H 372 -13.45 -38.87 45.90
CA ASP H 372 -12.17 -38.20 46.14
C ASP H 372 -11.12 -38.84 45.25
N SER H 373 -10.51 -38.03 44.40
CA SER H 373 -9.53 -38.50 43.44
C SER H 373 -8.20 -38.84 44.07
N GLY H 374 -7.89 -38.31 45.24
CA GLY H 374 -6.51 -38.33 45.64
C GLY H 374 -5.69 -37.40 44.74
N PHE H 375 -4.37 -37.54 44.86
CA PHE H 375 -3.45 -36.80 44.00
C PHE H 375 -3.69 -37.14 42.54
N ILE H 376 -3.94 -36.13 41.72
CA ILE H 376 -3.96 -36.26 40.27
C ILE H 376 -2.67 -35.63 39.74
N GLN H 377 -1.78 -36.45 39.21
CA GLN H 377 -0.50 -35.95 38.73
C GLN H 377 -0.68 -35.06 37.51
N ALA H 378 0.24 -34.11 37.36
CA ALA H 378 0.28 -33.23 36.20
C ALA H 378 0.20 -34.03 34.91
N GLY H 379 -0.72 -33.62 34.03
CA GLY H 379 -0.95 -34.30 32.78
C GLY H 379 -1.81 -35.56 32.84
N ASN H 380 -2.11 -36.09 34.03
CA ASN H 380 -2.87 -37.32 34.13
C ASN H 380 -4.38 -37.03 34.18
N THR H 381 -5.16 -38.10 34.13
CA THR H 381 -6.62 -38.01 34.19
C THR H 381 -7.14 -38.79 35.39
N TRP H 382 -8.38 -38.47 35.78
CA TRP H 382 -9.08 -39.22 36.81
C TRP H 382 -10.56 -39.20 36.44
N SER H 383 -11.20 -40.37 36.52
CA SER H 383 -12.58 -40.54 36.10
C SER H 383 -13.42 -41.11 37.23
N TYR H 384 -14.71 -40.76 37.24
CA TYR H 384 -15.63 -41.23 38.25
C TYR H 384 -17.02 -41.32 37.66
N SER H 385 -17.77 -42.35 38.05
CA SER H 385 -19.10 -42.61 37.52
C SER H 385 -20.15 -42.11 38.50
N PHE H 386 -20.97 -41.17 38.06
CA PHE H 386 -21.93 -40.50 38.93
C PHE H 386 -23.28 -41.18 38.75
N ASP H 387 -23.64 -42.05 39.70
CA ASP H 387 -24.84 -42.87 39.63
C ASP H 387 -25.97 -42.36 40.52
N ASN H 388 -25.73 -41.32 41.33
CA ASN H 388 -26.74 -40.84 42.25
C ASN H 388 -27.10 -39.40 41.93
N PRO H 389 -28.37 -39.10 41.61
CA PRO H 389 -28.74 -37.72 41.24
C PRO H 389 -28.54 -36.75 42.41
N GLY H 390 -28.37 -35.48 42.06
CA GLY H 390 -28.10 -34.45 43.03
C GLY H 390 -26.99 -33.54 42.57
N GLU H 391 -26.69 -32.56 43.41
CA GLU H 391 -25.64 -31.59 43.13
C GLU H 391 -24.48 -31.84 44.08
N PHE H 392 -23.27 -31.99 43.53
CA PHE H 392 -22.07 -32.22 44.31
C PHE H 392 -21.11 -31.06 44.09
N ASP H 393 -20.79 -30.36 45.17
CA ASP H 393 -19.80 -29.30 45.13
C ASP H 393 -18.43 -29.89 45.48
N TYR H 394 -17.44 -29.64 44.64
CA TYR H 394 -16.14 -30.24 44.88
C TYR H 394 -15.04 -29.20 44.91
N ILE H 395 -13.89 -29.62 45.40
CA ILE H 395 -12.77 -28.75 45.73
C ILE H 395 -11.49 -29.50 45.41
N CYS H 396 -10.39 -28.74 45.39
CA CYS H 396 -9.05 -29.32 45.51
C CYS H 396 -8.67 -29.25 46.97
N THR H 397 -8.25 -30.38 47.55
CA THR H 397 -7.77 -30.33 48.93
C THR H 397 -6.35 -29.76 49.05
N LEU H 398 -5.67 -29.53 47.94
CA LEU H 398 -4.33 -28.92 48.00
C LEU H 398 -4.36 -27.40 47.89
N HIS H 399 -5.32 -26.85 47.15
CA HIS H 399 -5.40 -25.41 46.89
C HIS H 399 -6.85 -24.98 47.14
N PRO H 400 -7.14 -24.39 48.30
CA PRO H 400 -8.55 -24.26 48.72
C PRO H 400 -9.37 -23.26 47.92
N TRP H 401 -8.77 -22.42 47.09
CA TRP H 401 -9.56 -21.57 46.20
C TRP H 401 -10.13 -22.33 45.01
N MET H 402 -9.79 -23.60 44.83
CA MET H 402 -10.20 -24.35 43.65
C MET H 402 -11.52 -25.05 43.96
N LYS H 403 -12.58 -24.71 43.22
CA LYS H 403 -13.84 -25.43 43.45
C LYS H 403 -14.63 -25.56 42.14
N GLY H 404 -15.53 -26.55 42.13
CA GLY H 404 -16.40 -26.80 41.01
C GLY H 404 -17.70 -27.44 41.48
N THR H 405 -18.62 -27.65 40.54
CA THR H 405 -19.87 -28.34 40.85
C THR H 405 -20.20 -29.32 39.74
N ILE H 406 -20.94 -30.37 40.10
CA ILE H 406 -21.50 -31.30 39.13
C ILE H 406 -22.93 -31.62 39.56
N SER H 407 -23.86 -31.45 38.64
CA SER H 407 -25.26 -31.78 38.85
C SER H 407 -25.59 -33.03 38.07
N VAL H 408 -26.18 -34.00 38.77
CA VAL H 408 -26.52 -35.31 38.21
C VAL H 408 -28.03 -35.43 38.22
N ASN H 409 -28.61 -35.79 37.08
CA ASN H 409 -30.07 -35.89 36.99
C ASN H 409 -30.54 -37.33 37.03
N ASP I 1 33.58 -53.50 63.14
CA ASP I 1 32.17 -53.69 63.42
C ASP I 1 31.57 -54.51 62.26
N SER I 2 32.22 -55.67 62.01
CA SER I 2 31.86 -56.64 60.98
C SER I 2 30.44 -57.19 61.14
N SER I 3 29.76 -56.88 62.25
CA SER I 3 28.34 -57.20 62.33
C SER I 3 27.53 -56.43 61.29
N ASP I 4 28.15 -55.52 60.53
CA ASP I 4 27.44 -54.89 59.43
C ASP I 4 28.24 -54.74 58.14
N THR I 5 29.49 -55.18 58.07
CA THR I 5 30.19 -55.12 56.79
C THR I 5 30.21 -56.48 56.10
N PHE I 6 30.47 -56.46 54.80
CA PHE I 6 30.54 -57.67 54.00
C PHE I 6 31.88 -57.67 53.28
N PRO I 7 32.91 -58.26 53.87
CA PRO I 7 34.24 -58.20 53.23
C PRO I 7 34.27 -59.04 51.96
N LYS I 8 35.22 -58.69 51.10
CA LYS I 8 35.49 -59.47 49.89
C LYS I 8 35.65 -60.94 50.26
N PHE I 9 35.06 -61.81 49.44
CA PHE I 9 35.01 -63.22 49.80
C PHE I 9 34.93 -64.00 48.50
N LYS I 10 35.76 -65.03 48.40
CA LYS I 10 35.88 -65.81 47.18
C LYS I 10 34.72 -66.79 47.15
N ASN I 11 33.79 -66.57 46.23
CA ASN I 11 32.54 -67.31 46.11
C ASN I 11 32.77 -68.80 45.86
N PRO I 12 32.29 -69.68 46.73
CA PRO I 12 32.13 -71.08 46.34
C PRO I 12 30.77 -71.24 45.68
N ASN I 13 30.72 -72.03 44.61
CA ASN I 13 29.58 -72.09 43.70
C ASN I 13 29.37 -70.77 42.95
N PRO I 14 30.28 -70.38 42.06
CA PRO I 14 29.99 -69.27 41.15
C PRO I 14 29.12 -69.71 39.99
N GLN I 15 28.46 -68.72 39.40
CA GLN I 15 27.52 -68.93 38.31
C GLN I 15 28.05 -68.26 37.05
N THR I 16 27.71 -68.83 35.89
CA THR I 16 28.13 -68.30 34.59
C THR I 16 26.91 -67.73 33.89
N LEU I 17 26.91 -66.43 33.67
CA LEU I 17 25.74 -65.71 33.20
C LEU I 17 26.02 -65.02 31.87
N SER I 18 24.96 -64.84 31.10
CA SER I 18 25.04 -64.24 29.77
C SER I 18 23.82 -63.35 29.55
N TYR I 19 24.06 -62.12 29.12
CA TYR I 19 23.00 -61.16 28.81
C TYR I 19 23.21 -60.60 27.41
N THR I 20 22.15 -60.07 26.83
CA THR I 20 22.24 -59.33 25.58
C THR I 20 21.51 -58.01 25.74
N LEU I 21 22.22 -56.91 25.49
CA LEU I 21 21.63 -55.58 25.51
C LEU I 21 21.79 -54.96 24.13
N ILE I 22 20.71 -54.42 23.60
CA ILE I 22 20.69 -53.83 22.27
C ILE I 22 20.46 -52.33 22.42
N ALA I 23 21.38 -51.53 21.88
CA ALA I 23 21.15 -50.10 21.77
C ALA I 23 19.99 -49.86 20.81
N GLN I 24 18.93 -49.22 21.29
CA GLN I 24 17.73 -49.03 20.48
C GLN I 24 17.16 -47.63 20.69
N ASP I 25 16.87 -46.97 19.58
CA ASP I 25 16.14 -45.70 19.62
C ASP I 25 14.65 -45.99 19.75
N ALA I 26 13.98 -45.23 20.61
CA ALA I 26 12.55 -45.44 20.81
C ALA I 26 11.87 -44.11 21.09
N GLU I 27 10.54 -44.14 20.97
CA GLU I 27 9.69 -43.12 21.55
C GLU I 27 9.02 -43.76 22.76
N ILE I 28 9.10 -43.09 23.91
CA ILE I 28 8.46 -43.59 25.12
C ILE I 28 7.66 -42.47 25.75
N GLU I 29 6.72 -42.84 26.59
CA GLU I 29 6.09 -41.90 27.50
C GLU I 29 6.94 -41.75 28.75
N VAL I 30 7.29 -40.51 29.08
CA VAL I 30 8.12 -40.20 30.23
C VAL I 30 7.33 -39.51 31.33
N SER I 31 6.10 -39.11 31.05
CA SER I 31 5.19 -38.44 31.96
C SER I 31 3.80 -38.54 31.36
N PRO I 32 2.73 -38.47 32.18
CA PRO I 32 1.37 -38.57 31.59
C PRO I 32 1.18 -37.63 30.42
N GLY I 33 0.88 -38.16 29.24
CA GLY I 33 0.68 -37.36 28.05
C GLY I 33 1.94 -36.70 27.49
N VAL I 34 3.14 -37.19 27.80
CA VAL I 34 4.38 -36.64 27.25
C VAL I 34 5.17 -37.78 26.62
N ARG I 35 5.18 -37.82 25.30
CA ARG I 35 5.98 -38.75 24.51
C ARG I 35 7.30 -38.09 24.13
N ALA I 36 8.38 -38.85 24.15
CA ALA I 36 9.65 -38.27 23.77
C ALA I 36 10.58 -39.33 23.19
N LYS I 37 11.48 -38.88 22.32
CA LYS I 37 12.53 -39.75 21.78
C LYS I 37 13.60 -39.97 22.83
N VAL I 38 14.09 -41.22 22.91
CA VAL I 38 15.09 -41.62 23.89
C VAL I 38 16.08 -42.53 23.19
N TRP I 39 17.27 -42.66 23.78
CA TRP I 39 18.25 -43.68 23.43
C TRP I 39 18.31 -44.69 24.55
N THR I 40 18.18 -45.97 24.23
CA THR I 40 17.99 -46.98 25.27
C THR I 40 18.86 -48.21 25.03
N TYR I 41 18.99 -49.01 26.08
CA TYR I 41 19.27 -50.44 25.97
C TYR I 41 17.94 -51.20 26.15
N ASN I 42 17.52 -51.91 25.11
CA ASN I 42 16.37 -52.82 25.13
C ASN I 42 15.01 -52.13 25.28
N GLY I 43 14.92 -50.83 25.07
CA GLY I 43 13.63 -50.20 24.88
C GLY I 43 13.06 -49.39 26.03
N THR I 44 13.66 -49.44 27.22
CA THR I 44 13.13 -48.69 28.36
C THR I 44 14.21 -47.83 28.98
N VAL I 45 13.76 -46.80 29.69
CA VAL I 45 14.59 -45.94 30.50
C VAL I 45 14.06 -46.03 31.93
N PRO I 46 14.84 -46.50 32.90
CA PRO I 46 16.18 -47.06 32.80
C PRO I 46 16.23 -48.37 32.04
N ALA I 47 17.45 -48.75 31.67
CA ALA I 47 17.78 -50.02 31.05
C ALA I 47 17.53 -51.17 32.04
N PRO I 48 17.63 -52.42 31.59
CA PRO I 48 17.36 -53.55 32.50
C PRO I 48 18.29 -53.53 33.70
N THR I 49 17.73 -53.92 34.84
CA THR I 49 18.52 -54.05 36.05
C THR I 49 19.23 -55.40 36.00
N LEU I 50 20.56 -55.36 36.00
CA LEU I 50 21.38 -56.57 36.02
C LEU I 50 21.64 -56.93 37.47
N ARG I 51 21.51 -58.23 37.78
CA ARG I 51 21.73 -58.71 39.14
C ARG I 51 22.38 -60.09 39.12
N PHE I 52 23.41 -60.25 39.93
CA PHE I 52 24.15 -61.50 40.09
C PHE I 52 24.99 -61.39 41.35
N SER I 53 25.88 -62.35 41.56
CA SER I 53 26.61 -62.42 42.81
C SER I 53 28.09 -62.15 42.57
N GLU I 54 28.72 -61.61 43.62
CA GLU I 54 30.16 -61.53 43.69
C GLU I 54 30.77 -62.87 43.26
N GLY I 55 31.74 -62.82 42.37
CA GLY I 55 32.42 -64.02 41.91
C GLY I 55 31.85 -64.64 40.65
N ASP I 56 30.68 -64.23 40.21
CA ASP I 56 30.06 -64.78 39.02
C ASP I 56 30.82 -64.36 37.78
N ASP I 57 30.70 -65.17 36.73
CA ASP I 57 31.30 -64.90 35.42
C ASP I 57 30.21 -64.30 34.53
N VAL I 58 30.39 -63.03 34.16
CA VAL I 58 29.34 -62.27 33.46
C VAL I 58 29.78 -61.97 32.05
N THR I 59 28.89 -62.24 31.10
CA THR I 59 29.06 -61.91 29.69
C THR I 59 27.90 -61.04 29.24
N VAL I 60 28.20 -59.89 28.63
CA VAL I 60 27.17 -59.00 28.08
C VAL I 60 27.46 -58.77 26.60
N LYS I 61 26.62 -59.34 25.73
CA LYS I 61 26.73 -59.08 24.30
C LYS I 61 25.97 -57.80 23.98
N PHE I 62 26.70 -56.81 23.48
CA PHE I 62 26.15 -55.50 23.18
C PHE I 62 26.03 -55.32 21.67
N VAL I 63 24.83 -54.99 21.21
CA VAL I 63 24.49 -54.85 19.81
C VAL I 63 23.98 -53.43 19.58
N ASN I 64 24.54 -52.74 18.59
CA ASN I 64 24.18 -51.35 18.30
C ASN I 64 23.21 -51.31 17.12
N ASP I 65 21.92 -51.13 17.39
CA ASP I 65 20.92 -50.99 16.33
C ASP I 65 20.51 -49.54 16.12
N THR I 66 21.43 -48.59 16.26
CA THR I 66 21.17 -47.17 16.11
C THR I 66 22.17 -46.55 15.13
N PRO I 67 21.88 -45.36 14.61
CA PRO I 67 22.84 -44.68 13.73
C PRO I 67 24.03 -44.07 14.44
N TYR I 68 24.08 -44.07 15.77
CA TYR I 68 25.14 -43.43 16.54
C TYR I 68 26.06 -44.48 17.12
N ALA I 69 27.29 -44.06 17.43
CA ALA I 69 28.22 -44.92 18.13
C ALA I 69 27.88 -44.98 19.63
N HIS I 70 28.06 -46.15 20.23
CA HIS I 70 27.69 -46.40 21.62
C HIS I 70 28.68 -47.35 22.26
N THR I 71 28.67 -47.38 23.59
CA THR I 71 29.36 -48.39 24.38
C THR I 71 28.51 -48.72 25.59
N ILE I 72 28.99 -49.66 26.41
CA ILE I 72 28.53 -49.82 27.79
C ILE I 72 29.74 -49.70 28.70
N HIS I 73 29.69 -48.74 29.64
CA HIS I 73 30.66 -48.63 30.72
C HIS I 73 30.02 -49.13 32.00
N PHE I 74 30.61 -50.15 32.60
CA PHE I 74 30.20 -50.63 33.92
C PHE I 74 31.05 -49.95 35.00
N HIS I 75 30.40 -49.52 36.08
CA HIS I 75 31.17 -49.22 37.28
C HIS I 75 31.67 -50.52 37.91
N GLY I 76 32.74 -50.42 38.70
CA GLY I 76 33.37 -51.57 39.30
C GLY I 76 34.68 -51.96 38.63
N THR I 77 35.34 -52.94 39.23
CA THR I 77 36.69 -53.34 38.81
C THR I 77 36.66 -54.21 37.56
N HIS I 78 37.50 -53.88 36.58
CA HIS I 78 37.70 -54.67 35.36
C HIS I 78 38.82 -54.02 34.56
N ASP I 79 39.19 -54.64 33.45
CA ASP I 79 40.33 -54.17 32.69
C ASP I 79 39.86 -53.25 31.57
N SER I 80 40.81 -52.76 30.77
CA SER I 80 40.51 -51.69 29.81
C SER I 80 39.62 -52.18 28.68
N ALA I 81 39.83 -53.42 28.23
CA ALA I 81 39.03 -53.96 27.14
C ALA I 81 37.55 -54.07 27.51
N ASN I 82 37.24 -54.02 28.81
CA ASN I 82 35.88 -54.17 29.30
C ASN I 82 35.41 -52.93 30.05
N ASP I 83 36.00 -51.78 29.77
CA ASP I 83 35.73 -50.55 30.49
C ASP I 83 34.82 -49.60 29.72
N GLY I 84 34.51 -49.90 28.46
CA GLY I 84 33.52 -49.14 27.74
C GLY I 84 33.95 -47.78 27.25
N VAL I 85 35.25 -47.48 27.21
CA VAL I 85 35.72 -46.24 26.61
C VAL I 85 36.30 -46.48 25.24
N PHE I 86 37.25 -47.43 25.13
CA PHE I 86 38.01 -47.35 23.89
C PHE I 86 37.22 -47.91 22.72
N PRO I 87 36.98 -49.23 22.61
CA PRO I 87 36.27 -49.68 21.42
C PRO I 87 34.89 -49.03 21.38
N MET I 88 34.72 -47.98 20.55
CA MET I 88 33.39 -47.47 20.26
C MET I 88 32.68 -48.47 19.37
N ILE I 89 31.43 -48.80 19.68
CA ILE I 89 30.71 -49.78 18.88
C ILE I 89 29.86 -49.04 17.84
N MET I 90 30.17 -49.29 16.57
CA MET I 90 29.57 -48.57 15.45
C MET I 90 28.21 -49.16 15.10
N PRO I 91 27.39 -48.41 14.36
CA PRO I 91 26.06 -48.91 13.99
C PRO I 91 26.12 -50.29 13.37
N GLY I 92 25.18 -51.15 13.78
CA GLY I 92 25.12 -52.49 13.25
C GLY I 92 26.13 -53.46 13.80
N GLU I 93 27.08 -53.01 14.61
CA GLU I 93 28.13 -53.90 15.10
C GLU I 93 27.81 -54.41 16.50
N GLU I 94 28.61 -55.39 16.92
CA GLU I 94 28.43 -56.09 18.19
C GLU I 94 29.75 -56.09 18.93
N TYR I 95 29.67 -56.18 20.26
CA TYR I 95 30.86 -56.30 21.09
C TYR I 95 30.48 -57.04 22.36
N THR I 96 31.29 -58.01 22.76
CA THR I 96 31.01 -58.82 23.95
C THR I 96 31.88 -58.33 25.10
N TYR I 97 31.24 -57.77 26.12
CA TYR I 97 31.89 -57.49 27.38
C TYR I 97 31.89 -58.76 28.23
N HIS I 98 32.96 -58.95 28.99
CA HIS I 98 33.08 -60.12 29.84
C HIS I 98 33.92 -59.77 31.05
N PHE I 99 33.46 -60.21 32.22
CA PHE I 99 34.23 -59.98 33.43
C PHE I 99 33.70 -60.86 34.56
N VAL I 100 34.58 -61.20 35.47
CA VAL I 100 34.22 -61.87 36.71
C VAL I 100 33.91 -60.79 37.73
N ALA I 101 32.76 -60.90 38.40
CA ALA I 101 32.33 -59.88 39.35
C ALA I 101 33.32 -59.84 40.50
N GLU I 102 34.16 -58.80 40.52
CA GLU I 102 35.30 -58.73 41.43
C GLU I 102 34.91 -58.26 42.83
N GLU I 103 33.83 -57.49 42.97
CA GLU I 103 33.35 -57.10 44.29
C GLU I 103 31.83 -56.98 44.29
N ALA I 104 31.24 -57.19 45.45
CA ALA I 104 29.81 -56.94 45.63
C ALA I 104 29.55 -55.44 45.82
N GLY I 105 28.28 -55.07 45.74
CA GLY I 105 27.87 -53.71 45.97
C GLY I 105 26.80 -53.30 44.96
N LEU I 106 26.46 -52.02 44.95
CA LEU I 106 25.51 -51.47 43.99
C LEU I 106 26.24 -50.60 42.98
N PHE I 107 26.17 -50.97 41.71
CA PHE I 107 26.82 -50.22 40.66
C PHE I 107 25.80 -49.81 39.61
N MET I 108 26.29 -49.25 38.52
CA MET I 108 25.48 -48.80 37.41
C MET I 108 26.24 -49.05 36.13
N TYR I 109 25.53 -49.00 35.02
CA TYR I 109 26.17 -49.00 33.72
C TYR I 109 25.51 -47.92 32.87
N HIS I 110 26.29 -47.32 31.98
CA HIS I 110 25.75 -46.30 31.11
C HIS I 110 26.65 -46.19 29.90
N CYS I 111 26.14 -45.52 28.87
CA CYS I 111 26.95 -45.30 27.68
C CYS I 111 28.07 -44.34 28.01
N HIS I 112 29.23 -44.55 27.37
CA HIS I 112 30.35 -43.62 27.53
C HIS I 112 30.83 -43.08 26.19
N ALA I 113 29.99 -43.11 25.16
CA ALA I 113 30.29 -42.40 23.93
C ALA I 113 30.21 -40.89 24.17
N PHE I 114 30.87 -40.11 23.29
CA PHE I 114 30.95 -38.66 23.40
C PHE I 114 29.77 -37.98 22.69
N PRO I 115 29.15 -36.96 23.29
CA PRO I 115 29.38 -36.46 24.66
C PRO I 115 28.61 -37.33 25.65
N THR I 116 29.28 -37.82 26.69
CA THR I 116 28.64 -38.82 27.56
C THR I 116 27.39 -38.26 28.24
N SER I 117 27.41 -36.99 28.63
CA SER I 117 26.23 -36.40 29.29
C SER I 117 25.01 -36.45 28.40
N GLU I 118 25.20 -36.32 27.09
CA GLU I 118 24.06 -36.38 26.19
C GLU I 118 23.52 -37.80 26.08
N HIS I 119 24.40 -38.81 26.01
CA HIS I 119 23.93 -40.18 25.89
C HIS I 119 23.20 -40.63 27.15
N VAL I 120 23.72 -40.26 28.33
CA VAL I 120 23.01 -40.54 29.57
C VAL I 120 21.68 -39.79 29.59
N ARG I 121 21.71 -38.51 29.24
CA ARG I 121 20.47 -37.78 29.40
C ARG I 121 19.43 -38.25 28.39
N MET I 122 19.85 -38.89 27.30
CA MET I 122 18.88 -39.41 26.36
C MET I 122 18.30 -40.76 26.85
N GLY I 123 18.87 -41.35 27.91
CA GLY I 123 18.29 -42.54 28.50
C GLY I 123 19.16 -43.78 28.64
N MET I 124 20.45 -43.70 28.29
CA MET I 124 21.28 -44.92 28.21
C MET I 124 21.98 -45.18 29.53
N PHE I 125 21.21 -45.67 30.51
CA PHE I 125 21.76 -46.01 31.82
C PHE I 125 20.91 -47.08 32.47
N GLY I 126 21.55 -47.90 33.31
CA GLY I 126 20.85 -48.96 34.01
C GLY I 126 21.54 -49.29 35.32
N THR I 127 20.92 -50.20 36.09
CA THR I 127 21.35 -50.53 37.44
C THR I 127 21.99 -51.92 37.45
N MET I 128 23.01 -52.11 38.29
CA MET I 128 23.76 -53.36 38.37
C MET I 128 23.92 -53.71 39.84
N ILE I 129 23.22 -54.73 40.30
CA ILE I 129 23.22 -55.14 41.71
C ILE I 129 24.07 -56.39 41.83
N ILE I 130 25.12 -56.35 42.64
CA ILE I 130 26.03 -57.49 42.83
C ILE I 130 25.97 -57.91 44.28
N ASP I 131 25.36 -59.05 44.53
CA ASP I 131 25.10 -59.45 45.89
C ASP I 131 26.33 -60.08 46.53
N PRO I 132 26.51 -59.91 47.85
CA PRO I 132 27.75 -60.35 48.50
C PRO I 132 27.83 -61.88 48.58
N ALA I 133 29.07 -62.38 48.51
CA ALA I 133 29.34 -63.81 48.61
C ALA I 133 29.56 -64.27 50.04
N ILE I 134 30.04 -63.41 50.94
CA ILE I 134 30.36 -63.89 52.27
C ILE I 134 29.10 -64.37 52.98
N ARG I 135 27.98 -63.66 52.78
CA ARG I 135 26.71 -64.01 53.37
C ARG I 135 25.65 -63.13 52.72
N PRO I 136 24.38 -63.54 52.65
CA PRO I 136 23.36 -62.63 52.09
C PRO I 136 23.16 -61.40 52.96
N MET I 137 22.76 -60.30 52.32
CA MET I 137 22.21 -59.19 53.08
C MET I 137 20.99 -59.67 53.87
N ASP I 138 20.69 -58.93 54.95
CA ASP I 138 19.59 -59.30 55.83
C ASP I 138 18.29 -59.46 55.03
N PRO I 139 17.46 -60.45 55.36
CA PRO I 139 16.20 -60.63 54.65
C PRO I 139 15.40 -59.34 54.61
N ALA I 140 14.93 -58.98 53.41
CA ALA I 140 14.33 -57.67 53.18
C ALA I 140 13.52 -57.72 51.90
N ARG I 141 12.55 -56.82 51.80
CA ARG I 141 11.87 -56.54 50.54
C ARG I 141 12.69 -55.50 49.79
N GLU I 142 12.99 -55.77 48.52
CA GLU I 142 14.01 -55.01 47.78
C GLU I 142 13.39 -54.30 46.58
N TYR I 143 13.69 -53.01 46.43
CA TYR I 143 13.36 -52.19 45.27
C TYR I 143 14.63 -51.48 44.81
N PHE I 144 14.68 -51.13 43.52
CA PHE I 144 15.75 -50.29 42.97
C PHE I 144 15.17 -48.97 42.44
N PHE I 145 15.98 -47.91 42.46
CA PHE I 145 15.52 -46.60 41.99
C PHE I 145 16.67 -45.84 41.34
N THR I 146 16.49 -45.42 40.08
CA THR I 146 17.41 -44.48 39.46
C THR I 146 16.86 -43.07 39.61
N LEU I 147 17.76 -42.13 39.91
CA LEU I 147 17.44 -40.71 40.03
C LEU I 147 18.09 -40.01 38.85
N SER I 148 17.29 -39.48 37.94
CA SER I 148 17.83 -38.95 36.70
C SER I 148 17.28 -37.58 36.37
N GLU I 149 17.61 -37.10 35.17
CA GLU I 149 17.36 -35.75 34.69
C GLU I 149 16.91 -35.92 33.24
N PHE I 150 15.72 -35.40 32.90
CA PHE I 150 15.24 -35.64 31.55
C PHE I 150 14.41 -34.46 31.06
N ASP I 151 14.71 -34.00 29.85
CA ASP I 151 13.97 -32.90 29.24
C ASP I 151 13.56 -33.34 27.84
N PRO I 152 12.27 -33.39 27.54
CA PRO I 152 11.85 -33.86 26.21
C PRO I 152 12.21 -32.91 25.07
N ASN I 153 12.41 -31.63 25.36
CA ASN I 153 12.65 -30.65 24.29
C ASN I 153 14.13 -30.35 24.09
N ASN I 154 14.86 -30.03 25.15
CA ASN I 154 16.31 -29.79 25.10
C ASN I 154 17.02 -30.77 26.03
N ALA I 155 17.63 -31.80 25.42
CA ALA I 155 18.27 -32.86 26.19
C ALA I 155 19.32 -32.32 27.14
N LEU I 156 20.02 -31.26 26.77
CA LEU I 156 21.11 -30.74 27.58
C LEU I 156 20.71 -29.52 28.40
N GLU I 157 19.43 -29.32 28.64
CA GLU I 157 19.01 -28.21 29.48
C GLU I 157 19.60 -28.36 30.89
N HIS I 158 20.10 -27.26 31.45
CA HIS I 158 20.67 -27.32 32.79
C HIS I 158 19.65 -27.80 33.82
N PHE I 159 18.50 -27.16 33.86
CA PHE I 159 17.40 -27.53 34.74
C PHE I 159 16.35 -28.22 33.86
N THR I 160 16.23 -29.53 34.01
CA THR I 160 15.38 -30.29 33.14
C THR I 160 13.92 -30.21 33.59
N GLU I 161 13.01 -30.53 32.66
CA GLU I 161 11.59 -30.49 32.96
C GLU I 161 11.23 -31.53 34.02
N PHE I 162 11.85 -32.71 33.95
CA PHE I 162 11.57 -33.81 34.86
C PHE I 162 12.83 -34.28 35.56
N TYR I 163 12.62 -34.84 36.76
CA TYR I 163 13.65 -35.54 37.53
C TYR I 163 13.07 -36.89 37.95
N PRO I 164 12.92 -37.81 37.01
CA PRO I 164 12.13 -39.00 37.29
C PRO I 164 12.84 -39.99 38.21
N ILE I 165 12.04 -40.73 38.95
CA ILE I 165 12.52 -41.95 39.60
C ILE I 165 12.18 -43.10 38.68
N ASN I 166 13.22 -43.80 38.19
CA ASN I 166 13.02 -44.91 37.27
C ASN I 166 12.33 -44.44 35.99
N GLY I 167 12.78 -43.31 35.46
CA GLY I 167 12.49 -42.98 34.08
C GLY I 167 11.18 -42.25 33.82
N TYR I 168 10.10 -42.64 34.47
CA TYR I 168 8.75 -42.12 34.22
C TYR I 168 8.36 -41.26 35.42
N ALA I 169 8.18 -39.96 35.18
CA ALA I 169 7.97 -39.02 36.27
C ALA I 169 6.72 -39.37 37.07
N GLY I 170 6.86 -39.38 38.39
CA GLY I 170 5.73 -39.57 39.27
C GLY I 170 5.04 -40.92 39.22
N GLN I 171 5.69 -41.95 38.68
CA GLN I 171 4.97 -43.22 38.51
C GLN I 171 4.58 -43.86 39.84
N TYR I 172 5.35 -43.62 40.90
CA TYR I 172 5.05 -44.26 42.18
C TYR I 172 4.10 -43.43 43.05
N MET I 173 3.58 -42.31 42.55
CA MET I 173 2.43 -41.72 43.22
C MET I 173 1.15 -42.48 42.91
N ASP I 174 0.90 -42.81 41.64
CA ASP I 174 -0.25 -43.65 41.30
C ASP I 174 -0.04 -45.13 41.61
N ASN I 175 1.21 -45.59 41.70
CA ASN I 175 1.51 -46.99 42.05
C ASN I 175 2.47 -46.99 43.22
N PRO I 176 1.97 -46.95 44.45
CA PRO I 176 2.87 -46.75 45.59
C PRO I 176 3.83 -47.91 45.78
N ILE I 177 4.97 -47.59 46.39
CA ILE I 177 5.95 -48.59 46.79
C ILE I 177 5.42 -49.25 48.05
N ARG I 178 5.12 -50.55 47.98
CA ARG I 178 4.48 -51.22 49.09
C ARG I 178 5.52 -51.86 50.01
N VAL I 179 5.39 -51.57 51.31
CA VAL I 179 6.21 -52.21 52.34
C VAL I 179 5.28 -52.81 53.41
N VAL I 180 5.86 -53.67 54.24
CA VAL I 180 5.10 -54.37 55.27
C VAL I 180 5.57 -53.84 56.62
N SER I 181 4.62 -53.51 57.50
CA SER I 181 4.97 -52.99 58.82
C SER I 181 5.86 -53.99 59.56
N GLY I 182 6.98 -53.50 60.07
CA GLY I 182 7.94 -54.32 60.77
C GLY I 182 8.89 -55.12 59.90
N GLU I 183 8.71 -55.13 58.59
CA GLU I 183 9.56 -55.89 57.71
C GLU I 183 10.68 -55.00 57.17
N LEU I 184 11.89 -55.54 57.16
CA LEU I 184 13.02 -54.81 56.60
C LEU I 184 12.83 -54.58 55.11
N THR I 185 13.06 -53.34 54.67
CA THR I 185 12.97 -52.93 53.29
C THR I 185 14.34 -52.40 52.88
N ARG I 186 14.75 -52.69 51.64
CA ARG I 186 16.07 -52.29 51.17
C ARG I 186 15.93 -51.63 49.81
N PHE I 187 16.44 -50.40 49.69
CA PHE I 187 16.40 -49.64 48.45
C PHE I 187 17.81 -49.59 47.83
N TYR I 188 17.90 -49.91 46.54
CA TYR I 188 19.13 -49.80 45.78
C TYR I 188 19.00 -48.54 44.91
N VAL I 189 19.58 -47.42 45.36
CA VAL I 189 19.39 -46.11 44.73
C VAL I 189 20.62 -45.72 43.94
N VAL I 190 20.42 -45.36 42.67
CA VAL I 190 21.46 -44.99 41.72
C VAL I 190 21.28 -43.52 41.36
N GLY I 191 22.32 -42.71 41.59
CA GLY I 191 22.32 -41.31 41.19
C GLY I 191 22.94 -41.13 39.82
N ILE I 192 22.17 -40.65 38.85
CA ILE I 192 22.65 -40.61 37.48
C ILE I 192 22.09 -39.38 36.77
N GLY I 193 22.07 -38.24 37.45
CA GLY I 193 21.94 -36.95 36.80
C GLY I 193 23.28 -36.40 36.36
N GLY I 194 23.28 -35.13 35.97
CA GLY I 194 24.48 -34.50 35.45
C GLY I 194 24.79 -33.10 35.96
N VAL I 195 23.81 -32.46 36.59
CA VAL I 195 23.95 -31.09 37.08
C VAL I 195 23.79 -31.03 38.61
N LEU I 196 22.57 -31.29 39.11
CA LEU I 196 22.30 -31.19 40.54
C LEU I 196 22.59 -32.53 41.23
N GLN I 197 22.96 -32.47 42.51
CA GLN I 197 23.10 -33.70 43.29
C GLN I 197 21.74 -34.07 43.87
N SER I 198 21.65 -35.24 44.49
CA SER I 198 20.36 -35.79 44.91
C SER I 198 20.30 -36.10 46.40
N PRO I 199 19.74 -35.22 47.23
CA PRO I 199 19.55 -35.56 48.64
C PRO I 199 18.35 -36.50 48.78
N PHE I 200 18.62 -37.77 49.01
CA PHE I 200 17.55 -38.76 49.07
C PHE I 200 16.93 -38.78 50.47
N HIS I 201 15.59 -38.67 50.54
CA HIS I 201 14.93 -38.55 51.83
C HIS I 201 13.70 -39.44 51.87
N VAL I 202 13.49 -40.12 53.01
CA VAL I 202 12.30 -40.91 53.24
C VAL I 202 11.56 -40.37 54.47
N HIS I 203 10.24 -40.27 54.36
CA HIS I 203 9.45 -39.79 55.48
C HIS I 203 9.45 -40.81 56.61
N SER I 204 9.46 -40.31 57.86
CA SER I 204 8.99 -40.98 59.08
C SER I 204 9.86 -42.12 59.58
N THR I 205 11.06 -42.31 59.06
CA THR I 205 11.96 -43.31 59.61
C THR I 205 13.38 -42.90 59.25
N ILE I 206 14.35 -43.41 60.03
CA ILE I 206 15.78 -43.16 59.82
C ILE I 206 16.34 -44.30 58.98
N MET I 207 17.11 -43.94 57.94
CA MET I 207 17.72 -44.94 57.06
C MET I 207 19.07 -45.39 57.59
N LYS I 208 19.39 -46.65 57.28
CA LYS I 208 20.73 -47.19 57.44
C LYS I 208 21.34 -47.20 56.06
N VAL I 209 22.49 -46.54 55.88
CA VAL I 209 23.02 -46.29 54.55
C VAL I 209 24.41 -46.90 54.40
N TYR I 210 24.62 -47.63 53.31
CA TYR I 210 25.95 -48.04 52.90
C TYR I 210 26.52 -47.03 51.92
N PRO I 211 27.45 -46.18 52.37
CA PRO I 211 28.02 -45.16 51.49
C PRO I 211 28.50 -45.75 50.18
N SER I 212 28.18 -45.07 49.08
CA SER I 212 28.68 -45.42 47.75
C SER I 212 28.20 -46.80 47.29
N GLY I 213 27.24 -47.39 47.99
CA GLY I 213 26.78 -48.72 47.64
C GLY I 213 27.85 -49.77 47.77
N ILE I 214 28.87 -49.54 48.59
CA ILE I 214 29.97 -50.48 48.80
C ILE I 214 29.75 -51.18 50.13
N LEU I 215 29.55 -52.49 50.09
CA LEU I 215 29.25 -53.25 51.29
C LEU I 215 30.49 -53.52 52.17
N TRP I 216 31.69 -53.16 51.72
CA TRP I 216 32.84 -53.24 52.62
C TRP I 216 32.77 -52.21 53.73
N ASN I 217 32.01 -51.13 53.54
CA ASN I 217 31.93 -50.05 54.51
C ASN I 217 31.01 -50.41 55.66
N GLU I 218 31.32 -49.88 56.84
CA GLU I 218 30.33 -49.81 57.90
C GLU I 218 29.21 -48.86 57.47
N PRO I 219 27.94 -49.21 57.63
CA PRO I 219 26.86 -48.29 57.29
C PRO I 219 26.75 -47.18 58.32
N TYR I 220 25.96 -46.15 57.98
CA TYR I 220 25.67 -45.09 58.93
C TYR I 220 24.19 -44.73 58.85
N TYR I 221 23.72 -43.97 59.82
CA TYR I 221 22.29 -43.62 59.90
C TYR I 221 22.05 -42.22 59.39
N ALA I 222 20.95 -42.02 58.66
CA ALA I 222 20.70 -40.70 58.09
C ALA I 222 19.21 -40.46 57.98
N GLN I 223 18.82 -39.20 58.17
CA GLN I 223 17.47 -38.80 57.79
C GLN I 223 17.39 -38.45 56.31
N THR I 224 18.50 -37.99 55.73
CA THR I 224 18.62 -37.66 54.32
C THR I 224 20.05 -38.03 53.92
N HIS I 225 20.22 -38.57 52.72
CA HIS I 225 21.54 -39.01 52.29
C HIS I 225 21.84 -38.42 50.93
N LEU I 226 22.93 -37.64 50.84
CA LEU I 226 23.34 -37.02 49.59
C LEU I 226 23.96 -38.05 48.65
N ILE I 227 23.35 -38.23 47.49
CA ILE I 227 23.83 -39.17 46.49
C ILE I 227 24.36 -38.34 45.32
N GLY I 228 25.67 -38.34 45.14
CA GLY I 228 26.26 -37.63 44.02
C GLY I 228 26.00 -38.36 42.71
N ASN I 229 25.98 -37.60 41.62
CA ASN I 229 25.81 -38.20 40.31
C ASN I 229 26.98 -39.13 40.02
N GLY I 230 26.68 -40.30 39.48
CA GLY I 230 27.70 -41.32 39.33
C GLY I 230 27.93 -42.18 40.56
N ASP I 231 27.20 -41.92 41.65
CA ASP I 231 27.30 -42.67 42.88
C ASP I 231 26.00 -43.42 43.14
N THR I 232 26.03 -44.35 44.10
CA THR I 232 24.87 -45.15 44.47
C THR I 232 24.78 -45.20 46.00
N ALA I 233 23.72 -45.85 46.48
CA ALA I 233 23.53 -46.01 47.92
C ALA I 233 22.62 -47.20 48.16
N ILE I 234 23.05 -48.14 49.01
CA ILE I 234 22.16 -49.20 49.49
C ILE I 234 21.56 -48.73 50.82
N ILE I 235 20.24 -48.62 50.86
CA ILE I 235 19.53 -48.03 51.99
C ILE I 235 18.59 -49.09 52.56
N GLU I 236 18.57 -49.23 53.88
CA GLU I 236 17.62 -50.11 54.57
C GLU I 236 16.77 -49.31 55.54
N ALA I 237 15.50 -49.69 55.64
CA ALA I 237 14.60 -48.98 56.54
C ALA I 237 13.45 -49.90 56.91
N THR I 238 12.82 -49.61 58.04
CA THR I 238 11.66 -50.36 58.50
C THR I 238 10.60 -49.37 58.94
N TRP I 239 9.40 -49.50 58.39
CA TRP I 239 8.25 -48.73 58.85
C TRP I 239 7.40 -49.63 59.75
N THR I 240 7.09 -49.14 60.95
CA THR I 240 6.33 -49.93 61.92
C THR I 240 4.86 -49.53 61.98
N GLN I 241 4.44 -48.44 61.33
CA GLN I 241 3.06 -48.01 61.48
C GLN I 241 2.38 -47.94 60.11
N PRO I 242 1.24 -48.63 59.94
CA PRO I 242 0.60 -48.67 58.61
C PRO I 242 0.10 -47.30 58.17
N GLY I 243 -0.02 -47.14 56.86
CA GLY I 243 -0.52 -45.90 56.29
C GLY I 243 0.38 -45.42 55.16
N MET I 244 0.10 -44.20 54.70
CA MET I 244 0.74 -43.61 53.54
C MET I 244 1.84 -42.64 53.96
N TYR I 245 2.97 -42.72 53.27
CA TYR I 245 4.12 -41.85 53.49
C TYR I 245 4.71 -41.52 52.12
N LEU I 246 5.81 -40.75 52.11
CA LEU I 246 6.45 -40.34 50.86
C LEU I 246 7.95 -40.61 50.94
N PHE I 247 8.59 -40.71 49.77
CA PHE I 247 10.03 -40.46 49.67
C PHE I 247 10.30 -39.67 48.39
N HIS I 248 11.45 -39.00 48.34
CA HIS I 248 11.74 -38.15 47.19
C HIS I 248 13.14 -37.59 47.34
N VAL I 249 13.69 -37.11 46.22
CA VAL I 249 14.82 -36.20 46.32
C VAL I 249 14.33 -34.91 46.93
N HIS I 250 15.06 -34.41 47.93
CA HIS I 250 14.69 -33.21 48.68
C HIS I 250 15.18 -31.99 47.89
N GLY I 251 14.28 -31.30 47.21
CA GLY I 251 14.64 -30.14 46.41
C GLY I 251 13.64 -29.95 45.29
N ILE I 252 13.99 -29.06 44.34
CA ILE I 252 13.10 -28.78 43.22
C ILE I 252 12.77 -30.01 42.40
N GLN I 253 13.61 -31.04 42.48
CA GLN I 253 13.31 -32.31 41.82
C GLN I 253 11.96 -32.86 42.22
N GLU I 254 11.56 -32.64 43.47
CA GLU I 254 10.37 -33.30 43.98
C GLU I 254 9.08 -32.71 43.40
N GLU I 255 9.14 -31.54 42.78
CA GLU I 255 7.99 -31.04 42.04
C GLU I 255 8.01 -31.42 40.57
N ARG I 256 8.97 -32.21 40.15
CA ARG I 256 9.16 -32.48 38.74
C ARG I 256 9.28 -33.97 38.48
N GLY I 257 8.67 -34.78 39.34
CA GLY I 257 8.55 -36.21 39.11
C GLY I 257 9.35 -37.06 40.07
N SER I 258 10.19 -36.45 40.90
CA SER I 258 10.98 -37.19 41.87
C SER I 258 10.16 -37.30 43.15
N MET I 259 9.09 -38.06 43.06
CA MET I 259 8.30 -38.30 44.26
C MET I 259 7.54 -39.60 44.13
N ALA I 260 7.47 -40.29 45.25
CA ALA I 260 6.96 -41.64 45.33
C ALA I 260 6.17 -41.76 46.62
N MET I 261 5.11 -42.55 46.58
CA MET I 261 4.32 -42.81 47.76
C MET I 261 4.75 -44.16 48.33
N ILE I 262 4.87 -44.24 49.65
CA ILE I 262 5.14 -45.50 50.34
C ILE I 262 3.84 -45.94 51.00
N GLU I 263 3.33 -47.11 50.65
CA GLU I 263 2.16 -47.68 51.32
C GLU I 263 2.66 -48.75 52.28
N VAL I 264 2.57 -48.48 53.58
CA VAL I 264 2.96 -49.44 54.61
C VAL I 264 1.75 -50.31 54.91
N LEU I 265 1.80 -51.57 54.48
CA LEU I 265 0.72 -52.53 54.66
C LEU I 265 0.91 -53.28 55.96
N GLU I 266 -0.18 -53.58 56.64
CA GLU I 266 -0.08 -54.36 57.86
C GLU I 266 0.18 -55.83 57.56
N ASP I 267 -0.16 -56.30 56.37
CA ASP I 267 0.18 -57.68 56.03
C ASP I 267 0.49 -57.82 54.55
N ALA I 268 1.30 -58.82 54.25
CA ALA I 268 1.96 -58.99 52.97
C ALA I 268 1.19 -59.85 51.98
N SER I 269 -0.07 -60.23 52.27
CA SER I 269 -0.74 -61.24 51.46
C SER I 269 -0.80 -60.82 50.00
N SER I 270 -1.20 -59.57 49.74
CA SER I 270 -1.38 -59.09 48.38
C SER I 270 -0.09 -59.01 47.60
N LEU I 271 1.05 -59.11 48.27
CA LEU I 271 2.34 -59.08 47.61
C LEU I 271 2.86 -60.46 47.24
N SER I 272 2.21 -61.54 47.68
CA SER I 272 2.82 -62.86 47.54
C SER I 272 2.99 -63.28 46.09
N ASP I 273 2.10 -62.85 45.21
CA ASP I 273 2.18 -63.24 43.80
C ASP I 273 2.98 -62.26 42.94
N VAL I 274 3.40 -61.12 43.48
CA VAL I 274 4.13 -60.14 42.69
C VAL I 274 5.63 -60.16 43.03
N GLN I 275 5.97 -60.40 44.29
CA GLN I 275 7.35 -60.55 44.71
C GLN I 275 7.97 -61.80 44.09
N ARG I 276 9.29 -61.83 44.03
CA ARG I 276 10.05 -63.00 43.58
C ARG I 276 11.17 -63.30 44.57
N PRO I 277 11.55 -64.57 44.71
CA PRO I 277 12.70 -64.90 45.56
C PRO I 277 13.93 -64.15 45.08
N SER I 278 14.62 -63.51 46.01
CA SER I 278 15.75 -62.67 45.67
C SER I 278 17.03 -63.46 45.53
N ASN I 279 17.96 -62.93 44.72
CA ASN I 279 19.31 -63.48 44.68
C ASN I 279 20.05 -63.30 46.00
N ASN I 280 19.60 -62.37 46.85
CA ASN I 280 19.94 -62.39 48.27
C ASN I 280 19.06 -63.42 48.93
N LYS I 281 19.63 -64.57 49.33
CA LYS I 281 18.84 -65.66 49.88
C LYS I 281 18.04 -65.21 51.08
N GLY I 282 16.73 -65.43 51.03
CA GLY I 282 15.84 -65.02 52.10
C GLY I 282 15.09 -63.74 51.84
N SER I 283 15.48 -62.97 50.83
CA SER I 283 14.85 -61.69 50.54
C SER I 283 13.78 -61.84 49.45
N TYR I 284 12.94 -60.79 49.33
CA TYR I 284 11.88 -60.74 48.33
C TYR I 284 12.12 -59.57 47.40
N SER I 285 12.28 -59.86 46.12
CA SER I 285 12.56 -58.83 45.14
C SER I 285 11.25 -58.33 44.55
N MET I 286 11.10 -57.01 44.49
CA MET I 286 10.06 -56.37 43.70
C MET I 286 10.55 -55.76 42.39
N VAL I 287 11.79 -56.08 41.98
CA VAL I 287 12.35 -55.49 40.77
C VAL I 287 11.55 -55.89 39.54
N GLU I 288 11.16 -57.15 39.46
CA GLU I 288 10.29 -57.61 38.38
C GLU I 288 9.00 -56.80 38.31
N TRP I 289 8.34 -56.59 39.45
CA TRP I 289 7.15 -55.73 39.47
C TRP I 289 7.48 -54.33 38.95
N GLN I 290 8.66 -53.80 39.31
CA GLN I 290 9.00 -52.44 38.91
C GLN I 290 9.26 -52.35 37.42
N GLU I 291 9.91 -53.35 36.84
CA GLU I 291 10.28 -53.24 35.44
C GLU I 291 9.09 -53.55 34.53
N ASP I 292 8.18 -54.42 34.97
CA ASP I 292 6.91 -54.56 34.28
C ASP I 292 6.17 -53.22 34.20
N LEU I 293 6.11 -52.51 35.34
CA LEU I 293 5.38 -51.25 35.38
C LEU I 293 6.07 -50.18 34.52
N ILE I 294 7.40 -50.12 34.58
CA ILE I 294 8.13 -49.19 33.72
C ILE I 294 7.76 -49.42 32.27
N ARG I 295 7.76 -50.68 31.83
CA ARG I 295 7.44 -50.95 30.43
C ARG I 295 5.97 -50.65 30.13
N THR I 296 5.07 -50.97 31.07
CA THR I 296 3.65 -50.68 30.88
C THR I 296 3.42 -49.17 30.71
N LEU I 297 4.05 -48.36 31.56
CA LEU I 297 3.84 -46.92 31.50
C LEU I 297 4.53 -46.27 30.31
N GLU I 298 5.75 -46.73 29.98
CA GLU I 298 6.51 -46.06 28.91
C GLU I 298 6.00 -46.42 27.52
N GLN I 299 5.40 -47.60 27.34
CA GLN I 299 4.81 -48.00 26.07
C GLN I 299 5.78 -47.78 24.91
N PRO I 300 6.94 -48.44 24.93
CA PRO I 300 8.00 -48.08 23.98
C PRO I 300 7.61 -48.41 22.55
N GLN I 301 7.95 -47.51 21.65
CA GLN I 301 7.78 -47.72 20.22
C GLN I 301 9.17 -47.63 19.59
N LEU I 302 9.73 -48.78 19.20
CA LEU I 302 11.08 -48.81 18.67
C LEU I 302 11.14 -48.10 17.31
N ILE I 303 12.15 -47.26 17.14
CA ILE I 303 12.47 -46.68 15.83
C ILE I 303 13.45 -47.63 15.14
N SER I 304 13.07 -48.15 13.98
CA SER I 304 13.88 -49.15 13.29
C SER I 304 14.69 -48.50 12.16
N TYR I 305 15.84 -49.10 11.86
CA TYR I 305 16.78 -48.58 10.86
C TYR I 305 17.25 -49.70 9.95
N GLU I 306 17.55 -49.35 8.70
CA GLU I 306 17.84 -50.33 7.66
C GLU I 306 19.32 -50.41 7.29
N ASN I 307 20.01 -49.27 7.11
CA ASN I 307 21.39 -49.28 6.67
C ASN I 307 22.27 -49.99 7.69
N LEU I 308 22.71 -49.26 8.71
CA LEU I 308 23.54 -49.77 9.79
C LEU I 308 24.66 -50.69 9.31
N GLY I 309 25.78 -50.10 8.89
CA GLY I 309 26.93 -50.89 8.47
C GLY I 309 27.86 -50.15 7.53
N ASP J 1 -13.47 -69.95 -16.93
CA ASP J 1 -14.25 -69.51 -15.79
C ASP J 1 -13.34 -69.15 -14.61
N SER J 2 -13.04 -67.85 -14.53
CA SER J 2 -11.94 -67.26 -13.79
C SER J 2 -10.63 -67.52 -14.52
N SER J 3 -10.37 -68.78 -14.87
CA SER J 3 -9.10 -69.12 -15.54
C SER J 3 -8.96 -68.41 -16.88
N ASP J 4 -10.10 -68.05 -17.51
CA ASP J 4 -10.06 -67.29 -18.76
C ASP J 4 -10.07 -65.80 -18.54
N THR J 5 -10.13 -65.34 -17.31
CA THR J 5 -10.07 -63.91 -17.03
C THR J 5 -8.66 -63.49 -16.63
N PHE J 6 -8.42 -62.19 -16.75
CA PHE J 6 -7.15 -61.55 -16.44
C PHE J 6 -7.42 -60.55 -15.32
N PRO J 7 -7.24 -60.94 -14.07
CA PRO J 7 -7.54 -60.02 -12.96
C PRO J 7 -6.67 -58.77 -13.01
N LYS J 8 -7.22 -57.68 -12.47
CA LYS J 8 -6.47 -56.44 -12.29
C LYS J 8 -5.22 -56.71 -11.43
N PHE J 9 -4.08 -56.18 -11.85
CA PHE J 9 -2.77 -56.57 -11.31
C PHE J 9 -1.81 -55.38 -11.32
N LYS J 10 -1.11 -55.18 -10.21
CA LYS J 10 -0.12 -54.11 -10.08
C LYS J 10 1.17 -54.52 -10.79
N ASN J 11 1.45 -53.84 -11.90
CA ASN J 11 2.63 -54.12 -12.72
C ASN J 11 3.91 -53.81 -11.95
N PRO J 12 4.76 -54.80 -11.68
CA PRO J 12 5.99 -54.52 -10.91
C PRO J 12 7.10 -53.85 -11.72
N ASN J 13 7.10 -53.95 -13.06
CA ASN J 13 8.06 -53.24 -13.91
C ASN J 13 7.34 -52.35 -14.92
N PRO J 14 6.76 -51.25 -14.46
CA PRO J 14 6.07 -50.34 -15.40
C PRO J 14 7.08 -49.62 -16.30
N GLN J 15 6.71 -49.48 -17.57
CA GLN J 15 7.43 -48.63 -18.51
C GLN J 15 6.87 -47.22 -18.50
N THR J 16 7.72 -46.25 -18.85
CA THR J 16 7.30 -44.86 -19.01
C THR J 16 7.31 -44.51 -20.50
N LEU J 17 6.15 -44.08 -21.00
CA LEU J 17 5.94 -43.87 -22.43
C LEU J 17 5.51 -42.42 -22.68
N SER J 18 5.85 -41.92 -23.86
CA SER J 18 5.55 -40.54 -24.26
C SER J 18 5.21 -40.54 -25.74
N TYR J 19 4.00 -40.11 -26.07
CA TYR J 19 3.54 -40.07 -27.44
C TYR J 19 3.30 -38.62 -27.85
N THR J 20 3.32 -38.37 -29.15
CA THR J 20 3.00 -37.05 -29.67
C THR J 20 1.95 -37.22 -30.73
N LEU J 21 0.79 -36.59 -30.54
CA LEU J 21 -0.32 -36.63 -31.47
C LEU J 21 -0.64 -35.19 -31.87
N ILE J 22 -0.77 -34.96 -33.17
CA ILE J 22 -1.00 -33.61 -33.68
C ILE J 22 -2.29 -33.60 -34.48
N ALA J 23 -3.24 -32.78 -34.06
CA ALA J 23 -4.46 -32.60 -34.83
C ALA J 23 -4.12 -31.96 -36.16
N GLN J 24 -4.36 -32.66 -37.27
CA GLN J 24 -3.96 -32.14 -38.56
C GLN J 24 -5.09 -32.35 -39.56
N ASP J 25 -5.44 -31.29 -40.29
CA ASP J 25 -6.37 -31.44 -41.40
C ASP J 25 -5.65 -32.03 -42.61
N ALA J 26 -6.37 -32.80 -43.39
CA ALA J 26 -5.77 -33.45 -44.54
C ALA J 26 -6.84 -33.75 -45.56
N GLU J 27 -6.39 -34.13 -46.75
CA GLU J 27 -7.21 -34.83 -47.71
C GLU J 27 -6.62 -36.22 -47.89
N ILE J 28 -7.48 -37.24 -47.82
CA ILE J 28 -7.09 -38.64 -47.97
C ILE J 28 -8.02 -39.31 -48.98
N GLU J 29 -7.49 -40.34 -49.61
CA GLU J 29 -8.32 -41.31 -50.31
C GLU J 29 -9.05 -42.15 -49.27
N VAL J 30 -10.39 -42.25 -49.41
CA VAL J 30 -11.20 -43.09 -48.53
C VAL J 30 -11.73 -44.32 -49.24
N SER J 31 -11.54 -44.43 -50.54
CA SER J 31 -12.04 -45.51 -51.37
C SER J 31 -11.51 -45.25 -52.77
N PRO J 32 -11.42 -46.28 -53.63
CA PRO J 32 -10.85 -46.08 -54.96
C PRO J 32 -11.50 -44.91 -55.69
N GLY J 33 -10.70 -43.89 -56.01
CA GLY J 33 -11.18 -42.73 -56.74
C GLY J 33 -11.90 -41.68 -55.92
N VAL J 34 -11.91 -41.78 -54.60
CA VAL J 34 -12.68 -40.86 -53.76
C VAL J 34 -11.74 -40.20 -52.77
N ARG J 35 -11.48 -38.91 -52.97
CA ARG J 35 -10.71 -38.10 -52.05
C ARG J 35 -11.65 -37.24 -51.22
N ALA J 36 -11.29 -37.02 -49.97
CA ALA J 36 -12.16 -36.29 -49.05
C ALA J 36 -11.32 -35.58 -48.01
N LYS J 37 -11.83 -34.44 -47.57
CA LYS J 37 -11.23 -33.72 -46.44
C LYS J 37 -11.53 -34.44 -45.14
N VAL J 38 -10.52 -34.54 -44.27
CA VAL J 38 -10.65 -35.21 -43.00
C VAL J 38 -9.95 -34.40 -41.91
N TRP J 39 -10.35 -34.65 -40.68
CA TRP J 39 -9.64 -34.16 -39.50
C TRP J 39 -8.99 -35.37 -38.84
N THR J 40 -7.67 -35.31 -38.64
CA THR J 40 -6.94 -36.48 -38.19
C THR J 40 -6.10 -36.16 -36.96
N TYR J 41 -5.61 -37.24 -36.34
CA TYR J 41 -4.42 -37.19 -35.51
C TYR J 41 -3.29 -37.82 -36.34
N ASN J 42 -2.25 -37.03 -36.63
CA ASN J 42 -1.03 -37.49 -37.30
C ASN J 42 -1.26 -37.97 -38.73
N GLY J 43 -2.35 -37.56 -39.37
CA GLY J 43 -2.49 -37.65 -40.81
C GLY J 43 -3.19 -38.86 -41.38
N THR J 44 -3.71 -39.77 -40.56
CA THR J 44 -4.44 -40.94 -41.08
C THR J 44 -5.75 -41.10 -40.35
N VAL J 45 -6.69 -41.76 -41.01
CA VAL J 45 -7.93 -42.23 -40.40
C VAL J 45 -7.98 -43.75 -40.53
N PRO J 46 -8.01 -44.52 -39.43
CA PRO J 46 -7.95 -44.04 -38.05
C PRO J 46 -6.60 -43.46 -37.66
N ALA J 47 -6.58 -42.82 -36.49
CA ALA J 47 -5.38 -42.33 -35.86
C ALA J 47 -4.47 -43.51 -35.46
N PRO J 48 -3.22 -43.22 -35.07
CA PRO J 48 -2.30 -44.32 -34.76
C PRO J 48 -2.78 -45.15 -33.58
N THR J 49 -2.59 -46.46 -33.68
CA THR J 49 -2.92 -47.35 -32.57
C THR J 49 -1.90 -47.17 -31.46
N LEU J 50 -2.36 -46.78 -30.28
CA LEU J 50 -1.51 -46.72 -29.10
C LEU J 50 -1.56 -48.07 -28.39
N ARG J 51 -0.40 -48.58 -28.00
CA ARG J 51 -0.34 -49.88 -27.35
C ARG J 51 0.72 -49.88 -26.26
N PHE J 52 0.32 -50.28 -25.07
CA PHE J 52 1.23 -50.37 -23.93
C PHE J 52 0.65 -51.37 -22.95
N SER J 53 1.25 -51.43 -21.76
CA SER J 53 0.87 -52.41 -20.76
C SER J 53 0.16 -51.75 -19.59
N GLU J 54 -0.78 -52.50 -19.02
CA GLU J 54 -1.39 -52.13 -17.75
C GLU J 54 -0.33 -51.71 -16.74
N GLY J 55 -0.56 -50.57 -16.07
CA GLY J 55 0.36 -50.01 -15.11
C GLY J 55 1.42 -49.09 -15.70
N ASP J 56 1.58 -49.06 -17.02
CA ASP J 56 2.57 -48.15 -17.62
C ASP J 56 2.20 -46.69 -17.34
N ASP J 57 3.22 -45.85 -17.34
CA ASP J 57 3.07 -44.42 -17.16
C ASP J 57 3.04 -43.79 -18.55
N VAL J 58 1.90 -43.20 -18.92
CA VAL J 58 1.66 -42.78 -20.30
C VAL J 58 1.49 -41.27 -20.35
N THR J 59 2.24 -40.63 -21.26
CA THR J 59 2.13 -39.21 -21.55
C THR J 59 1.73 -39.08 -23.02
N VAL J 60 0.72 -38.25 -23.31
CA VAL J 60 0.37 -37.93 -24.69
C VAL J 60 0.43 -36.40 -24.83
N LYS J 61 1.42 -35.92 -25.57
CA LYS J 61 1.52 -34.48 -25.85
C LYS J 61 0.63 -34.20 -27.05
N PHE J 62 -0.44 -33.43 -26.86
CA PHE J 62 -1.39 -33.16 -27.93
C PHE J 62 -1.17 -31.75 -28.46
N VAL J 63 -1.02 -31.65 -29.78
CA VAL J 63 -0.78 -30.36 -30.46
C VAL J 63 -1.93 -30.13 -31.44
N ASN J 64 -2.62 -29.01 -31.29
CA ASN J 64 -3.71 -28.66 -32.20
C ASN J 64 -3.15 -27.75 -33.29
N ASP J 65 -2.97 -28.29 -34.49
CA ASP J 65 -2.48 -27.50 -35.61
C ASP J 65 -3.58 -27.26 -36.64
N THR J 66 -4.78 -26.95 -36.15
CA THR J 66 -5.94 -26.70 -37.00
C THR J 66 -6.65 -25.46 -36.47
N PRO J 67 -7.50 -24.84 -37.28
CA PRO J 67 -8.29 -23.69 -36.79
C PRO J 67 -9.55 -24.07 -36.02
N TYR J 68 -9.80 -25.36 -35.76
CA TYR J 68 -10.88 -25.79 -34.89
C TYR J 68 -10.35 -26.06 -33.48
N ALA J 69 -11.28 -26.17 -32.53
CA ALA J 69 -10.91 -26.63 -31.21
C ALA J 69 -11.04 -28.15 -31.19
N HIS J 70 -10.15 -28.81 -30.43
CA HIS J 70 -10.05 -30.25 -30.41
C HIS J 70 -9.64 -30.71 -29.02
N THR J 71 -9.87 -31.99 -28.72
CA THR J 71 -9.33 -32.62 -27.52
C THR J 71 -8.91 -34.04 -27.87
N ILE J 72 -8.41 -34.75 -26.87
CA ILE J 72 -8.34 -36.22 -26.90
C ILE J 72 -9.11 -36.73 -25.69
N HIS J 73 -10.17 -37.49 -25.94
CA HIS J 73 -10.84 -38.24 -24.89
C HIS J 73 -10.43 -39.71 -24.99
N PHE J 74 -9.84 -40.23 -23.92
CA PHE J 74 -9.45 -41.64 -23.85
C PHE J 74 -10.53 -42.40 -23.10
N HIS J 75 -10.88 -43.60 -23.59
CA HIS J 75 -11.75 -44.46 -22.79
C HIS J 75 -10.91 -45.11 -21.70
N GLY J 76 -11.54 -45.45 -20.58
CA GLY J 76 -10.84 -46.01 -19.45
C GLY J 76 -10.81 -45.05 -18.26
N THR J 77 -10.19 -45.52 -17.18
CA THR J 77 -10.17 -44.79 -15.91
C THR J 77 -9.11 -43.70 -15.89
N HIS J 78 -9.50 -42.48 -15.51
CA HIS J 78 -8.56 -41.36 -15.31
C HIS J 78 -9.34 -40.21 -14.67
N ASP J 79 -8.63 -39.12 -14.37
CA ASP J 79 -9.25 -38.03 -13.64
C ASP J 79 -9.71 -36.95 -14.63
N SER J 80 -10.41 -35.95 -14.07
CA SER J 80 -11.06 -34.95 -14.92
C SER J 80 -10.05 -34.19 -15.77
N ALA J 81 -8.88 -33.85 -15.20
CA ALA J 81 -7.89 -33.11 -15.99
C ALA J 81 -7.43 -33.92 -17.20
N ASN J 82 -7.63 -35.24 -17.19
CA ASN J 82 -7.19 -36.07 -18.29
C ASN J 82 -8.33 -36.72 -19.05
N ASP J 83 -9.54 -36.17 -18.94
CA ASP J 83 -10.73 -36.77 -19.53
C ASP J 83 -11.08 -36.17 -20.89
N GLY J 84 -10.40 -35.11 -21.33
CA GLY J 84 -10.60 -34.63 -22.68
C GLY J 84 -11.89 -33.90 -22.92
N VAL J 85 -12.50 -33.34 -21.88
CA VAL J 85 -13.62 -32.41 -22.03
C VAL J 85 -13.22 -31.01 -21.60
N PHE J 86 -12.62 -30.90 -20.41
CA PHE J 86 -12.11 -29.63 -19.89
C PHE J 86 -10.60 -29.74 -19.78
N PRO J 87 -9.82 -28.90 -20.48
CA PRO J 87 -10.26 -27.83 -21.36
C PRO J 87 -10.33 -28.25 -22.84
N MET J 88 -11.05 -27.50 -23.66
CA MET J 88 -10.83 -27.53 -25.10
C MET J 88 -9.44 -27.01 -25.42
N ILE J 89 -8.82 -27.57 -26.44
CA ILE J 89 -7.47 -27.19 -26.80
C ILE J 89 -7.58 -26.26 -28.02
N MET J 90 -7.21 -24.99 -27.83
CA MET J 90 -7.39 -23.96 -28.85
C MET J 90 -6.43 -24.15 -30.02
N PRO J 91 -6.77 -23.61 -31.20
CA PRO J 91 -5.85 -23.66 -32.35
C PRO J 91 -4.44 -23.21 -31.98
N GLY J 92 -3.45 -24.00 -32.42
CA GLY J 92 -2.06 -23.72 -32.16
C GLY J 92 -1.58 -24.06 -30.77
N GLU J 93 -2.46 -24.46 -29.86
CA GLU J 93 -2.05 -24.71 -28.48
C GLU J 93 -1.81 -26.21 -28.23
N GLU J 94 -1.36 -26.51 -27.02
CA GLU J 94 -0.87 -27.84 -26.64
C GLU J 94 -1.40 -28.21 -25.26
N TYR J 95 -1.58 -29.51 -25.06
CA TYR J 95 -1.98 -30.05 -23.78
C TYR J 95 -1.29 -31.39 -23.60
N THR J 96 -0.76 -31.62 -22.41
CA THR J 96 -0.10 -32.88 -22.10
C THR J 96 -1.05 -33.72 -21.27
N TYR J 97 -1.65 -34.74 -21.90
CA TYR J 97 -2.40 -35.74 -21.14
C TYR J 97 -1.41 -36.67 -20.46
N HIS J 98 -1.75 -37.11 -19.25
CA HIS J 98 -0.83 -37.93 -18.48
C HIS J 98 -1.64 -38.85 -17.57
N PHE J 99 -1.36 -40.16 -17.62
CA PHE J 99 -2.08 -41.08 -16.76
C PHE J 99 -1.33 -42.40 -16.66
N VAL J 100 -1.54 -43.10 -15.54
CA VAL J 100 -1.10 -44.48 -15.39
C VAL J 100 -2.19 -45.38 -15.92
N ALA J 101 -1.84 -46.32 -16.80
CA ALA J 101 -2.82 -47.23 -17.35
C ALA J 101 -3.42 -48.04 -16.21
N GLU J 102 -4.68 -47.73 -15.89
CA GLU J 102 -5.30 -48.24 -14.68
C GLU J 102 -5.83 -49.66 -14.84
N GLU J 103 -6.18 -50.06 -16.07
CA GLU J 103 -6.66 -51.42 -16.27
C GLU J 103 -6.36 -51.81 -17.70
N ALA J 104 -6.30 -53.12 -17.93
CA ALA J 104 -6.03 -53.68 -19.24
C ALA J 104 -7.32 -53.73 -20.05
N GLY J 105 -7.16 -53.92 -21.35
CA GLY J 105 -8.31 -54.10 -22.21
C GLY J 105 -8.13 -53.38 -23.52
N LEU J 106 -9.21 -53.36 -24.30
CA LEU J 106 -9.25 -52.71 -25.60
C LEU J 106 -10.08 -51.44 -25.46
N PHE J 107 -9.46 -50.29 -25.74
CA PHE J 107 -10.10 -49.00 -25.57
C PHE J 107 -10.00 -48.21 -26.86
N MET J 108 -10.53 -47.00 -26.85
CA MET J 108 -10.40 -46.15 -28.02
C MET J 108 -10.06 -44.77 -27.51
N TYR J 109 -9.64 -43.89 -28.41
CA TYR J 109 -9.56 -42.47 -28.10
C TYR J 109 -10.16 -41.70 -29.27
N HIS J 110 -10.79 -40.58 -28.95
CA HIS J 110 -11.35 -39.76 -30.01
C HIS J 110 -11.54 -38.34 -29.51
N CYS J 111 -11.76 -37.44 -30.45
CA CYS J 111 -11.94 -36.05 -30.07
C CYS J 111 -13.29 -35.89 -29.38
N HIS J 112 -13.34 -34.98 -28.41
CA HIS J 112 -14.60 -34.68 -27.74
C HIS J 112 -15.02 -33.22 -27.87
N ALA J 113 -14.51 -32.52 -28.88
CA ALA J 113 -15.06 -31.19 -29.17
C ALA J 113 -16.53 -31.34 -29.57
N PHE J 114 -17.22 -30.21 -29.70
CA PHE J 114 -18.66 -30.23 -29.94
C PHE J 114 -19.03 -29.54 -31.24
N PRO J 115 -19.93 -30.13 -32.05
CA PRO J 115 -20.57 -31.44 -31.85
C PRO J 115 -19.62 -32.63 -32.03
N THR J 116 -19.62 -33.55 -31.06
CA THR J 116 -18.65 -34.64 -31.12
C THR J 116 -18.88 -35.52 -32.32
N SER J 117 -20.14 -35.73 -32.72
CA SER J 117 -20.42 -36.55 -33.89
C SER J 117 -19.69 -36.07 -35.13
N GLU J 118 -19.63 -34.75 -35.32
CA GLU J 118 -18.95 -34.20 -36.48
C GLU J 118 -17.46 -34.53 -36.44
N HIS J 119 -16.85 -34.36 -35.28
CA HIS J 119 -15.41 -34.57 -35.15
C HIS J 119 -15.04 -36.03 -35.34
N VAL J 120 -15.84 -36.97 -34.81
CA VAL J 120 -15.58 -38.38 -35.05
C VAL J 120 -15.82 -38.71 -36.52
N ARG J 121 -16.91 -38.18 -37.09
CA ARG J 121 -17.23 -38.46 -38.48
C ARG J 121 -16.12 -37.95 -39.39
N MET J 122 -15.47 -36.85 -39.00
CA MET J 122 -14.40 -36.30 -39.84
C MET J 122 -13.10 -37.05 -39.64
N GLY J 123 -13.07 -37.99 -38.69
CA GLY J 123 -11.98 -38.95 -38.59
C GLY J 123 -11.10 -38.89 -37.38
N MET J 124 -11.48 -38.17 -36.32
CA MET J 124 -10.63 -38.03 -35.13
C MET J 124 -10.88 -39.14 -34.11
N PHE J 125 -10.44 -40.35 -34.46
CA PHE J 125 -10.60 -41.49 -33.58
C PHE J 125 -9.44 -42.48 -33.79
N GLY J 126 -9.12 -43.21 -32.73
CA GLY J 126 -8.09 -44.23 -32.83
C GLY J 126 -8.27 -45.29 -31.76
N THR J 127 -7.37 -46.27 -31.82
CA THR J 127 -7.41 -47.49 -31.02
C THR J 127 -6.33 -47.45 -29.94
N MET J 128 -6.66 -47.98 -28.77
CA MET J 128 -5.75 -48.00 -27.61
C MET J 128 -5.78 -49.42 -27.02
N ILE J 129 -4.75 -50.20 -27.29
CA ILE J 129 -4.62 -51.55 -26.74
C ILE J 129 -3.78 -51.51 -25.46
N ILE J 130 -4.36 -51.95 -24.35
CA ILE J 130 -3.65 -51.98 -23.08
C ILE J 130 -3.47 -53.44 -22.65
N ASP J 131 -2.27 -53.93 -22.79
CA ASP J 131 -2.08 -55.37 -22.59
C ASP J 131 -2.08 -55.73 -21.11
N PRO J 132 -2.60 -56.91 -20.75
CA PRO J 132 -2.69 -57.27 -19.33
C PRO J 132 -1.32 -57.53 -18.72
N ALA J 133 -1.15 -57.09 -17.47
CA ALA J 133 0.11 -57.27 -16.77
C ALA J 133 0.17 -58.60 -16.00
N ILE J 134 -0.98 -59.15 -15.59
CA ILE J 134 -0.96 -60.37 -14.78
C ILE J 134 -0.32 -61.52 -15.55
N ARG J 135 -0.50 -61.55 -16.85
CA ARG J 135 0.03 -62.60 -17.71
C ARG J 135 -0.30 -62.18 -19.14
N PRO J 136 0.47 -62.59 -20.13
CA PRO J 136 0.11 -62.24 -21.51
C PRO J 136 -1.13 -63.01 -21.97
N MET J 137 -1.85 -62.38 -22.89
CA MET J 137 -2.90 -63.03 -23.66
C MET J 137 -2.31 -64.25 -24.36
N ASP J 138 -3.14 -65.25 -24.67
CA ASP J 138 -2.61 -66.45 -25.31
C ASP J 138 -1.89 -66.06 -26.61
N PRO J 139 -0.74 -66.67 -26.91
CA PRO J 139 -0.02 -66.34 -28.15
C PRO J 139 -0.92 -66.43 -29.39
N ALA J 140 -0.94 -65.36 -30.19
CA ALA J 140 -1.82 -65.22 -31.34
C ALA J 140 -1.22 -64.25 -32.34
N ARG J 141 -1.69 -64.31 -33.58
CA ARG J 141 -1.46 -63.26 -34.57
C ARG J 141 -2.50 -62.16 -34.41
N GLU J 142 -2.06 -60.91 -34.27
CA GLU J 142 -2.94 -59.83 -33.82
C GLU J 142 -3.19 -58.78 -34.90
N TYR J 143 -4.47 -58.40 -35.04
CA TYR J 143 -4.93 -57.32 -35.90
C TYR J 143 -5.88 -56.42 -35.13
N PHE J 144 -5.98 -55.16 -35.58
CA PHE J 144 -6.98 -54.22 -35.07
C PHE J 144 -7.86 -53.73 -36.21
N PHE J 145 -9.12 -53.41 -35.87
CA PHE J 145 -10.10 -52.97 -36.84
C PHE J 145 -11.03 -51.94 -36.20
N THR J 146 -11.03 -50.72 -36.74
CA THR J 146 -12.07 -49.75 -36.41
C THR J 146 -13.24 -49.87 -37.39
N LEU J 147 -14.45 -49.78 -36.86
CA LEU J 147 -15.67 -49.84 -37.66
C LEU J 147 -16.31 -48.46 -37.58
N SER J 148 -16.38 -47.76 -38.71
CA SER J 148 -16.78 -46.34 -38.68
C SER J 148 -17.81 -46.04 -39.76
N GLU J 149 -18.27 -44.79 -39.78
CA GLU J 149 -19.18 -44.29 -40.81
C GLU J 149 -18.53 -43.08 -41.47
N PHE J 150 -18.51 -43.05 -42.80
CA PHE J 150 -17.90 -41.91 -43.48
C PHE J 150 -18.65 -41.58 -44.76
N ASP J 151 -18.94 -40.30 -44.96
CA ASP J 151 -19.60 -39.81 -46.17
C ASP J 151 -18.79 -38.63 -46.69
N PRO J 152 -18.22 -38.71 -47.89
CA PRO J 152 -17.34 -37.64 -48.36
C PRO J 152 -18.07 -36.37 -48.74
N ASN J 153 -19.40 -36.40 -48.91
CA ASN J 153 -20.17 -35.25 -49.35
C ASN J 153 -20.94 -34.54 -48.23
N ASN J 154 -21.50 -35.27 -47.26
CA ASN J 154 -22.13 -34.63 -46.11
C ASN J 154 -21.66 -35.39 -44.88
N ALA J 155 -20.75 -34.79 -44.11
CA ALA J 155 -20.16 -35.49 -42.97
C ALA J 155 -21.20 -36.09 -42.03
N LEU J 156 -22.35 -35.43 -41.89
CA LEU J 156 -23.28 -35.73 -40.83
C LEU J 156 -24.50 -36.49 -41.32
N GLU J 157 -24.46 -36.98 -42.56
CA GLU J 157 -25.50 -37.82 -43.13
C GLU J 157 -25.84 -38.99 -42.20
N HIS J 158 -27.14 -39.25 -42.00
CA HIS J 158 -27.55 -40.37 -41.14
C HIS J 158 -27.05 -41.70 -41.71
N PHE J 159 -27.32 -41.95 -42.98
CA PHE J 159 -26.88 -43.14 -43.68
C PHE J 159 -25.73 -42.77 -44.61
N THR J 160 -24.51 -43.14 -44.23
CA THR J 160 -23.32 -42.64 -44.93
C THR J 160 -23.01 -43.51 -46.16
N GLU J 161 -22.25 -42.93 -47.08
CA GLU J 161 -21.88 -43.69 -48.29
C GLU J 161 -21.02 -44.89 -47.95
N PHE J 162 -20.13 -44.77 -46.97
CA PHE J 162 -19.19 -45.81 -46.65
C PHE J 162 -19.27 -46.16 -45.18
N TYR J 163 -18.94 -47.42 -44.88
CA TYR J 163 -18.73 -47.93 -43.52
C TYR J 163 -17.38 -48.64 -43.53
N PRO J 164 -16.28 -47.88 -43.54
CA PRO J 164 -14.98 -48.54 -43.72
C PRO J 164 -14.53 -49.32 -42.49
N ILE J 165 -13.72 -50.34 -42.76
CA ILE J 165 -12.89 -50.98 -41.74
C ILE J 165 -11.51 -50.36 -41.85
N ASN J 166 -11.06 -49.71 -40.77
CA ASN J 166 -9.79 -49.00 -40.73
C ASN J 166 -9.71 -47.91 -41.79
N GLY J 167 -10.76 -47.10 -41.86
CA GLY J 167 -10.74 -45.82 -42.60
C GLY J 167 -10.94 -45.85 -44.11
N TYR J 168 -10.28 -46.77 -44.79
CA TYR J 168 -10.36 -46.88 -46.24
C TYR J 168 -11.29 -48.03 -46.61
N ALA J 169 -12.41 -47.71 -47.25
CA ALA J 169 -13.43 -48.71 -47.54
C ALA J 169 -12.88 -49.84 -48.41
N GLY J 170 -13.15 -51.10 -47.99
CA GLY J 170 -12.82 -52.27 -48.78
C GLY J 170 -11.35 -52.63 -48.92
N GLN J 171 -10.46 -52.05 -48.10
CA GLN J 171 -9.03 -52.25 -48.35
C GLN J 171 -8.63 -53.72 -48.18
N TYR J 172 -9.35 -54.48 -47.38
CA TYR J 172 -8.95 -55.85 -47.11
C TYR J 172 -9.57 -56.84 -48.09
N MET J 173 -10.29 -56.35 -49.10
CA MET J 173 -10.66 -57.25 -50.18
C MET J 173 -9.53 -57.44 -51.18
N ASP J 174 -8.78 -56.38 -51.50
CA ASP J 174 -7.58 -56.54 -52.32
C ASP J 174 -6.35 -56.90 -51.51
N ASN J 175 -6.37 -56.64 -50.21
CA ASN J 175 -5.23 -56.91 -49.32
C ASN J 175 -5.72 -57.81 -48.18
N PRO J 176 -5.92 -59.11 -48.44
CA PRO J 176 -6.55 -60.00 -47.44
C PRO J 176 -5.88 -59.95 -46.07
N ILE J 177 -6.68 -60.18 -45.04
CA ILE J 177 -6.15 -60.40 -43.69
C ILE J 177 -5.62 -61.84 -43.65
N ARG J 178 -4.32 -61.98 -43.42
CA ARG J 178 -3.69 -63.29 -43.49
C ARG J 178 -3.65 -63.93 -42.12
N VAL J 179 -4.06 -65.20 -42.06
CA VAL J 179 -4.07 -65.98 -40.83
C VAL J 179 -3.45 -67.33 -41.16
N VAL J 180 -3.04 -68.04 -40.13
CA VAL J 180 -2.28 -69.29 -40.30
C VAL J 180 -3.13 -70.45 -39.80
N SER J 181 -3.29 -71.47 -40.64
CA SER J 181 -4.05 -72.67 -40.27
C SER J 181 -3.58 -73.22 -38.94
N GLY J 182 -4.51 -73.37 -38.00
CA GLY J 182 -4.21 -73.89 -36.69
C GLY J 182 -3.69 -72.88 -35.69
N GLU J 183 -3.42 -71.64 -36.10
CA GLU J 183 -2.81 -70.65 -35.23
C GLU J 183 -3.89 -69.72 -34.68
N LEU J 184 -3.80 -69.40 -33.38
CA LEU J 184 -4.75 -68.49 -32.79
C LEU J 184 -4.59 -67.09 -33.38
N THR J 185 -5.73 -66.47 -33.68
CA THR J 185 -5.81 -65.13 -34.23
C THR J 185 -6.67 -64.29 -33.28
N ARG J 186 -6.24 -63.06 -33.05
CA ARG J 186 -6.92 -62.17 -32.13
C ARG J 186 -7.19 -60.85 -32.83
N PHE J 187 -8.46 -60.43 -32.81
CA PHE J 187 -8.92 -59.20 -33.44
C PHE J 187 -9.26 -58.18 -32.37
N TYR J 188 -8.69 -57.00 -32.48
CA TYR J 188 -9.03 -55.90 -31.58
C TYR J 188 -9.99 -55.00 -32.35
N VAL J 189 -11.30 -55.11 -32.07
CA VAL J 189 -12.34 -54.43 -32.86
C VAL J 189 -12.93 -53.27 -32.05
N VAL J 190 -13.07 -52.12 -32.71
CA VAL J 190 -13.52 -50.86 -32.12
C VAL J 190 -14.73 -50.39 -32.91
N GLY J 191 -15.86 -50.22 -32.23
CA GLY J 191 -17.05 -49.70 -32.88
C GLY J 191 -17.13 -48.20 -32.68
N ILE J 192 -17.10 -47.43 -33.77
CA ILE J 192 -17.00 -45.98 -33.59
C ILE J 192 -17.76 -45.27 -34.70
N GLY J 193 -19.02 -45.70 -34.90
CA GLY J 193 -19.99 -44.93 -35.65
C GLY J 193 -20.85 -44.12 -34.71
N GLY J 194 -21.98 -43.65 -35.23
CA GLY J 194 -22.86 -42.80 -34.44
C GLY J 194 -24.35 -43.07 -34.62
N VAL J 195 -24.70 -43.82 -35.67
CA VAL J 195 -26.11 -44.06 -35.97
C VAL J 195 -26.42 -45.55 -35.77
N LEU J 196 -25.97 -46.40 -36.69
CA LEU J 196 -26.22 -47.83 -36.61
C LEU J 196 -25.19 -48.56 -35.74
N GLN J 197 -25.61 -49.70 -35.18
CA GLN J 197 -24.70 -50.59 -34.46
C GLN J 197 -24.08 -51.60 -35.43
N SER J 198 -23.07 -52.32 -34.96
CA SER J 198 -22.27 -53.19 -35.83
C SER J 198 -22.30 -54.64 -35.36
N PRO J 199 -23.09 -55.52 -36.00
CA PRO J 199 -22.94 -56.97 -35.74
C PRO J 199 -21.73 -57.53 -36.46
N PHE J 200 -20.63 -57.73 -35.73
CA PHE J 200 -19.39 -58.20 -36.31
C PHE J 200 -19.43 -59.72 -36.49
N HIS J 201 -19.28 -60.19 -37.73
CA HIS J 201 -19.42 -61.60 -38.10
C HIS J 201 -18.17 -62.08 -38.83
N VAL J 202 -17.74 -63.30 -38.53
CA VAL J 202 -16.58 -63.93 -39.14
C VAL J 202 -17.03 -65.25 -39.79
N HIS J 203 -16.61 -65.49 -41.03
CA HIS J 203 -17.06 -66.71 -41.69
C HIS J 203 -16.38 -67.96 -41.14
N SER J 204 -17.12 -69.06 -41.17
CA SER J 204 -16.57 -70.43 -41.10
C SER J 204 -15.89 -70.76 -39.76
N THR J 205 -16.14 -70.00 -38.70
CA THR J 205 -15.63 -70.41 -37.40
C THR J 205 -16.36 -69.63 -36.32
N ILE J 206 -16.28 -70.11 -35.09
CA ILE J 206 -16.98 -69.53 -33.96
C ILE J 206 -16.00 -68.69 -33.16
N MET J 207 -16.44 -67.48 -32.78
CA MET J 207 -15.53 -66.56 -32.11
C MET J 207 -15.61 -66.77 -30.61
N LYS J 208 -14.48 -66.50 -29.95
CA LYS J 208 -14.40 -66.27 -28.51
C LYS J 208 -14.28 -64.77 -28.27
N VAL J 209 -15.16 -64.21 -27.45
CA VAL J 209 -15.33 -62.77 -27.36
C VAL J 209 -15.17 -62.30 -25.91
N TYR J 210 -14.28 -61.32 -25.68
CA TYR J 210 -14.29 -60.60 -24.40
C TYR J 210 -15.22 -59.39 -24.52
N PRO J 211 -16.41 -59.41 -23.90
CA PRO J 211 -17.33 -58.29 -24.10
C PRO J 211 -16.77 -56.97 -23.58
N SER J 212 -17.07 -55.90 -24.33
CA SER J 212 -16.60 -54.55 -24.04
C SER J 212 -15.08 -54.48 -24.01
N GLY J 213 -14.39 -55.45 -24.60
CA GLY J 213 -12.93 -55.48 -24.57
C GLY J 213 -12.33 -55.43 -23.19
N ILE J 214 -13.09 -55.79 -22.16
CA ILE J 214 -12.58 -55.80 -20.78
C ILE J 214 -12.19 -57.22 -20.39
N LEU J 215 -10.94 -57.40 -19.99
CA LEU J 215 -10.36 -58.72 -19.76
C LEU J 215 -10.69 -59.30 -18.38
N TRP J 216 -11.27 -58.49 -17.49
CA TRP J 216 -11.78 -59.01 -16.24
C TRP J 216 -12.96 -59.94 -16.45
N ASN J 217 -13.59 -59.89 -17.63
CA ASN J 217 -14.81 -60.64 -17.91
C ASN J 217 -14.49 -62.05 -18.37
N GLU J 218 -15.35 -62.99 -18.02
CA GLU J 218 -15.29 -64.27 -18.69
C GLU J 218 -15.71 -64.08 -20.15
N PRO J 219 -14.98 -64.67 -21.10
CA PRO J 219 -15.40 -64.57 -22.50
C PRO J 219 -16.63 -65.44 -22.76
N TYR J 220 -17.20 -65.27 -23.94
CA TYR J 220 -18.29 -66.14 -24.37
C TYR J 220 -18.08 -66.41 -25.86
N TYR J 221 -18.85 -67.34 -26.40
CA TYR J 221 -18.71 -67.75 -27.80
C TYR J 221 -19.85 -67.25 -28.64
N ALA J 222 -19.53 -66.82 -29.87
CA ALA J 222 -20.53 -66.16 -30.71
C ALA J 222 -20.24 -66.43 -32.17
N GLN J 223 -21.30 -66.61 -32.95
CA GLN J 223 -21.12 -66.58 -34.40
C GLN J 223 -21.10 -65.16 -34.93
N THR J 224 -21.71 -64.23 -34.20
CA THR J 224 -21.83 -62.83 -34.59
C THR J 224 -21.90 -62.08 -33.27
N HIS J 225 -21.15 -61.00 -33.15
CA HIS J 225 -21.13 -60.26 -31.90
C HIS J 225 -21.46 -58.80 -32.17
N LEU J 226 -22.50 -58.30 -31.50
CA LEU J 226 -22.99 -56.93 -31.67
C LEU J 226 -22.08 -55.95 -30.92
N ILE J 227 -21.49 -55.00 -31.64
CA ILE J 227 -20.62 -54.01 -31.03
C ILE J 227 -21.32 -52.66 -31.11
N GLY J 228 -21.70 -52.12 -29.96
CA GLY J 228 -22.29 -50.81 -29.92
C GLY J 228 -21.26 -49.75 -30.16
N ASN J 229 -21.73 -48.61 -30.67
CA ASN J 229 -20.87 -47.47 -30.90
C ASN J 229 -20.29 -46.97 -29.58
N GLY J 230 -18.98 -46.68 -29.58
CA GLY J 230 -18.33 -46.36 -28.32
C GLY J 230 -17.91 -47.57 -27.51
N ASP J 231 -18.07 -48.78 -28.04
CA ASP J 231 -17.69 -50.00 -27.35
C ASP J 231 -16.65 -50.74 -28.18
N THR J 232 -16.03 -51.75 -27.58
CA THR J 232 -15.03 -52.55 -28.27
C THR J 232 -15.24 -54.04 -27.94
N ALA J 233 -14.48 -54.89 -28.61
CA ALA J 233 -14.47 -56.33 -28.34
C ALA J 233 -13.11 -56.91 -28.69
N ILE J 234 -12.62 -57.80 -27.85
CA ILE J 234 -11.43 -58.57 -28.18
C ILE J 234 -11.90 -59.95 -28.60
N ILE J 235 -11.57 -60.32 -29.83
CA ILE J 235 -12.11 -61.51 -30.48
C ILE J 235 -10.97 -62.47 -30.82
N GLU J 236 -11.14 -63.74 -30.47
CA GLU J 236 -10.16 -64.77 -30.80
C GLU J 236 -10.81 -65.84 -31.66
N ALA J 237 -10.08 -66.31 -32.68
CA ALA J 237 -10.57 -67.32 -33.60
C ALA J 237 -9.41 -68.10 -34.19
N THR J 238 -9.69 -69.34 -34.58
CA THR J 238 -8.73 -70.19 -35.29
C THR J 238 -9.42 -70.82 -36.50
N TRP J 239 -8.84 -70.61 -37.69
CA TRP J 239 -9.24 -71.36 -38.87
C TRP J 239 -8.31 -72.54 -39.04
N THR J 240 -8.84 -73.66 -39.52
CA THR J 240 -8.05 -74.87 -39.69
C THR J 240 -7.93 -75.36 -41.13
N GLN J 241 -8.69 -74.80 -42.07
CA GLN J 241 -8.72 -75.30 -43.45
C GLN J 241 -8.24 -74.20 -44.39
N PRO J 242 -7.08 -74.31 -45.02
CA PRO J 242 -6.56 -73.18 -45.81
C PRO J 242 -7.49 -72.85 -46.97
N GLY J 243 -7.52 -71.57 -47.33
CA GLY J 243 -8.36 -71.04 -48.38
C GLY J 243 -8.86 -69.65 -48.00
N MET J 244 -9.83 -69.17 -48.78
CA MET J 244 -10.32 -67.80 -48.70
C MET J 244 -11.65 -67.75 -47.93
N TYR J 245 -11.74 -66.84 -46.95
CA TYR J 245 -12.96 -66.62 -46.17
C TYR J 245 -13.21 -65.12 -46.04
N LEU J 246 -14.23 -64.75 -45.27
CA LEU J 246 -14.65 -63.35 -45.16
C LEU J 246 -14.90 -62.99 -43.71
N PHE J 247 -14.86 -61.69 -43.44
CA PHE J 247 -15.48 -61.16 -42.24
C PHE J 247 -16.00 -59.78 -42.59
N HIS J 248 -17.01 -59.34 -41.86
CA HIS J 248 -17.70 -58.11 -42.21
C HIS J 248 -18.68 -57.76 -41.10
N VAL J 249 -19.09 -56.50 -41.06
CA VAL J 249 -20.28 -56.14 -40.32
C VAL J 249 -21.48 -56.69 -41.07
N HIS J 250 -22.40 -57.32 -40.34
CA HIS J 250 -23.56 -57.97 -40.95
C HIS J 250 -24.65 -56.91 -41.10
N GLY J 251 -24.86 -56.44 -42.32
CA GLY J 251 -25.84 -55.39 -42.57
C GLY J 251 -25.53 -54.70 -43.89
N ILE J 252 -26.24 -53.59 -44.13
CA ILE J 252 -25.96 -52.82 -45.33
C ILE J 252 -24.51 -52.33 -45.34
N GLN J 253 -23.89 -52.22 -44.17
CA GLN J 253 -22.48 -51.82 -44.07
C GLN J 253 -21.58 -52.68 -44.96
N GLU J 254 -21.92 -53.95 -45.13
CA GLU J 254 -21.03 -54.89 -45.81
C GLU J 254 -20.93 -54.66 -47.31
N GLU J 255 -21.80 -53.87 -47.92
CA GLU J 255 -21.62 -53.50 -49.31
C GLU J 255 -21.07 -52.11 -49.46
N ARG J 256 -20.70 -51.47 -48.35
CA ARG J 256 -20.30 -50.08 -48.35
C ARG J 256 -18.91 -49.94 -47.76
N GLY J 257 -18.10 -50.99 -47.90
CA GLY J 257 -16.72 -50.98 -47.48
C GLY J 257 -16.42 -51.79 -46.24
N SER J 258 -17.46 -52.31 -45.57
CA SER J 258 -17.25 -53.06 -44.34
C SER J 258 -17.16 -54.55 -44.65
N MET J 259 -16.16 -54.91 -45.45
CA MET J 259 -15.97 -56.30 -45.78
C MET J 259 -14.49 -56.57 -46.00
N ALA J 260 -14.03 -57.71 -45.49
CA ALA J 260 -12.61 -58.05 -45.50
C ALA J 260 -12.46 -59.52 -45.86
N MET J 261 -11.44 -59.81 -46.65
CA MET J 261 -11.23 -61.19 -47.05
C MET J 261 -10.17 -61.79 -46.14
N ILE J 262 -10.38 -63.05 -45.76
CA ILE J 262 -9.43 -63.78 -44.94
C ILE J 262 -8.73 -64.80 -45.82
N GLU J 263 -7.40 -64.82 -45.75
CA GLU J 263 -6.59 -65.84 -46.40
C GLU J 263 -5.96 -66.70 -45.32
N VAL J 264 -6.36 -67.96 -45.27
CA VAL J 264 -5.79 -68.94 -44.34
C VAL J 264 -4.62 -69.62 -45.04
N LEU J 265 -3.42 -69.42 -44.52
CA LEU J 265 -2.21 -70.01 -45.06
C LEU J 265 -1.85 -71.28 -44.31
N GLU J 266 -1.07 -72.14 -44.98
CA GLU J 266 -0.65 -73.40 -44.36
C GLU J 266 0.34 -73.19 -43.22
N ASP J 267 1.12 -72.11 -43.27
CA ASP J 267 2.15 -71.83 -42.27
C ASP J 267 2.48 -70.35 -42.31
N ALA J 268 3.23 -69.91 -41.31
CA ALA J 268 3.51 -68.49 -41.10
C ALA J 268 4.69 -67.96 -41.91
N SER J 269 5.38 -68.82 -42.67
CA SER J 269 6.68 -68.44 -43.24
C SER J 269 6.61 -67.15 -44.07
N SER J 270 5.55 -66.99 -44.87
CA SER J 270 5.50 -65.79 -45.71
C SER J 270 5.18 -64.52 -44.92
N LEU J 271 4.95 -64.61 -43.61
CA LEU J 271 4.67 -63.44 -42.79
C LEU J 271 5.83 -63.03 -41.90
N SER J 272 6.99 -63.68 -42.03
CA SER J 272 8.08 -63.50 -41.07
C SER J 272 8.68 -62.09 -41.12
N ASP J 273 8.66 -61.44 -42.29
CA ASP J 273 9.20 -60.09 -42.43
C ASP J 273 8.20 -58.98 -42.13
N VAL J 274 6.89 -59.23 -42.19
CA VAL J 274 5.93 -58.16 -41.93
C VAL J 274 5.46 -58.13 -40.48
N GLN J 275 5.36 -59.29 -39.83
CA GLN J 275 4.93 -59.33 -38.44
C GLN J 275 6.01 -58.72 -37.55
N ARG J 276 5.61 -58.31 -36.35
CA ARG J 276 6.54 -57.81 -35.34
C ARG J 276 6.25 -58.51 -34.03
N PRO J 277 7.26 -58.64 -33.15
CA PRO J 277 6.99 -59.20 -31.82
C PRO J 277 6.01 -58.31 -31.06
N SER J 278 4.99 -58.94 -30.49
CA SER J 278 3.90 -58.17 -29.90
C SER J 278 4.21 -57.81 -28.46
N ASN J 279 3.62 -56.71 -28.00
CA ASN J 279 3.69 -56.35 -26.59
C ASN J 279 3.02 -57.40 -25.70
N ASN J 280 2.13 -58.23 -26.26
CA ASN J 280 1.75 -59.49 -25.63
C ASN J 280 2.88 -60.48 -25.90
N LYS J 281 3.68 -60.78 -24.88
CA LYS J 281 4.84 -61.66 -25.09
C LYS J 281 4.44 -62.99 -25.71
N GLY J 282 5.09 -63.33 -26.82
CA GLY J 282 4.80 -64.58 -27.50
C GLY J 282 3.84 -64.46 -28.67
N SER J 283 3.20 -63.29 -28.84
CA SER J 283 2.29 -63.03 -29.95
C SER J 283 3.00 -62.30 -31.10
N TYR J 284 2.37 -62.36 -32.28
CA TYR J 284 2.86 -61.72 -33.49
C TYR J 284 1.90 -60.60 -33.90
N SER J 285 2.40 -59.38 -33.96
CA SER J 285 1.56 -58.23 -34.28
C SER J 285 1.60 -57.95 -35.78
N MET J 286 0.43 -57.83 -36.40
CA MET J 286 0.35 -57.35 -37.76
C MET J 286 -0.14 -55.92 -37.83
N VAL J 287 -0.14 -55.23 -36.70
CA VAL J 287 -0.64 -53.85 -36.64
C VAL J 287 0.20 -52.94 -37.50
N GLU J 288 1.53 -53.07 -37.43
CA GLU J 288 2.38 -52.21 -38.24
C GLU J 288 2.16 -52.45 -39.73
N TRP J 289 1.98 -53.70 -40.15
CA TRP J 289 1.57 -53.95 -41.54
C TRP J 289 0.28 -53.22 -41.87
N GLN J 290 -0.70 -53.27 -40.97
CA GLN J 290 -1.99 -52.62 -41.22
C GLN J 290 -1.81 -51.11 -41.37
N GLU J 291 -1.10 -50.48 -40.44
CA GLU J 291 -0.95 -49.03 -40.47
C GLU J 291 -0.09 -48.57 -41.63
N ASP J 292 0.89 -49.37 -42.05
CA ASP J 292 1.62 -49.01 -43.27
C ASP J 292 0.69 -49.00 -44.47
N LEU J 293 -0.21 -49.99 -44.56
CA LEU J 293 -1.13 -50.05 -45.71
C LEU J 293 -2.18 -48.94 -45.67
N ILE J 294 -2.64 -48.55 -44.47
CA ILE J 294 -3.59 -47.43 -44.35
C ILE J 294 -2.95 -46.17 -44.93
N ARG J 295 -1.70 -45.92 -44.58
CA ARG J 295 -0.98 -44.76 -45.08
C ARG J 295 -0.75 -44.84 -46.59
N THR J 296 -0.32 -46.00 -47.07
CA THR J 296 -0.09 -46.19 -48.51
C THR J 296 -1.34 -45.91 -49.33
N LEU J 297 -2.51 -46.32 -48.83
CA LEU J 297 -3.75 -46.21 -49.60
C LEU J 297 -4.37 -44.82 -49.47
N GLU J 298 -4.31 -44.23 -48.28
CA GLU J 298 -4.96 -42.94 -48.09
C GLU J 298 -4.15 -41.79 -48.66
N GLN J 299 -2.83 -41.96 -48.82
CA GLN J 299 -1.94 -40.95 -49.42
C GLN J 299 -2.26 -39.56 -48.92
N PRO J 300 -2.00 -39.29 -47.65
CA PRO J 300 -2.52 -38.05 -47.05
C PRO J 300 -1.78 -36.82 -47.55
N GLN J 301 -2.55 -35.79 -47.86
CA GLN J 301 -2.03 -34.46 -48.17
C GLN J 301 -2.34 -33.59 -46.95
N LEU J 302 -1.35 -33.39 -46.10
CA LEU J 302 -1.56 -32.67 -44.86
C LEU J 302 -1.47 -31.16 -45.08
N ILE J 303 -2.37 -30.44 -44.42
CA ILE J 303 -2.34 -28.98 -44.38
C ILE J 303 -1.75 -28.54 -43.04
N SER J 304 -0.69 -27.73 -43.10
CA SER J 304 -0.05 -27.19 -41.90
C SER J 304 -0.43 -25.72 -41.74
N TYR J 305 -0.50 -25.26 -40.49
CA TYR J 305 -0.72 -23.87 -40.18
C TYR J 305 0.31 -23.38 -39.18
N GLU J 306 0.79 -22.15 -39.36
CA GLU J 306 1.73 -21.61 -38.39
C GLU J 306 1.18 -20.48 -37.56
N ASN J 307 0.16 -19.75 -38.03
CA ASN J 307 -0.34 -18.61 -37.29
C ASN J 307 -1.81 -18.85 -36.99
N LEU J 308 -2.07 -19.49 -35.85
CA LEU J 308 -3.40 -19.82 -35.39
C LEU J 308 -3.77 -19.04 -34.13
N GLY J 309 -2.92 -18.11 -33.70
CA GLY J 309 -3.26 -17.30 -32.55
C GLY J 309 -4.52 -16.49 -32.79
N GLU J 310 -5.28 -16.27 -31.73
CA GLU J 310 -6.58 -15.64 -31.91
C GLU J 310 -6.43 -14.15 -32.21
N SER J 311 -7.27 -13.67 -33.12
CA SER J 311 -7.37 -12.26 -33.44
C SER J 311 -8.74 -11.75 -32.98
N ALA J 312 -8.86 -10.43 -32.90
CA ALA J 312 -10.12 -9.86 -32.46
C ALA J 312 -11.18 -9.97 -33.55
N ALA J 313 -12.44 -9.75 -33.15
CA ALA J 313 -13.55 -9.79 -34.10
C ALA J 313 -13.44 -8.66 -35.13
N ILE J 314 -13.93 -8.95 -36.34
CA ILE J 314 -14.10 -7.96 -37.40
C ILE J 314 -15.54 -7.47 -37.34
N SER J 315 -15.71 -6.17 -37.03
CA SER J 315 -16.99 -5.64 -36.54
C SER J 315 -17.79 -4.88 -37.60
N SER J 316 -17.16 -3.90 -38.26
CA SER J 316 -17.80 -2.99 -39.21
C SER J 316 -18.70 -1.94 -38.53
N GLU J 317 -19.62 -2.37 -37.67
CA GLU J 317 -20.48 -1.44 -36.94
C GLU J 317 -20.61 -1.87 -35.48
N LYS J 318 -21.01 -0.92 -34.63
CA LYS J 318 -21.14 -1.15 -33.21
C LYS J 318 -22.52 -0.69 -32.75
N VAL J 319 -23.20 -1.53 -31.97
CA VAL J 319 -24.60 -1.31 -31.60
C VAL J 319 -24.69 -1.08 -30.10
N SER J 320 -25.32 0.03 -29.71
CA SER J 320 -25.58 0.32 -28.29
C SER J 320 -26.78 -0.49 -27.83
N ALA J 321 -26.52 -1.70 -27.36
CA ALA J 321 -27.56 -2.62 -26.92
C ALA J 321 -26.96 -3.60 -25.92
N ASP J 322 -27.83 -4.26 -25.15
CA ASP J 322 -27.37 -5.15 -24.09
C ASP J 322 -27.95 -6.57 -24.22
N LYS J 323 -28.48 -6.92 -25.39
CA LYS J 323 -28.86 -8.29 -25.71
C LYS J 323 -28.03 -8.72 -26.91
N VAL J 324 -27.50 -9.94 -26.86
CA VAL J 324 -26.77 -10.52 -27.98
C VAL J 324 -27.32 -11.90 -28.27
N SER J 325 -27.56 -12.19 -29.55
CA SER J 325 -27.96 -13.52 -30.00
C SER J 325 -26.73 -14.33 -30.40
N ILE J 326 -26.65 -15.56 -29.90
CA ILE J 326 -25.71 -16.54 -30.43
C ILE J 326 -26.43 -17.21 -31.59
N VAL J 327 -25.95 -16.95 -32.80
CA VAL J 327 -26.74 -17.15 -34.02
C VAL J 327 -26.90 -18.62 -34.36
N LYS J 328 -28.08 -18.97 -34.90
CA LYS J 328 -28.32 -20.27 -35.53
C LYS J 328 -27.18 -20.66 -36.47
N ASP J 329 -26.72 -21.91 -36.34
CA ASP J 329 -25.72 -22.53 -37.20
C ASP J 329 -24.32 -21.95 -37.00
N SER J 330 -24.07 -21.22 -35.91
CA SER J 330 -22.75 -20.63 -35.77
C SER J 330 -21.67 -21.68 -35.54
N TRP J 331 -22.03 -22.92 -35.18
CA TRP J 331 -21.05 -24.00 -35.12
C TRP J 331 -20.48 -24.36 -36.49
N ASN J 332 -21.04 -23.83 -37.58
CA ASN J 332 -20.44 -23.93 -38.91
C ASN J 332 -19.65 -22.68 -39.18
N PRO J 333 -18.35 -22.77 -39.51
CA PRO J 333 -17.52 -21.55 -39.70
C PRO J 333 -17.90 -20.72 -40.91
N GLU J 334 -18.67 -21.27 -41.86
CA GLU J 334 -19.09 -20.44 -42.99
C GLU J 334 -20.08 -19.37 -42.56
N ILE J 335 -20.81 -19.57 -41.46
CA ILE J 335 -21.65 -18.50 -40.93
C ILE J 335 -20.76 -17.38 -40.43
N THR J 336 -20.91 -16.20 -41.03
CA THR J 336 -19.94 -15.13 -40.85
C THR J 336 -20.05 -14.51 -39.46
N GLU J 337 -21.23 -13.99 -39.10
CA GLU J 337 -21.39 -13.27 -37.84
C GLU J 337 -22.00 -14.26 -36.83
N SER J 338 -21.19 -14.67 -35.86
CA SER J 338 -21.55 -15.72 -34.91
C SER J 338 -22.36 -15.21 -33.74
N TYR J 339 -22.05 -14.00 -33.26
CA TYR J 339 -22.85 -13.30 -32.28
C TYR J 339 -23.50 -12.11 -32.97
N ASP J 340 -24.73 -11.81 -32.57
CA ASP J 340 -25.41 -10.69 -33.23
C ASP J 340 -26.11 -9.83 -32.19
N PRO J 341 -25.65 -8.57 -31.97
CA PRO J 341 -24.55 -7.91 -32.69
C PRO J 341 -23.13 -8.40 -32.33
N ILE J 342 -22.20 -8.40 -33.29
CA ILE J 342 -20.81 -8.80 -32.99
C ILE J 342 -20.17 -7.82 -32.01
N ALA J 343 -20.37 -6.51 -32.23
CA ALA J 343 -19.76 -5.48 -31.40
C ALA J 343 -20.87 -4.67 -30.76
N ILE J 344 -20.82 -4.55 -29.43
CA ILE J 344 -21.83 -3.80 -28.69
C ILE J 344 -21.14 -2.75 -27.84
N GLN J 345 -21.95 -1.75 -27.45
CA GLN J 345 -21.50 -0.60 -26.67
C GLN J 345 -22.47 -0.42 -25.52
N VAL J 346 -21.97 -0.40 -24.29
CA VAL J 346 -22.81 -0.28 -23.11
C VAL J 346 -22.12 0.64 -22.12
N ASP J 347 -22.90 1.16 -21.18
CA ASP J 347 -22.38 1.92 -20.06
C ASP J 347 -22.02 1.00 -18.90
N SER J 348 -21.02 1.41 -18.11
CA SER J 348 -20.69 0.70 -16.87
C SER J 348 -21.93 0.50 -16.02
N GLY J 349 -22.04 -0.69 -15.46
CA GLY J 349 -23.23 -1.08 -14.72
C GLY J 349 -24.28 -1.78 -15.54
N THR J 350 -24.03 -2.01 -16.82
CA THR J 350 -24.99 -2.69 -17.69
C THR J 350 -24.82 -4.20 -17.61
N THR J 351 -25.92 -4.91 -17.50
CA THR J 351 -25.94 -6.36 -17.65
C THR J 351 -26.22 -6.70 -19.12
N VAL J 352 -25.31 -7.44 -19.73
CA VAL J 352 -25.50 -7.96 -21.09
C VAL J 352 -26.02 -9.38 -21.00
N THR J 353 -26.97 -9.73 -21.86
CA THR J 353 -27.54 -11.07 -21.88
C THR J 353 -27.37 -11.71 -23.24
N TRP J 354 -26.76 -12.90 -23.27
CA TRP J 354 -26.67 -13.70 -24.48
C TRP J 354 -27.75 -14.76 -24.47
N THR J 355 -28.40 -14.96 -25.61
CA THR J 355 -29.35 -16.05 -25.81
C THR J 355 -28.79 -16.99 -26.85
N ASN J 356 -28.70 -18.29 -26.52
CA ASN J 356 -28.22 -19.26 -27.50
C ASN J 356 -29.39 -19.64 -28.40
N ASP J 357 -29.48 -19.01 -29.55
CA ASP J 357 -30.51 -19.30 -30.54
C ASP J 357 -30.10 -20.40 -31.50
N ASP J 358 -29.02 -21.12 -31.21
CA ASP J 358 -28.58 -22.26 -32.00
C ASP J 358 -29.15 -23.55 -31.42
N SER J 359 -28.91 -24.66 -32.10
CA SER J 359 -29.30 -25.97 -31.61
C SER J 359 -28.16 -26.71 -30.95
N VAL J 360 -26.95 -26.14 -30.94
CA VAL J 360 -25.79 -26.73 -30.30
C VAL J 360 -25.33 -25.84 -29.17
N VAL J 361 -24.66 -26.46 -28.19
CA VAL J 361 -24.10 -25.72 -27.06
C VAL J 361 -23.04 -24.71 -27.54
N HIS J 362 -22.98 -23.56 -26.85
CA HIS J 362 -21.99 -22.52 -27.12
C HIS J 362 -21.52 -21.96 -25.79
N THR J 363 -20.47 -21.14 -25.83
CA THR J 363 -20.06 -20.39 -24.64
C THR J 363 -19.81 -18.95 -25.03
N VAL J 364 -19.64 -18.13 -24.00
CA VAL J 364 -19.22 -16.75 -24.14
C VAL J 364 -18.09 -16.55 -23.17
N THR J 365 -16.88 -16.33 -23.67
CA THR J 365 -15.69 -16.39 -22.83
C THR J 365 -14.73 -15.26 -23.18
N ASP J 366 -14.37 -14.48 -22.16
CA ASP J 366 -13.40 -13.42 -22.30
C ASP J 366 -12.03 -13.99 -22.68
N ASN J 367 -11.34 -13.29 -23.59
CA ASN J 367 -9.99 -13.69 -23.99
C ASN J 367 -9.01 -13.62 -22.82
N GLU J 368 -9.21 -12.67 -21.91
CA GLU J 368 -8.41 -12.56 -20.71
C GLU J 368 -9.09 -13.22 -19.52
N ASN J 369 -10.12 -14.03 -19.77
CA ASN J 369 -10.67 -14.95 -18.78
C ASN J 369 -11.20 -14.24 -17.54
N SER J 370 -11.56 -12.96 -17.68
CA SER J 370 -12.22 -12.25 -16.58
C SER J 370 -13.70 -12.64 -16.44
N PHE J 371 -14.29 -13.24 -17.48
CA PHE J 371 -15.63 -13.81 -17.34
C PHE J 371 -15.74 -15.00 -18.27
N ASP J 372 -16.65 -15.92 -17.93
CA ASP J 372 -16.80 -17.15 -18.68
C ASP J 372 -18.15 -17.78 -18.37
N SER J 373 -18.91 -18.06 -19.43
CA SER J 373 -20.26 -18.61 -19.27
C SER J 373 -20.28 -20.10 -18.97
N GLY J 374 -19.23 -20.83 -19.34
CA GLY J 374 -19.35 -22.27 -19.38
C GLY J 374 -20.28 -22.66 -20.52
N PHE J 375 -20.73 -23.91 -20.50
CA PHE J 375 -21.72 -24.37 -21.46
C PHE J 375 -23.00 -23.56 -21.35
N ILE J 376 -23.42 -22.98 -22.47
CA ILE J 376 -24.76 -22.40 -22.61
C ILE J 376 -25.55 -23.35 -23.49
N GLN J 377 -26.52 -24.06 -22.91
CA GLN J 377 -27.28 -25.01 -23.70
C GLN J 377 -28.16 -24.28 -24.70
N ALA J 378 -28.46 -24.96 -25.80
CA ALA J 378 -29.35 -24.41 -26.81
C ALA J 378 -30.66 -23.93 -26.17
N GLY J 379 -31.07 -22.72 -26.55
CA GLY J 379 -32.26 -22.10 -26.01
C GLY J 379 -32.08 -21.41 -24.67
N ASN J 380 -30.95 -21.60 -23.99
CA ASN J 380 -30.75 -20.94 -22.71
C ASN J 380 -30.11 -19.57 -22.88
N THR J 381 -29.92 -18.87 -21.76
CA THR J 381 -29.33 -17.54 -21.73
C THR J 381 -28.26 -17.48 -20.66
N TRP J 382 -27.38 -16.48 -20.78
CA TRP J 382 -26.36 -16.21 -19.77
C TRP J 382 -26.11 -14.71 -19.74
N SER J 383 -25.92 -14.18 -18.54
CA SER J 383 -25.85 -12.74 -18.32
C SER J 383 -24.60 -12.40 -17.52
N TYR J 384 -24.12 -11.17 -17.71
CA TYR J 384 -22.97 -10.67 -16.97
C TYR J 384 -23.07 -9.16 -16.87
N SER J 385 -22.79 -8.64 -15.67
CA SER J 385 -22.83 -7.21 -15.41
C SER J 385 -21.46 -6.61 -15.67
N PHE J 386 -21.38 -5.75 -16.69
CA PHE J 386 -20.11 -5.14 -17.06
C PHE J 386 -19.99 -3.80 -16.35
N ASP J 387 -19.59 -3.88 -15.09
CA ASP J 387 -19.04 -2.70 -14.45
C ASP J 387 -17.60 -2.54 -14.94
N ASN J 388 -16.96 -1.45 -14.53
CA ASN J 388 -15.59 -1.13 -14.96
C ASN J 388 -15.51 -0.88 -16.46
N PRO J 389 -15.23 0.37 -16.87
CA PRO J 389 -15.03 0.64 -18.30
C PRO J 389 -13.84 -0.11 -18.87
N GLY J 390 -13.86 -0.31 -20.17
CA GLY J 390 -12.80 -1.02 -20.87
C GLY J 390 -13.32 -1.68 -22.12
N GLU J 391 -12.41 -2.35 -22.82
CA GLU J 391 -12.70 -3.11 -24.03
C GLU J 391 -12.53 -4.60 -23.74
N PHE J 392 -13.53 -5.40 -24.11
CA PHE J 392 -13.48 -6.85 -23.89
C PHE J 392 -13.69 -7.57 -25.22
N ASP J 393 -12.76 -8.46 -25.56
CA ASP J 393 -12.92 -9.36 -26.68
C ASP J 393 -13.25 -10.75 -26.13
N TYR J 394 -14.36 -11.32 -26.60
CA TYR J 394 -14.76 -12.64 -26.14
C TYR J 394 -14.92 -13.58 -27.33
N ILE J 395 -14.89 -14.89 -27.03
CA ILE J 395 -14.97 -15.95 -28.02
C ILE J 395 -15.84 -17.07 -27.44
N CYS J 396 -16.17 -18.02 -28.31
CA CYS J 396 -16.67 -19.31 -27.86
C CYS J 396 -15.50 -20.28 -27.76
N THR J 397 -15.27 -20.84 -26.56
CA THR J 397 -14.17 -21.80 -26.41
C THR J 397 -14.41 -23.08 -27.18
N LEU J 398 -15.66 -23.39 -27.53
CA LEU J 398 -15.92 -24.59 -28.31
C LEU J 398 -15.70 -24.37 -29.78
N HIS J 399 -15.89 -23.14 -30.25
CA HIS J 399 -15.87 -22.81 -31.67
C HIS J 399 -15.05 -21.54 -31.84
N PRO J 400 -13.73 -21.67 -32.00
CA PRO J 400 -12.83 -20.50 -31.89
C PRO J 400 -13.07 -19.38 -32.90
N TRP J 401 -13.75 -19.64 -34.02
CA TRP J 401 -14.06 -18.62 -35.01
C TRP J 401 -15.19 -17.68 -34.57
N MET J 402 -15.93 -18.02 -33.51
CA MET J 402 -16.98 -17.18 -32.98
C MET J 402 -16.36 -16.13 -32.07
N LYS J 403 -16.48 -14.85 -32.44
CA LYS J 403 -15.83 -13.77 -31.73
C LYS J 403 -16.75 -12.55 -31.69
N GLY J 404 -16.66 -11.78 -30.60
CA GLY J 404 -17.38 -10.54 -30.44
C GLY J 404 -16.63 -9.60 -29.52
N THR J 405 -17.10 -8.35 -29.46
CA THR J 405 -16.48 -7.34 -28.60
C THR J 405 -17.55 -6.63 -27.80
N ILE J 406 -17.14 -6.13 -26.63
CA ILE J 406 -17.97 -5.30 -25.77
C ILE J 406 -17.16 -4.08 -25.37
N SER J 407 -17.65 -2.89 -25.72
CA SER J 407 -17.06 -1.64 -25.29
C SER J 407 -17.90 -1.10 -24.13
N VAL J 408 -17.26 -0.89 -22.98
CA VAL J 408 -17.93 -0.36 -21.78
C VAL J 408 -17.41 1.04 -21.51
N ASN J 409 -18.34 1.98 -21.32
CA ASN J 409 -17.99 3.37 -21.05
C ASN J 409 -18.19 3.71 -19.58
N ASP K 1 -18.33 -67.21 -5.68
CA ASP K 1 -18.73 -67.51 -7.06
C ASP K 1 -19.78 -66.52 -7.54
N SER K 2 -21.03 -67.00 -7.56
CA SER K 2 -22.18 -66.18 -7.91
C SER K 2 -22.52 -65.23 -6.76
N SER K 3 -21.53 -64.83 -5.99
CA SER K 3 -21.81 -64.00 -4.82
C SER K 3 -22.29 -62.62 -5.20
N ASP K 4 -22.20 -62.24 -6.47
CA ASP K 4 -22.77 -60.98 -6.93
C ASP K 4 -24.19 -61.13 -7.47
N THR K 5 -24.75 -62.34 -7.47
CA THR K 5 -26.13 -62.55 -7.88
C THR K 5 -27.07 -62.47 -6.69
N PHE K 6 -28.35 -62.22 -7.00
CA PHE K 6 -29.44 -62.09 -6.04
C PHE K 6 -30.49 -63.10 -6.45
N PRO K 7 -30.42 -64.35 -5.99
CA PRO K 7 -31.40 -65.34 -6.42
C PRO K 7 -32.82 -64.99 -5.96
N LYS K 8 -33.79 -65.47 -6.72
CA LYS K 8 -35.20 -65.38 -6.36
C LYS K 8 -35.42 -65.83 -4.92
N PHE K 9 -36.22 -65.07 -4.18
CA PHE K 9 -36.30 -65.31 -2.74
C PHE K 9 -37.67 -64.91 -2.21
N LYS K 10 -38.20 -65.74 -1.31
CA LYS K 10 -39.47 -65.46 -0.66
C LYS K 10 -39.30 -64.38 0.39
N ASN K 11 -39.88 -63.20 0.14
CA ASN K 11 -39.80 -62.09 1.07
C ASN K 11 -40.56 -62.43 2.36
N PRO K 12 -39.91 -62.44 3.53
CA PRO K 12 -40.63 -62.77 4.76
C PRO K 12 -41.57 -61.69 5.25
N ASN K 13 -41.33 -60.42 4.89
CA ASN K 13 -42.15 -59.30 5.34
C ASN K 13 -42.69 -58.49 4.17
N PRO K 14 -43.55 -59.09 3.34
CA PRO K 14 -44.09 -58.36 2.18
C PRO K 14 -44.98 -57.21 2.64
N GLN K 15 -44.98 -56.15 1.85
CA GLN K 15 -45.85 -55.01 2.13
C GLN K 15 -46.93 -54.90 1.05
N THR K 16 -48.01 -54.24 1.42
CA THR K 16 -49.15 -54.02 0.53
C THR K 16 -49.14 -52.55 0.14
N LEU K 17 -49.07 -52.29 -1.16
CA LEU K 17 -48.88 -50.94 -1.67
C LEU K 17 -49.96 -50.61 -2.70
N SER K 18 -50.30 -49.32 -2.78
CA SER K 18 -51.30 -48.80 -3.70
C SER K 18 -50.79 -47.54 -4.38
N TYR K 19 -51.05 -47.44 -5.67
CA TYR K 19 -50.70 -46.28 -6.48
C TYR K 19 -51.92 -45.86 -7.28
N THR K 20 -51.96 -44.58 -7.63
CA THR K 20 -52.94 -44.08 -8.57
C THR K 20 -52.19 -43.44 -9.74
N LEU K 21 -52.43 -43.93 -10.95
CA LEU K 21 -51.84 -43.37 -12.15
C LEU K 21 -52.98 -42.92 -13.06
N ILE K 22 -52.91 -41.68 -13.54
CA ILE K 22 -53.95 -41.08 -14.39
C ILE K 22 -53.33 -40.76 -15.73
N ALA K 23 -53.87 -41.33 -16.80
CA ALA K 23 -53.49 -40.87 -18.12
C ALA K 23 -54.04 -39.46 -18.33
N GLN K 24 -53.13 -38.51 -18.53
CA GLN K 24 -53.45 -37.09 -18.57
C GLN K 24 -52.73 -36.48 -19.76
N ASP K 25 -53.44 -35.69 -20.55
CA ASP K 25 -52.80 -34.88 -21.57
C ASP K 25 -52.21 -33.61 -20.94
N ALA K 26 -51.09 -33.14 -21.48
CA ALA K 26 -50.50 -31.92 -20.93
C ALA K 26 -49.64 -31.23 -21.98
N GLU K 27 -49.29 -29.98 -21.67
CA GLU K 27 -48.22 -29.25 -22.36
C GLU K 27 -47.04 -29.13 -21.42
N ILE K 28 -45.86 -29.51 -21.89
CA ILE K 28 -44.66 -29.46 -21.07
C ILE K 28 -43.52 -28.84 -21.86
N GLU K 29 -42.61 -28.22 -21.15
CA GLU K 29 -41.31 -27.89 -21.72
C GLU K 29 -40.48 -29.15 -21.85
N VAL K 30 -39.99 -29.45 -23.05
CA VAL K 30 -39.14 -30.62 -23.27
C VAL K 30 -37.67 -30.22 -23.44
N SER K 31 -37.38 -28.93 -23.58
CA SER K 31 -36.08 -28.36 -23.88
C SER K 31 -36.26 -26.86 -23.68
N PRO K 32 -35.21 -26.09 -23.31
CA PRO K 32 -35.40 -24.64 -23.10
C PRO K 32 -36.17 -23.99 -24.24
N GLY K 33 -37.29 -23.35 -23.92
CA GLY K 33 -38.09 -22.66 -24.91
C GLY K 33 -38.91 -23.53 -25.86
N VAL K 34 -39.03 -24.83 -25.61
CA VAL K 34 -39.76 -25.74 -26.50
C VAL K 34 -40.89 -26.35 -25.69
N ARG K 35 -42.12 -25.88 -25.90
CA ARG K 35 -43.30 -26.45 -25.27
C ARG K 35 -43.97 -27.40 -26.24
N ALA K 36 -44.42 -28.56 -25.74
CA ALA K 36 -44.94 -29.58 -26.62
C ALA K 36 -46.10 -30.30 -25.95
N LYS K 37 -47.04 -30.76 -26.76
CA LYS K 37 -48.13 -31.59 -26.28
C LYS K 37 -47.63 -33.01 -26.02
N VAL K 38 -47.99 -33.58 -24.87
CA VAL K 38 -47.57 -34.93 -24.50
C VAL K 38 -48.76 -35.70 -23.95
N TRP K 39 -48.63 -37.02 -23.93
CA TRP K 39 -49.56 -37.91 -23.22
C TRP K 39 -48.77 -38.54 -22.08
N THR K 40 -49.30 -38.45 -20.87
CA THR K 40 -48.54 -38.77 -19.67
C THR K 40 -49.34 -39.69 -18.73
N TYR K 41 -48.62 -40.21 -17.74
CA TYR K 41 -49.21 -40.65 -16.49
C TYR K 41 -48.84 -39.60 -15.45
N ASN K 42 -49.84 -38.95 -14.86
CA ASN K 42 -49.66 -38.01 -13.75
C ASN K 42 -48.89 -36.76 -14.14
N GLY K 43 -48.75 -36.45 -15.43
CA GLY K 43 -48.43 -35.09 -15.82
C GLY K 43 -46.99 -34.79 -16.19
N THR K 44 -46.06 -35.73 -16.01
CA THR K 44 -44.69 -35.52 -16.45
C THR K 44 -44.26 -36.64 -17.38
N VAL K 45 -43.15 -36.41 -18.08
CA VAL K 45 -42.48 -37.41 -18.90
C VAL K 45 -41.03 -37.42 -18.43
N PRO K 46 -40.51 -38.55 -17.91
CA PRO K 46 -41.25 -39.81 -17.74
C PRO K 46 -42.26 -39.81 -16.60
N ALA K 47 -43.08 -40.85 -16.56
CA ALA K 47 -44.08 -41.09 -15.52
C ALA K 47 -43.40 -41.28 -14.16
N PRO K 48 -44.16 -41.38 -13.07
CA PRO K 48 -43.53 -41.58 -11.76
C PRO K 48 -42.76 -42.89 -11.71
N THR K 49 -41.65 -42.88 -10.98
CA THR K 49 -40.87 -44.10 -10.75
C THR K 49 -41.54 -44.90 -9.64
N LEU K 50 -42.04 -46.07 -9.99
CA LEU K 50 -42.58 -46.98 -8.99
C LEU K 50 -41.45 -47.80 -8.37
N ARG K 51 -41.40 -47.84 -7.05
CA ARG K 51 -40.35 -48.60 -6.39
C ARG K 51 -40.92 -49.38 -5.21
N PHE K 52 -40.59 -50.67 -5.14
CA PHE K 52 -41.05 -51.53 -4.06
C PHE K 52 -40.14 -52.75 -4.04
N SER K 53 -40.47 -53.71 -3.18
CA SER K 53 -39.62 -54.88 -2.96
C SER K 53 -40.21 -56.11 -3.62
N GLU K 54 -39.31 -57.00 -4.05
CA GLU K 54 -39.67 -58.36 -4.42
C GLU K 54 -40.63 -58.93 -3.39
N GLY K 55 -41.72 -59.53 -3.86
CA GLY K 55 -42.70 -60.13 -2.97
C GLY K 55 -43.79 -59.20 -2.48
N ASP K 56 -43.67 -57.89 -2.72
CA ASP K 56 -44.69 -56.96 -2.28
C ASP K 56 -45.98 -57.15 -3.07
N ASP K 57 -47.10 -56.78 -2.45
CA ASP K 57 -48.41 -56.81 -3.10
C ASP K 57 -48.73 -55.41 -3.63
N VAL K 58 -48.90 -55.29 -4.94
CA VAL K 58 -48.98 -53.98 -5.59
C VAL K 58 -50.33 -53.84 -6.28
N THR K 59 -51.02 -52.73 -6.01
CA THR K 59 -52.28 -52.39 -6.65
C THR K 59 -52.17 -51.01 -7.28
N VAL K 60 -52.51 -50.90 -8.57
CA VAL K 60 -52.42 -49.63 -9.30
C VAL K 60 -53.79 -49.27 -9.87
N LYS K 61 -54.41 -48.25 -9.28
CA LYS K 61 -55.63 -47.69 -9.87
C LYS K 61 -55.28 -46.86 -11.08
N PHE K 62 -55.74 -47.28 -12.27
CA PHE K 62 -55.48 -46.57 -13.52
C PHE K 62 -56.75 -45.86 -13.98
N VAL K 63 -56.67 -44.54 -14.13
CA VAL K 63 -57.79 -43.69 -14.56
C VAL K 63 -57.41 -43.06 -15.89
N ASN K 64 -58.28 -43.21 -16.91
CA ASN K 64 -58.06 -42.61 -18.22
C ASN K 64 -58.83 -41.28 -18.31
N ASP K 65 -58.11 -40.16 -18.28
CA ASP K 65 -58.72 -38.83 -18.34
C ASP K 65 -58.47 -38.15 -19.68
N THR K 66 -58.45 -38.90 -20.78
CA THR K 66 -58.13 -38.40 -22.11
C THR K 66 -59.15 -38.97 -23.11
N PRO K 67 -59.21 -38.40 -24.32
CA PRO K 67 -60.09 -38.95 -25.37
C PRO K 67 -59.51 -40.13 -26.13
N TYR K 68 -58.32 -40.62 -25.79
CA TYR K 68 -57.76 -41.80 -26.42
C TYR K 68 -57.97 -43.02 -25.52
N ALA K 69 -57.84 -44.21 -26.11
CA ALA K 69 -57.73 -45.43 -25.31
C ALA K 69 -56.28 -45.55 -24.80
N HIS K 70 -56.11 -46.03 -23.56
CA HIS K 70 -54.80 -46.25 -22.98
C HIS K 70 -54.82 -47.52 -22.12
N THR K 71 -53.62 -48.02 -21.79
CA THR K 71 -53.44 -49.13 -20.85
C THR K 71 -52.19 -48.84 -20.01
N ILE K 72 -51.87 -49.75 -19.08
CA ILE K 72 -50.53 -49.79 -18.52
C ILE K 72 -50.03 -51.21 -18.70
N HIS K 73 -48.92 -51.35 -19.41
CA HIS K 73 -48.26 -52.65 -19.56
C HIS K 73 -46.98 -52.62 -18.74
N PHE K 74 -46.89 -53.52 -17.76
CA PHE K 74 -45.69 -53.64 -16.94
C PHE K 74 -44.79 -54.73 -17.52
N HIS K 75 -43.48 -54.47 -17.57
CA HIS K 75 -42.55 -55.55 -17.80
C HIS K 75 -42.46 -56.43 -16.54
N GLY K 76 -42.10 -57.69 -16.73
CA GLY K 76 -42.00 -58.63 -15.63
C GLY K 76 -43.10 -59.68 -15.68
N THR K 77 -43.13 -60.53 -14.65
CA THR K 77 -44.03 -61.68 -14.64
C THR K 77 -45.40 -61.30 -14.07
N HIS K 78 -46.46 -61.64 -14.79
CA HIS K 78 -47.83 -61.48 -14.29
C HIS K 78 -48.78 -62.20 -15.25
N ASP K 79 -50.08 -62.19 -14.92
CA ASP K 79 -51.06 -62.90 -15.72
C ASP K 79 -51.70 -61.98 -16.77
N SER K 80 -52.60 -62.57 -17.57
CA SER K 80 -53.15 -61.89 -18.74
C SER K 80 -54.00 -60.68 -18.34
N ALA K 81 -54.87 -60.84 -17.35
CA ALA K 81 -55.69 -59.72 -16.89
C ALA K 81 -54.85 -58.54 -16.42
N ASN K 82 -53.56 -58.75 -16.12
CA ASN K 82 -52.72 -57.67 -15.63
C ASN K 82 -51.57 -57.35 -16.58
N ASP K 83 -51.67 -57.76 -17.84
CA ASP K 83 -50.62 -57.54 -18.82
C ASP K 83 -50.80 -56.26 -19.65
N GLY K 84 -51.92 -55.56 -19.53
CA GLY K 84 -52.08 -54.26 -20.16
C GLY K 84 -52.33 -54.28 -21.65
N VAL K 85 -52.79 -55.37 -22.21
CA VAL K 85 -53.26 -55.42 -23.59
C VAL K 85 -54.77 -55.57 -23.65
N PHE K 86 -55.31 -56.54 -22.90
CA PHE K 86 -56.74 -56.82 -22.79
C PHE K 86 -57.18 -56.48 -21.37
N PRO K 87 -58.07 -55.49 -21.16
CA PRO K 87 -58.78 -54.66 -22.12
C PRO K 87 -58.10 -53.30 -22.33
N MET K 88 -58.48 -52.60 -23.39
CA MET K 88 -58.16 -51.19 -23.49
C MET K 88 -59.07 -50.39 -22.58
N ILE K 89 -58.51 -49.39 -21.91
CA ILE K 89 -59.26 -48.59 -20.96
C ILE K 89 -59.80 -47.38 -21.70
N MET K 90 -61.11 -47.20 -21.64
CA MET K 90 -61.74 -46.18 -22.48
C MET K 90 -61.71 -44.82 -21.80
N PRO K 91 -61.91 -43.76 -22.58
CA PRO K 91 -61.97 -42.42 -22.01
C PRO K 91 -62.97 -42.35 -20.87
N GLY K 92 -62.52 -41.77 -19.76
CA GLY K 92 -63.32 -41.61 -18.57
C GLY K 92 -63.48 -42.84 -17.71
N GLU K 93 -62.82 -43.95 -18.04
CA GLU K 93 -63.02 -45.20 -17.33
C GLU K 93 -61.76 -45.55 -16.54
N GLU K 94 -61.86 -46.60 -15.73
CA GLU K 94 -60.80 -46.95 -14.80
C GLU K 94 -60.58 -48.45 -14.83
N TYR K 95 -59.40 -48.85 -14.36
CA TYR K 95 -59.06 -50.27 -14.30
C TYR K 95 -58.07 -50.43 -13.17
N THR K 96 -58.14 -51.57 -12.49
CA THR K 96 -57.21 -51.83 -11.40
C THR K 96 -56.26 -52.93 -11.85
N TYR K 97 -54.97 -52.60 -11.88
CA TYR K 97 -53.92 -53.60 -12.04
C TYR K 97 -53.52 -54.07 -10.65
N HIS K 98 -53.24 -55.38 -10.53
CA HIS K 98 -52.84 -55.92 -9.24
C HIS K 98 -51.87 -57.06 -9.49
N PHE K 99 -50.75 -57.05 -8.78
CA PHE K 99 -49.83 -58.16 -8.89
C PHE K 99 -48.96 -58.24 -7.64
N VAL K 100 -48.48 -59.44 -7.35
CA VAL K 100 -47.41 -59.65 -6.39
C VAL K 100 -46.11 -59.54 -7.17
N ALA K 101 -45.15 -58.78 -6.64
CA ALA K 101 -43.90 -58.56 -7.37
C ALA K 101 -43.11 -59.87 -7.40
N GLU K 102 -43.11 -60.53 -8.56
CA GLU K 102 -42.64 -61.92 -8.67
C GLU K 102 -41.12 -62.00 -8.73
N GLU K 103 -40.46 -60.97 -9.26
CA GLU K 103 -39.00 -60.93 -9.40
C GLU K 103 -38.48 -59.57 -9.00
N ALA K 104 -37.26 -59.54 -8.48
CA ALA K 104 -36.52 -58.31 -8.33
C ALA K 104 -35.96 -57.88 -9.67
N GLY K 105 -35.57 -56.61 -9.77
CA GLY K 105 -34.87 -56.16 -10.95
C GLY K 105 -35.31 -54.77 -11.36
N LEU K 106 -34.94 -54.39 -12.57
CA LEU K 106 -35.30 -53.10 -13.12
C LEU K 106 -36.21 -53.32 -14.31
N PHE K 107 -37.40 -52.75 -14.25
CA PHE K 107 -38.39 -52.93 -15.28
C PHE K 107 -38.87 -51.55 -15.70
N MET K 108 -39.74 -51.53 -16.69
CA MET K 108 -40.41 -50.30 -17.07
C MET K 108 -41.89 -50.58 -17.13
N TYR K 109 -42.66 -49.53 -17.29
CA TYR K 109 -44.06 -49.65 -17.64
C TYR K 109 -44.37 -48.60 -18.68
N HIS K 110 -45.29 -48.95 -19.57
CA HIS K 110 -45.67 -48.01 -20.63
C HIS K 110 -47.04 -48.41 -21.17
N CYS K 111 -47.64 -47.48 -21.91
CA CYS K 111 -48.93 -47.74 -22.53
C CYS K 111 -48.76 -48.77 -23.64
N HIS K 112 -49.78 -49.61 -23.83
CA HIS K 112 -49.74 -50.58 -24.92
C HIS K 112 -50.93 -50.42 -25.87
N ALA K 113 -51.55 -49.24 -25.90
CA ALA K 113 -52.54 -48.94 -26.91
C ALA K 113 -51.91 -48.96 -28.31
N PHE K 114 -52.76 -48.93 -29.34
CA PHE K 114 -52.28 -49.16 -30.69
C PHE K 114 -52.51 -47.91 -31.54
N PRO K 115 -51.49 -47.44 -32.30
CA PRO K 115 -50.14 -48.01 -32.40
C PRO K 115 -49.24 -47.62 -31.22
N THR K 116 -48.52 -48.59 -30.68
CA THR K 116 -47.84 -48.37 -29.42
C THR K 116 -46.68 -47.39 -29.55
N SER K 117 -46.01 -47.35 -30.71
CA SER K 117 -44.95 -46.36 -30.93
C SER K 117 -45.46 -44.96 -30.68
N GLU K 118 -46.70 -44.68 -31.10
CA GLU K 118 -47.26 -43.35 -30.96
C GLU K 118 -47.45 -42.99 -29.49
N HIS K 119 -48.02 -43.91 -28.70
CA HIS K 119 -48.26 -43.62 -27.28
C HIS K 119 -46.95 -43.53 -26.50
N VAL K 120 -45.95 -44.35 -26.84
CA VAL K 120 -44.67 -44.22 -26.15
C VAL K 120 -43.94 -42.95 -26.61
N ARG K 121 -43.99 -42.63 -27.91
CA ARG K 121 -43.35 -41.39 -28.37
C ARG K 121 -44.00 -40.16 -27.74
N MET K 122 -45.29 -40.21 -27.47
CA MET K 122 -45.97 -39.08 -26.87
C MET K 122 -45.67 -38.93 -25.38
N GLY K 123 -45.08 -39.96 -24.75
CA GLY K 123 -44.61 -39.83 -23.38
C GLY K 123 -45.07 -40.84 -22.32
N MET K 124 -45.82 -41.87 -22.72
CA MET K 124 -46.46 -42.77 -21.74
C MET K 124 -45.54 -43.93 -21.38
N PHE K 125 -44.52 -43.63 -20.55
CA PHE K 125 -43.57 -44.63 -20.06
C PHE K 125 -43.01 -44.17 -18.72
N GLY K 126 -42.64 -45.15 -17.89
CA GLY K 126 -42.11 -44.90 -16.57
C GLY K 126 -41.21 -46.05 -16.14
N THR K 127 -40.59 -45.87 -14.98
CA THR K 127 -39.60 -46.82 -14.49
C THR K 127 -40.17 -47.56 -13.29
N MET K 128 -39.80 -48.83 -13.14
CA MET K 128 -40.27 -49.59 -11.99
C MET K 128 -39.09 -50.39 -11.44
N ILE K 129 -38.66 -50.01 -10.24
CA ILE K 129 -37.51 -50.60 -9.57
C ILE K 129 -38.04 -51.56 -8.53
N ILE K 130 -37.67 -52.82 -8.63
CA ILE K 130 -38.10 -53.83 -7.66
C ILE K 130 -36.85 -54.33 -6.95
N ASP K 131 -36.73 -54.00 -5.67
CA ASP K 131 -35.54 -54.28 -4.90
C ASP K 131 -35.52 -55.74 -4.41
N PRO K 132 -34.33 -56.33 -4.31
CA PRO K 132 -34.24 -57.77 -4.01
C PRO K 132 -34.57 -58.06 -2.56
N ALA K 133 -35.24 -59.21 -2.35
CA ALA K 133 -35.62 -59.62 -1.00
C ALA K 133 -34.52 -60.41 -0.28
N ILE K 134 -33.67 -61.16 -0.99
CA ILE K 134 -32.69 -62.01 -0.31
C ILE K 134 -31.70 -61.18 0.51
N ARG K 135 -31.30 -60.02 0.00
CA ARG K 135 -30.46 -59.08 0.73
C ARG K 135 -30.47 -57.77 -0.05
N PRO K 136 -30.20 -56.66 0.62
CA PRO K 136 -30.17 -55.39 -0.11
C PRO K 136 -28.97 -55.34 -1.03
N MET K 137 -29.14 -54.62 -2.13
CA MET K 137 -28.03 -54.28 -3.01
C MET K 137 -26.96 -53.52 -2.20
N ASP K 138 -25.72 -53.54 -2.71
CA ASP K 138 -24.65 -52.87 -1.97
C ASP K 138 -25.01 -51.40 -1.76
N PRO K 139 -24.69 -50.84 -0.60
CA PRO K 139 -25.05 -49.44 -0.34
C PRO K 139 -24.42 -48.53 -1.38
N ALA K 140 -25.26 -47.67 -1.95
CA ALA K 140 -24.86 -46.84 -3.07
C ALA K 140 -25.76 -45.61 -3.10
N ARG K 141 -25.29 -44.56 -3.76
CA ARG K 141 -26.16 -43.46 -4.13
C ARG K 141 -26.88 -43.81 -5.43
N GLU K 142 -28.22 -43.70 -5.46
CA GLU K 142 -29.01 -44.27 -6.54
C GLU K 142 -29.70 -43.20 -7.39
N TYR K 143 -29.64 -43.40 -8.71
CA TYR K 143 -30.29 -42.55 -9.70
C TYR K 143 -30.98 -43.42 -10.73
N PHE K 144 -32.03 -42.90 -11.37
CA PHE K 144 -32.67 -43.57 -12.49
C PHE K 144 -32.63 -42.67 -13.72
N PHE K 145 -32.63 -43.28 -14.91
CA PHE K 145 -32.55 -42.53 -16.16
C PHE K 145 -33.32 -43.30 -17.24
N THR K 146 -34.32 -42.65 -17.85
CA THR K 146 -34.91 -43.17 -19.07
C THR K 146 -34.20 -42.58 -20.29
N LEU K 147 -34.07 -43.39 -21.34
CA LEU K 147 -33.48 -42.97 -22.60
C LEU K 147 -34.57 -43.06 -23.67
N SER K 148 -35.05 -41.90 -24.15
CA SER K 148 -36.17 -41.90 -25.07
C SER K 148 -35.85 -41.10 -26.33
N GLU K 149 -36.87 -41.02 -27.17
CA GLU K 149 -36.85 -40.35 -28.46
C GLU K 149 -38.05 -39.42 -28.49
N PHE K 150 -37.85 -38.15 -28.81
CA PHE K 150 -38.99 -37.23 -28.78
C PHE K 150 -38.83 -36.14 -29.82
N ASP K 151 -39.87 -35.96 -30.63
CA ASP K 151 -39.95 -34.91 -31.63
C ASP K 151 -41.19 -34.04 -31.41
N PRO K 152 -41.04 -32.75 -31.13
CA PRO K 152 -42.22 -31.90 -30.88
C PRO K 152 -43.03 -31.60 -32.11
N ASN K 153 -42.51 -31.84 -33.31
CA ASN K 153 -43.23 -31.49 -34.53
C ASN K 153 -43.85 -32.66 -35.25
N ASN K 154 -43.24 -33.83 -35.22
CA ASN K 154 -43.84 -35.04 -35.77
C ASN K 154 -43.48 -36.18 -34.84
N ALA K 155 -44.47 -36.67 -34.09
CA ALA K 155 -44.19 -37.61 -33.02
C ALA K 155 -43.53 -38.88 -33.52
N LEU K 156 -43.79 -39.29 -34.77
CA LEU K 156 -43.32 -40.57 -35.29
C LEU K 156 -42.14 -40.42 -36.25
N GLU K 157 -41.47 -39.27 -36.24
CA GLU K 157 -40.23 -39.08 -36.99
C GLU K 157 -39.23 -40.17 -36.63
N HIS K 158 -38.72 -40.87 -37.66
CA HIS K 158 -37.69 -41.88 -37.44
C HIS K 158 -36.52 -41.34 -36.62
N PHE K 159 -35.92 -40.22 -37.06
CA PHE K 159 -34.83 -39.58 -36.34
C PHE K 159 -35.42 -38.38 -35.63
N THR K 160 -35.44 -38.42 -34.31
CA THR K 160 -36.17 -37.39 -33.58
C THR K 160 -35.29 -36.21 -33.28
N GLU K 161 -35.94 -35.07 -33.02
CA GLU K 161 -35.19 -33.87 -32.74
C GLU K 161 -34.42 -33.98 -31.42
N PHE K 162 -34.98 -34.72 -30.45
CA PHE K 162 -34.37 -34.89 -29.14
C PHE K 162 -34.27 -36.37 -28.78
N TYR K 163 -33.27 -36.70 -27.96
CA TYR K 163 -33.11 -38.00 -27.30
C TYR K 163 -32.87 -37.74 -25.82
N PRO K 164 -33.88 -37.27 -25.12
CA PRO K 164 -33.66 -36.80 -23.73
C PRO K 164 -33.32 -37.94 -22.77
N ILE K 165 -32.58 -37.57 -21.73
CA ILE K 165 -32.45 -38.38 -20.53
C ILE K 165 -33.49 -37.85 -19.55
N ASN K 166 -34.44 -38.72 -19.13
CA ASN K 166 -35.55 -38.34 -18.24
C ASN K 166 -36.34 -37.16 -18.80
N GLY K 167 -36.70 -37.26 -20.08
CA GLY K 167 -37.78 -36.46 -20.63
C GLY K 167 -37.39 -35.08 -21.14
N TYR K 168 -36.58 -34.35 -20.35
CA TYR K 168 -36.22 -32.97 -20.67
C TYR K 168 -34.78 -32.94 -21.19
N ALA K 169 -34.62 -32.64 -22.47
CA ALA K 169 -33.31 -32.71 -23.13
C ALA K 169 -32.29 -31.83 -22.43
N GLY K 170 -31.16 -32.42 -22.08
CA GLY K 170 -30.03 -31.67 -21.58
C GLY K 170 -30.11 -31.25 -20.13
N GLN K 171 -31.12 -31.69 -19.37
CA GLN K 171 -31.34 -31.12 -18.05
C GLN K 171 -30.16 -31.33 -17.10
N TYR K 172 -29.36 -32.39 -17.28
CA TYR K 172 -28.28 -32.69 -16.34
C TYR K 172 -26.95 -32.03 -16.72
N MET K 173 -26.98 -31.06 -17.64
CA MET K 173 -25.85 -30.18 -17.86
C MET K 173 -25.83 -29.04 -16.89
N ASP K 174 -26.95 -28.36 -16.81
CA ASP K 174 -27.10 -27.27 -15.88
C ASP K 174 -27.29 -27.78 -14.47
N ASN K 175 -27.77 -29.02 -14.32
CA ASN K 175 -28.03 -29.62 -13.00
C ASN K 175 -27.29 -30.94 -12.91
N PRO K 176 -25.96 -30.91 -12.64
CA PRO K 176 -25.17 -32.15 -12.69
C PRO K 176 -25.67 -33.26 -11.78
N ILE K 177 -25.44 -34.49 -12.22
CA ILE K 177 -25.59 -35.69 -11.40
C ILE K 177 -24.44 -35.73 -10.41
N ARG K 178 -24.74 -35.55 -9.13
CA ARG K 178 -23.73 -35.49 -8.08
C ARG K 178 -23.40 -36.89 -7.54
N VAL K 179 -22.12 -37.19 -7.47
CA VAL K 179 -21.61 -38.40 -6.86
C VAL K 179 -20.48 -38.00 -5.93
N VAL K 180 -20.09 -38.94 -5.08
CA VAL K 180 -19.15 -38.68 -4.00
C VAL K 180 -17.93 -39.55 -4.22
N SER K 181 -16.75 -38.94 -4.13
CA SER K 181 -15.50 -39.65 -4.31
C SER K 181 -15.45 -40.89 -3.41
N GLY K 182 -15.17 -42.04 -4.02
CA GLY K 182 -15.05 -43.28 -3.28
C GLY K 182 -16.35 -43.94 -2.88
N GLU K 183 -17.50 -43.36 -3.24
CA GLU K 183 -18.80 -43.88 -2.82
C GLU K 183 -19.43 -44.62 -4.00
N LEU K 184 -19.95 -45.82 -3.75
CA LEU K 184 -20.61 -46.58 -4.80
C LEU K 184 -21.83 -45.80 -5.30
N THR K 185 -22.02 -45.80 -6.62
CA THR K 185 -23.13 -45.13 -7.27
C THR K 185 -23.84 -46.14 -8.16
N ARG K 186 -25.17 -46.15 -8.13
CA ARG K 186 -25.95 -47.12 -8.89
C ARG K 186 -26.96 -46.40 -9.77
N PHE K 187 -26.92 -46.69 -11.07
CA PHE K 187 -27.80 -46.09 -12.06
C PHE K 187 -28.80 -47.12 -12.54
N TYR K 188 -30.09 -46.79 -12.48
CA TYR K 188 -31.14 -47.62 -13.06
C TYR K 188 -31.54 -47.03 -14.41
N VAL K 189 -31.14 -47.69 -15.50
CA VAL K 189 -31.24 -47.11 -16.84
C VAL K 189 -32.22 -47.91 -17.69
N VAL K 190 -33.15 -47.19 -18.33
CA VAL K 190 -34.24 -47.78 -19.08
C VAL K 190 -34.12 -47.32 -20.52
N GLY K 191 -34.00 -48.26 -21.45
CA GLY K 191 -34.05 -47.93 -22.86
C GLY K 191 -35.48 -47.97 -23.38
N ILE K 192 -36.00 -46.85 -23.88
CA ILE K 192 -37.41 -46.81 -24.28
C ILE K 192 -37.60 -45.90 -25.49
N GLY K 193 -36.71 -46.04 -26.49
CA GLY K 193 -36.95 -45.51 -27.81
C GLY K 193 -37.59 -46.57 -28.67
N GLY K 194 -37.68 -46.28 -29.97
CA GLY K 194 -38.25 -47.25 -30.90
C GLY K 194 -37.48 -47.48 -32.20
N VAL K 195 -36.44 -46.69 -32.45
CA VAL K 195 -35.67 -46.83 -33.69
C VAL K 195 -34.22 -47.24 -33.42
N LEU K 196 -33.42 -46.32 -32.89
CA LEU K 196 -32.01 -46.57 -32.59
C LEU K 196 -31.86 -47.24 -31.23
N GLN K 197 -30.78 -48.03 -31.09
CA GLN K 197 -30.42 -48.58 -29.80
C GLN K 197 -29.52 -47.60 -29.05
N SER K 198 -29.30 -47.87 -27.77
CA SER K 198 -28.61 -46.92 -26.89
C SER K 198 -27.32 -47.48 -26.31
N PRO K 199 -26.14 -47.18 -26.88
CA PRO K 199 -24.88 -47.52 -26.19
C PRO K 199 -24.63 -46.58 -25.02
N PHE K 200 -24.90 -47.03 -23.79
CA PHE K 200 -24.80 -46.16 -22.63
C PHE K 200 -23.34 -46.11 -22.19
N HIS K 201 -22.78 -44.90 -22.09
CA HIS K 201 -21.36 -44.76 -21.82
C HIS K 201 -21.13 -43.78 -20.67
N VAL K 202 -20.24 -44.14 -19.76
CA VAL K 202 -19.88 -43.23 -18.68
C VAL K 202 -18.39 -42.91 -18.80
N HIS K 203 -18.03 -41.64 -18.60
CA HIS K 203 -16.64 -41.21 -18.69
C HIS K 203 -15.81 -41.65 -17.48
N SER K 204 -14.56 -42.04 -17.74
CA SER K 204 -13.49 -42.08 -16.75
C SER K 204 -13.62 -43.20 -15.73
N THR K 205 -14.44 -44.21 -16.01
CA THR K 205 -14.58 -45.30 -15.07
C THR K 205 -15.24 -46.46 -15.76
N ILE K 206 -15.00 -47.68 -15.22
CA ILE K 206 -15.51 -48.93 -15.77
C ILE K 206 -16.77 -49.32 -15.02
N MET K 207 -17.76 -49.78 -15.77
CA MET K 207 -19.12 -50.01 -15.33
C MET K 207 -19.22 -51.48 -14.88
N LYS K 208 -19.90 -51.74 -13.76
CA LYS K 208 -20.39 -53.09 -13.45
C LYS K 208 -21.88 -53.14 -13.80
N VAL K 209 -22.27 -54.03 -14.70
CA VAL K 209 -23.59 -54.04 -15.35
C VAL K 209 -24.31 -55.35 -15.05
N TYR K 210 -25.57 -55.26 -14.59
CA TYR K 210 -26.47 -56.41 -14.55
C TYR K 210 -27.28 -56.42 -15.84
N PRO K 211 -27.05 -57.34 -16.76
CA PRO K 211 -27.74 -57.27 -18.05
C PRO K 211 -29.24 -57.46 -17.90
N SER K 212 -30.00 -56.70 -18.70
CA SER K 212 -31.46 -56.70 -18.70
C SER K 212 -32.04 -56.28 -17.36
N GLY K 213 -31.21 -55.75 -16.47
CA GLY K 213 -31.69 -55.34 -15.17
C GLY K 213 -32.16 -56.49 -14.30
N ILE K 214 -31.67 -57.70 -14.57
CA ILE K 214 -32.11 -58.91 -13.88
C ILE K 214 -31.02 -59.31 -12.88
N LEU K 215 -31.34 -59.25 -11.59
CA LEU K 215 -30.35 -59.47 -10.55
C LEU K 215 -30.00 -60.95 -10.34
N TRP K 216 -30.75 -61.86 -10.96
CA TRP K 216 -30.33 -63.25 -11.01
C TRP K 216 -29.02 -63.42 -11.77
N ASN K 217 -28.69 -62.49 -12.66
CA ASN K 217 -27.55 -62.65 -13.54
C ASN K 217 -26.27 -62.29 -12.81
N GLU K 218 -25.21 -62.99 -13.17
CA GLU K 218 -23.87 -62.50 -12.84
C GLU K 218 -23.60 -61.23 -13.64
N PRO K 219 -23.15 -60.16 -13.01
CA PRO K 219 -22.88 -58.92 -13.73
C PRO K 219 -21.56 -59.00 -14.49
N TYR K 220 -21.32 -58.02 -15.36
CA TYR K 220 -20.08 -57.97 -16.12
C TYR K 220 -19.59 -56.53 -16.19
N TYR K 221 -18.34 -56.36 -16.59
CA TYR K 221 -17.69 -55.05 -16.62
C TYR K 221 -17.69 -54.47 -18.03
N ALA K 222 -18.13 -53.22 -18.16
CA ALA K 222 -18.20 -52.62 -19.48
C ALA K 222 -17.69 -51.18 -19.45
N GLN K 223 -17.05 -50.77 -20.54
CA GLN K 223 -16.85 -49.33 -20.75
C GLN K 223 -18.08 -48.69 -21.38
N THR K 224 -18.81 -49.46 -22.19
CA THR K 224 -20.04 -49.02 -22.82
C THR K 224 -20.96 -50.23 -22.83
N HIS K 225 -22.25 -50.01 -22.61
CA HIS K 225 -23.20 -51.13 -22.53
C HIS K 225 -24.38 -50.80 -23.43
N LEU K 226 -24.60 -51.62 -24.44
CA LEU K 226 -25.71 -51.40 -25.36
C LEU K 226 -27.03 -51.79 -24.69
N ILE K 227 -27.96 -50.84 -24.60
CA ILE K 227 -29.27 -51.07 -24.01
C ILE K 227 -30.28 -51.07 -25.15
N GLY K 228 -30.84 -52.25 -25.43
CA GLY K 228 -31.88 -52.34 -26.43
C GLY K 228 -33.13 -51.61 -25.98
N ASN K 229 -33.92 -51.16 -26.96
CA ASN K 229 -35.22 -50.58 -26.65
C ASN K 229 -36.15 -51.61 -26.02
N GLY K 230 -36.78 -51.25 -24.91
CA GLY K 230 -37.51 -52.22 -24.11
C GLY K 230 -36.67 -52.99 -23.13
N ASP K 231 -35.38 -52.70 -23.04
CA ASP K 231 -34.54 -53.42 -22.09
C ASP K 231 -34.12 -52.43 -21.00
N THR K 232 -33.50 -52.94 -19.94
CA THR K 232 -32.97 -52.05 -18.90
C THR K 232 -31.56 -52.51 -18.53
N ALA K 233 -30.95 -51.78 -17.62
CA ALA K 233 -29.64 -52.14 -17.10
C ALA K 233 -29.46 -51.53 -15.71
N ILE K 234 -29.01 -52.33 -14.76
CA ILE K 234 -28.56 -51.80 -13.46
C ILE K 234 -27.06 -51.67 -13.53
N ILE K 235 -26.55 -50.45 -13.30
CA ILE K 235 -25.14 -50.13 -13.50
C ILE K 235 -24.58 -49.56 -12.21
N GLU K 236 -23.41 -50.05 -11.79
CA GLU K 236 -22.75 -49.51 -10.60
C GLU K 236 -21.38 -48.99 -11.00
N ALA K 237 -20.96 -47.89 -10.37
CA ALA K 237 -19.67 -47.31 -10.70
C ALA K 237 -19.20 -46.48 -9.52
N THR K 238 -17.88 -46.29 -9.43
CA THR K 238 -17.29 -45.46 -8.40
C THR K 238 -16.31 -44.48 -9.03
N TRP K 239 -16.46 -43.21 -8.72
CA TRP K 239 -15.48 -42.20 -9.10
C TRP K 239 -14.65 -41.87 -7.87
N THR K 240 -13.33 -41.70 -8.07
CA THR K 240 -12.43 -41.46 -6.97
C THR K 240 -11.70 -40.12 -7.03
N GLN K 241 -11.85 -39.35 -8.10
CA GLN K 241 -11.13 -38.09 -8.28
C GLN K 241 -12.14 -36.96 -8.44
N PRO K 242 -12.21 -36.01 -7.51
CA PRO K 242 -13.22 -34.96 -7.64
C PRO K 242 -13.04 -34.15 -8.92
N GLY K 243 -14.15 -33.64 -9.44
CA GLY K 243 -14.13 -32.81 -10.63
C GLY K 243 -15.29 -33.17 -11.53
N MET K 244 -15.28 -32.69 -12.78
CA MET K 244 -16.45 -32.81 -13.65
C MET K 244 -16.19 -33.86 -14.71
N TYR K 245 -17.19 -34.71 -14.97
CA TYR K 245 -17.16 -35.71 -16.03
C TYR K 245 -18.50 -35.73 -16.77
N LEU K 246 -18.61 -36.62 -17.77
CA LEU K 246 -19.83 -36.78 -18.57
C LEU K 246 -20.32 -38.23 -18.55
N PHE K 247 -21.63 -38.40 -18.79
CA PHE K 247 -22.15 -39.66 -19.33
C PHE K 247 -23.21 -39.35 -20.37
N HIS K 248 -23.43 -40.29 -21.28
CA HIS K 248 -24.33 -40.06 -22.41
C HIS K 248 -24.52 -41.36 -23.15
N VAL K 249 -25.57 -41.39 -23.98
CA VAL K 249 -25.65 -42.38 -25.05
C VAL K 249 -24.60 -42.01 -26.11
N HIS K 250 -23.87 -43.02 -26.59
CA HIS K 250 -22.76 -42.81 -27.52
C HIS K 250 -23.32 -42.82 -28.93
N GLY K 251 -23.44 -41.66 -29.54
CA GLY K 251 -23.94 -41.57 -30.90
C GLY K 251 -24.57 -40.21 -31.14
N ILE K 252 -25.29 -40.10 -32.25
CA ILE K 252 -25.94 -38.83 -32.58
C ILE K 252 -26.87 -38.36 -31.47
N GLN K 253 -27.39 -39.28 -30.66
CA GLN K 253 -28.23 -38.92 -29.51
C GLN K 253 -27.55 -37.92 -28.60
N GLU K 254 -26.23 -37.97 -28.49
CA GLU K 254 -25.56 -37.15 -27.49
C GLU K 254 -25.47 -35.68 -27.87
N GLU K 255 -25.71 -35.34 -29.14
CA GLU K 255 -25.82 -33.95 -29.57
C GLU K 255 -27.23 -33.40 -29.41
N ARG K 256 -28.17 -34.24 -29.00
CA ARG K 256 -29.58 -33.91 -29.11
C ARG K 256 -30.28 -34.13 -27.78
N GLY K 257 -29.57 -33.87 -26.68
CA GLY K 257 -30.13 -33.92 -25.35
C GLY K 257 -29.70 -35.12 -24.53
N SER K 258 -29.11 -36.14 -25.14
CA SER K 258 -28.67 -37.30 -24.37
C SER K 258 -27.27 -37.07 -23.80
N MET K 259 -27.11 -36.05 -22.94
CA MET K 259 -25.79 -35.84 -22.35
C MET K 259 -25.97 -35.31 -20.95
N ALA K 260 -25.13 -35.76 -20.04
CA ALA K 260 -25.25 -35.37 -18.66
C ALA K 260 -23.87 -35.15 -18.05
N MET K 261 -23.83 -34.28 -17.04
CA MET K 261 -22.58 -33.94 -16.39
C MET K 261 -22.58 -34.57 -15.00
N ILE K 262 -21.45 -35.19 -14.66
CA ILE K 262 -21.23 -35.82 -13.37
C ILE K 262 -20.32 -34.92 -12.56
N GLU K 263 -20.78 -34.49 -11.39
CA GLU K 263 -19.95 -33.75 -10.46
C GLU K 263 -19.53 -34.68 -9.34
N VAL K 264 -18.23 -34.92 -9.24
CA VAL K 264 -17.67 -35.78 -8.19
C VAL K 264 -17.28 -34.90 -7.02
N LEU K 265 -18.02 -35.03 -5.93
CA LEU K 265 -17.81 -34.22 -4.74
C LEU K 265 -16.78 -34.87 -3.81
N GLU K 266 -16.19 -34.03 -2.96
CA GLU K 266 -15.21 -34.49 -1.98
C GLU K 266 -15.88 -35.32 -0.89
N ASP K 267 -17.13 -35.01 -0.54
CA ASP K 267 -17.85 -35.78 0.46
C ASP K 267 -19.36 -35.61 0.26
N ALA K 268 -20.13 -36.29 1.10
CA ALA K 268 -21.58 -36.31 0.99
C ALA K 268 -22.26 -35.12 1.66
N SER K 269 -21.49 -34.21 2.28
CA SER K 269 -22.03 -33.11 3.07
C SER K 269 -23.22 -32.41 2.43
N SER K 270 -23.03 -31.85 1.22
CA SER K 270 -24.05 -31.01 0.60
C SER K 270 -25.30 -31.78 0.19
N LEU K 271 -25.30 -33.11 0.25
CA LEU K 271 -26.46 -33.87 -0.18
C LEU K 271 -27.31 -34.38 0.98
N SER K 272 -26.99 -33.97 2.22
CA SER K 272 -27.75 -34.43 3.38
C SER K 272 -29.25 -34.16 3.22
N ASP K 273 -29.60 -33.00 2.67
CA ASP K 273 -31.00 -32.61 2.61
C ASP K 273 -31.70 -33.10 1.36
N VAL K 274 -30.94 -33.49 0.35
CA VAL K 274 -31.47 -33.87 -0.96
C VAL K 274 -31.83 -35.35 -1.00
N GLN K 275 -30.97 -36.19 -0.43
CA GLN K 275 -31.13 -37.63 -0.48
C GLN K 275 -32.21 -38.09 0.48
N ARG K 276 -32.73 -39.28 0.21
CA ARG K 276 -33.67 -39.97 1.07
C ARG K 276 -33.19 -41.40 1.28
N PRO K 277 -33.53 -42.01 2.41
CA PRO K 277 -33.21 -43.43 2.62
C PRO K 277 -33.87 -44.29 1.56
N SER K 278 -33.09 -45.16 0.94
CA SER K 278 -33.55 -46.00 -0.16
C SER K 278 -34.34 -47.22 0.36
N ASN K 279 -35.21 -47.76 -0.51
CA ASN K 279 -35.82 -49.05 -0.25
C ASN K 279 -34.79 -50.19 -0.21
N ASN K 280 -33.64 -50.02 -0.88
CA ASN K 280 -32.46 -50.85 -0.60
C ASN K 280 -31.89 -50.37 0.72
N LYS K 281 -32.01 -51.19 1.77
CA LYS K 281 -31.58 -50.75 3.09
C LYS K 281 -30.10 -50.40 3.08
N GLY K 282 -29.79 -49.17 3.47
CA GLY K 282 -28.43 -48.67 3.52
C GLY K 282 -28.03 -47.80 2.35
N SER K 283 -28.82 -47.75 1.30
CA SER K 283 -28.51 -46.92 0.15
C SER K 283 -29.17 -45.55 0.29
N TYR K 284 -28.78 -44.64 -0.59
CA TYR K 284 -29.25 -43.27 -0.57
C TYR K 284 -29.87 -42.96 -1.93
N SER K 285 -31.17 -42.66 -1.92
CA SER K 285 -31.91 -42.41 -3.15
C SER K 285 -31.83 -40.94 -3.54
N MET K 286 -31.57 -40.70 -4.81
CA MET K 286 -31.62 -39.34 -5.32
C MET K 286 -32.84 -39.17 -6.22
N VAL K 287 -33.68 -40.20 -6.28
CA VAL K 287 -34.80 -40.25 -7.23
C VAL K 287 -35.76 -39.10 -6.98
N GLU K 288 -35.98 -38.77 -5.71
CA GLU K 288 -36.95 -37.71 -5.39
C GLU K 288 -36.42 -36.36 -5.87
N TRP K 289 -35.12 -36.12 -5.71
CA TRP K 289 -34.49 -34.93 -6.28
C TRP K 289 -34.68 -34.88 -7.79
N GLN K 290 -34.42 -36.00 -8.46
CA GLN K 290 -34.62 -36.09 -9.91
C GLN K 290 -36.06 -35.77 -10.30
N GLU K 291 -37.04 -36.35 -9.60
CA GLU K 291 -38.42 -36.15 -10.04
C GLU K 291 -38.90 -34.74 -9.71
N ASP K 292 -38.46 -34.18 -8.58
CA ASP K 292 -38.73 -32.77 -8.33
C ASP K 292 -38.20 -31.90 -9.47
N LEU K 293 -36.97 -32.18 -9.92
CA LEU K 293 -36.36 -31.39 -10.99
C LEU K 293 -37.09 -31.58 -12.31
N ILE K 294 -37.48 -32.82 -12.64
CA ILE K 294 -38.26 -33.06 -13.85
C ILE K 294 -39.52 -32.19 -13.86
N ARG K 295 -40.24 -32.12 -12.73
CA ARG K 295 -41.47 -31.35 -12.72
C ARG K 295 -41.18 -29.85 -12.80
N THR K 296 -40.13 -29.40 -12.13
CA THR K 296 -39.76 -27.98 -12.19
C THR K 296 -39.45 -27.54 -13.62
N LEU K 297 -38.74 -28.36 -14.38
CA LEU K 297 -38.34 -27.94 -15.72
C LEU K 297 -39.46 -28.09 -16.73
N GLU K 298 -40.29 -29.13 -16.57
CA GLU K 298 -41.34 -29.34 -17.56
C GLU K 298 -42.52 -28.40 -17.40
N GLN K 299 -42.71 -27.83 -16.20
CA GLN K 299 -43.84 -26.95 -15.87
C GLN K 299 -45.13 -27.44 -16.54
N PRO K 300 -45.61 -28.63 -16.19
CA PRO K 300 -46.74 -29.21 -16.92
C PRO K 300 -47.99 -28.34 -16.83
N GLN K 301 -48.68 -28.24 -17.95
CA GLN K 301 -49.98 -27.58 -18.04
C GLN K 301 -50.99 -28.68 -18.38
N LEU K 302 -51.66 -29.17 -17.36
CA LEU K 302 -52.61 -30.26 -17.56
C LEU K 302 -53.77 -29.81 -18.44
N ILE K 303 -54.18 -30.68 -19.34
CA ILE K 303 -55.36 -30.50 -20.15
C ILE K 303 -56.47 -31.40 -19.61
N SER K 304 -57.64 -30.82 -19.33
CA SER K 304 -58.76 -31.60 -18.83
C SER K 304 -59.95 -31.44 -19.75
N TYR K 305 -60.72 -32.52 -19.88
CA TYR K 305 -61.74 -32.62 -20.91
C TYR K 305 -63.08 -32.84 -20.24
N GLU K 306 -64.11 -32.22 -20.79
CA GLU K 306 -65.48 -32.48 -20.35
C GLU K 306 -66.14 -33.41 -21.35
N ASN K 307 -67.06 -34.24 -20.85
CA ASN K 307 -67.84 -35.15 -21.69
C ASN K 307 -66.98 -36.23 -22.34
N LEU K 308 -66.02 -36.78 -21.60
CA LEU K 308 -65.23 -37.90 -22.09
C LEU K 308 -66.11 -39.11 -22.41
N GLY K 309 -65.87 -39.72 -23.57
CA GLY K 309 -66.64 -40.86 -24.00
C GLY K 309 -67.98 -40.55 -24.60
N GLU K 310 -68.42 -39.29 -24.54
CA GLU K 310 -69.68 -38.90 -25.14
C GLU K 310 -69.51 -38.74 -26.65
N SER K 311 -70.61 -38.98 -27.36
CA SER K 311 -70.57 -39.29 -28.78
C SER K 311 -71.89 -38.89 -29.42
N ALA K 312 -71.82 -38.17 -30.55
CA ALA K 312 -73.03 -37.89 -31.31
C ALA K 312 -73.48 -39.13 -32.05
N ALA K 313 -74.78 -39.45 -31.95
CA ALA K 313 -75.31 -40.62 -32.63
C ALA K 313 -75.16 -40.46 -34.15
N ILE K 314 -75.03 -41.59 -34.83
CA ILE K 314 -74.78 -41.54 -36.27
C ILE K 314 -76.07 -41.16 -36.99
N SER K 315 -75.99 -40.12 -37.82
CA SER K 315 -77.15 -39.58 -38.53
C SER K 315 -77.20 -39.96 -40.00
N SER K 316 -76.18 -40.66 -40.50
CA SER K 316 -76.05 -40.89 -41.94
C SER K 316 -77.16 -41.82 -42.43
N GLU K 317 -77.61 -41.58 -43.66
CA GLU K 317 -78.61 -42.44 -44.27
C GLU K 317 -78.06 -43.85 -44.41
N LYS K 318 -78.90 -44.84 -44.09
CA LYS K 318 -78.47 -46.23 -44.17
C LYS K 318 -78.28 -46.64 -45.62
N VAL K 319 -77.21 -47.39 -45.86
CA VAL K 319 -76.90 -47.93 -47.18
C VAL K 319 -77.15 -49.43 -47.14
N SER K 320 -77.74 -49.95 -48.21
CA SER K 320 -78.01 -51.39 -48.30
C SER K 320 -76.77 -52.04 -48.92
N ALA K 321 -75.96 -52.70 -48.08
CA ALA K 321 -74.70 -53.29 -48.54
C ALA K 321 -74.25 -54.32 -47.52
N ASP K 322 -73.36 -55.21 -47.96
CA ASP K 322 -72.80 -56.23 -47.07
C ASP K 322 -71.27 -56.19 -47.01
N LYS K 323 -70.63 -55.18 -47.60
CA LYS K 323 -69.20 -54.91 -47.48
C LYS K 323 -69.02 -53.56 -46.80
N VAL K 324 -68.12 -53.48 -45.81
CA VAL K 324 -67.82 -52.23 -45.13
C VAL K 324 -66.30 -52.00 -45.10
N SER K 325 -65.88 -50.77 -45.37
CA SER K 325 -64.47 -50.42 -45.32
C SER K 325 -64.15 -49.77 -43.98
N ILE K 326 -63.08 -50.24 -43.33
CA ILE K 326 -62.49 -49.50 -42.22
C ILE K 326 -61.48 -48.53 -42.84
N VAL K 327 -61.76 -47.23 -42.73
CA VAL K 327 -61.15 -46.22 -43.59
C VAL K 327 -59.68 -45.99 -43.28
N LYS K 328 -58.89 -45.77 -44.33
CA LYS K 328 -57.49 -45.34 -44.19
C LYS K 328 -57.38 -44.12 -43.27
N ASP K 329 -56.35 -44.15 -42.41
CA ASP K 329 -56.05 -43.12 -41.43
C ASP K 329 -57.06 -43.01 -40.29
N SER K 330 -57.87 -44.05 -40.04
CA SER K 330 -58.81 -44.03 -38.93
C SER K 330 -58.14 -43.91 -37.56
N TRP K 331 -56.86 -44.28 -37.44
CA TRP K 331 -56.18 -44.14 -36.16
C TRP K 331 -55.93 -42.67 -35.82
N ASN K 332 -56.22 -41.75 -36.73
CA ASN K 332 -56.22 -40.33 -36.45
C ASN K 332 -57.65 -39.86 -36.16
N PRO K 333 -57.93 -39.29 -34.98
CA PRO K 333 -59.29 -38.85 -34.67
C PRO K 333 -59.85 -37.84 -35.65
N GLU K 334 -59.01 -37.11 -36.39
CA GLU K 334 -59.48 -36.09 -37.33
C GLU K 334 -60.28 -36.66 -38.49
N ILE K 335 -60.28 -37.98 -38.69
CA ILE K 335 -61.09 -38.63 -39.71
C ILE K 335 -62.47 -38.88 -39.06
N THR K 336 -63.48 -38.16 -39.54
CA THR K 336 -64.75 -38.11 -38.81
C THR K 336 -65.61 -39.34 -39.03
N GLU K 337 -65.53 -39.98 -40.19
CA GLU K 337 -66.25 -41.23 -40.47
C GLU K 337 -65.21 -42.33 -40.62
N SER K 338 -65.20 -43.26 -39.66
CA SER K 338 -64.15 -44.28 -39.58
C SER K 338 -64.51 -45.57 -40.30
N TYR K 339 -65.79 -45.81 -40.54
CA TYR K 339 -66.26 -46.91 -41.35
C TYR K 339 -67.09 -46.37 -42.51
N ASP K 340 -67.07 -47.10 -43.62
CA ASP K 340 -67.74 -46.66 -44.83
C ASP K 340 -68.28 -47.85 -45.61
N PRO K 341 -69.62 -48.01 -45.71
CA PRO K 341 -70.61 -47.06 -45.18
C PRO K 341 -70.73 -47.12 -43.67
N ILE K 342 -70.89 -45.95 -43.04
CA ILE K 342 -70.92 -45.90 -41.59
C ILE K 342 -72.21 -46.50 -41.02
N ALA K 343 -73.28 -46.57 -41.82
CA ALA K 343 -74.56 -47.13 -41.39
C ALA K 343 -75.10 -47.98 -42.53
N ILE K 344 -75.15 -49.29 -42.32
CA ILE K 344 -75.58 -50.21 -43.36
C ILE K 344 -76.89 -50.86 -42.95
N GLN K 345 -77.62 -51.36 -43.95
CA GLN K 345 -78.87 -52.08 -43.76
C GLN K 345 -78.77 -53.41 -44.49
N VAL K 346 -79.12 -54.50 -43.79
CA VAL K 346 -79.06 -55.84 -44.35
C VAL K 346 -80.26 -56.64 -43.89
N ASP K 347 -80.62 -57.64 -44.68
CA ASP K 347 -81.64 -58.59 -44.24
C ASP K 347 -81.04 -59.59 -43.25
N SER K 348 -81.91 -60.10 -42.39
CA SER K 348 -81.58 -61.24 -41.55
C SER K 348 -81.03 -62.39 -42.40
N GLY K 349 -79.91 -62.96 -41.96
CA GLY K 349 -79.23 -64.02 -42.68
C GLY K 349 -78.04 -63.56 -43.50
N THR K 350 -77.74 -62.27 -43.53
CA THR K 350 -76.73 -61.70 -44.39
C THR K 350 -75.37 -61.70 -43.71
N THR K 351 -74.34 -62.16 -44.41
CA THR K 351 -72.96 -62.04 -43.94
C THR K 351 -72.39 -60.70 -44.40
N VAL K 352 -71.92 -59.89 -43.45
CA VAL K 352 -71.28 -58.62 -43.77
C VAL K 352 -69.77 -58.77 -43.56
N THR K 353 -68.98 -58.23 -44.50
CA THR K 353 -67.52 -58.35 -44.49
C THR K 353 -66.90 -56.97 -44.35
N TRP K 354 -66.11 -56.77 -43.29
CA TRP K 354 -65.32 -55.57 -43.11
C TRP K 354 -63.92 -55.79 -43.68
N THR K 355 -63.37 -54.77 -44.32
CA THR K 355 -61.99 -54.81 -44.81
C THR K 355 -61.23 -53.69 -44.14
N ASN K 356 -60.12 -54.02 -43.46
CA ASN K 356 -59.26 -53.01 -42.87
C ASN K 356 -58.40 -52.39 -43.95
N ASP K 357 -58.82 -51.22 -44.44
CA ASP K 357 -58.07 -50.50 -45.46
C ASP K 357 -57.08 -49.50 -44.85
N ASP K 358 -56.89 -49.53 -43.53
CA ASP K 358 -55.90 -48.73 -42.86
C ASP K 358 -54.58 -49.52 -42.77
N SER K 359 -53.54 -48.87 -42.25
CA SER K 359 -52.24 -49.50 -42.04
C SER K 359 -51.99 -49.79 -40.56
N VAL K 360 -53.03 -49.67 -39.73
CA VAL K 360 -53.02 -49.94 -38.30
C VAL K 360 -54.13 -50.94 -38.02
N VAL K 361 -53.93 -51.78 -37.00
CA VAL K 361 -54.97 -52.73 -36.59
C VAL K 361 -56.23 -51.99 -36.07
N HIS K 362 -57.41 -52.60 -36.32
CA HIS K 362 -58.70 -52.10 -35.85
C HIS K 362 -59.58 -53.26 -35.41
N THR K 363 -60.72 -52.93 -34.82
CA THR K 363 -61.72 -53.93 -34.47
C THR K 363 -63.11 -53.47 -34.91
N VAL K 364 -64.03 -54.43 -34.87
CA VAL K 364 -65.46 -54.23 -35.10
C VAL K 364 -66.14 -54.92 -33.93
N THR K 365 -66.71 -54.14 -33.00
CA THR K 365 -67.13 -54.66 -31.72
C THR K 365 -68.48 -54.08 -31.30
N ASP K 366 -69.48 -54.94 -31.21
CA ASP K 366 -70.82 -54.53 -30.80
C ASP K 366 -70.79 -53.92 -29.41
N ASN K 367 -71.44 -52.75 -29.25
CA ASN K 367 -71.59 -52.12 -27.93
C ASN K 367 -72.10 -53.08 -26.88
N GLU K 368 -72.90 -54.06 -27.27
CA GLU K 368 -73.56 -54.97 -26.35
C GLU K 368 -73.02 -56.39 -26.47
N ASN K 369 -71.71 -56.51 -26.73
CA ASN K 369 -70.99 -57.77 -26.93
C ASN K 369 -71.79 -58.83 -27.69
N SER K 370 -72.58 -58.42 -28.68
CA SER K 370 -73.24 -59.43 -29.50
C SER K 370 -72.28 -60.07 -30.50
N PHE K 371 -71.22 -59.35 -30.88
CA PHE K 371 -70.21 -59.85 -31.79
C PHE K 371 -68.93 -59.05 -31.54
N ASP K 372 -67.80 -59.63 -31.89
CA ASP K 372 -66.52 -58.96 -31.67
C ASP K 372 -65.47 -59.59 -32.56
N SER K 373 -64.82 -58.77 -33.38
CA SER K 373 -63.84 -59.26 -34.34
C SER K 373 -62.50 -59.59 -33.70
N GLY K 374 -62.20 -59.02 -32.54
CA GLY K 374 -60.81 -59.03 -32.12
C GLY K 374 -59.99 -58.14 -33.05
N PHE K 375 -58.66 -58.30 -32.98
CA PHE K 375 -57.75 -57.56 -33.85
C PHE K 375 -58.02 -57.91 -35.31
N ILE K 376 -58.30 -56.90 -36.14
CA ILE K 376 -58.32 -57.07 -37.58
C ILE K 376 -57.02 -56.46 -38.12
N GLN K 377 -56.16 -57.30 -38.69
CA GLN K 377 -54.90 -56.79 -39.21
C GLN K 377 -55.10 -55.91 -40.44
N ALA K 378 -54.24 -54.90 -40.56
CA ALA K 378 -54.17 -54.06 -41.75
C ALA K 378 -54.25 -54.88 -43.03
N GLY K 379 -55.19 -54.52 -43.89
CA GLY K 379 -55.38 -55.23 -45.14
C GLY K 379 -56.24 -56.46 -45.07
N ASN K 380 -56.60 -56.93 -43.88
CA ASN K 380 -57.32 -58.18 -43.73
C ASN K 380 -58.83 -57.92 -43.63
N THR K 381 -59.60 -59.01 -43.72
CA THR K 381 -61.05 -58.94 -43.62
C THR K 381 -61.53 -59.67 -42.38
N TRP K 382 -62.75 -59.33 -41.96
CA TRP K 382 -63.46 -60.05 -40.93
C TRP K 382 -64.94 -60.05 -41.28
N SER K 383 -65.58 -61.22 -41.15
CA SER K 383 -66.97 -61.41 -41.57
C SER K 383 -67.81 -61.95 -40.43
N TYR K 384 -69.12 -61.69 -40.52
CA TYR K 384 -70.06 -62.10 -39.48
C TYR K 384 -71.45 -62.22 -40.09
N SER K 385 -72.18 -63.26 -39.69
CA SER K 385 -73.52 -63.51 -40.20
C SER K 385 -74.55 -62.96 -39.22
N PHE K 386 -75.37 -62.02 -39.70
CA PHE K 386 -76.34 -61.32 -38.87
C PHE K 386 -77.70 -62.00 -39.00
N ASP K 387 -78.00 -62.87 -38.04
CA ASP K 387 -79.20 -63.70 -38.07
C ASP K 387 -80.34 -63.13 -37.23
N ASN K 388 -80.10 -62.11 -36.43
CA ASN K 388 -81.08 -61.62 -35.47
C ASN K 388 -81.49 -60.19 -35.79
N PRO K 389 -82.77 -59.92 -36.00
CA PRO K 389 -83.21 -58.57 -36.36
C PRO K 389 -82.89 -57.56 -35.27
N GLY K 390 -82.68 -56.31 -35.69
CA GLY K 390 -82.50 -55.23 -34.75
C GLY K 390 -81.37 -54.32 -35.21
N GLU K 391 -81.02 -53.38 -34.34
CA GLU K 391 -80.01 -52.38 -34.66
C GLU K 391 -78.84 -52.57 -33.73
N PHE K 392 -77.65 -52.73 -34.29
CA PHE K 392 -76.44 -52.96 -33.51
C PHE K 392 -75.48 -51.80 -33.73
N ASP K 393 -75.10 -51.13 -32.65
CA ASP K 393 -74.13 -50.05 -32.71
C ASP K 393 -72.78 -50.61 -32.35
N TYR K 394 -71.79 -50.40 -33.21
CA TYR K 394 -70.48 -51.00 -32.97
C TYR K 394 -69.40 -49.92 -32.93
N ILE K 395 -68.23 -50.32 -32.42
CA ILE K 395 -67.13 -49.42 -32.14
C ILE K 395 -65.83 -50.16 -32.46
N CYS K 396 -64.74 -49.41 -32.50
CA CYS K 396 -63.40 -50.00 -32.41
C CYS K 396 -62.94 -49.89 -30.96
N THR K 397 -62.57 -51.03 -30.36
CA THR K 397 -62.11 -50.98 -28.98
C THR K 397 -60.71 -50.39 -28.86
N LEU K 398 -59.98 -50.24 -29.96
CA LEU K 398 -58.64 -49.63 -29.91
C LEU K 398 -58.68 -48.12 -30.05
N HIS K 399 -59.67 -47.59 -30.79
CA HIS K 399 -59.77 -46.17 -31.08
C HIS K 399 -61.22 -45.74 -30.81
N PRO K 400 -61.45 -45.08 -29.69
CA PRO K 400 -62.83 -44.91 -29.18
C PRO K 400 -63.71 -43.98 -30.03
N TRP K 401 -63.13 -43.14 -30.89
CA TRP K 401 -63.93 -42.30 -31.79
C TRP K 401 -64.49 -43.08 -32.97
N MET K 402 -64.13 -44.34 -33.11
CA MET K 402 -64.47 -45.08 -34.32
C MET K 402 -65.80 -45.78 -34.07
N LYS K 403 -66.84 -45.45 -34.82
CA LYS K 403 -68.13 -46.06 -34.56
C LYS K 403 -68.94 -46.25 -35.84
N GLY K 404 -69.80 -47.27 -35.85
CA GLY K 404 -70.69 -47.55 -36.97
C GLY K 404 -71.99 -48.16 -36.46
N THR K 405 -72.91 -48.43 -37.39
CA THR K 405 -74.17 -49.09 -37.05
C THR K 405 -74.54 -50.05 -38.17
N ILE K 406 -75.23 -51.12 -37.79
CA ILE K 406 -75.80 -52.05 -38.75
C ILE K 406 -77.22 -52.36 -38.29
N SER K 407 -78.17 -52.24 -39.22
CA SER K 407 -79.58 -52.55 -38.98
C SER K 407 -79.93 -53.82 -39.73
N VAL K 408 -80.50 -54.79 -39.03
CA VAL K 408 -80.79 -56.10 -39.59
C VAL K 408 -82.30 -56.27 -39.63
N ASN K 409 -82.82 -56.52 -40.83
CA ASN K 409 -84.26 -56.68 -41.04
C ASN K 409 -84.56 -58.13 -41.37
N ASP L 1 -20.71 -73.84 -15.46
CA ASP L 1 -21.96 -74.45 -15.01
C ASP L 1 -22.31 -75.71 -15.81
N SER L 2 -22.54 -76.79 -15.08
CA SER L 2 -22.93 -78.03 -15.73
C SER L 2 -24.41 -78.02 -16.10
N SER L 3 -25.27 -77.65 -15.16
CA SER L 3 -26.70 -77.81 -15.37
C SER L 3 -27.20 -76.98 -16.54
N ASP L 4 -26.31 -76.24 -17.23
CA ASP L 4 -26.85 -75.42 -18.30
C ASP L 4 -26.03 -75.30 -19.57
N THR L 5 -24.79 -75.79 -19.66
CA THR L 5 -24.09 -75.71 -20.94
C THR L 5 -24.06 -77.07 -21.64
N PHE L 6 -23.81 -77.03 -22.94
CA PHE L 6 -23.76 -78.23 -23.78
C PHE L 6 -22.42 -78.22 -24.50
N PRO L 7 -21.36 -78.77 -23.90
CA PRO L 7 -20.06 -78.78 -24.56
C PRO L 7 -20.05 -79.61 -25.82
N LYS L 8 -19.06 -79.33 -26.68
CA LYS L 8 -18.79 -80.15 -27.86
C LYS L 8 -18.61 -81.61 -27.47
N PHE L 9 -19.14 -82.51 -28.30
CA PHE L 9 -19.22 -83.93 -27.97
C PHE L 9 -19.37 -84.71 -29.27
N LYS L 10 -18.62 -85.81 -29.39
CA LYS L 10 -18.72 -86.67 -30.57
C LYS L 10 -20.03 -87.45 -30.52
N ASN L 11 -20.82 -87.32 -31.57
CA ASN L 11 -22.07 -88.06 -31.66
C ASN L 11 -21.77 -89.54 -31.83
N PRO L 12 -22.17 -90.40 -30.90
CA PRO L 12 -21.93 -91.84 -31.09
C PRO L 12 -22.79 -92.46 -32.17
N ASN L 13 -23.89 -91.82 -32.58
CA ASN L 13 -24.76 -92.34 -33.63
C ASN L 13 -25.03 -91.28 -34.69
N PRO L 14 -24.04 -90.99 -35.55
CA PRO L 14 -24.24 -89.95 -36.57
C PRO L 14 -25.17 -90.42 -37.68
N GLN L 15 -25.98 -89.50 -38.17
CA GLN L 15 -26.84 -89.75 -39.31
C GLN L 15 -26.25 -89.11 -40.57
N THR L 16 -26.68 -89.61 -41.74
CA THR L 16 -26.22 -89.13 -43.04
C THR L 16 -27.42 -88.59 -43.78
N LEU L 17 -27.43 -87.28 -44.05
CA LEU L 17 -28.60 -86.59 -44.55
C LEU L 17 -28.31 -85.84 -45.83
N SER L 18 -29.33 -85.78 -46.70
CA SER L 18 -29.24 -85.11 -47.98
C SER L 18 -30.47 -84.25 -48.17
N TYR L 19 -30.26 -83.00 -48.55
CA TYR L 19 -31.33 -82.08 -48.89
C TYR L 19 -31.10 -81.53 -50.29
N THR L 20 -32.16 -80.95 -50.86
CA THR L 20 -32.09 -80.26 -52.14
C THR L 20 -32.80 -78.92 -51.98
N LEU L 21 -32.08 -77.83 -52.25
CA LEU L 21 -32.65 -76.49 -52.22
C LEU L 21 -32.54 -75.89 -53.61
N ILE L 22 -33.64 -75.35 -54.10
CA ILE L 22 -33.69 -74.77 -55.44
C ILE L 22 -33.92 -73.27 -55.30
N ALA L 23 -33.01 -72.48 -55.87
CA ALA L 23 -33.23 -71.05 -55.95
C ALA L 23 -34.35 -70.77 -56.95
N GLN L 24 -35.42 -70.15 -56.46
CA GLN L 24 -36.64 -69.99 -57.26
C GLN L 24 -37.17 -68.58 -57.12
N ASP L 25 -37.51 -67.95 -58.24
CA ASP L 25 -38.24 -66.69 -58.20
C ASP L 25 -39.72 -66.99 -58.07
N ALA L 26 -40.41 -66.20 -57.23
CA ALA L 26 -41.82 -66.46 -56.98
C ALA L 26 -42.52 -65.16 -56.67
N GLU L 27 -43.84 -65.21 -56.76
CA GLU L 27 -44.73 -64.15 -56.31
C GLU L 27 -45.49 -64.68 -55.09
N ILE L 28 -45.30 -64.06 -53.94
CA ILE L 28 -45.96 -64.50 -52.72
C ILE L 28 -46.71 -63.35 -52.09
N GLU L 29 -47.62 -63.71 -51.19
CA GLU L 29 -48.24 -62.77 -50.27
C GLU L 29 -47.37 -62.60 -49.03
N VAL L 30 -47.08 -61.35 -48.68
CA VAL L 30 -46.24 -61.03 -47.54
C VAL L 30 -47.03 -60.36 -46.43
N SER L 31 -48.30 -60.08 -46.67
CA SER L 31 -49.19 -59.30 -45.82
C SER L 31 -50.58 -59.45 -46.42
N PRO L 32 -51.67 -59.32 -45.63
CA PRO L 32 -53.01 -59.42 -46.21
C PRO L 32 -53.19 -58.48 -47.39
N GLY L 33 -53.45 -59.02 -48.58
CA GLY L 33 -53.70 -58.19 -49.74
C GLY L 33 -52.47 -57.62 -50.42
N VAL L 34 -51.28 -58.06 -50.07
CA VAL L 34 -50.03 -57.53 -50.63
C VAL L 34 -49.24 -58.67 -51.26
N ARG L 35 -49.19 -58.70 -52.58
CA ARG L 35 -48.41 -59.67 -53.34
C ARG L 35 -47.11 -59.01 -53.78
N ALA L 36 -46.01 -59.77 -53.75
CA ALA L 36 -44.69 -59.22 -54.07
C ALA L 36 -43.82 -60.30 -54.68
N LYS L 37 -42.87 -59.88 -55.53
CA LYS L 37 -41.89 -60.81 -56.07
C LYS L 37 -40.76 -61.00 -55.07
N VAL L 38 -40.35 -62.26 -54.91
CA VAL L 38 -39.29 -62.61 -53.98
C VAL L 38 -38.32 -63.54 -54.69
N TRP L 39 -37.10 -63.61 -54.15
CA TRP L 39 -36.14 -64.67 -54.47
C TRP L 39 -36.11 -65.65 -53.30
N THR L 40 -36.22 -66.94 -53.58
CA THR L 40 -36.44 -67.94 -52.54
C THR L 40 -35.55 -69.16 -52.76
N TYR L 41 -35.44 -69.95 -51.69
CA TYR L 41 -35.15 -71.37 -51.80
C TYR L 41 -36.46 -72.14 -51.62
N ASN L 42 -36.87 -72.89 -52.64
CA ASN L 42 -37.99 -73.84 -52.59
C ASN L 42 -39.36 -73.17 -52.43
N GLY L 43 -39.45 -71.86 -52.66
CA GLY L 43 -40.73 -71.22 -52.90
C GLY L 43 -41.31 -70.38 -51.79
N THR L 44 -40.76 -70.42 -50.58
CA THR L 44 -41.30 -69.59 -49.51
C THR L 44 -40.22 -68.68 -48.93
N VAL L 45 -40.67 -67.72 -48.13
CA VAL L 45 -39.80 -66.89 -47.32
C VAL L 45 -40.35 -66.98 -45.90
N PRO L 46 -39.55 -67.40 -44.91
CA PRO L 46 -38.17 -67.90 -44.98
C PRO L 46 -38.08 -69.23 -45.70
N ALA L 47 -36.84 -69.59 -46.04
CA ALA L 47 -36.51 -70.85 -46.69
C ALA L 47 -36.78 -72.02 -45.73
N PRO L 48 -36.70 -73.27 -46.20
CA PRO L 48 -36.99 -74.39 -45.31
C PRO L 48 -36.06 -74.42 -44.10
N THR L 49 -36.62 -74.73 -42.94
CA THR L 49 -35.81 -74.87 -41.74
C THR L 49 -35.09 -76.21 -41.79
N LEU L 50 -33.76 -76.17 -41.76
CA LEU L 50 -32.96 -77.39 -41.73
C LEU L 50 -32.68 -77.75 -40.28
N ARG L 51 -32.81 -79.04 -39.95
CA ARG L 51 -32.59 -79.51 -38.59
C ARG L 51 -31.92 -80.87 -38.58
N PHE L 52 -30.88 -81.00 -37.76
CA PHE L 52 -30.12 -82.25 -37.61
C PHE L 52 -29.32 -82.16 -36.32
N SER L 53 -28.46 -83.13 -36.08
CA SER L 53 -27.74 -83.22 -34.83
C SER L 53 -26.27 -82.94 -35.07
N GLU L 54 -25.63 -82.39 -34.04
CA GLU L 54 -24.19 -82.24 -34.00
C GLU L 54 -23.54 -83.56 -34.41
N GLY L 55 -22.54 -83.47 -35.29
CA GLY L 55 -21.87 -84.65 -35.79
C GLY L 55 -22.47 -85.28 -37.03
N ASP L 56 -23.69 -84.91 -37.40
CA ASP L 56 -24.31 -85.49 -38.59
C ASP L 56 -23.54 -85.11 -39.84
N ASP L 57 -23.66 -85.96 -40.87
CA ASP L 57 -23.06 -85.71 -42.18
C ASP L 57 -24.13 -85.12 -43.10
N VAL L 58 -23.93 -83.87 -43.55
CA VAL L 58 -24.99 -83.11 -44.21
C VAL L 58 -24.57 -82.77 -45.64
N THR L 59 -25.46 -83.10 -46.59
CA THR L 59 -25.30 -82.76 -47.98
C THR L 59 -26.47 -81.88 -48.40
N VAL L 60 -26.18 -80.74 -49.03
CA VAL L 60 -27.21 -79.86 -49.60
C VAL L 60 -26.92 -79.71 -51.09
N LYS L 61 -27.74 -80.34 -51.92
CA LYS L 61 -27.66 -80.12 -53.36
C LYS L 61 -28.39 -78.82 -53.69
N PHE L 62 -27.67 -77.86 -54.27
CA PHE L 62 -28.21 -76.53 -54.54
C PHE L 62 -28.36 -76.35 -56.04
N VAL L 63 -29.59 -76.07 -56.49
CA VAL L 63 -29.93 -75.90 -57.90
C VAL L 63 -30.41 -74.48 -58.10
N ASN L 64 -29.90 -73.82 -59.16
CA ASN L 64 -30.22 -72.42 -59.44
C ASN L 64 -31.16 -72.36 -60.63
N ASP L 65 -32.45 -72.13 -60.37
CA ASP L 65 -33.47 -72.01 -61.41
C ASP L 65 -33.93 -70.56 -61.60
N THR L 66 -33.02 -69.62 -61.45
CA THR L 66 -33.28 -68.20 -61.69
C THR L 66 -32.26 -67.67 -62.69
N PRO L 67 -32.50 -66.50 -63.28
CA PRO L 67 -31.50 -65.88 -64.16
C PRO L 67 -30.40 -65.12 -63.43
N TYR L 68 -30.31 -65.23 -62.11
CA TYR L 68 -29.28 -64.54 -61.35
C TYR L 68 -28.34 -65.56 -60.74
N ALA L 69 -27.14 -65.10 -60.41
CA ALA L 69 -26.19 -65.94 -59.68
C ALA L 69 -26.53 -65.95 -58.20
N HIS L 70 -26.37 -67.10 -57.57
CA HIS L 70 -26.73 -67.30 -56.16
C HIS L 70 -25.72 -68.24 -55.53
N THR L 71 -25.71 -68.24 -54.20
CA THR L 71 -25.01 -69.26 -53.42
C THR L 71 -25.88 -69.63 -52.23
N ILE L 72 -25.35 -70.53 -51.40
CA ILE L 72 -25.80 -70.72 -50.02
C ILE L 72 -24.60 -70.57 -49.11
N HIS L 73 -24.67 -69.61 -48.19
CA HIS L 73 -23.70 -69.49 -47.11
C HIS L 73 -24.34 -69.95 -45.82
N PHE L 74 -23.76 -70.96 -45.20
CA PHE L 74 -24.18 -71.43 -43.88
C PHE L 74 -23.34 -70.72 -42.81
N HIS L 75 -23.98 -70.35 -41.71
CA HIS L 75 -23.19 -70.04 -40.53
C HIS L 75 -22.70 -71.33 -39.89
N GLY L 76 -21.65 -71.22 -39.08
CA GLY L 76 -21.02 -72.39 -38.49
C GLY L 76 -19.68 -72.72 -39.14
N THR L 77 -19.04 -73.77 -38.61
CA THR L 77 -17.70 -74.13 -39.03
C THR L 77 -17.73 -75.01 -40.29
N HIS L 78 -16.90 -74.66 -41.28
CA HIS L 78 -16.71 -75.46 -42.48
C HIS L 78 -15.54 -74.86 -43.26
N ASP L 79 -15.20 -75.49 -44.38
CA ASP L 79 -14.06 -75.04 -45.16
C ASP L 79 -14.52 -74.12 -46.30
N SER L 80 -13.57 -73.55 -47.03
CA SER L 80 -13.89 -72.51 -47.99
C SER L 80 -14.73 -73.03 -49.15
N ALA L 81 -14.51 -74.28 -49.58
CA ALA L 81 -15.33 -74.86 -50.64
C ALA L 81 -16.79 -74.97 -50.24
N ASN L 82 -17.08 -74.92 -48.95
CA ASN L 82 -18.45 -75.06 -48.47
C ASN L 82 -18.90 -73.80 -47.73
N ASP L 83 -18.28 -72.65 -48.04
CA ASP L 83 -18.58 -71.39 -47.39
C ASP L 83 -19.54 -70.49 -48.17
N GLY L 84 -19.86 -70.81 -49.42
CA GLY L 84 -20.87 -70.05 -50.11
C GLY L 84 -20.47 -68.68 -50.60
N VAL L 85 -19.17 -68.40 -50.71
CA VAL L 85 -18.69 -67.16 -51.35
C VAL L 85 -18.16 -67.45 -52.75
N PHE L 86 -17.29 -68.45 -52.85
CA PHE L 86 -16.76 -68.92 -54.11
C PHE L 86 -17.00 -70.43 -54.16
N PRO L 87 -17.50 -70.97 -55.27
CA PRO L 87 -17.89 -70.27 -56.48
C PRO L 87 -19.33 -69.74 -56.47
N MET L 88 -19.63 -68.84 -57.40
CA MET L 88 -21.00 -68.40 -57.64
C MET L 88 -21.70 -69.45 -58.50
N ILE L 89 -22.91 -69.85 -58.11
CA ILE L 89 -23.66 -70.84 -58.87
C ILE L 89 -24.52 -70.11 -59.90
N MET L 90 -24.27 -70.39 -61.17
CA MET L 90 -24.86 -69.71 -62.31
C MET L 90 -26.22 -70.30 -62.67
N PRO L 91 -27.06 -69.53 -63.38
CA PRO L 91 -28.36 -70.03 -63.82
C PRO L 91 -28.26 -71.40 -64.47
N GLY L 92 -29.11 -72.31 -64.01
CA GLY L 92 -29.11 -73.66 -64.53
C GLY L 92 -28.09 -74.60 -63.94
N GLU L 93 -27.15 -74.10 -63.14
CA GLU L 93 -26.12 -74.96 -62.58
C GLU L 93 -26.53 -75.53 -61.22
N GLU L 94 -25.82 -76.56 -60.81
CA GLU L 94 -25.98 -77.23 -59.52
C GLU L 94 -24.66 -77.16 -58.77
N TYR L 95 -24.73 -77.21 -57.45
CA TYR L 95 -23.53 -77.28 -56.61
C TYR L 95 -23.90 -77.99 -55.32
N THR L 96 -23.08 -78.95 -54.93
CA THR L 96 -23.34 -79.75 -53.74
C THR L 96 -22.49 -79.24 -52.58
N TYR L 97 -23.15 -78.71 -51.56
CA TYR L 97 -22.48 -78.45 -50.29
C TYR L 97 -22.48 -79.71 -49.46
N HIS L 98 -21.39 -79.93 -48.73
CA HIS L 98 -21.25 -81.10 -47.89
C HIS L 98 -20.42 -80.70 -46.68
N PHE L 99 -20.90 -81.04 -45.49
CA PHE L 99 -20.11 -80.78 -44.29
C PHE L 99 -20.58 -81.69 -43.17
N VAL L 100 -19.69 -81.92 -42.23
CA VAL L 100 -20.03 -82.60 -40.98
C VAL L 100 -20.36 -81.53 -39.96
N ALA L 101 -21.49 -81.69 -39.25
CA ALA L 101 -21.95 -80.65 -38.33
C ALA L 101 -20.95 -80.58 -37.17
N GLU L 102 -20.09 -79.56 -37.23
CA GLU L 102 -18.99 -79.43 -36.27
C GLU L 102 -19.45 -79.03 -34.88
N GLU L 103 -20.51 -78.22 -34.77
CA GLU L 103 -20.97 -77.82 -33.46
C GLU L 103 -22.49 -77.70 -33.47
N ALA L 104 -23.09 -77.85 -32.30
CA ALA L 104 -24.52 -77.60 -32.14
C ALA L 104 -24.79 -76.11 -32.01
N GLY L 105 -26.08 -75.75 -32.03
CA GLY L 105 -26.50 -74.38 -31.86
C GLY L 105 -27.55 -73.99 -32.89
N LEU L 106 -27.93 -72.72 -32.84
CA LEU L 106 -28.88 -72.18 -33.81
C LEU L 106 -28.15 -71.31 -34.81
N PHE L 107 -28.23 -71.69 -36.07
CA PHE L 107 -27.54 -70.99 -37.13
C PHE L 107 -28.55 -70.59 -38.18
N MET L 108 -28.05 -69.99 -39.25
CA MET L 108 -28.87 -69.55 -40.38
C MET L 108 -28.11 -69.83 -41.67
N TYR L 109 -28.82 -69.71 -42.77
CA TYR L 109 -28.19 -69.77 -44.07
C TYR L 109 -28.86 -68.74 -44.97
N HIS L 110 -28.07 -68.15 -45.88
CA HIS L 110 -28.62 -67.17 -46.79
C HIS L 110 -27.72 -67.08 -48.01
N CYS L 111 -28.23 -66.47 -49.07
CA CYS L 111 -27.42 -66.26 -50.25
C CYS L 111 -26.29 -65.29 -49.92
N HIS L 112 -25.15 -65.47 -50.58
CA HIS L 112 -24.03 -64.55 -50.38
C HIS L 112 -23.54 -63.97 -51.69
N ALA L 113 -24.39 -63.96 -52.72
CA ALA L 113 -24.09 -63.29 -53.98
C ALA L 113 -24.15 -61.78 -53.80
N PHE L 114 -23.51 -61.07 -54.72
CA PHE L 114 -23.44 -59.62 -54.57
C PHE L 114 -24.61 -58.95 -55.29
N PRO L 115 -25.27 -57.94 -54.68
CA PRO L 115 -25.07 -57.42 -53.32
C PRO L 115 -25.81 -58.28 -52.31
N THR L 116 -25.11 -58.76 -51.27
CA THR L 116 -25.70 -59.73 -50.37
C THR L 116 -26.94 -59.20 -49.69
N SER L 117 -26.94 -57.91 -49.33
CA SER L 117 -28.10 -57.35 -48.63
C SER L 117 -29.34 -57.38 -49.50
N GLU L 118 -29.17 -57.26 -50.82
CA GLU L 118 -30.29 -57.31 -51.74
C GLU L 118 -30.87 -58.72 -51.82
N HIS L 119 -30.01 -59.74 -51.92
CA HIS L 119 -30.50 -61.11 -52.00
C HIS L 119 -31.22 -61.51 -50.71
N VAL L 120 -30.69 -61.10 -49.56
CA VAL L 120 -31.37 -61.34 -48.29
C VAL L 120 -32.71 -60.60 -48.27
N ARG L 121 -32.71 -59.32 -48.65
CA ARG L 121 -33.94 -58.55 -48.67
C ARG L 121 -34.98 -59.17 -49.59
N MET L 122 -34.56 -59.80 -50.68
CA MET L 122 -35.53 -60.42 -51.58
C MET L 122 -36.06 -61.75 -51.06
N GLY L 123 -35.50 -62.30 -49.99
CA GLY L 123 -36.08 -63.48 -49.37
C GLY L 123 -35.19 -64.72 -49.26
N MET L 124 -33.90 -64.64 -49.63
CA MET L 124 -33.07 -65.85 -49.66
C MET L 124 -32.36 -66.06 -48.33
N PHE L 125 -33.13 -66.51 -47.34
CA PHE L 125 -32.58 -66.81 -46.02
C PHE L 125 -33.43 -67.89 -45.36
N GLY L 126 -32.80 -68.66 -44.49
CA GLY L 126 -33.46 -69.74 -43.79
C GLY L 126 -32.78 -70.04 -42.47
N THR L 127 -33.41 -70.92 -41.70
CA THR L 127 -32.98 -71.29 -40.36
C THR L 127 -32.33 -72.66 -40.39
N MET L 128 -31.33 -72.85 -39.53
CA MET L 128 -30.65 -74.16 -39.45
C MET L 128 -30.42 -74.49 -37.98
N ILE L 129 -31.14 -75.50 -37.49
CA ILE L 129 -31.12 -75.91 -36.08
C ILE L 129 -30.26 -77.15 -35.96
N ILE L 130 -29.23 -77.11 -35.11
CA ILE L 130 -28.31 -78.24 -34.90
C ILE L 130 -28.38 -78.63 -33.44
N ASP L 131 -29.02 -79.78 -33.16
CA ASP L 131 -29.26 -80.20 -31.79
C ASP L 131 -28.00 -80.83 -31.18
N PRO L 132 -27.79 -80.66 -29.88
CA PRO L 132 -26.54 -81.07 -29.26
C PRO L 132 -26.44 -82.57 -29.13
N ALA L 133 -25.20 -83.08 -29.21
CA ALA L 133 -24.97 -84.51 -29.06
C ALA L 133 -24.77 -84.95 -27.61
N ILE L 134 -24.32 -84.06 -26.73
CA ILE L 134 -24.00 -84.52 -25.38
C ILE L 134 -25.25 -85.00 -24.67
N ARG L 135 -26.39 -84.37 -24.93
CA ARG L 135 -27.65 -84.68 -24.27
C ARG L 135 -28.70 -83.82 -24.94
N PRO L 136 -29.96 -84.23 -24.93
CA PRO L 136 -31.02 -83.37 -25.50
C PRO L 136 -31.16 -82.08 -24.70
N MET L 137 -31.57 -81.02 -25.39
CA MET L 137 -32.09 -79.86 -24.69
C MET L 137 -33.32 -80.29 -23.88
N ASP L 138 -33.62 -79.51 -22.83
CA ASP L 138 -34.71 -79.87 -21.92
C ASP L 138 -36.01 -80.05 -22.70
N PRO L 139 -36.84 -81.01 -22.33
CA PRO L 139 -38.10 -81.23 -23.05
C PRO L 139 -38.93 -79.96 -23.10
N ALA L 140 -39.33 -79.58 -24.31
CA ALA L 140 -39.96 -78.30 -24.54
C ALA L 140 -40.79 -78.36 -25.81
N ARG L 141 -41.72 -77.41 -25.92
CA ARG L 141 -42.42 -77.17 -27.17
C ARG L 141 -41.65 -76.12 -27.97
N GLU L 142 -41.35 -76.43 -29.24
CA GLU L 142 -40.34 -75.69 -30.00
C GLU L 142 -40.95 -74.98 -31.21
N TYR L 143 -40.62 -73.70 -31.35
CA TYR L 143 -40.96 -72.90 -32.52
C TYR L 143 -39.69 -72.18 -32.99
N PHE L 144 -39.64 -71.85 -34.28
CA PHE L 144 -38.59 -71.00 -34.84
C PHE L 144 -39.19 -69.71 -35.35
N PHE L 145 -38.39 -68.62 -35.33
CA PHE L 145 -38.86 -67.32 -35.84
C PHE L 145 -37.71 -66.57 -36.49
N THR L 146 -37.87 -66.23 -37.77
CA THR L 146 -36.95 -65.29 -38.41
C THR L 146 -37.50 -63.88 -38.21
N LEU L 147 -36.59 -62.94 -37.93
CA LEU L 147 -36.90 -61.52 -37.84
C LEU L 147 -36.22 -60.83 -39.01
N SER L 148 -37.02 -60.35 -39.97
CA SER L 148 -36.46 -59.81 -41.20
C SER L 148 -37.02 -58.43 -41.54
N GLU L 149 -36.74 -57.99 -42.76
CA GLU L 149 -36.96 -56.61 -43.23
C GLU L 149 -37.44 -56.77 -44.67
N PHE L 150 -38.65 -56.29 -44.97
CA PHE L 150 -39.18 -56.52 -46.32
C PHE L 150 -39.97 -55.32 -46.82
N ASP L 151 -39.65 -54.88 -48.03
CA ASP L 151 -40.37 -53.79 -48.71
C ASP L 151 -40.81 -54.29 -50.07
N PRO L 152 -42.13 -54.33 -50.36
CA PRO L 152 -42.56 -54.78 -51.69
C PRO L 152 -42.16 -53.86 -52.81
N ASN L 153 -41.93 -52.58 -52.54
CA ASN L 153 -41.74 -51.62 -53.61
C ASN L 153 -40.29 -51.26 -53.86
N ASN L 154 -39.46 -51.16 -52.82
CA ASN L 154 -38.02 -50.91 -53.01
C ASN L 154 -37.27 -51.82 -52.05
N ALA L 155 -36.64 -52.86 -52.60
CA ALA L 155 -35.96 -53.87 -51.80
C ALA L 155 -34.92 -53.27 -50.86
N LEU L 156 -34.26 -52.19 -51.26
CA LEU L 156 -33.17 -51.62 -50.48
C LEU L 156 -33.60 -50.43 -49.63
N GLU L 157 -34.90 -50.25 -49.41
CA GLU L 157 -35.38 -49.17 -48.56
C GLU L 157 -34.76 -49.27 -47.16
N HIS L 158 -34.28 -48.15 -46.62
CA HIS L 158 -33.71 -48.13 -45.28
C HIS L 158 -34.71 -48.63 -44.24
N PHE L 159 -35.86 -47.97 -44.16
CA PHE L 159 -36.97 -48.38 -43.30
C PHE L 159 -38.00 -49.07 -44.19
N THR L 160 -38.16 -50.37 -43.99
CA THR L 160 -39.00 -51.16 -44.88
C THR L 160 -40.46 -51.07 -44.47
N GLU L 161 -41.35 -51.38 -45.41
CA GLU L 161 -42.77 -51.37 -45.12
C GLU L 161 -43.12 -52.35 -44.00
N PHE L 162 -42.49 -53.53 -44.01
CA PHE L 162 -42.80 -54.61 -43.09
C PHE L 162 -41.54 -55.09 -42.37
N TYR L 163 -41.75 -55.65 -41.18
CA TYR L 163 -40.72 -56.36 -40.44
C TYR L 163 -41.30 -57.69 -39.98
N PRO L 164 -41.49 -58.62 -40.90
CA PRO L 164 -42.26 -59.83 -40.57
C PRO L 164 -41.51 -60.77 -39.65
N ILE L 165 -42.29 -61.51 -38.86
CA ILE L 165 -41.83 -62.74 -38.24
C ILE L 165 -42.20 -63.89 -39.17
N ASN L 166 -41.20 -64.64 -39.60
CA ASN L 166 -41.39 -65.74 -40.54
C ASN L 166 -42.04 -65.29 -41.84
N GLY L 167 -41.56 -64.18 -42.37
CA GLY L 167 -41.87 -63.82 -43.76
C GLY L 167 -43.18 -63.08 -43.99
N TYR L 168 -44.27 -63.55 -43.41
CA TYR L 168 -45.61 -62.99 -43.63
C TYR L 168 -45.99 -62.10 -42.45
N ALA L 169 -46.14 -60.80 -42.70
CA ALA L 169 -46.40 -59.83 -41.65
C ALA L 169 -47.67 -60.19 -40.86
N GLY L 170 -47.54 -60.24 -39.53
CA GLY L 170 -48.69 -60.38 -38.65
C GLY L 170 -49.35 -61.74 -38.62
N GLN L 171 -48.71 -62.77 -39.15
CA GLN L 171 -49.38 -64.05 -39.28
C GLN L 171 -49.75 -64.66 -37.93
N TYR L 172 -48.93 -64.46 -36.90
CA TYR L 172 -49.20 -65.07 -35.61
C TYR L 172 -50.14 -64.22 -34.78
N MET L 173 -50.72 -63.21 -35.39
CA MET L 173 -51.76 -62.46 -34.72
C MET L 173 -53.07 -63.20 -34.96
N ASP L 174 -53.29 -63.65 -36.19
CA ASP L 174 -54.47 -64.43 -36.54
C ASP L 174 -54.31 -65.89 -36.13
N ASN L 175 -53.08 -66.40 -36.04
CA ASN L 175 -52.80 -67.79 -35.69
C ASN L 175 -51.85 -67.79 -34.51
N PRO L 176 -52.35 -67.70 -33.29
CA PRO L 176 -51.47 -67.51 -32.13
C PRO L 176 -50.51 -68.69 -31.95
N ILE L 177 -49.36 -68.36 -31.38
CA ILE L 177 -48.36 -69.35 -30.97
C ILE L 177 -48.89 -70.03 -29.71
N ARG L 178 -49.24 -71.30 -29.83
CA ARG L 178 -49.88 -72.00 -28.72
C ARG L 178 -48.82 -72.60 -27.80
N VAL L 179 -48.91 -72.26 -26.51
CA VAL L 179 -48.07 -72.85 -25.47
C VAL L 179 -48.98 -73.43 -24.39
N VAL L 180 -48.39 -74.28 -23.54
CA VAL L 180 -49.13 -75.00 -22.52
C VAL L 180 -48.71 -74.49 -21.15
N SER L 181 -49.70 -74.12 -20.34
CA SER L 181 -49.50 -73.71 -18.96
C SER L 181 -48.53 -74.64 -18.23
N GLY L 182 -47.39 -74.07 -17.81
CA GLY L 182 -46.40 -74.81 -17.06
C GLY L 182 -45.43 -75.65 -17.86
N GLU L 183 -45.56 -75.71 -19.18
CA GLU L 183 -44.67 -76.51 -20.00
C GLU L 183 -43.57 -75.63 -20.58
N LEU L 184 -42.33 -76.12 -20.53
CA LEU L 184 -41.22 -75.37 -21.12
C LEU L 184 -41.47 -75.16 -22.60
N THR L 185 -41.18 -73.94 -23.05
CA THR L 185 -41.26 -73.55 -24.45
C THR L 185 -39.90 -73.01 -24.87
N ARG L 186 -39.49 -73.32 -26.09
CA ARG L 186 -38.19 -72.93 -26.61
C ARG L 186 -38.41 -72.29 -27.97
N PHE L 187 -37.88 -71.08 -28.14
CA PHE L 187 -37.92 -70.34 -29.40
C PHE L 187 -36.52 -70.29 -29.99
N TYR L 188 -36.42 -70.63 -31.27
CA TYR L 188 -35.18 -70.51 -32.02
C TYR L 188 -35.31 -69.27 -32.92
N VAL L 189 -34.73 -68.15 -32.49
CA VAL L 189 -34.97 -66.84 -33.10
C VAL L 189 -33.74 -66.40 -33.91
N VAL L 190 -33.96 -66.09 -35.19
CA VAL L 190 -32.91 -65.73 -36.15
C VAL L 190 -33.08 -64.27 -36.52
N GLY L 191 -32.02 -63.46 -36.33
CA GLY L 191 -32.04 -62.05 -36.69
C GLY L 191 -31.38 -61.86 -38.04
N ILE L 192 -32.16 -61.42 -39.03
CA ILE L 192 -31.72 -61.42 -40.41
C ILE L 192 -32.28 -60.20 -41.16
N GLY L 193 -32.30 -59.04 -40.49
CA GLY L 193 -32.46 -57.77 -41.17
C GLY L 193 -31.12 -57.20 -41.60
N GLY L 194 -31.15 -55.94 -42.04
CA GLY L 194 -29.94 -55.33 -42.57
C GLY L 194 -29.62 -53.94 -42.05
N VAL L 195 -30.59 -53.32 -41.36
CA VAL L 195 -30.44 -51.94 -40.91
C VAL L 195 -30.59 -51.82 -39.39
N LEU L 196 -31.81 -52.05 -38.88
CA LEU L 196 -32.05 -51.96 -37.45
C LEU L 196 -31.75 -53.29 -36.76
N GLN L 197 -31.36 -53.21 -35.49
CA GLN L 197 -31.23 -54.42 -34.67
C GLN L 197 -32.59 -54.77 -34.09
N SER L 198 -32.70 -55.95 -33.47
CA SER L 198 -33.99 -56.50 -33.05
C SER L 198 -34.01 -56.80 -31.56
N PRO L 199 -34.57 -55.95 -30.73
CA PRO L 199 -34.72 -56.28 -29.31
C PRO L 199 -35.94 -57.17 -29.14
N PHE L 200 -35.71 -58.46 -28.91
CA PHE L 200 -36.78 -59.44 -28.82
C PHE L 200 -37.38 -59.45 -27.42
N HIS L 201 -38.71 -59.35 -27.34
CA HIS L 201 -39.35 -59.21 -26.04
C HIS L 201 -40.57 -60.12 -25.99
N VAL L 202 -40.78 -60.78 -24.86
CA VAL L 202 -42.01 -61.55 -24.64
C VAL L 202 -42.72 -60.98 -23.42
N HIS L 203 -44.05 -60.88 -23.50
CA HIS L 203 -44.83 -60.40 -22.39
C HIS L 203 -44.85 -61.40 -21.24
N SER L 204 -44.80 -60.87 -20.00
CA SER L 204 -45.31 -61.51 -18.78
C SER L 204 -44.48 -62.69 -18.30
N THR L 205 -43.24 -62.84 -18.75
CA THR L 205 -42.34 -63.84 -18.19
C THR L 205 -40.90 -63.45 -18.55
N ILE L 206 -39.93 -63.98 -17.78
CA ILE L 206 -38.50 -63.73 -18.00
C ILE L 206 -37.94 -64.85 -18.86
N MET L 207 -37.15 -64.49 -19.87
CA MET L 207 -36.60 -65.52 -20.73
C MET L 207 -35.23 -65.98 -20.25
N LYS L 208 -34.92 -67.24 -20.56
CA LYS L 208 -33.59 -67.80 -20.41
C LYS L 208 -33.00 -67.82 -21.81
N VAL L 209 -31.83 -67.20 -21.99
CA VAL L 209 -31.29 -66.92 -23.32
C VAL L 209 -29.90 -67.52 -23.45
N TYR L 210 -29.68 -68.26 -24.54
CA TYR L 210 -28.33 -68.67 -24.89
C TYR L 210 -27.77 -67.66 -25.89
N PRO L 211 -26.83 -66.81 -25.50
CA PRO L 211 -26.35 -65.77 -26.42
C PRO L 211 -25.78 -66.37 -27.69
N SER L 212 -26.07 -65.71 -28.80
CA SER L 212 -25.59 -66.09 -30.13
C SER L 212 -26.07 -67.47 -30.57
N GLY L 213 -27.05 -68.05 -29.88
CA GLY L 213 -27.50 -69.38 -30.23
C GLY L 213 -26.44 -70.45 -30.09
N ILE L 214 -25.41 -70.22 -29.28
CA ILE L 214 -24.31 -71.16 -29.07
C ILE L 214 -24.53 -71.86 -27.74
N LEU L 215 -24.67 -73.17 -27.77
CA LEU L 215 -25.00 -73.91 -26.56
C LEU L 215 -23.79 -74.17 -25.66
N TRP L 216 -22.57 -73.83 -26.08
CA TRP L 216 -21.45 -73.90 -25.16
C TRP L 216 -21.54 -72.85 -24.06
N ASN L 217 -22.29 -71.77 -24.30
CA ASN L 217 -22.37 -70.64 -23.39
C ASN L 217 -23.27 -70.95 -22.21
N GLU L 218 -22.94 -70.39 -21.06
CA GLU L 218 -23.91 -70.33 -19.98
C GLU L 218 -25.04 -69.38 -20.39
N PRO L 219 -26.30 -69.76 -20.17
CA PRO L 219 -27.40 -68.84 -20.51
C PRO L 219 -27.55 -67.73 -19.48
N TYR L 220 -28.29 -66.70 -19.88
CA TYR L 220 -28.58 -65.61 -18.95
C TYR L 220 -30.08 -65.30 -19.03
N TYR L 221 -30.55 -64.52 -18.07
CA TYR L 221 -31.96 -64.17 -17.95
C TYR L 221 -32.22 -62.76 -18.46
N ALA L 222 -33.32 -62.56 -19.19
CA ALA L 222 -33.59 -61.27 -19.80
C ALA L 222 -35.09 -61.02 -19.88
N GLN L 223 -35.49 -59.75 -19.75
CA GLN L 223 -36.86 -59.36 -20.12
C GLN L 223 -36.95 -59.05 -21.60
N THR L 224 -35.83 -58.61 -22.19
CA THR L 224 -35.68 -58.25 -23.59
C THR L 224 -34.26 -58.61 -23.99
N HIS L 225 -34.08 -59.15 -25.20
CA HIS L 225 -32.76 -59.59 -25.64
C HIS L 225 -32.47 -59.06 -27.03
N LEU L 226 -31.37 -58.33 -27.17
CA LEU L 226 -31.04 -57.67 -28.42
C LEU L 226 -30.38 -58.68 -29.35
N ILE L 227 -31.01 -58.94 -30.49
CA ILE L 227 -30.47 -59.86 -31.48
C ILE L 227 -29.95 -59.02 -32.64
N GLY L 228 -28.64 -59.02 -32.85
CA GLY L 228 -28.08 -58.35 -33.99
C GLY L 228 -28.39 -59.10 -35.27
N ASN L 229 -28.42 -58.35 -36.36
CA ASN L 229 -28.55 -58.98 -37.67
C ASN L 229 -27.39 -59.92 -37.91
N GLY L 230 -27.69 -61.12 -38.40
CA GLY L 230 -26.68 -62.14 -38.53
C GLY L 230 -26.42 -62.93 -37.27
N ASP L 231 -27.14 -62.65 -36.18
CA ASP L 231 -27.04 -63.40 -34.95
C ASP L 231 -28.35 -64.14 -34.70
N THR L 232 -28.31 -65.09 -33.76
CA THR L 232 -29.47 -65.88 -33.35
C THR L 232 -29.54 -65.89 -31.82
N ALA L 233 -30.62 -66.48 -31.30
CA ALA L 233 -30.77 -66.67 -29.87
C ALA L 233 -31.68 -67.88 -29.64
N ILE L 234 -31.28 -68.75 -28.72
CA ILE L 234 -32.13 -69.85 -28.26
C ILE L 234 -32.75 -69.39 -26.95
N ILE L 235 -34.07 -69.25 -26.93
CA ILE L 235 -34.79 -68.65 -25.82
C ILE L 235 -35.72 -69.70 -25.23
N GLU L 236 -35.74 -69.81 -23.90
CA GLU L 236 -36.66 -70.72 -23.21
C GLU L 236 -37.50 -69.91 -22.23
N ALA L 237 -38.79 -70.25 -22.14
CA ALA L 237 -39.70 -69.56 -21.24
C ALA L 237 -40.84 -70.50 -20.86
N THR L 238 -41.45 -70.21 -19.70
CA THR L 238 -42.62 -70.93 -19.23
C THR L 238 -43.67 -69.91 -18.81
N TRP L 239 -44.88 -70.03 -19.34
CA TRP L 239 -46.03 -69.26 -18.89
C TRP L 239 -46.85 -70.14 -17.96
N THR L 240 -47.18 -69.64 -16.78
CA THR L 240 -47.96 -70.45 -15.84
C THR L 240 -49.42 -70.07 -15.80
N GLN L 241 -49.82 -68.96 -16.41
CA GLN L 241 -51.19 -68.49 -16.28
C GLN L 241 -51.85 -68.47 -17.66
N PRO L 242 -52.95 -69.18 -17.84
CA PRO L 242 -53.59 -69.24 -19.15
C PRO L 242 -54.16 -67.89 -19.54
N GLY L 243 -54.32 -67.69 -20.85
CA GLY L 243 -54.79 -66.44 -21.39
C GLY L 243 -53.94 -66.01 -22.56
N MET L 244 -54.13 -64.76 -22.97
CA MET L 244 -53.58 -64.26 -24.21
C MET L 244 -52.46 -63.27 -23.87
N TYR L 245 -51.34 -63.40 -24.55
CA TYR L 245 -50.20 -62.49 -24.36
C TYR L 245 -49.63 -62.17 -25.74
N LEU L 246 -48.54 -61.41 -25.78
CA LEU L 246 -47.86 -61.05 -27.01
C LEU L 246 -46.36 -61.31 -26.90
N PHE L 247 -45.71 -61.46 -28.06
CA PHE L 247 -44.28 -61.15 -28.17
C PHE L 247 -44.04 -60.38 -29.45
N HIS L 248 -42.88 -59.70 -29.51
CA HIS L 248 -42.61 -58.83 -30.64
C HIS L 248 -41.21 -58.26 -30.49
N VAL L 249 -40.65 -57.86 -31.63
CA VAL L 249 -39.53 -56.93 -31.61
C VAL L 249 -40.01 -55.61 -31.05
N HIS L 250 -39.26 -55.07 -30.10
CA HIS L 250 -39.65 -53.86 -29.36
C HIS L 250 -39.15 -52.65 -30.13
N GLY L 251 -40.07 -51.98 -30.84
CA GLY L 251 -39.76 -50.80 -31.62
C GLY L 251 -40.77 -50.62 -32.74
N ILE L 252 -40.41 -49.76 -33.70
CA ILE L 252 -41.30 -49.52 -34.83
C ILE L 252 -41.62 -50.79 -35.62
N GLN L 253 -40.75 -51.80 -35.53
CA GLN L 253 -41.03 -53.09 -36.15
C GLN L 253 -42.38 -53.65 -35.72
N GLU L 254 -42.74 -53.44 -34.45
CA GLU L 254 -43.96 -54.07 -33.96
C GLU L 254 -45.23 -53.42 -34.52
N GLU L 255 -45.14 -52.25 -35.13
CA GLU L 255 -46.28 -51.67 -35.85
C GLU L 255 -46.33 -52.10 -37.30
N ARG L 256 -45.41 -52.97 -37.74
CA ARG L 256 -45.25 -53.26 -39.15
C ARG L 256 -45.11 -54.76 -39.40
N GLY L 257 -45.77 -55.59 -38.58
CA GLY L 257 -45.83 -57.02 -38.82
C GLY L 257 -45.03 -57.85 -37.84
N SER L 258 -44.23 -57.23 -36.98
CA SER L 258 -43.43 -57.96 -36.02
C SER L 258 -44.19 -58.11 -34.72
N MET L 259 -45.36 -58.74 -34.79
CA MET L 259 -46.15 -58.96 -33.59
C MET L 259 -46.78 -60.33 -33.65
N ALA L 260 -46.77 -61.00 -32.51
CA ALA L 260 -47.28 -62.35 -32.41
C ALA L 260 -48.12 -62.42 -31.15
N MET L 261 -49.16 -63.23 -31.21
CA MET L 261 -49.99 -63.45 -30.05
C MET L 261 -49.59 -64.80 -29.45
N ILE L 262 -49.50 -64.86 -28.13
CA ILE L 262 -49.19 -66.09 -27.41
C ILE L 262 -50.48 -66.57 -26.72
N GLU L 263 -50.96 -67.73 -27.08
CA GLU L 263 -52.11 -68.36 -26.43
C GLU L 263 -51.63 -69.42 -25.44
N VAL L 264 -51.72 -69.11 -24.15
CA VAL L 264 -51.39 -70.07 -23.10
C VAL L 264 -52.63 -70.91 -22.84
N LEU L 265 -52.56 -72.18 -23.25
CA LEU L 265 -53.61 -73.17 -23.05
C LEU L 265 -53.41 -73.91 -21.75
N GLU L 266 -54.51 -74.15 -21.03
CA GLU L 266 -54.45 -74.96 -19.83
C GLU L 266 -54.19 -76.42 -20.18
N ASP L 267 -54.70 -76.85 -21.32
CA ASP L 267 -54.72 -78.25 -21.72
C ASP L 267 -54.10 -78.36 -23.11
N ALA L 268 -53.12 -79.27 -23.24
CA ALA L 268 -52.37 -79.50 -24.47
C ALA L 268 -53.11 -80.34 -25.50
N SER L 269 -54.31 -80.80 -25.16
CA SER L 269 -55.02 -81.81 -25.94
C SER L 269 -55.11 -81.45 -27.41
N SER L 270 -55.47 -80.20 -27.73
CA SER L 270 -55.69 -79.80 -29.12
C SER L 270 -54.41 -79.74 -29.95
N LEU L 271 -53.25 -79.91 -29.32
CA LEU L 271 -51.99 -79.87 -30.04
C LEU L 271 -51.48 -81.27 -30.41
N SER L 272 -52.16 -82.34 -29.98
CA SER L 272 -51.64 -83.69 -30.19
C SER L 272 -51.38 -83.99 -31.66
N ASP L 273 -52.28 -83.56 -32.53
CA ASP L 273 -52.20 -83.87 -33.95
C ASP L 273 -51.28 -82.94 -34.72
N VAL L 274 -50.92 -81.80 -34.15
CA VAL L 274 -50.19 -80.81 -34.92
C VAL L 274 -48.71 -80.87 -34.56
N GLN L 275 -48.37 -81.18 -33.31
CA GLN L 275 -46.97 -81.28 -32.95
C GLN L 275 -46.35 -82.52 -33.59
N ARG L 276 -45.02 -82.58 -33.59
CA ARG L 276 -44.29 -83.74 -34.05
C ARG L 276 -43.15 -84.02 -33.09
N PRO L 277 -42.77 -85.29 -32.92
CA PRO L 277 -41.62 -85.60 -32.06
C PRO L 277 -40.37 -84.89 -32.58
N SER L 278 -39.64 -84.28 -31.66
CA SER L 278 -38.54 -83.41 -32.04
C SER L 278 -37.22 -84.19 -32.10
N ASN L 279 -36.30 -83.68 -32.92
CA ASN L 279 -34.94 -84.21 -32.97
C ASN L 279 -34.21 -84.00 -31.64
N ASN L 280 -34.67 -83.06 -30.81
CA ASN L 280 -34.35 -83.04 -29.37
C ASN L 280 -35.25 -84.08 -28.71
N LYS L 281 -34.68 -85.24 -28.34
CA LYS L 281 -35.52 -86.33 -27.84
C LYS L 281 -36.31 -85.89 -26.62
N GLY L 282 -37.63 -86.09 -26.66
CA GLY L 282 -38.50 -85.67 -25.58
C GLY L 282 -39.18 -84.33 -25.80
N SER L 283 -38.82 -83.61 -26.87
CA SER L 283 -39.43 -82.32 -27.17
C SER L 283 -40.54 -82.46 -28.19
N TYR L 284 -41.33 -81.40 -28.32
CA TYR L 284 -42.47 -81.36 -29.22
C TYR L 284 -42.24 -80.22 -30.20
N SER L 285 -42.00 -80.56 -31.46
CA SER L 285 -41.72 -79.55 -32.45
C SER L 285 -43.03 -79.02 -33.03
N MET L 286 -43.14 -77.70 -33.15
CA MET L 286 -44.25 -77.15 -33.91
C MET L 286 -43.78 -76.54 -35.22
N VAL L 287 -42.56 -76.88 -35.65
CA VAL L 287 -41.98 -76.27 -36.84
C VAL L 287 -42.77 -76.66 -38.09
N GLU L 288 -43.24 -77.91 -38.14
CA GLU L 288 -44.06 -78.36 -39.26
C GLU L 288 -45.36 -77.56 -39.35
N TRP L 289 -46.02 -77.33 -38.22
CA TRP L 289 -47.21 -76.48 -38.23
C TRP L 289 -46.88 -75.08 -38.73
N GLN L 290 -45.76 -74.52 -38.28
CA GLN L 290 -45.36 -73.18 -38.72
C GLN L 290 -45.11 -73.14 -40.21
N GLU L 291 -44.41 -74.14 -40.75
CA GLU L 291 -44.05 -74.09 -42.17
C GLU L 291 -45.25 -74.39 -43.05
N ASP L 292 -46.15 -75.28 -42.63
CA ASP L 292 -47.41 -75.45 -43.34
C ASP L 292 -48.17 -74.13 -43.43
N LEU L 293 -48.16 -73.35 -42.35
CA LEU L 293 -48.92 -72.10 -42.33
C LEU L 293 -48.26 -71.05 -43.20
N ILE L 294 -46.92 -71.05 -43.26
CA ILE L 294 -46.19 -70.12 -44.12
C ILE L 294 -46.64 -70.30 -45.56
N ARG L 295 -46.60 -71.55 -46.04
CA ARG L 295 -46.98 -71.83 -47.41
C ARG L 295 -48.45 -71.53 -47.65
N THR L 296 -49.32 -71.83 -46.67
CA THR L 296 -50.75 -71.57 -46.83
C THR L 296 -51.00 -70.09 -47.02
N LEU L 297 -50.39 -69.25 -46.17
CA LEU L 297 -50.65 -67.82 -46.22
C LEU L 297 -50.00 -67.18 -47.42
N GLU L 298 -48.83 -67.66 -47.79
CA GLU L 298 -47.95 -67.01 -48.71
C GLU L 298 -47.89 -67.87 -49.97
N GLN L 299 -49.05 -67.97 -50.64
CA GLN L 299 -49.33 -68.84 -51.77
C GLN L 299 -48.32 -68.66 -52.90
N PRO L 300 -47.39 -69.59 -53.06
CA PRO L 300 -46.06 -69.23 -53.60
C PRO L 300 -46.00 -68.83 -55.06
N GLN L 301 -46.72 -69.49 -55.97
CA GLN L 301 -46.71 -69.16 -57.41
C GLN L 301 -45.33 -68.87 -58.01
N LEU L 302 -44.69 -69.85 -58.61
CA LEU L 302 -43.32 -69.71 -59.09
C LEU L 302 -43.26 -69.10 -60.49
N ILE L 303 -42.15 -68.43 -60.77
CA ILE L 303 -41.82 -67.97 -62.12
C ILE L 303 -40.76 -68.91 -62.69
N SER L 304 -41.05 -69.53 -63.82
CA SER L 304 -40.32 -70.73 -64.24
C SER L 304 -38.99 -70.39 -64.93
N TYR L 305 -39.03 -69.58 -65.99
CA TYR L 305 -37.88 -69.24 -66.84
C TYR L 305 -37.42 -70.41 -67.70
N GLU L 306 -36.78 -70.11 -68.84
CA GLU L 306 -36.54 -71.11 -69.86
C GLU L 306 -35.08 -71.19 -70.28
N ASN L 307 -34.46 -70.04 -70.55
CA ASN L 307 -33.06 -70.00 -71.00
C ASN L 307 -32.14 -70.68 -69.99
N LEU L 308 -31.83 -69.98 -68.90
CA LEU L 308 -30.94 -70.47 -67.85
C LEU L 308 -29.62 -70.98 -68.45
N GLY L 309 -28.80 -70.01 -68.85
CA GLY L 309 -27.49 -70.30 -69.44
C GLY L 309 -27.47 -70.18 -70.95
CU CU M . -2.49 55.56 -58.46
CU CU N . -3.37 53.91 -61.81
CU CU O . 0.20 67.69 -60.00
CU CU P . 11.78 68.20 -66.96
CU CU Q . -6.28 51.13 -31.09
CU CU R . -7.91 47.41 -31.34
CU CU S . 0.67 55.35 -62.23
CU CU T . 12.97 33.43 -49.59
CU CU U . 12.10 30.00 -48.21
CU CU V . 25.28 34.25 -51.93
CU CU W . 31.48 33.53 -39.97
CU CU X . 14.83 31.68 -45.33
CU CU Y . -4.10 46.89 -31.54
CU CU Z . 1.19 51.09 -20.84
CU CU AA . -11.48 31.58 40.84
CU CU BA . -11.03 33.41 44.11
CU CU CA . -16.50 20.23 42.59
CU CU DA . -7.37 12.90 49.16
CU CU EA . -12.83 37.30 13.45
CU CU FA . -8.67 29.89 44.58
CU CU GA . 13.83 40.03 31.07
CU CU HA . 15.13 43.30 29.64
CU CU IA . 23.28 32.05 33.06
CU CU JA . 28.26 28.86 20.96
CU CU KA . 16.20 40.34 26.76
CU CU LA . -8.53 39.39 13.72
CU CU MA . -11.88 41.27 13.63
CU CU NA . -7.09 32.69 3.19
CU CU OA . 38.06 -21.65 51.62
CU CU PA . 38.58 -21.25 55.36
CU CU QA . 42.57 -11.80 45.30
CU CU RA . 34.60 -1.35 48.35
CU CU SA . 33.65 -42.15 32.93
CU CU TA . 36.05 -17.95 54.18
CU CU UA . 11.93 -32.29 54.52
CU CU VA . 10.60 -35.67 55.55
CU CU WA . 2.61 -23.94 53.64
CU CU XA . -5.14 -27.98 43.41
CU CU YA . 8.63 -34.86 51.84
CU CU ZA . 29.68 -43.44 35.44
CU CU AB . 33.00 -45.21 35.66
CU CU BB . 25.37 -44.05 23.56
CU CU CB . -16.30 -42.28 -26.56
CU CU DB . -15.76 -41.84 -22.84
CU CU EB . -11.82 -32.45 -32.85
CU CU FB . -19.79 -22.04 -29.99
CU CU GB . -20.72 -62.97 -44.95
CU CU HB . -18.27 -38.53 -23.95
CU CU IB . -42.38 -52.92 -23.42
CU CU JB . -43.73 -56.32 -22.40
CU CU KB . -51.70 -44.58 -24.39
CU CU LB . -59.48 -48.73 -34.49
CU CU MB . -45.70 -55.51 -26.05
CU CU NB . -24.75 -64.22 -42.49
CU CU OB . -21.36 -66.05 -42.24
CU CU PB . -29.01 -64.93 -54.28
#